data_2JMX
#
_entry.id   2JMX
#
loop_
_entity.id
_entity.type
_entity.pdbx_description
1 polymer 'ATP synthase O subunit, mitochondrial'
2 polymer 'ATP synthase subunit alpha heart isoform, mitochondrial'
#
loop_
_entity_poly.entity_id
_entity_poly.type
_entity_poly.pdbx_seq_one_letter_code
_entity_poly.pdbx_strand_id
1 'polypeptide(L)'
;FAKLVRPPVQIYGIEGRYATALYSAASKQNKLEQVEKELLRVGQILKEPKMAASLLNPYVKRSVKVKSLSDMTAKEKFSP
LTSNLINLLAENGRLTNTPAVISAFSTMMSVHRGEVPCTV
;
A
2 'polypeptide(L)' QKTGTAEVSSILEERILGADTSVDL B
#
# COMPACT_ATOMS: atom_id res chain seq x y z
N PHE A 1 -36.15 5.42 14.65
CA PHE A 1 -35.77 6.85 14.86
C PHE A 1 -35.75 7.17 16.37
N ALA A 2 -34.73 6.73 17.09
CA ALA A 2 -34.66 7.02 18.54
C ALA A 2 -33.20 7.30 18.96
N LYS A 3 -32.32 6.34 18.81
CA LYS A 3 -30.90 6.56 19.20
C LYS A 3 -29.99 6.44 17.97
N LEU A 4 -28.69 6.65 18.13
CA LEU A 4 -27.76 6.55 16.96
C LEU A 4 -26.44 5.91 17.40
N VAL A 5 -25.87 5.03 16.59
CA VAL A 5 -24.58 4.38 16.97
C VAL A 5 -23.47 4.81 15.99
N ARG A 6 -22.24 4.84 16.43
CA ARG A 6 -21.13 5.25 15.52
C ARG A 6 -19.88 4.39 15.78
N PRO A 7 -19.81 3.25 15.12
CA PRO A 7 -18.64 2.35 15.30
C PRO A 7 -17.41 2.93 14.59
N PRO A 8 -16.23 2.63 15.12
CA PRO A 8 -14.98 3.14 14.50
C PRO A 8 -14.71 2.42 13.17
N VAL A 9 -13.58 2.70 12.53
CA VAL A 9 -13.28 2.00 11.24
C VAL A 9 -11.76 1.85 11.05
N GLN A 10 -11.28 0.62 10.89
CA GLN A 10 -9.81 0.41 10.69
C GLN A 10 -9.53 -1.07 10.34
N ILE A 11 -8.69 -1.34 9.35
CA ILE A 11 -8.39 -2.76 8.94
C ILE A 11 -9.68 -3.48 8.50
N TYR A 12 -9.70 -4.04 7.30
CA TYR A 12 -10.96 -4.70 6.82
C TYR A 12 -10.63 -5.96 6.01
N GLY A 13 -9.87 -5.86 4.94
CA GLY A 13 -9.53 -7.07 4.14
C GLY A 13 -8.83 -6.67 2.82
N ILE A 14 -9.57 -6.52 1.74
CA ILE A 14 -8.92 -6.14 0.42
C ILE A 14 -7.98 -4.92 0.61
N GLU A 15 -8.35 -3.98 1.46
CA GLU A 15 -7.45 -2.79 1.68
C GLU A 15 -6.22 -3.23 2.48
N GLY A 16 -6.38 -4.11 3.45
CA GLY A 16 -5.20 -4.58 4.23
C GLY A 16 -4.31 -5.43 3.31
N ARG A 17 -4.90 -6.30 2.50
CA ARG A 17 -4.06 -7.14 1.57
C ARG A 17 -3.23 -6.25 0.64
N TYR A 18 -3.66 -5.03 0.33
CA TYR A 18 -2.84 -4.16 -0.57
C TYR A 18 -1.48 -3.89 0.07
N ALA A 19 -1.45 -3.56 1.35
CA ALA A 19 -0.13 -3.31 2.02
C ALA A 19 0.57 -4.65 2.30
N THR A 20 -0.18 -5.67 2.69
CA THR A 20 0.47 -6.99 2.96
C THR A 20 0.89 -7.68 1.65
N ALA A 21 0.21 -7.43 0.55
CA ALA A 21 0.65 -8.08 -0.73
C ALA A 21 1.86 -7.34 -1.32
N LEU A 22 2.10 -6.10 -0.92
CA LEU A 22 3.30 -5.38 -1.47
C LEU A 22 4.43 -5.48 -0.44
N TYR A 23 4.13 -5.29 0.83
CA TYR A 23 5.20 -5.42 1.84
C TYR A 23 5.50 -6.92 2.09
N SER A 24 4.63 -7.86 1.68
CA SER A 24 4.98 -9.32 1.90
C SER A 24 6.38 -9.59 1.35
N ALA A 25 6.70 -9.00 0.21
CA ALA A 25 8.10 -9.16 -0.33
C ALA A 25 9.02 -8.28 0.54
N ALA A 26 8.57 -7.08 0.89
CA ALA A 26 9.42 -6.19 1.77
C ALA A 26 9.79 -6.93 3.07
N SER A 27 8.85 -7.67 3.65
CA SER A 27 9.16 -8.42 4.93
C SER A 27 10.42 -9.29 4.73
N LYS A 28 10.54 -9.93 3.57
CA LYS A 28 11.77 -10.77 3.31
C LYS A 28 12.98 -9.86 3.06
N GLN A 29 12.79 -8.73 2.40
CA GLN A 29 13.96 -7.82 2.15
C GLN A 29 14.13 -6.79 3.29
N ASN A 30 13.37 -6.89 4.39
CA ASN A 30 13.52 -5.92 5.51
C ASN A 30 13.14 -4.51 5.04
N LYS A 31 12.09 -4.37 4.27
CA LYS A 31 11.67 -3.02 3.80
C LYS A 31 10.43 -2.50 4.58
N LEU A 32 9.97 -3.19 5.62
CA LEU A 32 8.77 -2.68 6.41
C LEU A 32 8.94 -1.20 6.73
N GLU A 33 10.16 -0.75 7.00
CA GLU A 33 10.38 0.70 7.26
C GLU A 33 10.37 1.44 5.90
N GLN A 34 10.99 0.86 4.89
CA GLN A 34 10.99 1.50 3.53
C GLN A 34 9.56 1.57 2.95
N VAL A 35 8.69 0.64 3.34
CA VAL A 35 7.30 0.68 2.78
C VAL A 35 6.32 1.33 3.78
N GLU A 36 6.49 1.08 5.07
CA GLU A 36 5.54 1.72 6.07
C GLU A 36 5.80 3.22 6.21
N LYS A 37 7.03 3.69 6.01
CA LYS A 37 7.29 5.16 6.16
C LYS A 37 6.95 5.91 4.86
N GLU A 38 7.18 5.33 3.70
CA GLU A 38 6.83 6.06 2.44
C GLU A 38 5.31 6.04 2.26
N LEU A 39 4.65 4.94 2.55
CA LEU A 39 3.15 4.90 2.42
C LEU A 39 2.52 6.00 3.29
N LEU A 40 3.06 6.25 4.47
CA LEU A 40 2.48 7.32 5.34
C LEU A 40 2.43 8.67 4.58
N ARG A 41 3.42 8.93 3.74
CA ARG A 41 3.40 10.23 2.97
C ARG A 41 2.11 10.34 2.14
N VAL A 42 1.67 9.25 1.54
CA VAL A 42 0.40 9.32 0.72
C VAL A 42 -0.78 9.75 1.63
N GLY A 43 -0.83 9.25 2.85
CA GLY A 43 -1.93 9.65 3.76
C GLY A 43 -1.81 11.15 4.10
N GLN A 44 -0.61 11.62 4.40
CA GLN A 44 -0.45 13.08 4.72
C GLN A 44 -0.75 13.92 3.47
N ILE A 45 -0.31 13.48 2.30
CA ILE A 45 -0.59 14.27 1.04
C ILE A 45 -2.11 14.41 0.86
N LEU A 46 -2.87 13.36 1.11
CA LEU A 46 -4.35 13.48 0.96
C LEU A 46 -4.95 14.14 2.22
N LYS A 47 -4.35 13.93 3.38
CA LYS A 47 -4.89 14.61 4.61
C LYS A 47 -4.56 16.10 4.56
N GLU A 48 -3.48 16.50 3.89
CA GLU A 48 -3.15 17.97 3.82
C GLU A 48 -4.37 18.76 3.29
N PRO A 49 -4.67 19.87 3.91
CA PRO A 49 -5.84 20.69 3.47
C PRO A 49 -5.56 21.37 2.11
N LYS A 50 -4.34 21.77 1.85
CA LYS A 50 -4.05 22.43 0.52
C LYS A 50 -3.92 21.34 -0.55
N MET A 51 -3.35 20.20 -0.20
CA MET A 51 -3.21 19.09 -1.21
C MET A 51 -4.51 18.26 -1.29
N ALA A 52 -5.29 18.19 -0.23
CA ALA A 52 -6.57 17.39 -0.30
C ALA A 52 -7.45 17.88 -1.45
N ALA A 53 -7.52 19.19 -1.67
CA ALA A 53 -8.37 19.71 -2.79
C ALA A 53 -7.80 19.25 -4.14
N SER A 54 -6.50 19.23 -4.29
CA SER A 54 -5.91 18.79 -5.61
C SER A 54 -6.20 17.30 -5.84
N LEU A 55 -6.15 16.47 -4.81
CA LEU A 55 -6.44 15.01 -5.01
C LEU A 55 -7.95 14.79 -5.24
N LEU A 56 -8.81 15.57 -4.63
CA LEU A 56 -10.29 15.38 -4.85
C LEU A 56 -10.81 16.26 -6.01
N ASN A 57 -10.06 17.26 -6.47
CA ASN A 57 -10.58 18.13 -7.60
C ASN A 57 -11.07 17.27 -8.78
N PRO A 58 -12.07 17.76 -9.47
CA PRO A 58 -12.60 17.01 -10.65
C PRO A 58 -11.72 17.23 -11.91
N TYR A 59 -10.65 18.00 -11.83
CA TYR A 59 -9.79 18.20 -13.04
C TYR A 59 -8.65 17.16 -13.08
N VAL A 60 -8.17 16.70 -11.93
CA VAL A 60 -7.06 15.66 -11.95
C VAL A 60 -7.46 14.46 -12.84
N LYS A 61 -8.74 14.14 -12.96
CA LYS A 61 -9.17 12.99 -13.81
C LYS A 61 -8.49 11.69 -13.34
N ARG A 62 -8.60 10.62 -14.11
CA ARG A 62 -7.95 9.34 -13.69
C ARG A 62 -6.70 9.06 -14.55
N SER A 63 -6.84 9.01 -15.86
CA SER A 63 -5.63 8.75 -16.72
C SER A 63 -4.58 9.84 -16.47
N VAL A 64 -4.98 11.08 -16.37
CA VAL A 64 -3.98 12.17 -16.10
C VAL A 64 -3.38 11.97 -14.70
N LYS A 65 -4.19 11.59 -13.73
CA LYS A 65 -3.64 11.36 -12.34
C LYS A 65 -2.54 10.28 -12.37
N VAL A 66 -2.66 9.28 -13.22
CA VAL A 66 -1.59 8.22 -13.27
C VAL A 66 -0.23 8.86 -13.61
N LYS A 67 -0.20 9.78 -14.55
CA LYS A 67 1.10 10.45 -14.88
C LYS A 67 1.50 11.37 -13.72
N SER A 68 0.56 12.10 -13.16
CA SER A 68 0.91 12.99 -12.00
C SER A 68 1.46 12.14 -10.83
N LEU A 69 0.94 10.95 -10.63
CA LEU A 69 1.47 10.09 -9.51
C LEU A 69 2.94 9.73 -9.81
N SER A 70 3.21 9.16 -10.97
CA SER A 70 4.63 8.81 -11.32
C SER A 70 5.49 10.08 -11.34
N ASP A 71 4.97 11.18 -11.87
CA ASP A 71 5.78 12.45 -11.90
C ASP A 71 5.95 13.02 -10.48
N MET A 72 5.16 12.61 -9.50
CA MET A 72 5.36 13.12 -8.11
C MET A 72 6.36 12.21 -7.42
N THR A 73 6.18 10.90 -7.56
CA THR A 73 7.16 9.94 -6.95
C THR A 73 8.58 10.27 -7.45
N ALA A 74 8.74 10.68 -8.70
CA ALA A 74 10.12 11.01 -9.22
C ALA A 74 10.75 12.11 -8.33
N LYS A 75 9.96 13.09 -7.91
CA LYS A 75 10.53 14.17 -7.03
C LYS A 75 10.44 13.74 -5.55
N GLU A 76 9.42 12.98 -5.17
CA GLU A 76 9.33 12.53 -3.74
C GLU A 76 10.47 11.56 -3.36
N LYS A 77 11.17 10.98 -4.32
CA LYS A 77 12.28 10.02 -3.98
C LYS A 77 11.72 8.85 -3.17
N PHE A 78 10.62 8.26 -3.60
CA PHE A 78 10.03 7.11 -2.83
C PHE A 78 11.06 5.99 -2.64
N SER A 79 10.67 4.85 -2.12
CA SER A 79 11.64 3.74 -1.90
C SER A 79 11.36 2.63 -2.92
N PRO A 80 12.12 1.55 -2.83
CA PRO A 80 11.91 0.44 -3.78
C PRO A 80 10.55 -0.27 -3.55
N LEU A 81 9.88 -0.04 -2.43
CA LEU A 81 8.56 -0.70 -2.23
C LEU A 81 7.44 0.34 -2.26
N THR A 82 7.65 1.48 -2.92
CA THR A 82 6.57 2.51 -2.94
C THR A 82 6.40 3.16 -4.33
N SER A 83 6.84 2.52 -5.40
CA SER A 83 6.61 3.10 -6.75
C SER A 83 5.86 2.06 -7.61
N ASN A 84 4.95 1.35 -7.00
CA ASN A 84 4.12 0.33 -7.69
C ASN A 84 2.76 0.33 -6.98
N LEU A 85 2.77 0.05 -5.69
CA LEU A 85 1.49 0.15 -4.91
C LEU A 85 0.94 1.59 -5.06
N ILE A 86 1.81 2.59 -5.27
CA ILE A 86 1.28 3.99 -5.43
C ILE A 86 0.32 4.05 -6.63
N ASN A 87 0.61 3.34 -7.71
CA ASN A 87 -0.32 3.37 -8.89
C ASN A 87 -1.68 2.78 -8.46
N LEU A 88 -1.68 1.61 -7.85
CA LEU A 88 -2.98 0.98 -7.41
C LEU A 88 -3.81 1.99 -6.60
N LEU A 89 -3.18 2.78 -5.75
CA LEU A 89 -3.95 3.79 -4.95
C LEU A 89 -4.62 4.78 -5.91
N ALA A 90 -3.91 5.22 -6.93
CA ALA A 90 -4.53 6.17 -7.91
C ALA A 90 -4.86 5.44 -9.23
N GLU A 91 -5.15 4.15 -9.18
CA GLU A 91 -5.48 3.42 -10.46
C GLU A 91 -6.99 3.26 -10.61
N ASN A 92 -7.69 2.89 -9.55
CA ASN A 92 -9.18 2.73 -9.67
C ASN A 92 -9.92 3.74 -8.78
N GLY A 93 -9.37 4.92 -8.57
CA GLY A 93 -10.05 5.92 -7.70
C GLY A 93 -9.91 5.49 -6.25
N ARG A 94 -8.71 5.14 -5.82
CA ARG A 94 -8.53 4.70 -4.41
C ARG A 94 -7.85 5.81 -3.57
N LEU A 95 -8.11 7.08 -3.86
CA LEU A 95 -7.49 8.16 -3.05
C LEU A 95 -8.54 8.77 -2.09
N THR A 96 -9.53 8.00 -1.69
CA THR A 96 -10.55 8.52 -0.73
C THR A 96 -10.30 7.83 0.62
N ASN A 97 -10.25 6.51 0.63
CA ASN A 97 -9.94 5.77 1.89
C ASN A 97 -8.50 5.26 1.81
N THR A 98 -7.57 6.03 1.23
CA THR A 98 -6.16 5.55 1.14
C THR A 98 -5.43 5.52 2.51
N PRO A 99 -5.74 6.40 3.45
CA PRO A 99 -5.03 6.35 4.76
C PRO A 99 -5.41 5.07 5.52
N ALA A 100 -6.65 4.62 5.42
CA ALA A 100 -7.05 3.35 6.14
C ALA A 100 -6.15 2.19 5.68
N VAL A 101 -5.82 2.13 4.40
CA VAL A 101 -4.93 1.02 3.91
C VAL A 101 -3.54 1.13 4.56
N ILE A 102 -3.03 2.33 4.74
CA ILE A 102 -1.66 2.47 5.39
C ILE A 102 -1.75 2.02 6.86
N SER A 103 -2.82 2.34 7.56
CA SER A 103 -2.92 1.92 9.00
C SER A 103 -2.83 0.39 9.10
N ALA A 104 -3.53 -0.32 8.24
CA ALA A 104 -3.46 -1.84 8.29
C ALA A 104 -1.99 -2.29 8.15
N PHE A 105 -1.18 -1.57 7.39
CA PHE A 105 0.26 -1.98 7.23
C PHE A 105 0.93 -2.07 8.60
N SER A 106 0.71 -1.09 9.47
CA SER A 106 1.35 -1.15 10.83
C SER A 106 0.87 -2.39 11.58
N THR A 107 -0.41 -2.72 11.49
CA THR A 107 -0.91 -3.94 12.21
C THR A 107 -0.36 -5.20 11.53
N MET A 108 -0.28 -5.22 10.21
CA MET A 108 0.28 -6.43 9.53
C MET A 108 1.78 -6.55 9.82
N MET A 109 2.49 -5.43 9.87
CA MET A 109 3.97 -5.51 10.17
C MET A 109 4.18 -6.18 11.53
N SER A 110 3.37 -5.89 12.53
CA SER A 110 3.57 -6.57 13.87
C SER A 110 3.57 -8.10 13.70
N VAL A 111 2.78 -8.63 12.77
CA VAL A 111 2.77 -10.11 12.58
C VAL A 111 4.03 -10.59 11.83
N HIS A 112 4.78 -9.72 11.18
CA HIS A 112 6.01 -10.18 10.47
C HIS A 112 7.21 -10.23 11.46
N ARG A 113 7.16 -9.50 12.56
CA ARG A 113 8.31 -9.54 13.52
C ARG A 113 8.04 -10.51 14.69
N GLY A 114 6.80 -10.68 15.09
CA GLY A 114 6.49 -11.61 16.22
C GLY A 114 7.02 -13.03 15.92
N GLU A 115 6.98 -13.46 14.67
CA GLU A 115 7.49 -14.83 14.34
C GLU A 115 8.87 -14.75 13.65
N VAL A 116 9.74 -13.86 14.11
CA VAL A 116 11.08 -13.74 13.48
C VAL A 116 12.13 -13.35 14.55
N PRO A 117 12.75 -14.34 15.15
CA PRO A 117 13.78 -14.07 16.19
C PRO A 117 15.07 -13.52 15.53
N CYS A 118 15.44 -12.29 15.84
CA CYS A 118 16.68 -11.72 15.23
C CYS A 118 17.41 -10.82 16.25
N THR A 119 17.69 -11.33 17.43
CA THR A 119 18.39 -10.50 18.46
C THR A 119 19.42 -11.35 19.22
N VAL A 120 20.60 -10.83 19.47
CA VAL A 120 21.62 -11.61 20.21
C VAL A 120 22.36 -10.71 21.22
N GLN B 1 -21.85 1.45 -10.69
CA GLN B 1 -20.97 1.42 -9.50
C GLN B 1 -19.50 1.27 -9.93
N LYS B 2 -18.56 1.55 -9.06
CA LYS B 2 -17.12 1.42 -9.43
C LYS B 2 -16.44 0.35 -8.55
N THR B 3 -16.67 -0.92 -8.84
CA THR B 3 -16.03 -2.00 -8.02
C THR B 3 -15.61 -3.17 -8.92
N GLY B 4 -14.78 -4.07 -8.42
CA GLY B 4 -14.34 -5.22 -9.26
C GLY B 4 -12.84 -5.47 -9.04
N THR B 5 -12.44 -5.84 -7.83
CA THR B 5 -10.99 -6.09 -7.57
C THR B 5 -10.77 -7.55 -7.16
N ALA B 6 -9.60 -8.10 -7.40
CA ALA B 6 -9.34 -9.52 -7.03
C ALA B 6 -7.91 -9.67 -6.48
N GLU B 7 -7.56 -8.96 -5.41
CA GLU B 7 -6.18 -9.07 -4.85
C GLU B 7 -5.15 -8.74 -5.93
N VAL B 8 -5.34 -7.65 -6.66
CA VAL B 8 -4.35 -7.29 -7.74
C VAL B 8 -2.96 -7.10 -7.12
N SER B 9 -2.87 -6.47 -5.96
CA SER B 9 -1.52 -6.30 -5.31
C SER B 9 -0.86 -7.67 -5.07
N SER B 10 -1.64 -8.69 -4.77
CA SER B 10 -1.03 -10.05 -4.55
C SER B 10 -0.43 -10.58 -5.85
N ILE B 11 -1.21 -10.64 -6.91
CA ILE B 11 -0.64 -11.14 -8.21
C ILE B 11 0.55 -10.27 -8.65
N LEU B 12 0.55 -8.99 -8.32
CA LEU B 12 1.72 -8.12 -8.73
C LEU B 12 2.99 -8.58 -8.01
N GLU B 13 2.89 -8.97 -6.75
CA GLU B 13 4.14 -9.44 -6.01
C GLU B 13 4.77 -10.62 -6.75
N GLU B 14 3.98 -11.55 -7.25
CA GLU B 14 4.57 -12.72 -7.99
C GLU B 14 5.36 -12.23 -9.22
N ARG B 15 4.86 -11.24 -9.92
CA ARG B 15 5.59 -10.74 -11.14
C ARG B 15 6.97 -10.19 -10.74
N ILE B 16 7.08 -9.52 -9.61
CA ILE B 16 8.42 -8.96 -9.19
C ILE B 16 9.30 -10.05 -8.53
N LEU B 17 8.70 -11.00 -7.83
CA LEU B 17 9.52 -12.06 -7.17
C LEU B 17 8.97 -13.45 -7.53
N GLY B 18 7.77 -13.79 -7.09
CA GLY B 18 7.21 -15.14 -7.42
C GLY B 18 8.11 -16.24 -6.84
N ALA B 19 8.23 -16.32 -5.54
CA ALA B 19 9.09 -17.39 -4.94
C ALA B 19 8.34 -18.11 -3.81
N ASP B 20 7.07 -18.39 -3.99
CA ASP B 20 6.30 -19.10 -2.92
C ASP B 20 5.17 -19.93 -3.54
N THR B 21 5.34 -21.23 -3.67
CA THR B 21 4.28 -22.08 -4.27
C THR B 21 4.10 -23.37 -3.44
N SER B 22 2.88 -23.85 -3.31
CA SER B 22 2.66 -25.11 -2.52
C SER B 22 1.55 -25.96 -3.16
N VAL B 23 1.61 -26.19 -4.46
CA VAL B 23 0.56 -27.01 -5.14
C VAL B 23 -0.85 -26.45 -4.83
N ASP B 24 -1.24 -25.36 -5.49
CA ASP B 24 -2.59 -24.78 -5.23
C ASP B 24 -3.24 -24.35 -6.55
N LEU B 25 -4.31 -25.00 -6.96
CA LEU B 25 -4.98 -24.61 -8.24
C LEU B 25 -6.50 -24.50 -8.03
N PHE A 1 -12.41 -15.33 31.07
CA PHE A 1 -12.23 -16.57 31.89
C PHE A 1 -10.86 -16.55 32.57
N ALA A 2 -9.79 -16.40 31.82
CA ALA A 2 -8.43 -16.37 32.45
C ALA A 2 -7.54 -15.36 31.73
N LYS A 3 -7.21 -15.59 30.47
CA LYS A 3 -6.34 -14.63 29.72
C LYS A 3 -7.07 -14.12 28.48
N LEU A 4 -7.34 -12.82 28.41
CA LEU A 4 -8.05 -12.26 27.21
C LEU A 4 -7.47 -10.89 26.85
N VAL A 5 -7.25 -10.62 25.58
CA VAL A 5 -6.70 -9.29 25.17
C VAL A 5 -7.74 -8.51 24.35
N ARG A 6 -8.25 -9.09 23.27
CA ARG A 6 -9.26 -8.37 22.44
C ARG A 6 -8.75 -6.98 22.02
N PRO A 7 -8.10 -6.93 20.88
CA PRO A 7 -7.56 -5.63 20.38
C PRO A 7 -8.71 -4.73 19.88
N PRO A 8 -8.40 -3.47 19.66
CA PRO A 8 -9.45 -2.54 19.17
C PRO A 8 -9.74 -2.79 17.68
N VAL A 9 -8.72 -2.92 16.86
CA VAL A 9 -8.98 -3.18 15.40
C VAL A 9 -7.82 -3.99 14.78
N GLN A 10 -8.13 -4.99 13.97
CA GLN A 10 -7.05 -5.81 13.35
C GLN A 10 -7.50 -6.35 11.99
N ILE A 11 -6.92 -5.87 10.90
CA ILE A 11 -7.32 -6.36 9.53
C ILE A 11 -8.84 -6.16 9.30
N TYR A 12 -9.22 -5.16 8.53
CA TYR A 12 -10.69 -4.88 8.32
C TYR A 12 -10.90 -4.11 7.00
N GLY A 13 -11.02 -4.79 5.88
CA GLY A 13 -11.24 -4.07 4.61
C GLY A 13 -10.13 -4.43 3.61
N ILE A 14 -10.48 -5.02 2.47
CA ILE A 14 -9.44 -5.40 1.44
C ILE A 14 -8.41 -4.26 1.23
N GLU A 15 -8.83 -3.01 1.33
CA GLU A 15 -7.85 -1.87 1.16
C GLU A 15 -6.65 -2.07 2.10
N GLY A 16 -6.86 -2.62 3.28
CA GLY A 16 -5.70 -2.86 4.20
C GLY A 16 -4.81 -3.96 3.60
N ARG A 17 -5.39 -4.99 3.03
CA ARG A 17 -4.55 -6.09 2.41
C ARG A 17 -3.60 -5.51 1.35
N TYR A 18 -3.98 -4.43 0.68
CA TYR A 18 -3.05 -3.84 -0.36
C TYR A 18 -1.66 -3.60 0.25
N ALA A 19 -1.60 -3.17 1.50
CA ALA A 19 -0.26 -2.95 2.14
C ALA A 19 0.38 -4.32 2.47
N THR A 20 -0.41 -5.28 2.92
CA THR A 20 0.19 -6.61 3.25
C THR A 20 0.51 -7.38 1.97
N ALA A 21 -0.28 -7.24 0.92
CA ALA A 21 0.07 -7.96 -0.35
C ALA A 21 1.24 -7.25 -1.06
N LEU A 22 1.55 -6.01 -0.70
CA LEU A 22 2.71 -5.33 -1.36
C LEU A 22 3.91 -5.44 -0.43
N TYR A 23 3.73 -5.17 0.85
CA TYR A 23 4.89 -5.32 1.78
C TYR A 23 5.16 -6.82 2.03
N SER A 24 4.22 -7.74 1.72
CA SER A 24 4.53 -9.21 1.94
C SER A 24 5.86 -9.54 1.25
N ALA A 25 6.13 -8.94 0.11
CA ALA A 25 7.45 -9.17 -0.54
C ALA A 25 8.49 -8.34 0.24
N ALA A 26 8.14 -7.11 0.62
CA ALA A 26 9.10 -6.27 1.42
C ALA A 26 9.50 -7.02 2.72
N SER A 27 8.57 -7.71 3.36
CA SER A 27 8.92 -8.46 4.62
C SER A 27 10.09 -9.41 4.33
N LYS A 28 10.06 -10.09 3.20
CA LYS A 28 11.19 -11.03 2.86
C LYS A 28 12.47 -10.20 2.62
N GLN A 29 12.35 -9.06 1.96
CA GLN A 29 13.57 -8.22 1.71
C GLN A 29 13.87 -7.30 2.93
N ASN A 30 13.06 -7.33 3.99
CA ASN A 30 13.32 -6.46 5.19
C ASN A 30 13.13 -4.99 4.79
N LYS A 31 12.10 -4.69 4.02
CA LYS A 31 11.86 -3.28 3.62
C LYS A 31 10.63 -2.68 4.35
N LEU A 32 10.13 -3.31 5.42
CA LEU A 32 8.95 -2.73 6.16
C LEU A 32 9.17 -1.24 6.45
N GLU A 33 10.39 -0.85 6.76
CA GLU A 33 10.64 0.62 7.00
C GLU A 33 10.64 1.33 5.64
N GLN A 34 11.28 0.76 4.65
CA GLN A 34 11.28 1.41 3.28
C GLN A 34 9.85 1.57 2.76
N VAL A 35 8.92 0.70 3.16
CA VAL A 35 7.51 0.84 2.65
C VAL A 35 6.61 1.48 3.71
N GLU A 36 6.72 1.09 4.97
CA GLU A 36 5.84 1.70 6.03
C GLU A 36 6.12 3.20 6.21
N LYS A 37 7.30 3.70 5.86
CA LYS A 37 7.57 5.16 6.04
C LYS A 37 7.27 5.92 4.75
N GLU A 38 7.60 5.36 3.60
CA GLU A 38 7.28 6.09 2.33
C GLU A 38 5.78 5.93 2.04
N LEU A 39 5.25 4.74 2.21
CA LEU A 39 3.76 4.56 1.97
C LEU A 39 2.97 5.49 2.91
N LEU A 40 3.45 5.72 4.13
CA LEU A 40 2.70 6.64 5.06
C LEU A 40 2.56 8.03 4.43
N ARG A 41 3.58 8.49 3.72
CA ARG A 41 3.48 9.86 3.07
C ARG A 41 2.26 9.92 2.14
N VAL A 42 1.96 8.85 1.43
CA VAL A 42 0.76 8.87 0.51
C VAL A 42 -0.51 9.18 1.33
N GLY A 43 -0.63 8.63 2.52
CA GLY A 43 -1.83 8.90 3.35
C GLY A 43 -1.84 10.39 3.75
N GLN A 44 -0.71 10.90 4.22
CA GLN A 44 -0.67 12.36 4.61
C GLN A 44 -0.98 13.24 3.39
N ILE A 45 -0.51 12.87 2.21
CA ILE A 45 -0.80 13.70 0.99
C ILE A 45 -2.34 13.80 0.80
N LEU A 46 -3.05 12.71 0.96
CA LEU A 46 -4.54 12.77 0.79
C LEU A 46 -5.18 13.55 1.94
N LYS A 47 -4.66 13.43 3.15
CA LYS A 47 -5.25 14.19 4.30
C LYS A 47 -4.81 15.66 4.23
N GLU A 48 -3.62 15.94 3.71
CA GLU A 48 -3.16 17.37 3.64
C GLU A 48 -4.22 18.24 2.91
N PRO A 49 -4.35 19.49 3.33
CA PRO A 49 -5.33 20.38 2.70
C PRO A 49 -4.85 20.79 1.29
N LYS A 50 -3.57 21.09 1.14
CA LYS A 50 -3.07 21.47 -0.23
C LYS A 50 -3.32 20.34 -1.25
N MET A 51 -3.27 19.09 -0.82
CA MET A 51 -3.52 17.97 -1.79
C MET A 51 -4.99 17.51 -1.76
N ALA A 52 -5.66 17.58 -0.62
CA ALA A 52 -7.11 17.13 -0.57
C ALA A 52 -7.91 17.82 -1.68
N ALA A 53 -7.64 19.08 -1.96
CA ALA A 53 -8.39 19.78 -3.05
C ALA A 53 -7.94 19.23 -4.42
N SER A 54 -6.71 18.79 -4.57
CA SER A 54 -6.25 18.25 -5.90
C SER A 54 -6.58 16.75 -6.01
N LEU A 55 -6.46 15.99 -4.93
CA LEU A 55 -6.78 14.52 -5.02
C LEU A 55 -8.30 14.28 -5.16
N LEU A 56 -9.13 15.16 -4.63
CA LEU A 56 -10.61 14.95 -4.76
C LEU A 56 -11.18 15.66 -6.00
N ASN A 57 -10.52 16.68 -6.53
CA ASN A 57 -11.08 17.40 -7.74
C ASN A 57 -11.47 16.39 -8.85
N PRO A 58 -12.53 16.72 -9.57
CA PRO A 58 -12.97 15.84 -10.68
C PRO A 58 -12.15 16.07 -11.97
N TYR A 59 -11.16 16.95 -11.95
CA TYR A 59 -10.34 17.20 -13.19
C TYR A 59 -9.10 16.29 -13.19
N VAL A 60 -8.53 16.00 -12.03
CA VAL A 60 -7.30 15.11 -12.01
C VAL A 60 -7.54 13.80 -12.81
N LYS A 61 -8.77 13.31 -12.89
CA LYS A 61 -9.04 12.05 -13.65
C LYS A 61 -8.20 10.89 -13.06
N ARG A 62 -8.10 9.79 -13.77
CA ARG A 62 -7.30 8.64 -13.24
C ARG A 62 -6.00 8.48 -14.06
N SER A 63 -6.11 8.29 -15.36
CA SER A 63 -4.87 8.13 -16.20
C SER A 63 -4.01 9.40 -16.07
N VAL A 64 -4.61 10.58 -16.05
CA VAL A 64 -3.79 11.83 -15.92
C VAL A 64 -3.21 11.90 -14.49
N LYS A 65 -4.00 11.57 -13.49
CA LYS A 65 -3.45 11.61 -12.09
C LYS A 65 -2.33 10.56 -11.94
N VAL A 66 -2.47 9.40 -12.57
CA VAL A 66 -1.39 8.36 -12.44
C VAL A 66 -0.07 8.91 -12.98
N LYS A 67 -0.09 9.65 -14.07
CA LYS A 67 1.19 10.23 -14.61
C LYS A 67 1.75 11.26 -13.62
N SER A 68 0.90 12.08 -13.04
CA SER A 68 1.41 13.10 -12.05
C SER A 68 2.11 12.39 -10.87
N LEU A 69 1.61 11.24 -10.44
CA LEU A 69 2.28 10.52 -9.30
C LEU A 69 3.72 10.17 -9.68
N SER A 70 3.94 9.62 -10.87
CA SER A 70 5.35 9.27 -11.28
C SER A 70 6.22 10.53 -11.25
N ASP A 71 5.70 11.66 -11.71
CA ASP A 71 6.53 12.92 -11.68
C ASP A 71 6.69 13.43 -10.22
N MET A 72 5.79 13.07 -9.32
CA MET A 72 5.95 13.51 -7.90
C MET A 72 6.85 12.48 -7.21
N THR A 73 6.61 11.21 -7.45
CA THR A 73 7.48 10.15 -6.84
C THR A 73 8.95 10.41 -7.26
N ALA A 74 9.20 10.84 -8.49
CA ALA A 74 10.61 11.12 -8.91
C ALA A 74 11.17 12.28 -8.08
N LYS A 75 10.38 13.31 -7.82
CA LYS A 75 10.89 14.45 -7.00
C LYS A 75 10.85 14.10 -5.50
N GLU A 76 9.88 13.32 -5.07
CA GLU A 76 9.81 12.94 -3.61
C GLU A 76 10.91 11.92 -3.24
N LYS A 77 11.61 11.33 -4.20
CA LYS A 77 12.67 10.33 -3.86
C LYS A 77 12.06 9.17 -3.05
N PHE A 78 10.94 8.64 -3.50
CA PHE A 78 10.29 7.50 -2.74
C PHE A 78 11.28 6.34 -2.56
N SER A 79 10.83 5.23 -2.04
CA SER A 79 11.76 4.07 -1.83
C SER A 79 11.52 3.04 -2.94
N PRO A 80 12.15 1.89 -2.82
CA PRO A 80 11.95 0.85 -3.85
C PRO A 80 10.59 0.13 -3.70
N LEU A 81 9.82 0.41 -2.65
CA LEU A 81 8.49 -0.26 -2.52
C LEU A 81 7.36 0.79 -2.49
N THR A 82 7.62 2.04 -2.85
CA THR A 82 6.53 3.05 -2.82
C THR A 82 6.21 3.64 -4.21
N SER A 83 6.85 3.19 -5.28
CA SER A 83 6.50 3.73 -6.62
C SER A 83 5.79 2.63 -7.44
N ASN A 84 4.96 1.87 -6.78
CA ASN A 84 4.18 0.78 -7.46
C ASN A 84 2.81 0.78 -6.80
N LEU A 85 2.75 0.53 -5.50
CA LEU A 85 1.46 0.63 -4.77
C LEU A 85 0.91 2.07 -4.95
N ILE A 86 1.78 3.07 -5.15
CA ILE A 86 1.26 4.47 -5.36
C ILE A 86 0.34 4.50 -6.59
N ASN A 87 0.66 3.76 -7.64
CA ASN A 87 -0.24 3.77 -8.85
C ASN A 87 -1.56 3.08 -8.47
N LEU A 88 -1.49 1.93 -7.82
CA LEU A 88 -2.75 1.21 -7.42
C LEU A 88 -3.68 2.16 -6.64
N LEU A 89 -3.12 2.97 -5.75
CA LEU A 89 -4.00 3.92 -4.97
C LEU A 89 -4.71 4.88 -5.94
N ALA A 90 -4.04 5.31 -6.98
CA ALA A 90 -4.70 6.21 -7.97
C ALA A 90 -4.98 5.45 -9.28
N GLU A 91 -5.18 4.14 -9.22
CA GLU A 91 -5.45 3.37 -10.49
C GLU A 91 -6.95 3.12 -10.64
N ASN A 92 -7.64 2.71 -9.58
CA ASN A 92 -9.11 2.46 -9.70
C ASN A 92 -9.92 3.42 -8.82
N GLY A 93 -9.43 4.63 -8.58
CA GLY A 93 -10.20 5.59 -7.73
C GLY A 93 -10.03 5.17 -6.27
N ARG A 94 -8.82 4.92 -5.83
CA ARG A 94 -8.62 4.51 -4.41
C ARG A 94 -7.97 5.63 -3.59
N LEU A 95 -8.28 6.88 -3.90
CA LEU A 95 -7.68 8.01 -3.10
C LEU A 95 -8.72 8.60 -2.14
N THR A 96 -9.71 7.82 -1.72
CA THR A 96 -10.73 8.31 -0.76
C THR A 96 -10.45 7.65 0.60
N ASN A 97 -10.38 6.33 0.62
CA ASN A 97 -10.04 5.62 1.88
C ASN A 97 -8.57 5.15 1.81
N THR A 98 -7.68 5.95 1.21
CA THR A 98 -6.25 5.52 1.13
C THR A 98 -5.53 5.49 2.52
N PRO A 99 -5.89 6.36 3.46
CA PRO A 99 -5.19 6.32 4.77
C PRO A 99 -5.50 4.99 5.50
N ALA A 100 -6.73 4.51 5.40
CA ALA A 100 -7.07 3.20 6.08
C ALA A 100 -6.12 2.08 5.59
N VAL A 101 -5.64 2.16 4.36
CA VAL A 101 -4.71 1.09 3.85
C VAL A 101 -3.35 1.16 4.59
N ILE A 102 -2.90 2.34 4.97
CA ILE A 102 -1.59 2.44 5.70
C ILE A 102 -1.73 1.95 7.15
N SER A 103 -2.86 2.20 7.79
CA SER A 103 -3.02 1.73 9.22
C SER A 103 -2.83 0.21 9.29
N ALA A 104 -3.41 -0.54 8.38
CA ALA A 104 -3.22 -2.04 8.40
C ALA A 104 -1.72 -2.37 8.30
N PHE A 105 -0.96 -1.60 7.54
CA PHE A 105 0.52 -1.90 7.40
C PHE A 105 1.19 -1.89 8.79
N SER A 106 0.85 -0.94 9.64
CA SER A 106 1.49 -0.92 11.00
C SER A 106 1.02 -2.12 11.82
N THR A 107 -0.23 -2.49 11.74
CA THR A 107 -0.71 -3.69 12.51
C THR A 107 -0.21 -4.97 11.84
N MET A 108 -0.15 -5.01 10.52
CA MET A 108 0.36 -6.25 9.86
C MET A 108 1.88 -6.36 10.06
N MET A 109 2.59 -5.23 10.08
CA MET A 109 4.08 -5.31 10.30
C MET A 109 4.36 -5.98 11.65
N SER A 110 3.60 -5.69 12.68
CA SER A 110 3.87 -6.38 14.00
C SER A 110 3.80 -7.91 13.83
N VAL A 111 2.97 -8.41 12.94
CA VAL A 111 2.90 -9.90 12.76
C VAL A 111 4.07 -10.41 11.88
N HIS A 112 4.87 -9.54 11.27
CA HIS A 112 6.01 -10.02 10.45
C HIS A 112 7.27 -10.18 11.34
N ARG A 113 7.35 -9.47 12.47
CA ARG A 113 8.56 -9.62 13.35
C ARG A 113 8.35 -10.75 14.37
N GLY A 114 7.14 -10.95 14.86
CA GLY A 114 6.90 -12.03 15.86
C GLY A 114 6.23 -13.24 15.18
N GLU A 115 6.65 -13.59 13.97
CA GLU A 115 6.03 -14.76 13.28
C GLU A 115 7.03 -15.38 12.29
N VAL A 116 8.29 -15.48 12.65
CA VAL A 116 9.29 -16.09 11.71
C VAL A 116 10.20 -17.07 12.47
N PRO A 117 9.95 -18.36 12.29
CA PRO A 117 10.78 -19.38 12.98
C PRO A 117 12.20 -19.43 12.38
N CYS A 118 13.20 -19.06 13.14
CA CYS A 118 14.59 -19.10 12.61
C CYS A 118 15.47 -20.07 13.42
N THR A 119 16.75 -20.14 13.14
CA THR A 119 17.63 -21.07 13.91
C THR A 119 18.81 -20.29 14.53
N VAL A 120 18.89 -20.25 15.85
CA VAL A 120 20.01 -19.50 16.50
C VAL A 120 20.53 -20.29 17.71
N GLN B 1 -10.16 -10.77 -21.05
CA GLN B 1 -11.38 -11.12 -20.25
C GLN B 1 -11.07 -11.02 -18.75
N LYS B 2 -10.53 -9.91 -18.29
CA LYS B 2 -10.22 -9.76 -16.84
C LYS B 2 -10.71 -8.40 -16.32
N THR B 3 -11.78 -8.38 -15.55
CA THR B 3 -12.29 -7.09 -15.02
C THR B 3 -12.57 -7.20 -13.51
N GLY B 4 -12.47 -6.11 -12.78
CA GLY B 4 -12.73 -6.16 -11.31
C GLY B 4 -11.43 -5.92 -10.56
N THR B 5 -11.23 -6.57 -9.43
CA THR B 5 -9.96 -6.37 -8.65
C THR B 5 -9.19 -7.69 -8.54
N ALA B 6 -9.81 -8.72 -7.98
CA ALA B 6 -9.10 -10.03 -7.84
C ALA B 6 -7.76 -9.86 -7.11
N GLU B 7 -7.67 -8.96 -6.14
CA GLU B 7 -6.37 -8.76 -5.41
C GLU B 7 -5.26 -8.39 -6.41
N VAL B 8 -5.47 -7.35 -7.20
CA VAL B 8 -4.40 -6.95 -8.19
C VAL B 8 -3.07 -6.72 -7.45
N SER B 9 -3.11 -6.08 -6.31
CA SER B 9 -1.84 -5.86 -5.53
C SER B 9 -1.17 -7.22 -5.24
N SER B 10 -1.96 -8.24 -4.93
CA SER B 10 -1.35 -9.59 -4.66
C SER B 10 -0.74 -10.14 -5.97
N ILE B 11 -1.45 -10.03 -7.08
CA ILE B 11 -0.88 -10.54 -8.37
C ILE B 11 0.35 -9.71 -8.75
N LEU B 12 0.32 -8.41 -8.54
CA LEU B 12 1.52 -7.58 -8.89
C LEU B 12 2.74 -8.04 -8.07
N GLU B 13 2.55 -8.43 -6.83
CA GLU B 13 3.72 -8.90 -6.00
C GLU B 13 4.43 -10.07 -6.70
N GLU B 14 3.69 -10.98 -7.29
CA GLU B 14 4.34 -12.14 -8.00
C GLU B 14 5.27 -11.63 -9.11
N ARG B 15 4.84 -10.62 -9.86
CA ARG B 15 5.72 -10.09 -10.96
C ARG B 15 7.03 -9.52 -10.39
N ILE B 16 7.00 -8.92 -9.21
CA ILE B 16 8.27 -8.36 -8.63
C ILE B 16 9.05 -9.47 -7.92
N LEU B 17 8.38 -10.34 -7.20
CA LEU B 17 9.09 -11.44 -6.48
C LEU B 17 8.36 -12.78 -6.67
N GLY B 18 9.04 -13.89 -6.52
CA GLY B 18 8.37 -15.21 -6.71
C GLY B 18 8.49 -15.64 -8.17
N ALA B 19 9.64 -15.44 -8.80
CA ALA B 19 9.79 -15.85 -10.22
C ALA B 19 10.98 -16.82 -10.36
N ASP B 20 12.17 -16.40 -9.97
CA ASP B 20 13.35 -17.33 -10.10
C ASP B 20 13.90 -17.67 -8.71
N THR B 21 13.29 -18.59 -8.00
CA THR B 21 13.79 -18.97 -6.65
C THR B 21 13.73 -20.49 -6.46
N SER B 22 14.05 -21.26 -7.48
CA SER B 22 14.01 -22.75 -7.33
C SER B 22 15.38 -23.35 -7.68
N VAL B 23 16.34 -23.30 -6.77
CA VAL B 23 17.68 -23.87 -7.06
C VAL B 23 17.98 -25.03 -6.09
N ASP B 24 17.59 -26.25 -6.41
CA ASP B 24 17.85 -27.39 -5.49
C ASP B 24 18.83 -28.38 -6.16
N LEU B 25 18.52 -28.87 -7.33
CA LEU B 25 19.45 -29.84 -8.01
C LEU B 25 19.70 -29.40 -9.46
N PHE A 1 -32.48 -1.42 14.45
CA PHE A 1 -31.99 -0.03 14.21
C PHE A 1 -32.49 0.91 15.31
N ALA A 2 -31.84 0.93 16.46
CA ALA A 2 -32.30 1.82 17.57
C ALA A 2 -31.11 2.65 18.09
N LYS A 3 -31.37 3.83 18.63
CA LYS A 3 -30.26 4.69 19.17
C LYS A 3 -29.16 4.87 18.11
N LEU A 4 -28.08 5.54 18.44
CA LEU A 4 -26.98 5.75 17.45
C LEU A 4 -25.62 5.42 18.08
N VAL A 5 -24.63 5.06 17.28
CA VAL A 5 -23.29 4.74 17.85
C VAL A 5 -22.18 5.27 16.92
N ARG A 6 -20.98 5.47 17.44
CA ARG A 6 -19.87 5.97 16.58
C ARG A 6 -18.68 5.00 16.62
N PRO A 7 -18.76 3.94 15.86
CA PRO A 7 -17.65 2.95 15.84
C PRO A 7 -16.44 3.52 15.08
N PRO A 8 -15.25 3.12 15.50
CA PRO A 8 -14.02 3.61 14.82
C PRO A 8 -13.86 2.96 13.44
N VAL A 9 -12.74 3.16 12.78
CA VAL A 9 -12.55 2.54 11.43
C VAL A 9 -11.06 2.21 11.19
N GLN A 10 -10.65 1.00 11.46
CA GLN A 10 -9.21 0.62 11.23
C GLN A 10 -9.13 -0.85 10.78
N ILE A 11 -8.30 -1.16 9.80
CA ILE A 11 -8.17 -2.58 9.29
C ILE A 11 -9.53 -3.08 8.77
N TYR A 12 -9.55 -3.68 7.59
CA TYR A 12 -10.86 -4.13 7.01
C TYR A 12 -10.69 -5.47 6.28
N GLY A 13 -9.83 -5.53 5.27
CA GLY A 13 -9.63 -6.82 4.54
C GLY A 13 -9.06 -6.56 3.13
N ILE A 14 -9.91 -6.35 2.15
CA ILE A 14 -9.38 -6.08 0.76
C ILE A 14 -8.39 -4.90 0.79
N GLU A 15 -8.68 -3.87 1.57
CA GLU A 15 -7.72 -2.71 1.64
C GLU A 15 -6.44 -3.15 2.37
N GLY A 16 -6.55 -3.96 3.40
CA GLY A 16 -5.33 -4.42 4.12
C GLY A 16 -4.46 -5.25 3.15
N ARG A 17 -5.06 -6.09 2.33
CA ARG A 17 -4.24 -6.90 1.37
C ARG A 17 -3.41 -5.99 0.45
N TYR A 18 -3.82 -4.76 0.22
CA TYR A 18 -2.99 -3.88 -0.68
C TYR A 18 -1.62 -3.65 -0.05
N ALA A 19 -1.57 -3.33 1.23
CA ALA A 19 -0.23 -3.12 1.90
C ALA A 19 0.43 -4.47 2.13
N THR A 20 -0.32 -5.48 2.55
CA THR A 20 0.31 -6.82 2.78
C THR A 20 0.67 -7.50 1.46
N ALA A 21 -0.02 -7.22 0.37
CA ALA A 21 0.37 -7.87 -0.93
C ALA A 21 1.57 -7.13 -1.54
N LEU A 22 1.84 -5.90 -1.13
CA LEU A 22 3.03 -5.17 -1.70
C LEU A 22 4.18 -5.29 -0.71
N TYR A 23 3.91 -5.15 0.57
CA TYR A 23 5.02 -5.30 1.56
C TYR A 23 5.29 -6.81 1.80
N SER A 24 4.40 -7.72 1.40
CA SER A 24 4.71 -9.20 1.61
C SER A 24 6.11 -9.50 1.05
N ALA A 25 6.42 -8.95 -0.10
CA ALA A 25 7.81 -9.14 -0.65
C ALA A 25 8.75 -8.26 0.19
N ALA A 26 8.33 -7.05 0.52
CA ALA A 26 9.21 -6.16 1.37
C ALA A 26 9.57 -6.87 2.69
N SER A 27 8.64 -7.63 3.27
CA SER A 27 8.96 -8.34 4.57
C SER A 27 10.20 -9.23 4.37
N LYS A 28 10.27 -9.93 3.24
CA LYS A 28 11.48 -10.79 2.99
C LYS A 28 12.69 -9.90 2.70
N GLN A 29 12.50 -8.81 1.98
CA GLN A 29 13.66 -7.88 1.69
C GLN A 29 13.93 -6.95 2.89
N ASN A 30 13.13 -6.97 3.94
CA ASN A 30 13.35 -6.07 5.12
C ASN A 30 13.10 -4.61 4.72
N LYS A 31 12.07 -4.36 3.95
CA LYS A 31 11.77 -2.95 3.56
C LYS A 31 10.51 -2.41 4.27
N LEU A 32 10.02 -3.07 5.33
CA LEU A 32 8.80 -2.54 6.06
C LEU A 32 8.99 -1.04 6.36
N GLU A 33 10.20 -0.61 6.67
CA GLU A 33 10.42 0.85 6.91
C GLU A 33 10.42 1.56 5.54
N GLN A 34 11.06 0.98 4.54
CA GLN A 34 11.06 1.62 3.17
C GLN A 34 9.63 1.75 2.64
N VAL A 35 8.72 0.88 3.03
CA VAL A 35 7.32 0.98 2.51
C VAL A 35 6.40 1.63 3.56
N GLU A 36 6.53 1.26 4.83
CA GLU A 36 5.63 1.87 5.88
C GLU A 36 5.94 3.37 6.10
N LYS A 37 7.13 3.83 5.76
CA LYS A 37 7.44 5.29 5.98
C LYS A 37 7.20 6.10 4.70
N GLU A 38 7.51 5.55 3.54
CA GLU A 38 7.25 6.33 2.28
C GLU A 38 5.76 6.23 1.94
N LEU A 39 5.16 5.06 2.09
CA LEU A 39 3.69 4.93 1.80
C LEU A 39 2.91 5.88 2.74
N LEU A 40 3.36 6.08 3.96
CA LEU A 40 2.62 7.02 4.89
C LEU A 40 2.52 8.42 4.24
N ARG A 41 3.55 8.86 3.54
CA ARG A 41 3.48 10.22 2.90
C ARG A 41 2.27 10.31 1.96
N VAL A 42 1.97 9.24 1.24
CA VAL A 42 0.78 9.29 0.32
C VAL A 42 -0.49 9.62 1.12
N GLY A 43 -0.63 9.09 2.32
CA GLY A 43 -1.85 9.38 3.13
C GLY A 43 -1.84 10.87 3.49
N GLN A 44 -0.74 11.41 3.96
CA GLN A 44 -0.69 12.87 4.32
C GLN A 44 -1.05 13.72 3.08
N ILE A 45 -0.58 13.33 1.90
CA ILE A 45 -0.92 14.13 0.67
C ILE A 45 -2.44 14.22 0.50
N LEU A 46 -3.16 13.15 0.76
CA LEU A 46 -4.65 13.22 0.65
C LEU A 46 -5.24 13.84 1.92
N LYS A 47 -4.60 13.67 3.07
CA LYS A 47 -5.14 14.30 4.32
C LYS A 47 -4.86 15.81 4.28
N GLU A 48 -3.79 16.24 3.61
CA GLU A 48 -3.49 17.72 3.56
C GLU A 48 -4.74 18.50 3.08
N PRO A 49 -5.03 19.61 3.73
CA PRO A 49 -6.22 20.41 3.33
C PRO A 49 -5.99 21.11 1.98
N LYS A 50 -4.79 21.54 1.69
CA LYS A 50 -4.54 22.22 0.37
C LYS A 50 -4.41 21.15 -0.74
N MET A 51 -3.87 20.00 -0.41
CA MET A 51 -3.75 18.91 -1.44
C MET A 51 -5.03 18.06 -1.49
N ALA A 52 -5.77 17.94 -0.40
CA ALA A 52 -7.03 17.10 -0.45
C ALA A 52 -7.98 17.63 -1.53
N ALA A 53 -8.09 18.93 -1.68
CA ALA A 53 -9.01 19.49 -2.75
C ALA A 53 -8.58 18.98 -4.13
N SER A 54 -7.29 18.91 -4.40
CA SER A 54 -6.84 18.41 -5.74
C SER A 54 -7.14 16.91 -5.89
N LEU A 55 -6.77 16.10 -4.91
CA LEU A 55 -7.05 14.63 -5.01
C LEU A 55 -8.57 14.35 -5.07
N LEU A 56 -9.39 15.19 -4.47
CA LEU A 56 -10.88 14.94 -4.52
C LEU A 56 -11.55 15.73 -5.66
N ASN A 57 -11.04 16.90 -6.02
CA ASN A 57 -11.69 17.70 -7.13
C ASN A 57 -11.95 16.83 -8.38
N PRO A 58 -12.96 17.20 -9.14
CA PRO A 58 -13.28 16.44 -10.38
C PRO A 58 -12.33 16.81 -11.54
N TYR A 59 -11.40 17.74 -11.36
CA TYR A 59 -10.46 18.10 -12.48
C TYR A 59 -9.21 17.21 -12.42
N VAL A 60 -8.75 16.85 -11.23
CA VAL A 60 -7.51 15.98 -11.14
C VAL A 60 -7.64 14.73 -12.04
N LYS A 61 -8.85 14.23 -12.27
CA LYS A 61 -9.02 13.02 -13.15
C LYS A 61 -8.19 11.84 -12.61
N ARG A 62 -8.29 10.67 -13.23
CA ARG A 62 -7.50 9.50 -12.75
C ARG A 62 -6.27 9.29 -13.65
N SER A 63 -6.46 9.26 -14.96
CA SER A 63 -5.27 9.07 -15.88
C SER A 63 -4.23 10.16 -15.60
N VAL A 64 -4.66 11.40 -15.39
CA VAL A 64 -3.67 12.49 -15.09
C VAL A 64 -2.95 12.18 -13.77
N LYS A 65 -3.65 11.68 -12.78
CA LYS A 65 -2.98 11.36 -11.46
C LYS A 65 -1.85 10.34 -11.68
N VAL A 66 -2.02 9.39 -12.60
CA VAL A 66 -0.92 8.37 -12.83
C VAL A 66 0.36 9.10 -13.26
N LYS A 67 0.26 10.09 -14.12
CA LYS A 67 1.50 10.83 -14.55
C LYS A 67 2.04 11.63 -13.37
N SER A 68 1.18 12.27 -12.61
CA SER A 68 1.67 13.05 -11.41
C SER A 68 2.37 12.11 -10.42
N LEU A 69 1.85 10.90 -10.24
CA LEU A 69 2.51 9.95 -9.27
C LEU A 69 3.94 9.65 -9.75
N SER A 70 4.12 9.35 -11.02
CA SER A 70 5.52 9.07 -11.52
C SER A 70 6.35 10.35 -11.47
N ASP A 71 5.80 11.46 -11.93
CA ASP A 71 6.59 12.75 -11.88
C ASP A 71 6.76 13.22 -10.42
N MET A 72 5.91 12.79 -9.50
CA MET A 72 6.11 13.21 -8.07
C MET A 72 7.05 12.20 -7.42
N THR A 73 6.84 10.92 -7.68
CA THR A 73 7.77 9.89 -7.10
C THR A 73 9.20 10.17 -7.60
N ALA A 74 9.38 10.61 -8.84
CA ALA A 74 10.77 10.90 -9.35
C ALA A 74 11.38 12.07 -8.55
N LYS A 75 10.59 13.06 -8.18
CA LYS A 75 11.15 14.21 -7.39
C LYS A 75 11.11 13.90 -5.88
N GLU A 76 10.14 13.13 -5.42
CA GLU A 76 10.08 12.80 -3.94
C GLU A 76 11.16 11.77 -3.54
N LYS A 77 11.87 11.16 -4.49
CA LYS A 77 12.92 10.14 -4.11
C LYS A 77 12.29 9.02 -3.28
N PHE A 78 11.15 8.50 -3.70
CA PHE A 78 10.48 7.40 -2.91
C PHE A 78 11.46 6.22 -2.72
N SER A 79 11.00 5.13 -2.15
CA SER A 79 11.90 3.97 -1.93
C SER A 79 11.64 2.93 -3.03
N PRO A 80 12.25 1.77 -2.93
CA PRO A 80 12.03 0.73 -3.95
C PRO A 80 10.66 0.05 -3.80
N LEU A 81 9.89 0.35 -2.77
CA LEU A 81 8.55 -0.29 -2.63
C LEU A 81 7.44 0.78 -2.62
N THR A 82 7.72 2.01 -3.02
CA THR A 82 6.64 3.04 -2.99
C THR A 82 6.33 3.60 -4.40
N SER A 83 6.95 3.12 -5.47
CA SER A 83 6.61 3.65 -6.83
C SER A 83 5.85 2.56 -7.61
N ASN A 84 5.02 1.81 -6.93
CA ASN A 84 4.20 0.74 -7.58
C ASN A 84 2.84 0.78 -6.90
N LEU A 85 2.80 0.55 -5.60
CA LEU A 85 1.51 0.70 -4.86
C LEU A 85 1.02 2.16 -5.04
N ILE A 86 1.92 3.13 -5.26
CA ILE A 86 1.43 4.53 -5.45
C ILE A 86 0.51 4.59 -6.68
N ASN A 87 0.82 3.86 -7.74
CA ASN A 87 -0.08 3.88 -8.94
C ASN A 87 -1.36 3.10 -8.59
N LEU A 88 -1.21 1.96 -7.93
CA LEU A 88 -2.43 1.17 -7.54
C LEU A 88 -3.38 2.05 -6.72
N LEU A 89 -2.85 2.86 -5.82
CA LEU A 89 -3.73 3.76 -5.00
C LEU A 89 -4.52 4.69 -5.94
N ALA A 90 -3.89 5.18 -6.99
CA ALA A 90 -4.63 6.06 -7.94
C ALA A 90 -4.95 5.30 -9.24
N GLU A 91 -5.09 3.98 -9.19
CA GLU A 91 -5.41 3.21 -10.43
C GLU A 91 -6.91 2.87 -10.49
N ASN A 92 -7.49 2.42 -9.39
CA ASN A 92 -8.95 2.08 -9.41
C ASN A 92 -9.76 3.06 -8.53
N GLY A 93 -9.30 4.28 -8.33
CA GLY A 93 -10.07 5.23 -7.48
C GLY A 93 -9.80 4.92 -6.01
N ARG A 94 -8.55 4.82 -5.61
CA ARG A 94 -8.25 4.51 -4.18
C ARG A 94 -7.62 5.73 -3.49
N LEU A 95 -8.00 6.93 -3.84
CA LEU A 95 -7.43 8.14 -3.16
C LEU A 95 -8.50 8.74 -2.23
N THR A 96 -9.13 7.89 -1.45
CA THR A 96 -10.18 8.35 -0.48
C THR A 96 -9.86 7.72 0.88
N ASN A 97 -9.80 6.40 0.94
CA ASN A 97 -9.42 5.73 2.21
C ASN A 97 -7.93 5.33 2.17
N THR A 98 -7.12 5.95 1.30
CA THR A 98 -5.66 5.60 1.21
C THR A 98 -5.00 5.55 2.61
N PRO A 99 -5.22 6.57 3.42
CA PRO A 99 -4.60 6.58 4.78
C PRO A 99 -5.19 5.43 5.63
N ALA A 100 -6.46 5.13 5.50
CA ALA A 100 -7.04 3.99 6.29
C ALA A 100 -6.34 2.68 5.88
N VAL A 101 -6.07 2.49 4.60
CA VAL A 101 -5.36 1.24 4.16
C VAL A 101 -3.94 1.23 4.75
N ILE A 102 -3.26 2.36 4.78
CA ILE A 102 -1.86 2.38 5.36
C ILE A 102 -1.90 1.91 6.82
N SER A 103 -2.94 2.24 7.58
CA SER A 103 -2.99 1.79 9.02
C SER A 103 -2.84 0.26 9.08
N ALA A 104 -3.49 -0.46 8.19
CA ALA A 104 -3.35 -1.97 8.20
C ALA A 104 -1.87 -2.35 8.02
N PHE A 105 -1.11 -1.60 7.24
CA PHE A 105 0.35 -1.94 7.04
C PHE A 105 1.06 -2.02 8.40
N SER A 106 0.76 -1.10 9.30
CA SER A 106 1.43 -1.15 10.65
C SER A 106 0.95 -2.39 11.43
N THR A 107 -0.32 -2.72 11.34
CA THR A 107 -0.82 -3.93 12.08
C THR A 107 -0.31 -5.20 11.39
N MET A 108 -0.24 -5.22 10.07
CA MET A 108 0.28 -6.46 9.40
C MET A 108 1.79 -6.58 9.63
N MET A 109 2.50 -5.47 9.69
CA MET A 109 3.99 -5.55 9.94
C MET A 109 4.24 -6.28 11.27
N SER A 110 3.44 -6.04 12.29
CA SER A 110 3.69 -6.77 13.60
C SER A 110 3.67 -8.30 13.37
N VAL A 111 2.90 -8.78 12.41
CA VAL A 111 2.89 -10.27 12.16
C VAL A 111 4.12 -10.71 11.36
N HIS A 112 4.85 -9.80 10.73
CA HIS A 112 6.06 -10.23 9.96
C HIS A 112 7.29 -10.31 10.90
N ARG A 113 7.28 -9.63 12.05
CA ARG A 113 8.45 -9.70 12.96
C ARG A 113 8.27 -10.80 14.02
N GLY A 114 7.05 -11.07 14.44
CA GLY A 114 6.82 -12.13 15.47
C GLY A 114 6.98 -13.53 14.84
N GLU A 115 6.55 -13.72 13.60
CA GLU A 115 6.69 -15.07 12.97
C GLU A 115 7.73 -15.04 11.84
N VAL A 116 8.99 -14.80 12.17
CA VAL A 116 10.05 -14.77 11.12
C VAL A 116 11.40 -15.23 11.69
N PRO A 117 12.18 -15.95 10.89
CA PRO A 117 13.48 -16.44 11.36
C PRO A 117 14.49 -15.28 11.48
N CYS A 118 14.87 -14.89 12.67
CA CYS A 118 15.84 -13.77 12.83
C CYS A 118 16.86 -14.09 13.94
N THR A 119 18.09 -14.39 13.58
CA THR A 119 19.11 -14.72 14.62
C THR A 119 20.32 -13.78 14.48
N VAL A 120 20.67 -13.07 15.54
CA VAL A 120 21.84 -12.13 15.45
C VAL A 120 22.79 -12.39 16.63
N GLN B 1 -22.76 -12.83 -19.39
CA GLN B 1 -21.95 -11.79 -18.71
C GLN B 1 -21.16 -12.42 -17.55
N LYS B 2 -19.84 -12.30 -17.56
CA LYS B 2 -19.03 -12.90 -16.45
C LYS B 2 -17.81 -12.02 -16.15
N THR B 3 -18.00 -10.89 -15.52
CA THR B 3 -16.84 -10.00 -15.20
C THR B 3 -16.83 -9.66 -13.70
N GLY B 4 -16.07 -8.66 -13.29
CA GLY B 4 -16.03 -8.29 -11.85
C GLY B 4 -14.62 -7.83 -11.45
N THR B 5 -14.41 -7.45 -10.21
CA THR B 5 -13.05 -6.98 -9.79
C THR B 5 -12.47 -7.94 -8.73
N ALA B 6 -11.17 -8.07 -8.66
CA ALA B 6 -10.56 -8.98 -7.64
C ALA B 6 -9.22 -8.41 -7.14
N GLU B 7 -8.41 -9.21 -6.47
CA GLU B 7 -7.09 -8.71 -5.99
C GLU B 7 -5.97 -9.23 -6.91
N VAL B 8 -6.25 -9.45 -8.19
CA VAL B 8 -5.18 -9.95 -9.13
C VAL B 8 -3.93 -9.04 -9.07
N SER B 9 -4.11 -7.75 -8.89
CA SER B 9 -2.92 -6.84 -8.80
C SER B 9 -2.12 -7.14 -7.52
N SER B 10 -2.80 -7.44 -6.43
CA SER B 10 -2.04 -7.75 -5.15
C SER B 10 -1.26 -9.06 -5.32
N ILE B 11 -1.88 -10.11 -5.82
CA ILE B 11 -1.12 -11.40 -5.99
C ILE B 11 0.07 -11.19 -6.95
N LEU B 12 -0.06 -10.31 -7.94
CA LEU B 12 1.09 -10.08 -8.88
C LEU B 12 2.32 -9.58 -8.11
N GLU B 13 2.12 -8.77 -7.08
CA GLU B 13 3.32 -8.26 -6.29
C GLU B 13 4.16 -9.44 -5.78
N GLU B 14 3.53 -10.53 -5.36
CA GLU B 14 4.32 -11.71 -4.86
C GLU B 14 5.31 -12.17 -5.94
N ARG B 15 4.95 -12.10 -7.21
CA ARG B 15 5.90 -12.53 -8.30
C ARG B 15 7.24 -11.77 -8.18
N ILE B 16 7.23 -10.54 -7.70
CA ILE B 16 8.53 -9.77 -7.58
C ILE B 16 9.50 -10.56 -6.68
N LEU B 17 9.01 -11.16 -5.61
CA LEU B 17 9.92 -11.94 -4.72
C LEU B 17 9.49 -13.42 -4.67
N GLY B 18 10.42 -14.34 -4.82
CA GLY B 18 10.05 -15.79 -4.79
C GLY B 18 10.74 -16.52 -5.95
N ALA B 19 10.76 -15.92 -7.13
CA ALA B 19 11.42 -16.59 -8.29
C ALA B 19 12.22 -15.56 -9.10
N ASP B 20 13.51 -15.78 -9.28
CA ASP B 20 14.33 -14.81 -10.06
C ASP B 20 14.89 -15.48 -11.33
N THR B 21 14.19 -15.37 -12.44
CA THR B 21 14.69 -16.01 -13.70
C THR B 21 14.45 -15.08 -14.90
N SER B 22 15.37 -15.03 -15.84
CA SER B 22 15.18 -14.13 -17.03
C SER B 22 15.09 -14.97 -18.31
N VAL B 23 16.09 -15.77 -18.60
CA VAL B 23 16.06 -16.60 -19.84
C VAL B 23 16.06 -18.09 -19.46
N ASP B 24 15.02 -18.83 -19.83
CA ASP B 24 14.98 -20.28 -19.49
C ASP B 24 14.93 -21.13 -20.78
N LEU B 25 15.79 -22.11 -20.91
CA LEU B 25 15.79 -22.96 -22.13
C LEU B 25 15.58 -24.43 -21.76
N PHE A 1 -30.14 20.10 20.17
CA PHE A 1 -29.71 19.24 19.02
C PHE A 1 -28.51 18.38 19.40
N ALA A 2 -28.72 17.09 19.59
CA ALA A 2 -27.59 16.19 19.97
C ALA A 2 -27.44 15.05 18.96
N LYS A 3 -26.77 15.30 17.85
CA LYS A 3 -26.60 14.23 16.82
C LYS A 3 -25.21 14.31 16.18
N LEU A 4 -24.49 13.21 16.14
CA LEU A 4 -23.11 13.24 15.52
C LEU A 4 -23.02 12.21 14.38
N VAL A 5 -22.14 12.43 13.43
CA VAL A 5 -22.02 11.45 12.30
C VAL A 5 -20.53 11.15 12.03
N ARG A 6 -19.89 10.37 12.90
CA ARG A 6 -18.45 10.06 12.69
C ARG A 6 -18.18 8.58 13.05
N PRO A 7 -18.39 7.70 12.09
CA PRO A 7 -18.16 6.26 12.34
C PRO A 7 -16.65 5.96 12.41
N PRO A 8 -16.28 4.99 13.21
CA PRO A 8 -14.85 4.62 13.34
C PRO A 8 -14.37 3.88 12.09
N VAL A 9 -13.17 4.16 11.62
CA VAL A 9 -12.66 3.47 10.40
C VAL A 9 -11.12 3.30 10.48
N GLN A 10 -10.63 2.09 10.28
CA GLN A 10 -9.15 1.88 10.35
C GLN A 10 -8.73 0.64 9.52
N ILE A 11 -9.29 -0.51 9.82
CA ILE A 11 -8.93 -1.74 9.04
C ILE A 11 -10.20 -2.35 8.43
N TYR A 12 -10.10 -2.98 7.27
CA TYR A 12 -11.32 -3.53 6.61
C TYR A 12 -11.03 -4.91 6.00
N GLY A 13 -10.06 -5.03 5.10
CA GLY A 13 -9.76 -6.36 4.50
C GLY A 13 -8.96 -6.18 3.20
N ILE A 14 -9.64 -6.08 2.06
CA ILE A 14 -8.89 -5.90 0.76
C ILE A 14 -7.90 -4.73 0.88
N GLU A 15 -8.24 -3.67 1.58
CA GLU A 15 -7.28 -2.52 1.73
C GLU A 15 -6.06 -2.98 2.55
N GLY A 16 -6.27 -3.79 3.58
CA GLY A 16 -5.11 -4.26 4.38
C GLY A 16 -4.24 -5.18 3.50
N ARG A 17 -4.86 -6.06 2.73
CA ARG A 17 -4.04 -6.96 1.83
C ARG A 17 -3.19 -6.13 0.86
N TYR A 18 -3.61 -4.93 0.49
CA TYR A 18 -2.77 -4.12 -0.46
C TYR A 18 -1.39 -3.86 0.16
N ALA A 19 -1.34 -3.53 1.44
CA ALA A 19 -0.01 -3.29 2.09
C ALA A 19 0.67 -4.63 2.37
N THR A 20 -0.08 -5.63 2.79
CA THR A 20 0.57 -6.96 3.08
C THR A 20 0.93 -7.69 1.77
N ALA A 21 0.22 -7.45 0.69
CA ALA A 21 0.60 -8.13 -0.59
C ALA A 21 1.81 -7.42 -1.22
N LEU A 22 2.09 -6.18 -0.86
CA LEU A 22 3.28 -5.49 -1.45
C LEU A 22 4.44 -5.60 -0.47
N TYR A 23 4.18 -5.38 0.81
CA TYR A 23 5.29 -5.53 1.79
C TYR A 23 5.55 -7.03 2.03
N SER A 24 4.65 -7.94 1.66
CA SER A 24 4.97 -9.42 1.86
C SER A 24 6.36 -9.71 1.26
N ALA A 25 6.68 -9.07 0.14
CA ALA A 25 8.05 -9.26 -0.44
C ALA A 25 9.03 -8.42 0.41
N ALA A 26 8.62 -7.21 0.80
CA ALA A 26 9.53 -6.36 1.66
C ALA A 26 9.86 -7.12 2.97
N SER A 27 8.89 -7.81 3.54
CA SER A 27 9.16 -8.57 4.82
C SER A 27 10.33 -9.55 4.60
N LYS A 28 10.38 -10.20 3.45
CA LYS A 28 11.52 -11.15 3.19
C LYS A 28 12.85 -10.36 3.16
N GLN A 29 12.85 -9.17 2.60
CA GLN A 29 14.11 -8.36 2.57
C GLN A 29 14.20 -7.39 3.78
N ASN A 30 13.22 -7.38 4.68
CA ASN A 30 13.26 -6.46 5.87
C ASN A 30 13.14 -5.01 5.39
N LYS A 31 12.25 -4.76 4.44
CA LYS A 31 12.07 -3.36 3.95
C LYS A 31 10.75 -2.74 4.46
N LEU A 32 10.05 -3.35 5.42
CA LEU A 32 8.77 -2.72 5.94
C LEU A 32 8.99 -1.24 6.26
N GLU A 33 10.18 -0.86 6.70
CA GLU A 33 10.42 0.60 6.99
C GLU A 33 10.49 1.34 5.65
N GLN A 34 11.20 0.79 4.68
CA GLN A 34 11.28 1.45 3.32
C GLN A 34 9.87 1.53 2.69
N VAL A 35 8.96 0.65 3.07
CA VAL A 35 7.58 0.70 2.47
C VAL A 35 6.62 1.43 3.42
N GLU A 36 6.64 1.10 4.70
CA GLU A 36 5.72 1.79 5.68
C GLU A 36 6.01 3.29 5.72
N LYS A 37 7.25 3.70 5.53
CA LYS A 37 7.55 5.18 5.59
C LYS A 37 7.14 5.86 4.29
N GLU A 38 7.42 5.26 3.15
CA GLU A 38 7.01 5.92 1.87
C GLU A 38 5.47 5.84 1.74
N LEU A 39 4.87 4.73 2.12
CA LEU A 39 3.37 4.63 2.02
C LEU A 39 2.74 5.70 2.92
N LEU A 40 3.29 5.95 4.09
CA LEU A 40 2.69 7.01 4.99
C LEU A 40 2.64 8.36 4.26
N ARG A 41 3.62 8.67 3.42
CA ARG A 41 3.59 9.98 2.69
C ARG A 41 2.32 10.10 1.84
N VAL A 42 1.90 9.03 1.19
CA VAL A 42 0.65 9.11 0.36
C VAL A 42 -0.54 9.47 1.26
N GLY A 43 -0.61 8.94 2.46
CA GLY A 43 -1.75 9.25 3.38
C GLY A 43 -1.67 10.74 3.77
N GLN A 44 -0.50 11.22 4.12
CA GLN A 44 -0.38 12.67 4.51
C GLN A 44 -0.70 13.57 3.30
N ILE A 45 -0.26 13.18 2.11
CA ILE A 45 -0.55 14.02 0.89
C ILE A 45 -2.08 14.15 0.72
N LEU A 46 -2.81 13.07 0.91
CA LEU A 46 -4.31 13.18 0.78
C LEU A 46 -4.91 13.78 2.06
N LYS A 47 -4.30 13.55 3.20
CA LYS A 47 -4.85 14.15 4.47
C LYS A 47 -4.50 15.65 4.51
N GLU A 48 -3.42 16.07 3.87
CA GLU A 48 -3.04 17.53 3.90
C GLU A 48 -4.26 18.40 3.46
N PRO A 49 -4.47 19.50 4.15
CA PRO A 49 -5.62 20.38 3.81
C PRO A 49 -5.37 21.14 2.49
N LYS A 50 -4.14 21.52 2.21
CA LYS A 50 -3.86 22.23 0.91
C LYS A 50 -3.82 21.20 -0.23
N MET A 51 -3.30 20.02 0.02
CA MET A 51 -3.26 18.97 -1.05
C MET A 51 -4.60 18.21 -1.13
N ALA A 52 -5.34 18.09 -0.04
CA ALA A 52 -6.66 17.36 -0.11
C ALA A 52 -7.56 17.98 -1.18
N ALA A 53 -7.54 19.29 -1.34
CA ALA A 53 -8.42 19.93 -2.40
C ALA A 53 -7.98 19.47 -3.80
N SER A 54 -6.69 19.32 -4.03
CA SER A 54 -6.22 18.87 -5.40
C SER A 54 -6.65 17.41 -5.64
N LEU A 55 -6.56 16.56 -4.65
CA LEU A 55 -6.96 15.12 -4.86
C LEU A 55 -8.50 14.99 -4.93
N LEU A 56 -9.24 15.86 -4.28
CA LEU A 56 -10.74 15.77 -4.34
C LEU A 56 -11.30 16.58 -5.53
N ASN A 57 -10.60 17.59 -6.00
CA ASN A 57 -11.15 18.42 -7.15
C ASN A 57 -11.61 17.51 -8.31
N PRO A 58 -12.64 17.94 -9.02
CA PRO A 58 -13.15 17.14 -10.16
C PRO A 58 -12.24 17.27 -11.41
N TYR A 59 -11.19 18.09 -11.37
CA TYR A 59 -10.30 18.22 -12.57
C TYR A 59 -9.12 17.21 -12.50
N VAL A 60 -8.84 16.62 -11.34
CA VAL A 60 -7.70 15.64 -11.27
C VAL A 60 -8.23 14.22 -11.52
N LYS A 61 -8.79 13.97 -12.69
CA LYS A 61 -9.33 12.59 -13.00
C LYS A 61 -8.30 11.50 -12.67
N ARG A 62 -8.69 10.24 -12.71
CA ARG A 62 -7.71 9.14 -12.39
C ARG A 62 -6.60 9.07 -13.46
N SER A 63 -6.97 9.03 -14.73
CA SER A 63 -5.91 8.95 -15.81
C SER A 63 -4.92 10.12 -15.68
N VAL A 64 -5.41 11.35 -15.61
CA VAL A 64 -4.48 12.52 -15.46
C VAL A 64 -3.73 12.40 -14.13
N LYS A 65 -4.41 12.02 -13.07
CA LYS A 65 -3.69 11.88 -11.74
C LYS A 65 -2.60 10.81 -11.84
N VAL A 66 -2.83 9.74 -12.58
CA VAL A 66 -1.76 8.67 -12.69
C VAL A 66 -0.49 9.28 -13.31
N LYS A 67 -0.61 10.13 -14.31
CA LYS A 67 0.61 10.74 -14.92
C LYS A 67 1.23 11.73 -13.92
N SER A 68 0.42 12.52 -13.26
CA SER A 68 0.99 13.49 -12.25
C SER A 68 1.60 12.70 -11.07
N LEU A 69 0.97 11.61 -10.67
CA LEU A 69 1.54 10.81 -9.52
C LEU A 69 2.94 10.30 -9.90
N SER A 70 3.13 9.86 -11.13
CA SER A 70 4.50 9.35 -11.52
C SER A 70 5.53 10.49 -11.39
N ASP A 71 5.22 11.66 -11.93
CA ASP A 71 6.19 12.80 -11.80
C ASP A 71 6.27 13.28 -10.34
N MET A 72 5.22 13.10 -9.56
CA MET A 72 5.27 13.53 -8.11
C MET A 72 6.05 12.47 -7.33
N THR A 73 5.84 11.19 -7.65
CA THR A 73 6.60 10.11 -6.92
C THR A 73 8.11 10.38 -7.06
N ALA A 74 8.57 10.81 -8.22
CA ALA A 74 10.05 11.09 -8.38
C ALA A 74 10.52 12.08 -7.30
N LYS A 75 9.71 13.03 -6.93
CA LYS A 75 10.12 13.99 -5.85
C LYS A 75 9.46 13.63 -4.51
N GLU A 76 9.18 12.35 -4.27
CA GLU A 76 8.54 11.95 -2.98
C GLU A 76 9.27 10.74 -2.35
N LYS A 77 10.53 10.50 -2.69
CA LYS A 77 11.28 9.34 -2.10
C LYS A 77 10.60 8.00 -2.39
N PHE A 78 9.93 7.86 -3.52
CA PHE A 78 9.29 6.53 -3.83
C PHE A 78 10.09 5.82 -4.92
N SER A 79 10.27 4.52 -4.82
CA SER A 79 11.05 3.78 -5.88
C SER A 79 11.16 2.28 -5.58
N PRO A 80 11.78 1.92 -4.48
CA PRO A 80 11.96 0.48 -4.16
C PRO A 80 10.63 -0.23 -3.85
N LEU A 81 9.95 0.11 -2.79
CA LEU A 81 8.66 -0.58 -2.50
C LEU A 81 7.47 0.37 -2.62
N THR A 82 7.64 1.57 -3.17
CA THR A 82 6.48 2.49 -3.31
C THR A 82 6.20 2.82 -4.79
N SER A 83 6.86 2.18 -5.76
CA SER A 83 6.53 2.48 -7.18
C SER A 83 5.78 1.28 -7.78
N ASN A 84 4.87 0.73 -7.03
CA ASN A 84 4.05 -0.43 -7.48
C ASN A 84 2.70 -0.32 -6.76
N LEU A 85 2.73 -0.32 -5.44
CA LEU A 85 1.47 -0.11 -4.67
C LEU A 85 0.88 1.26 -5.06
N ILE A 86 1.69 2.23 -5.50
CA ILE A 86 1.08 3.55 -5.89
C ILE A 86 0.17 3.33 -7.12
N ASN A 87 0.56 2.48 -8.06
CA ASN A 87 -0.33 2.24 -9.25
C ASN A 87 -1.73 1.81 -8.77
N LEU A 88 -1.81 0.78 -7.94
CA LEU A 88 -3.16 0.33 -7.41
C LEU A 88 -3.89 1.52 -6.78
N LEU A 89 -3.19 2.35 -6.02
CA LEU A 89 -3.86 3.55 -5.40
C LEU A 89 -4.47 4.42 -6.50
N ALA A 90 -3.78 4.58 -7.62
CA ALA A 90 -4.34 5.40 -8.73
C ALA A 90 -4.79 4.49 -9.89
N GLU A 91 -5.19 3.25 -9.60
CA GLU A 91 -5.64 2.34 -10.71
C GLU A 91 -7.17 2.28 -10.75
N ASN A 92 -7.82 2.05 -9.62
CA ASN A 92 -9.31 1.98 -9.62
C ASN A 92 -9.92 3.09 -8.75
N GLY A 93 -9.28 4.25 -8.66
CA GLY A 93 -9.83 5.35 -7.83
C GLY A 93 -9.55 5.03 -6.36
N ARG A 94 -8.30 4.75 -6.01
CA ARG A 94 -7.99 4.43 -4.60
C ARG A 94 -7.21 5.57 -3.92
N LEU A 95 -7.40 6.81 -4.34
CA LEU A 95 -6.67 7.93 -3.68
C LEU A 95 -7.65 8.75 -2.80
N THR A 96 -8.68 8.12 -2.28
CA THR A 96 -9.63 8.84 -1.39
C THR A 96 -9.43 8.30 0.03
N ASN A 97 -9.50 7.00 0.21
CA ASN A 97 -9.25 6.40 1.55
C ASN A 97 -7.86 5.76 1.56
N THR A 98 -6.88 6.35 0.88
CA THR A 98 -5.51 5.74 0.88
C THR A 98 -4.82 5.76 2.26
N PRO A 99 -5.06 6.77 3.12
CA PRO A 99 -4.40 6.75 4.45
C PRO A 99 -4.92 5.57 5.28
N ALA A 100 -6.20 5.25 5.20
CA ALA A 100 -6.72 4.08 5.99
C ALA A 100 -5.99 2.80 5.57
N VAL A 101 -5.69 2.64 4.29
CA VAL A 101 -4.95 1.40 3.85
C VAL A 101 -3.53 1.41 4.44
N ILE A 102 -2.88 2.56 4.50
CA ILE A 102 -1.49 2.60 5.08
C ILE A 102 -1.53 2.21 6.57
N SER A 103 -2.55 2.60 7.30
CA SER A 103 -2.61 2.23 8.76
C SER A 103 -2.55 0.69 8.91
N ALA A 104 -3.24 -0.04 8.06
CA ALA A 104 -3.18 -1.55 8.16
C ALA A 104 -1.72 -2.03 8.02
N PHE A 105 -0.92 -1.36 7.20
CA PHE A 105 0.52 -1.79 7.04
C PHE A 105 1.22 -1.81 8.41
N SER A 106 1.01 -0.80 9.22
CA SER A 106 1.68 -0.79 10.57
C SER A 106 1.18 -1.97 11.41
N THR A 107 -0.10 -2.27 11.36
CA THR A 107 -0.62 -3.43 12.17
C THR A 107 -0.14 -4.74 11.56
N MET A 108 -0.08 -4.83 10.23
CA MET A 108 0.41 -6.11 9.62
C MET A 108 1.91 -6.28 9.90
N MET A 109 2.68 -5.20 9.92
CA MET A 109 4.14 -5.34 10.21
C MET A 109 4.33 -5.97 11.59
N SER A 110 3.57 -5.57 12.58
CA SER A 110 3.73 -6.21 13.94
C SER A 110 3.55 -7.74 13.84
N VAL A 111 2.72 -8.22 12.94
CA VAL A 111 2.56 -9.72 12.81
C VAL A 111 3.74 -10.34 12.05
N HIS A 112 4.59 -9.55 11.39
CA HIS A 112 5.75 -10.15 10.68
C HIS A 112 6.90 -10.42 11.69
N ARG A 113 6.95 -9.70 12.81
CA ARG A 113 8.04 -9.98 13.80
C ARG A 113 7.86 -11.38 14.38
N GLY A 114 6.63 -11.85 14.56
CA GLY A 114 6.42 -13.21 15.13
C GLY A 114 5.27 -13.14 16.15
N GLU A 115 4.05 -12.87 15.71
CA GLU A 115 2.90 -12.78 16.66
C GLU A 115 3.19 -11.70 17.72
N VAL A 116 3.79 -10.59 17.33
CA VAL A 116 4.09 -9.51 18.31
C VAL A 116 3.41 -8.19 17.87
N PRO A 117 2.33 -7.83 18.52
CA PRO A 117 1.62 -6.58 18.16
C PRO A 117 2.43 -5.36 18.58
N CYS A 118 2.97 -5.34 19.79
CA CYS A 118 3.77 -4.16 20.24
C CYS A 118 4.52 -4.46 21.54
N THR A 119 3.82 -4.83 22.59
CA THR A 119 4.51 -5.14 23.90
C THR A 119 3.55 -5.82 24.89
N VAL A 120 4.04 -6.28 26.02
CA VAL A 120 3.15 -6.95 27.01
C VAL A 120 3.57 -6.55 28.43
N GLN B 1 -13.62 -2.36 -21.61
CA GLN B 1 -15.08 -2.64 -21.60
C GLN B 1 -15.62 -2.57 -20.16
N LYS B 2 -15.06 -3.36 -19.26
CA LYS B 2 -15.55 -3.34 -17.84
C LYS B 2 -14.37 -3.38 -16.87
N THR B 3 -14.61 -3.18 -15.58
CA THR B 3 -13.49 -3.21 -14.60
C THR B 3 -13.81 -4.18 -13.45
N GLY B 4 -12.88 -5.01 -13.05
CA GLY B 4 -13.15 -5.97 -11.93
C GLY B 4 -11.97 -5.95 -10.95
N THR B 5 -12.11 -6.61 -9.81
CA THR B 5 -10.99 -6.63 -8.83
C THR B 5 -10.68 -8.08 -8.39
N ALA B 6 -9.43 -8.48 -8.43
CA ALA B 6 -9.08 -9.88 -8.03
C ALA B 6 -7.73 -9.91 -7.31
N GLU B 7 -7.52 -9.05 -6.32
CA GLU B 7 -6.21 -9.03 -5.58
C GLU B 7 -5.06 -8.83 -6.58
N VAL B 8 -5.18 -7.87 -7.48
CA VAL B 8 -4.06 -7.64 -8.47
C VAL B 8 -2.75 -7.35 -7.72
N SER B 9 -2.81 -6.59 -6.63
CA SER B 9 -1.54 -6.31 -5.87
C SER B 9 -0.90 -7.63 -5.41
N SER B 10 -1.70 -8.65 -5.08
CA SER B 10 -1.10 -9.96 -4.65
C SER B 10 -0.34 -10.59 -5.82
N ILE B 11 -1.00 -10.80 -6.95
CA ILE B 11 -0.28 -11.41 -8.13
C ILE B 11 0.91 -10.51 -8.54
N LEU B 12 0.78 -9.20 -8.41
CA LEU B 12 1.93 -8.31 -8.79
C LEU B 12 3.15 -8.62 -7.90
N GLU B 13 2.95 -8.96 -6.64
CA GLU B 13 4.14 -9.27 -5.75
C GLU B 13 4.97 -10.39 -6.36
N GLU B 14 4.34 -11.40 -6.94
CA GLU B 14 5.14 -12.52 -7.57
C GLU B 14 6.00 -11.97 -8.71
N ARG B 15 5.46 -11.07 -9.52
CA ARG B 15 6.27 -10.51 -10.65
C ARG B 15 7.55 -9.83 -10.12
N ILE B 16 7.49 -9.20 -8.96
CA ILE B 16 8.73 -8.52 -8.42
C ILE B 16 9.59 -9.54 -7.66
N LEU B 17 8.99 -10.42 -6.89
CA LEU B 17 9.79 -11.42 -6.12
C LEU B 17 9.50 -12.84 -6.64
N GLY B 18 10.32 -13.36 -7.54
CA GLY B 18 10.07 -14.73 -8.08
C GLY B 18 11.38 -15.54 -8.05
N ALA B 19 12.22 -15.38 -9.06
CA ALA B 19 13.50 -16.14 -9.08
C ALA B 19 14.69 -15.18 -9.24
N ASP B 20 15.90 -15.69 -9.33
CA ASP B 20 17.08 -14.79 -9.48
C ASP B 20 18.04 -15.34 -10.55
N THR B 21 17.89 -14.92 -11.79
CA THR B 21 18.80 -15.44 -12.86
C THR B 21 19.28 -14.27 -13.74
N SER B 22 20.59 -14.05 -13.82
CA SER B 22 21.11 -12.94 -14.66
C SER B 22 22.15 -13.46 -15.65
N VAL B 23 22.53 -12.67 -16.64
CA VAL B 23 23.54 -13.14 -17.64
C VAL B 23 24.63 -12.07 -17.82
N ASP B 24 25.82 -12.31 -17.31
CA ASP B 24 26.92 -11.29 -17.45
C ASP B 24 28.08 -11.89 -18.28
N LEU B 25 28.64 -12.99 -17.84
CA LEU B 25 29.78 -13.60 -18.60
C LEU B 25 29.39 -14.99 -19.08
N PHE A 1 -19.82 18.03 23.17
CA PHE A 1 -21.07 17.52 22.54
C PHE A 1 -20.73 16.50 21.42
N ALA A 2 -21.55 15.49 21.24
CA ALA A 2 -21.25 14.47 20.18
C ALA A 2 -22.57 14.02 19.51
N LYS A 3 -22.84 14.47 18.31
CA LYS A 3 -24.09 14.05 17.61
C LYS A 3 -23.80 13.64 16.16
N LEU A 4 -22.70 12.94 15.93
CA LEU A 4 -22.36 12.51 14.54
C LEU A 4 -22.24 10.98 14.47
N VAL A 5 -22.42 10.40 13.30
CA VAL A 5 -22.29 8.91 13.19
C VAL A 5 -21.08 8.55 12.32
N ARG A 6 -19.88 8.88 12.77
CA ARG A 6 -18.67 8.55 11.96
C ARG A 6 -17.64 7.82 12.84
N PRO A 7 -18.00 6.64 13.29
CA PRO A 7 -17.07 5.85 14.14
C PRO A 7 -15.91 5.29 13.31
N PRO A 8 -14.81 4.99 13.96
CA PRO A 8 -13.64 4.46 13.23
C PRO A 8 -13.89 2.99 12.82
N VAL A 9 -13.13 2.48 11.88
CA VAL A 9 -13.33 1.06 11.45
C VAL A 9 -12.08 0.23 11.78
N GLN A 10 -10.93 0.62 11.26
CA GLN A 10 -9.66 -0.15 11.53
C GLN A 10 -9.76 -1.60 11.03
N ILE A 11 -8.81 -2.04 10.21
CA ILE A 11 -8.82 -3.46 9.69
C ILE A 11 -10.09 -3.74 8.87
N TYR A 12 -9.93 -4.26 7.66
CA TYR A 12 -11.14 -4.52 6.80
C TYR A 12 -10.91 -5.80 5.97
N GLY A 13 -9.90 -5.82 5.11
CA GLY A 13 -9.64 -7.04 4.30
C GLY A 13 -8.90 -6.67 3.00
N ILE A 14 -9.62 -6.37 1.93
CA ILE A 14 -8.92 -6.01 0.64
C ILE A 14 -7.98 -4.82 0.88
N GLU A 15 -8.36 -3.86 1.69
CA GLU A 15 -7.45 -2.69 1.95
C GLU A 15 -6.26 -3.15 2.81
N GLY A 16 -6.48 -4.06 3.74
CA GLY A 16 -5.35 -4.55 4.58
C GLY A 16 -4.42 -5.40 3.71
N ARG A 17 -4.96 -6.26 2.87
CA ARG A 17 -4.08 -7.10 1.98
C ARG A 17 -3.23 -6.20 1.07
N TYR A 18 -3.65 -4.98 0.78
CA TYR A 18 -2.81 -4.11 -0.11
C TYR A 18 -1.45 -3.85 0.56
N ALA A 19 -1.43 -3.62 1.85
CA ALA A 19 -0.11 -3.38 2.54
C ALA A 19 0.61 -4.72 2.74
N THR A 20 -0.12 -5.77 3.08
CA THR A 20 0.56 -7.10 3.27
C THR A 20 0.94 -7.71 1.92
N ALA A 21 0.17 -7.48 0.88
CA ALA A 21 0.58 -8.04 -0.46
C ALA A 21 1.74 -7.21 -1.05
N LEU A 22 1.96 -6.01 -0.56
CA LEU A 22 3.10 -5.19 -1.09
C LEU A 22 4.30 -5.37 -0.16
N TYR A 23 4.08 -5.37 1.13
CA TYR A 23 5.22 -5.56 2.06
C TYR A 23 5.50 -7.08 2.25
N SER A 24 4.61 -7.98 1.83
CA SER A 24 4.94 -9.46 1.98
C SER A 24 6.32 -9.72 1.36
N ALA A 25 6.61 -9.07 0.23
CA ALA A 25 7.97 -9.23 -0.38
C ALA A 25 8.94 -8.35 0.44
N ALA A 26 8.50 -7.17 0.87
CA ALA A 26 9.42 -6.30 1.70
C ALA A 26 9.82 -7.04 2.98
N SER A 27 8.91 -7.80 3.59
CA SER A 27 9.27 -8.55 4.84
C SER A 27 10.48 -9.46 4.58
N LYS A 28 10.51 -10.12 3.43
CA LYS A 28 11.69 -11.01 3.13
C LYS A 28 12.96 -10.15 3.03
N GLN A 29 12.86 -8.96 2.46
CA GLN A 29 14.08 -8.09 2.36
C GLN A 29 14.19 -7.13 3.57
N ASN A 30 13.26 -7.16 4.52
CA ASN A 30 13.34 -6.25 5.71
C ASN A 30 13.09 -4.81 5.27
N LYS A 31 12.13 -4.60 4.38
CA LYS A 31 11.84 -3.20 3.92
C LYS A 31 10.56 -2.64 4.58
N LEU A 32 9.95 -3.32 5.55
CA LEU A 32 8.70 -2.74 6.19
C LEU A 32 8.95 -1.28 6.60
N GLU A 33 10.15 -0.92 6.99
CA GLU A 33 10.43 0.52 7.32
C GLU A 33 10.41 1.33 6.02
N GLN A 34 11.01 0.81 4.95
CA GLN A 34 10.98 1.54 3.64
C GLN A 34 9.56 1.62 3.08
N VAL A 35 8.68 0.70 3.43
CA VAL A 35 7.28 0.74 2.89
C VAL A 35 6.31 1.33 3.93
N GLU A 36 6.49 1.07 5.21
CA GLU A 36 5.55 1.63 6.23
C GLU A 36 5.77 3.15 6.44
N LYS A 37 6.98 3.64 6.25
CA LYS A 37 7.22 5.10 6.48
C LYS A 37 6.92 5.91 5.20
N GLU A 38 7.17 5.38 4.02
CA GLU A 38 6.84 6.17 2.80
C GLU A 38 5.32 6.16 2.58
N LEU A 39 4.67 5.05 2.85
CA LEU A 39 3.16 5.02 2.68
C LEU A 39 2.51 6.15 3.50
N LEU A 40 3.05 6.45 4.68
CA LEU A 40 2.44 7.56 5.51
C LEU A 40 2.43 8.87 4.71
N ARG A 41 3.46 9.14 3.93
CA ARG A 41 3.48 10.43 3.13
C ARG A 41 2.24 10.50 2.22
N VAL A 42 1.82 9.39 1.63
CA VAL A 42 0.62 9.44 0.74
C VAL A 42 -0.60 9.95 1.53
N GLY A 43 -0.73 9.58 2.78
CA GLY A 43 -1.90 10.06 3.59
C GLY A 43 -1.81 11.58 3.74
N GLN A 44 -0.65 12.10 4.13
CA GLN A 44 -0.52 13.60 4.29
C GLN A 44 -0.86 14.30 2.96
N ILE A 45 -0.47 13.72 1.84
CA ILE A 45 -0.81 14.38 0.52
C ILE A 45 -2.33 14.50 0.37
N LEU A 46 -3.07 13.45 0.70
CA LEU A 46 -4.57 13.54 0.61
C LEU A 46 -5.11 14.38 1.77
N LYS A 47 -4.51 14.30 2.93
CA LYS A 47 -5.00 15.12 4.09
C LYS A 47 -4.64 16.60 3.88
N GLU A 48 -3.56 16.89 3.17
CA GLU A 48 -3.20 18.34 2.95
C GLU A 48 -4.38 19.09 2.29
N PRO A 49 -4.73 20.23 2.82
CA PRO A 49 -5.87 21.01 2.26
C PRO A 49 -5.51 21.61 0.88
N LYS A 50 -4.25 21.98 0.66
CA LYS A 50 -3.88 22.54 -0.70
C LYS A 50 -3.74 21.39 -1.70
N MET A 51 -3.26 20.24 -1.27
CA MET A 51 -3.11 19.08 -2.21
C MET A 51 -4.42 18.25 -2.27
N ALA A 52 -5.21 18.22 -1.21
CA ALA A 52 -6.48 17.42 -1.25
C ALA A 52 -7.37 17.90 -2.41
N ALA A 53 -7.45 19.19 -2.64
CA ALA A 53 -8.31 19.69 -3.77
C ALA A 53 -7.83 19.10 -5.11
N SER A 54 -6.54 18.97 -5.30
CA SER A 54 -6.03 18.40 -6.61
C SER A 54 -6.34 16.90 -6.68
N LEU A 55 -6.05 16.15 -5.63
CA LEU A 55 -6.35 14.67 -5.68
C LEU A 55 -7.86 14.40 -5.71
N LEU A 56 -8.68 15.28 -5.16
CA LEU A 56 -10.16 15.04 -5.18
C LEU A 56 -10.85 15.81 -6.33
N ASN A 57 -10.27 16.89 -6.83
CA ASN A 57 -10.95 17.67 -7.94
C ASN A 57 -11.35 16.73 -9.09
N PRO A 58 -12.44 17.07 -9.76
CA PRO A 58 -12.91 16.25 -10.91
C PRO A 58 -12.11 16.57 -12.20
N TYR A 59 -11.16 17.49 -12.16
CA TYR A 59 -10.37 17.82 -13.40
C TYR A 59 -9.13 16.92 -13.48
N VAL A 60 -8.51 16.60 -12.37
CA VAL A 60 -7.29 15.71 -12.42
C VAL A 60 -7.63 14.35 -13.09
N LYS A 61 -8.88 13.91 -13.05
CA LYS A 61 -9.26 12.61 -13.69
C LYS A 61 -8.48 11.44 -13.05
N ARG A 62 -8.64 10.25 -13.55
CA ARG A 62 -7.90 9.08 -12.95
C ARG A 62 -6.72 8.69 -13.86
N SER A 63 -6.97 8.43 -15.13
CA SER A 63 -5.83 8.05 -16.04
C SER A 63 -4.77 9.16 -16.03
N VAL A 64 -5.18 10.41 -16.06
CA VAL A 64 -4.17 11.53 -16.03
C VAL A 64 -3.47 11.53 -14.65
N LYS A 65 -4.21 11.32 -13.58
CA LYS A 65 -3.56 11.30 -12.22
C LYS A 65 -2.48 10.20 -12.16
N VAL A 66 -2.69 9.07 -12.83
CA VAL A 66 -1.64 7.98 -12.79
C VAL A 66 -0.31 8.53 -13.33
N LYS A 67 -0.34 9.30 -14.40
CA LYS A 67 0.94 9.87 -14.93
C LYS A 67 1.45 10.94 -13.96
N SER A 68 0.58 11.78 -13.45
CA SER A 68 1.04 12.83 -12.47
C SER A 68 1.61 12.14 -11.21
N LEU A 69 1.04 11.04 -10.78
CA LEU A 69 1.59 10.34 -9.56
C LEU A 69 3.05 9.92 -9.82
N SER A 70 3.33 9.33 -10.96
CA SER A 70 4.74 8.91 -11.25
C SER A 70 5.65 10.15 -11.27
N ASP A 71 5.20 11.25 -11.85
CA ASP A 71 6.05 12.49 -11.88
C ASP A 71 6.22 13.08 -10.46
N MET A 72 5.37 12.71 -9.50
CA MET A 72 5.56 13.25 -8.11
C MET A 72 6.52 12.32 -7.38
N THR A 73 6.32 11.02 -7.51
CA THR A 73 7.26 10.04 -6.86
C THR A 73 8.70 10.33 -7.34
N ALA A 74 8.89 10.70 -8.59
CA ALA A 74 10.29 11.00 -9.08
C ALA A 74 10.90 12.14 -8.24
N LYS A 75 10.12 13.14 -7.90
CA LYS A 75 10.67 14.27 -7.06
C LYS A 75 10.56 13.92 -5.57
N GLU A 76 9.56 13.19 -5.16
CA GLU A 76 9.44 12.82 -3.70
C GLU A 76 10.56 11.85 -3.26
N LYS A 77 11.29 11.23 -4.17
CA LYS A 77 12.37 10.28 -3.78
C LYS A 77 11.79 9.16 -2.89
N PHE A 78 10.69 8.57 -3.30
CA PHE A 78 10.07 7.48 -2.46
C PHE A 78 11.09 6.34 -2.22
N SER A 79 10.66 5.23 -1.67
CA SER A 79 11.61 4.11 -1.41
C SER A 79 11.44 3.06 -2.49
N PRO A 80 12.21 2.00 -2.42
CA PRO A 80 12.09 0.94 -3.43
C PRO A 80 10.72 0.22 -3.36
N LEU A 81 9.96 0.38 -2.28
CA LEU A 81 8.64 -0.29 -2.22
C LEU A 81 7.51 0.76 -2.19
N THR A 82 7.73 1.94 -2.75
CA THR A 82 6.65 2.95 -2.72
C THR A 82 6.46 3.66 -4.08
N SER A 83 6.90 3.07 -5.18
CA SER A 83 6.67 3.72 -6.51
C SER A 83 5.95 2.72 -7.44
N ASN A 84 5.06 1.93 -6.87
CA ASN A 84 4.26 0.94 -7.64
C ASN A 84 2.90 0.89 -6.96
N LEU A 85 2.87 0.51 -5.70
CA LEU A 85 1.59 0.54 -4.94
C LEU A 85 1.04 1.99 -4.99
N ILE A 86 1.90 3.01 -5.12
CA ILE A 86 1.36 4.41 -5.19
C ILE A 86 0.37 4.53 -6.37
N ASN A 87 0.63 3.87 -7.48
CA ASN A 87 -0.33 3.95 -8.63
C ASN A 87 -1.65 3.29 -8.20
N LEU A 88 -1.59 2.10 -7.61
CA LEU A 88 -2.86 1.41 -7.15
C LEU A 88 -3.70 2.37 -6.30
N LEU A 89 -3.07 3.12 -5.41
CA LEU A 89 -3.85 4.09 -4.57
C LEU A 89 -4.55 5.10 -5.47
N ALA A 90 -3.89 5.57 -6.52
CA ALA A 90 -4.55 6.54 -7.44
C ALA A 90 -4.93 5.85 -8.76
N GLU A 91 -5.21 4.55 -8.74
CA GLU A 91 -5.59 3.85 -10.02
C GLU A 91 -7.12 3.62 -10.07
N ASN A 92 -7.71 3.12 -9.00
CA ASN A 92 -9.20 2.89 -9.02
C ASN A 92 -9.93 3.88 -8.11
N GLY A 93 -9.40 5.07 -7.89
CA GLY A 93 -10.09 6.05 -7.01
C GLY A 93 -9.85 5.66 -5.55
N ARG A 94 -8.61 5.45 -5.16
CA ARG A 94 -8.34 5.05 -3.74
C ARG A 94 -7.67 6.21 -2.98
N LEU A 95 -8.04 7.45 -3.25
CA LEU A 95 -7.43 8.59 -2.51
C LEU A 95 -8.47 9.15 -1.51
N THR A 96 -9.11 8.26 -0.79
CA THR A 96 -10.12 8.67 0.23
C THR A 96 -9.80 7.93 1.52
N ASN A 97 -9.78 6.60 1.48
CA ASN A 97 -9.39 5.82 2.69
C ASN A 97 -7.93 5.36 2.55
N THR A 98 -7.12 6.04 1.74
CA THR A 98 -5.68 5.63 1.56
C THR A 98 -4.98 5.39 2.91
N PRO A 99 -5.12 6.30 3.86
CA PRO A 99 -4.46 6.10 5.17
C PRO A 99 -5.04 4.88 5.89
N ALA A 100 -6.32 4.58 5.72
CA ALA A 100 -6.89 3.35 6.39
C ALA A 100 -6.14 2.11 5.91
N VAL A 101 -5.81 2.03 4.62
CA VAL A 101 -5.04 0.85 4.11
C VAL A 101 -3.61 0.85 4.70
N ILE A 102 -3.01 2.02 4.89
CA ILE A 102 -1.63 2.05 5.47
C ILE A 102 -1.66 1.69 6.96
N SER A 103 -2.70 2.06 7.69
CA SER A 103 -2.76 1.71 9.16
C SER A 103 -2.66 0.18 9.32
N ALA A 104 -3.37 -0.57 8.51
CA ALA A 104 -3.28 -2.07 8.61
C ALA A 104 -1.81 -2.51 8.42
N PHE A 105 -1.04 -1.81 7.60
CA PHE A 105 0.40 -2.20 7.39
C PHE A 105 1.12 -2.27 8.75
N SER A 106 0.90 -1.30 9.61
CA SER A 106 1.60 -1.34 10.95
C SER A 106 1.13 -2.54 11.76
N THR A 107 -0.15 -2.86 11.73
CA THR A 107 -0.64 -4.05 12.50
C THR A 107 -0.15 -5.34 11.83
N MET A 108 -0.11 -5.37 10.51
CA MET A 108 0.37 -6.63 9.82
C MET A 108 1.88 -6.80 10.08
N MET A 109 2.64 -5.71 10.17
CA MET A 109 4.11 -5.85 10.44
C MET A 109 4.32 -6.60 11.77
N SER A 110 3.53 -6.30 12.79
CA SER A 110 3.72 -7.06 14.09
C SER A 110 3.59 -8.57 13.85
N VAL A 111 2.77 -9.00 12.92
CA VAL A 111 2.64 -10.48 12.65
C VAL A 111 3.85 -11.01 11.83
N HIS A 112 4.73 -10.15 11.34
CA HIS A 112 5.90 -10.65 10.56
C HIS A 112 7.09 -10.91 11.52
N ARG A 113 7.14 -10.26 12.68
CA ARG A 113 8.28 -10.51 13.61
C ARG A 113 7.92 -11.61 14.64
N GLY A 114 6.66 -11.74 15.01
CA GLY A 114 6.29 -12.80 16.01
C GLY A 114 5.65 -14.00 15.27
N GLU A 115 6.18 -14.38 14.13
CA GLU A 115 5.61 -15.54 13.38
C GLU A 115 6.74 -16.45 12.87
N VAL A 116 7.64 -15.93 12.06
CA VAL A 116 8.76 -16.80 11.54
C VAL A 116 9.87 -16.88 12.60
N PRO A 117 10.07 -18.06 13.17
CA PRO A 117 11.12 -18.23 14.19
C PRO A 117 12.52 -18.19 13.55
N CYS A 118 13.41 -17.36 14.06
CA CYS A 118 14.78 -17.28 13.47
C CYS A 118 15.84 -17.43 14.57
N THR A 119 16.69 -18.44 14.49
CA THR A 119 17.73 -18.63 15.53
C THR A 119 19.13 -18.49 14.91
N VAL A 120 20.09 -17.96 15.65
CA VAL A 120 21.47 -17.81 15.08
C VAL A 120 22.46 -18.65 15.89
N GLN B 1 -21.88 0.91 -11.95
CA GLN B 1 -22.04 -0.28 -11.06
C GLN B 1 -20.71 -1.05 -10.98
N LYS B 2 -19.97 -0.92 -9.90
CA LYS B 2 -18.68 -1.66 -9.78
C LYS B 2 -18.73 -2.60 -8.57
N THR B 3 -19.06 -3.86 -8.78
CA THR B 3 -19.11 -4.82 -7.64
C THR B 3 -18.10 -5.96 -7.85
N GLY B 4 -16.88 -5.65 -8.22
CA GLY B 4 -15.86 -6.72 -8.44
C GLY B 4 -14.65 -6.48 -7.53
N THR B 5 -14.40 -7.37 -6.59
CA THR B 5 -13.23 -7.18 -5.67
C THR B 5 -12.26 -8.35 -5.82
N ALA B 6 -11.04 -8.09 -6.29
CA ALA B 6 -10.06 -9.19 -6.46
C ALA B 6 -8.72 -8.80 -5.81
N GLU B 7 -7.64 -9.49 -6.13
CA GLU B 7 -6.32 -9.15 -5.53
C GLU B 7 -5.28 -9.02 -6.66
N VAL B 8 -5.60 -8.27 -7.71
CA VAL B 8 -4.61 -8.11 -8.84
C VAL B 8 -3.27 -7.59 -8.28
N SER B 9 -3.30 -6.67 -7.33
CA SER B 9 -2.00 -6.16 -6.76
C SER B 9 -1.23 -7.33 -6.12
N SER B 10 -1.92 -8.29 -5.53
CA SER B 10 -1.19 -9.45 -4.91
C SER B 10 -0.49 -10.28 -6.01
N ILE B 11 -1.22 -10.71 -7.02
CA ILE B 11 -0.57 -11.52 -8.12
C ILE B 11 0.56 -10.69 -8.77
N LEU B 12 0.41 -9.38 -8.85
CA LEU B 12 1.51 -8.54 -9.48
C LEU B 12 2.80 -8.66 -8.66
N GLU B 13 2.70 -8.73 -7.34
CA GLU B 13 3.96 -8.85 -6.50
C GLU B 13 4.77 -10.09 -6.94
N GLU B 14 4.11 -11.18 -7.26
CA GLU B 14 4.87 -12.40 -7.71
C GLU B 14 5.50 -12.16 -9.09
N ARG B 15 4.82 -11.45 -9.97
CA ARG B 15 5.40 -11.18 -11.34
C ARG B 15 6.63 -10.26 -11.23
N ILE B 16 6.62 -9.29 -10.32
CA ILE B 16 7.81 -8.38 -10.21
C ILE B 16 9.01 -9.11 -9.56
N LEU B 17 8.77 -10.08 -8.69
CA LEU B 17 9.91 -10.80 -8.06
C LEU B 17 9.93 -12.27 -8.52
N GLY B 18 8.93 -13.04 -8.15
CA GLY B 18 8.91 -14.48 -8.57
C GLY B 18 10.06 -15.23 -7.89
N ALA B 19 11.21 -15.33 -8.53
CA ALA B 19 12.35 -16.05 -7.90
C ALA B 19 13.67 -15.30 -8.18
N ASP B 20 14.77 -15.71 -7.57
CA ASP B 20 16.06 -15.02 -7.81
C ASP B 20 17.21 -16.04 -7.85
N THR B 21 18.43 -15.60 -8.12
CA THR B 21 19.58 -16.56 -8.16
C THR B 21 20.74 -16.02 -7.32
N SER B 22 21.31 -16.83 -6.45
CA SER B 22 22.44 -16.35 -5.61
C SER B 22 23.54 -17.43 -5.54
N VAL B 23 24.58 -17.22 -4.75
CA VAL B 23 25.65 -18.24 -4.64
C VAL B 23 25.70 -18.81 -3.21
N ASP B 24 25.86 -17.97 -2.21
CA ASP B 24 25.92 -18.48 -0.80
C ASP B 24 25.02 -17.62 0.11
N LEU B 25 24.37 -18.22 1.08
CA LEU B 25 23.48 -17.43 2.00
C LEU B 25 24.01 -17.50 3.43
N PHE A 1 -22.71 -12.64 27.01
CA PHE A 1 -21.54 -11.90 26.44
C PHE A 1 -21.96 -10.48 26.04
N ALA A 2 -21.01 -9.58 25.87
CA ALA A 2 -21.36 -8.17 25.48
C ALA A 2 -20.73 -7.83 24.12
N LYS A 3 -20.75 -6.57 23.73
CA LYS A 3 -20.16 -6.19 22.42
C LYS A 3 -19.30 -4.92 22.57
N LEU A 4 -18.09 -4.93 22.05
CA LEU A 4 -17.22 -3.72 22.17
C LEU A 4 -16.79 -3.22 20.78
N VAL A 5 -16.80 -1.93 20.55
CA VAL A 5 -16.39 -1.41 19.21
C VAL A 5 -15.88 0.04 19.32
N ARG A 6 -14.85 0.29 20.12
CA ARG A 6 -14.32 1.69 20.27
C ARG A 6 -13.94 2.27 18.89
N PRO A 7 -13.06 1.60 18.18
CA PRO A 7 -12.64 2.09 16.84
C PRO A 7 -13.77 1.87 15.82
N PRO A 8 -14.28 2.95 15.25
CA PRO A 8 -15.37 2.82 14.25
C PRO A 8 -14.83 2.24 12.94
N VAL A 9 -13.64 2.64 12.52
CA VAL A 9 -13.08 2.10 11.24
C VAL A 9 -11.56 1.89 11.38
N GLN A 10 -11.05 0.77 10.93
CA GLN A 10 -9.58 0.51 11.04
C GLN A 10 -9.16 -0.72 10.20
N ILE A 11 -9.83 -1.83 10.36
CA ILE A 11 -9.48 -3.06 9.57
C ILE A 11 -10.67 -3.46 8.70
N TYR A 12 -10.42 -4.02 7.52
CA TYR A 12 -11.57 -4.38 6.62
C TYR A 12 -11.23 -5.66 5.84
N GLY A 13 -10.16 -5.68 5.07
CA GLY A 13 -9.80 -6.91 4.31
C GLY A 13 -9.08 -6.52 3.00
N ILE A 14 -9.81 -6.24 1.94
CA ILE A 14 -9.13 -5.86 0.65
C ILE A 14 -8.15 -4.69 0.88
N GLU A 15 -8.50 -3.74 1.74
CA GLU A 15 -7.55 -2.61 2.00
C GLU A 15 -6.34 -3.12 2.80
N GLY A 16 -6.55 -4.01 3.75
CA GLY A 16 -5.40 -4.55 4.53
C GLY A 16 -4.52 -5.38 3.59
N ARG A 17 -5.11 -6.19 2.74
CA ARG A 17 -4.28 -7.01 1.78
C ARG A 17 -3.45 -6.10 0.86
N TYR A 18 -3.87 -4.86 0.62
CA TYR A 18 -3.07 -3.97 -0.28
C TYR A 18 -1.69 -3.72 0.36
N ALA A 19 -1.63 -3.47 1.64
CA ALA A 19 -0.30 -3.24 2.30
C ALA A 19 0.40 -4.59 2.52
N THR A 20 -0.35 -5.62 2.90
CA THR A 20 0.31 -6.95 3.10
C THR A 20 0.65 -7.61 1.77
N ALA A 21 -0.05 -7.30 0.69
CA ALA A 21 0.31 -7.93 -0.61
C ALA A 21 1.52 -7.19 -1.24
N LEU A 22 1.80 -5.97 -0.81
CA LEU A 22 2.99 -5.26 -1.39
C LEU A 22 4.15 -5.41 -0.41
N TYR A 23 3.90 -5.25 0.87
CA TYR A 23 5.01 -5.44 1.84
C TYR A 23 5.28 -6.94 2.03
N SER A 24 4.38 -7.85 1.64
CA SER A 24 4.70 -9.33 1.80
C SER A 24 6.08 -9.60 1.18
N ALA A 25 6.40 -8.96 0.08
CA ALA A 25 7.76 -9.13 -0.51
C ALA A 25 8.73 -8.31 0.36
N ALA A 26 8.34 -7.11 0.78
CA ALA A 26 9.25 -6.29 1.65
C ALA A 26 9.58 -7.07 2.94
N SER A 27 8.62 -7.79 3.50
CA SER A 27 8.90 -8.58 4.75
C SER A 27 10.08 -9.54 4.51
N LYS A 28 10.13 -10.17 3.35
CA LYS A 28 11.29 -11.09 3.06
C LYS A 28 12.60 -10.28 3.04
N GLN A 29 12.58 -9.08 2.50
CA GLN A 29 13.83 -8.25 2.48
C GLN A 29 13.94 -7.35 3.74
N ASN A 30 12.95 -7.35 4.63
CA ASN A 30 13.00 -6.49 5.85
C ASN A 30 12.88 -5.01 5.45
N LYS A 31 12.00 -4.71 4.52
CA LYS A 31 11.84 -3.29 4.09
C LYS A 31 10.52 -2.69 4.61
N LEU A 32 9.82 -3.33 5.56
CA LEU A 32 8.54 -2.72 6.09
C LEU A 32 8.77 -1.25 6.49
N GLU A 33 9.97 -0.90 6.95
CA GLU A 33 10.23 0.54 7.29
C GLU A 33 10.28 1.35 5.98
N GLN A 34 10.93 0.83 4.96
CA GLN A 34 10.98 1.57 3.64
C GLN A 34 9.57 1.67 3.04
N VAL A 35 8.67 0.77 3.36
CA VAL A 35 7.28 0.85 2.77
C VAL A 35 6.32 1.51 3.77
N GLU A 36 6.43 1.20 5.06
CA GLU A 36 5.49 1.82 6.06
C GLU A 36 5.76 3.32 6.21
N LYS A 37 6.99 3.78 6.05
CA LYS A 37 7.27 5.25 6.20
C LYS A 37 6.97 5.99 4.90
N GLU A 38 7.26 5.41 3.75
CA GLU A 38 6.96 6.14 2.47
C GLU A 38 5.44 6.24 2.30
N LEU A 39 4.69 5.22 2.65
CA LEU A 39 3.19 5.30 2.50
C LEU A 39 2.65 6.51 3.28
N LEU A 40 3.24 6.84 4.42
CA LEU A 40 2.74 8.04 5.20
C LEU A 40 2.79 9.30 4.31
N ARG A 41 3.77 9.42 3.43
CA ARG A 41 3.83 10.64 2.55
C ARG A 41 2.54 10.77 1.74
N VAL A 42 2.03 9.68 1.21
CA VAL A 42 0.75 9.77 0.41
C VAL A 42 -0.39 10.29 1.32
N GLY A 43 -0.43 9.86 2.57
CA GLY A 43 -1.50 10.34 3.49
C GLY A 43 -1.35 11.86 3.69
N GLN A 44 -0.15 12.34 3.97
CA GLN A 44 0.03 13.82 4.15
C GLN A 44 -0.45 14.57 2.89
N ILE A 45 -0.18 14.03 1.72
CA ILE A 45 -0.64 14.72 0.46
C ILE A 45 -2.17 14.85 0.48
N LEU A 46 -2.87 13.82 0.93
CA LEU A 46 -4.38 13.94 0.99
C LEU A 46 -4.79 14.74 2.24
N LYS A 47 -3.99 14.76 3.28
CA LYS A 47 -4.37 15.57 4.48
C LYS A 47 -4.19 17.06 4.14
N GLU A 48 -3.23 17.39 3.29
CA GLU A 48 -3.04 18.84 2.92
C GLU A 48 -4.35 19.40 2.33
N PRO A 49 -4.76 20.57 2.81
CA PRO A 49 -6.03 21.17 2.30
C PRO A 49 -5.86 21.68 0.86
N LYS A 50 -4.68 22.17 0.49
CA LYS A 50 -4.49 22.65 -0.92
C LYS A 50 -4.28 21.44 -1.85
N MET A 51 -3.61 20.41 -1.37
CA MET A 51 -3.39 19.20 -2.22
C MET A 51 -4.61 18.25 -2.13
N ALA A 52 -5.33 18.23 -1.02
CA ALA A 52 -6.53 17.33 -0.93
C ALA A 52 -7.53 17.63 -2.06
N ALA A 53 -7.72 18.90 -2.40
CA ALA A 53 -8.68 19.24 -3.50
C ALA A 53 -8.24 18.59 -4.83
N SER A 54 -6.96 18.36 -5.05
CA SER A 54 -6.53 17.73 -6.34
C SER A 54 -6.28 16.22 -6.16
N LEU A 55 -5.66 15.81 -5.06
CA LEU A 55 -5.41 14.34 -4.87
C LEU A 55 -6.74 13.56 -4.94
N LEU A 56 -7.82 14.13 -4.44
CA LEU A 56 -9.12 13.42 -4.50
C LEU A 56 -10.11 14.18 -5.40
N ASN A 57 -9.66 14.70 -6.52
CA ASN A 57 -10.60 15.44 -7.42
C ASN A 57 -11.01 14.53 -8.59
N PRO A 58 -12.30 14.38 -8.81
CA PRO A 58 -12.77 13.55 -9.95
C PRO A 58 -12.75 14.35 -11.28
N TYR A 59 -12.21 15.56 -11.30
CA TYR A 59 -12.18 16.35 -12.57
C TYR A 59 -10.85 16.13 -13.31
N VAL A 60 -9.75 15.93 -12.60
CA VAL A 60 -8.42 15.73 -13.30
C VAL A 60 -8.54 14.61 -14.38
N LYS A 61 -8.48 13.34 -14.01
CA LYS A 61 -8.60 12.23 -15.05
C LYS A 61 -8.34 10.86 -14.42
N ARG A 62 -8.28 9.81 -15.21
CA ARG A 62 -8.01 8.44 -14.64
C ARG A 62 -6.54 8.06 -14.89
N SER A 63 -6.05 8.23 -16.10
CA SER A 63 -4.62 7.89 -16.39
C SER A 63 -3.73 9.13 -16.22
N VAL A 64 -4.19 10.29 -16.64
CA VAL A 64 -3.33 11.53 -16.49
C VAL A 64 -3.00 11.75 -15.01
N LYS A 65 -3.99 11.73 -14.13
CA LYS A 65 -3.70 11.93 -12.66
C LYS A 65 -2.67 10.89 -12.19
N VAL A 66 -2.76 9.66 -12.66
CA VAL A 66 -1.77 8.62 -12.21
C VAL A 66 -0.35 9.04 -12.67
N LYS A 67 -0.22 9.56 -13.87
CA LYS A 67 1.15 10.00 -14.36
C LYS A 67 1.75 11.02 -13.38
N SER A 68 0.94 11.91 -12.83
CA SER A 68 1.50 12.93 -11.86
C SER A 68 2.21 12.22 -10.70
N LEU A 69 1.69 11.11 -10.22
CA LEU A 69 2.37 10.39 -9.09
C LEU A 69 3.79 9.97 -9.52
N SER A 70 3.94 9.41 -10.70
CA SER A 70 5.32 9.00 -11.16
C SER A 70 6.22 10.24 -11.22
N ASP A 71 5.74 11.32 -11.81
CA ASP A 71 6.60 12.57 -11.87
C ASP A 71 6.79 13.17 -10.47
N MET A 72 5.92 12.87 -9.51
CA MET A 72 6.11 13.41 -8.13
C MET A 72 7.03 12.44 -7.38
N THR A 73 6.78 11.13 -7.52
CA THR A 73 7.67 10.13 -6.87
C THR A 73 9.14 10.37 -7.30
N ALA A 74 9.36 10.75 -8.55
CA ALA A 74 10.78 11.03 -9.00
C ALA A 74 11.38 12.15 -8.15
N LYS A 75 10.61 13.17 -7.82
CA LYS A 75 11.15 14.28 -6.96
C LYS A 75 11.01 13.91 -5.47
N GLU A 76 9.94 13.22 -5.09
CA GLU A 76 9.77 12.83 -3.64
C GLU A 76 10.89 11.86 -3.20
N LYS A 77 11.59 11.20 -4.11
CA LYS A 77 12.67 10.24 -3.72
C LYS A 77 12.07 9.07 -2.93
N PHE A 78 10.95 8.52 -3.39
CA PHE A 78 10.33 7.36 -2.65
C PHE A 78 11.34 6.21 -2.54
N SER A 79 10.93 5.06 -2.04
CA SER A 79 11.89 3.94 -1.90
C SER A 79 11.56 2.86 -2.94
N PRO A 80 12.20 1.71 -2.84
CA PRO A 80 11.93 0.64 -3.82
C PRO A 80 10.58 -0.07 -3.56
N LEU A 81 9.86 0.27 -2.49
CA LEU A 81 8.56 -0.39 -2.25
C LEU A 81 7.43 0.65 -2.26
N THR A 82 7.67 1.87 -2.75
CA THR A 82 6.59 2.88 -2.75
C THR A 82 6.32 3.47 -4.15
N SER A 83 6.87 2.92 -5.22
CA SER A 83 6.56 3.46 -6.58
C SER A 83 5.80 2.39 -7.37
N ASN A 84 4.96 1.64 -6.70
CA ASN A 84 4.13 0.60 -7.37
C ASN A 84 2.77 0.63 -6.66
N LEU A 85 2.76 0.36 -5.36
CA LEU A 85 1.50 0.49 -4.59
C LEU A 85 0.98 1.95 -4.75
N ILE A 86 1.87 2.92 -4.98
CA ILE A 86 1.38 4.34 -5.16
C ILE A 86 0.40 4.41 -6.35
N ASN A 87 0.66 3.66 -7.42
CA ASN A 87 -0.29 3.69 -8.58
C ASN A 87 -1.63 3.07 -8.14
N LEU A 88 -1.60 1.91 -7.51
CA LEU A 88 -2.89 1.26 -7.04
C LEU A 88 -3.71 2.27 -6.21
N LEU A 89 -3.07 3.05 -5.37
CA LEU A 89 -3.84 4.05 -4.56
C LEU A 89 -4.52 5.05 -5.49
N ALA A 90 -3.85 5.47 -6.55
CA ALA A 90 -4.49 6.43 -7.49
C ALA A 90 -4.87 5.73 -8.82
N GLU A 91 -5.15 4.43 -8.78
CA GLU A 91 -5.52 3.73 -10.06
C GLU A 91 -7.04 3.51 -10.13
N ASN A 92 -7.67 3.06 -9.07
CA ASN A 92 -9.16 2.84 -9.12
C ASN A 92 -9.89 3.81 -8.17
N GLY A 93 -9.38 5.01 -7.95
CA GLY A 93 -10.06 5.96 -7.04
C GLY A 93 -9.90 5.47 -5.61
N ARG A 94 -8.69 5.16 -5.20
CA ARG A 94 -8.48 4.67 -3.81
C ARG A 94 -7.83 5.75 -2.92
N LEU A 95 -8.11 7.02 -3.17
CA LEU A 95 -7.51 8.08 -2.30
C LEU A 95 -8.58 8.64 -1.34
N THR A 96 -9.56 7.83 -0.97
CA THR A 96 -10.61 8.29 0.00
C THR A 96 -10.33 7.59 1.33
N ASN A 97 -10.23 6.26 1.30
CA ASN A 97 -9.90 5.51 2.54
C ASN A 97 -8.42 5.09 2.48
N THR A 98 -7.55 5.93 1.93
CA THR A 98 -6.10 5.54 1.84
C THR A 98 -5.37 5.54 3.22
N PRO A 99 -5.76 6.39 4.17
CA PRO A 99 -5.04 6.37 5.47
C PRO A 99 -5.33 5.07 6.23
N ALA A 100 -6.55 4.56 6.15
CA ALA A 100 -6.84 3.25 6.86
C ALA A 100 -5.94 2.14 6.30
N VAL A 101 -5.74 2.11 4.99
CA VAL A 101 -4.84 1.06 4.40
C VAL A 101 -3.42 1.19 4.99
N ILE A 102 -2.96 2.39 5.27
CA ILE A 102 -1.57 2.55 5.85
C ILE A 102 -1.57 2.08 7.32
N SER A 103 -2.60 2.37 8.08
CA SER A 103 -2.61 1.92 9.51
C SER A 103 -2.53 0.39 9.58
N ALA A 104 -3.31 -0.31 8.77
CA ALA A 104 -3.25 -1.81 8.78
C ALA A 104 -1.80 -2.27 8.50
N PHE A 105 -1.05 -1.55 7.68
CA PHE A 105 0.37 -1.98 7.40
C PHE A 105 1.16 -2.10 8.71
N SER A 106 0.97 -1.18 9.64
CA SER A 106 1.74 -1.28 10.94
C SER A 106 1.27 -2.51 11.72
N THR A 107 -0.02 -2.79 11.74
CA THR A 107 -0.51 -4.00 12.49
C THR A 107 -0.08 -5.27 11.76
N MET A 108 -0.07 -5.27 10.43
CA MET A 108 0.37 -6.51 9.70
C MET A 108 1.86 -6.74 9.93
N MET A 109 2.66 -5.69 10.01
CA MET A 109 4.13 -5.90 10.25
C MET A 109 4.34 -6.69 11.55
N SER A 110 3.58 -6.42 12.59
CA SER A 110 3.77 -7.21 13.86
C SER A 110 3.61 -8.72 13.59
N VAL A 111 2.77 -9.10 12.65
CA VAL A 111 2.61 -10.57 12.36
C VAL A 111 3.77 -11.10 11.48
N HIS A 112 4.64 -10.24 10.96
CA HIS A 112 5.78 -10.73 10.13
C HIS A 112 7.01 -11.02 11.03
N ARG A 113 7.10 -10.39 12.20
CA ARG A 113 8.28 -10.64 13.09
C ARG A 113 7.97 -11.74 14.13
N GLY A 114 6.72 -11.89 14.53
CA GLY A 114 6.38 -12.94 15.55
C GLY A 114 6.84 -14.32 15.06
N GLU A 115 6.15 -14.91 14.09
CA GLU A 115 6.58 -16.25 13.59
C GLU A 115 6.47 -16.29 12.05
N VAL A 116 7.17 -15.43 11.35
CA VAL A 116 7.10 -15.44 9.86
C VAL A 116 8.46 -15.04 9.25
N PRO A 117 9.49 -15.75 9.63
CA PRO A 117 10.84 -15.43 9.11
C PRO A 117 10.96 -15.86 7.64
N CYS A 118 10.48 -17.04 7.29
CA CYS A 118 10.56 -17.51 5.87
C CYS A 118 12.01 -17.42 5.35
N THR A 119 12.80 -18.46 5.55
CA THR A 119 14.22 -18.42 5.07
C THR A 119 14.64 -19.79 4.54
N VAL A 120 15.63 -19.85 3.68
CA VAL A 120 16.08 -21.17 3.13
C VAL A 120 17.61 -21.23 3.07
N GLN B 1 -16.92 -6.33 -18.01
CA GLN B 1 -15.75 -6.71 -17.16
C GLN B 1 -15.72 -8.23 -16.95
N LYS B 2 -14.70 -8.75 -16.28
CA LYS B 2 -14.63 -10.23 -16.06
C LYS B 2 -14.55 -10.52 -14.54
N THR B 3 -13.55 -10.00 -13.86
CA THR B 3 -13.43 -10.26 -12.40
C THR B 3 -13.41 -8.94 -11.62
N GLY B 4 -14.25 -8.80 -10.61
CA GLY B 4 -14.26 -7.52 -9.82
C GLY B 4 -13.42 -7.70 -8.55
N THR B 5 -12.46 -6.82 -8.32
CA THR B 5 -11.59 -6.94 -7.10
C THR B 5 -11.00 -8.35 -6.98
N ALA B 6 -9.78 -8.55 -7.47
CA ALA B 6 -9.16 -9.91 -7.38
C ALA B 6 -7.77 -9.82 -6.73
N GLU B 7 -7.60 -8.99 -5.71
CA GLU B 7 -6.26 -8.85 -5.06
C GLU B 7 -5.22 -8.42 -6.09
N VAL B 8 -5.48 -7.35 -6.82
CA VAL B 8 -4.49 -6.89 -7.85
C VAL B 8 -3.13 -6.63 -7.19
N SER B 9 -3.12 -6.03 -6.01
CA SER B 9 -1.80 -5.80 -5.31
C SER B 9 -1.08 -7.15 -5.12
N SER B 10 -1.80 -8.20 -4.82
CA SER B 10 -1.15 -9.55 -4.65
C SER B 10 -0.65 -10.04 -6.01
N ILE B 11 -1.44 -9.88 -7.06
CA ILE B 11 -0.99 -10.34 -8.41
C ILE B 11 0.19 -9.46 -8.88
N LEU B 12 0.15 -8.17 -8.60
CA LEU B 12 1.29 -7.28 -9.02
C LEU B 12 2.59 -7.71 -8.30
N GLU B 13 2.50 -8.08 -7.03
CA GLU B 13 3.75 -8.51 -6.31
C GLU B 13 4.36 -9.73 -6.99
N GLU B 14 3.55 -10.67 -7.43
CA GLU B 14 4.14 -11.88 -8.12
C GLU B 14 4.82 -11.46 -9.44
N ARG B 15 4.24 -10.54 -10.18
CA ARG B 15 4.87 -10.11 -11.47
C ARG B 15 6.24 -9.44 -11.19
N ILE B 16 6.39 -8.73 -10.10
CA ILE B 16 7.71 -8.07 -9.82
C ILE B 16 8.59 -8.94 -8.90
N LEU B 17 8.00 -9.73 -8.02
CA LEU B 17 8.82 -10.59 -7.12
C LEU B 17 8.58 -12.08 -7.43
N GLY B 18 9.21 -12.61 -8.46
CA GLY B 18 9.00 -14.05 -8.81
C GLY B 18 10.35 -14.68 -9.21
N ALA B 19 11.43 -14.35 -8.51
CA ALA B 19 12.77 -14.94 -8.86
C ALA B 19 13.08 -14.72 -10.35
N ASP B 20 13.47 -13.52 -10.74
CA ASP B 20 13.78 -13.27 -12.18
C ASP B 20 14.96 -12.28 -12.30
N THR B 21 14.82 -11.08 -11.76
CA THR B 21 15.93 -10.09 -11.87
C THR B 21 15.95 -9.17 -10.64
N SER B 22 17.07 -8.54 -10.34
CA SER B 22 17.13 -7.63 -9.15
C SER B 22 18.00 -6.41 -9.47
N VAL B 23 18.14 -5.49 -8.53
CA VAL B 23 18.99 -4.29 -8.80
C VAL B 23 19.71 -3.84 -7.52
N ASP B 24 20.33 -4.76 -6.81
CA ASP B 24 21.06 -4.39 -5.55
C ASP B 24 22.47 -4.99 -5.54
N LEU B 25 22.58 -6.31 -5.49
CA LEU B 25 23.93 -6.94 -5.48
C LEU B 25 24.02 -8.02 -6.57
N PHE A 1 -19.80 9.23 29.59
CA PHE A 1 -20.26 10.52 30.20
C PHE A 1 -21.79 10.62 30.16
N ALA A 2 -22.39 10.50 29.00
CA ALA A 2 -23.87 10.59 28.89
C ALA A 2 -24.43 9.36 28.16
N LYS A 3 -23.93 8.18 28.45
CA LYS A 3 -24.43 6.94 27.76
C LYS A 3 -24.39 7.12 26.22
N LEU A 4 -23.24 6.95 25.61
CA LEU A 4 -23.16 7.11 24.13
C LEU A 4 -22.47 5.88 23.50
N VAL A 5 -22.27 5.87 22.20
CA VAL A 5 -21.60 4.71 21.55
C VAL A 5 -20.60 5.20 20.50
N ARG A 6 -19.44 4.57 20.38
CA ARG A 6 -18.43 5.00 19.38
C ARG A 6 -18.05 3.83 18.47
N PRO A 7 -18.77 3.68 17.38
CA PRO A 7 -18.48 2.57 16.43
C PRO A 7 -17.19 2.87 15.65
N PRO A 8 -16.15 2.09 15.88
CA PRO A 8 -14.87 2.31 15.16
C PRO A 8 -14.98 1.81 13.72
N VAL A 9 -14.12 2.28 12.83
CA VAL A 9 -14.18 1.81 11.41
C VAL A 9 -12.77 1.61 10.85
N GLN A 10 -11.91 0.90 11.57
CA GLN A 10 -10.52 0.67 11.06
C GLN A 10 -10.36 -0.81 10.68
N ILE A 11 -9.37 -1.15 9.86
CA ILE A 11 -9.16 -2.58 9.43
C ILE A 11 -10.40 -3.09 8.67
N TYR A 12 -10.21 -3.74 7.53
CA TYR A 12 -11.40 -4.21 6.74
C TYR A 12 -11.07 -5.50 6.00
N GLY A 13 -10.06 -5.50 5.15
CA GLY A 13 -9.70 -6.75 4.42
C GLY A 13 -8.96 -6.41 3.11
N ILE A 14 -9.68 -6.21 2.02
CA ILE A 14 -9.00 -5.88 0.71
C ILE A 14 -8.04 -4.69 0.91
N GLU A 15 -8.39 -3.72 1.71
CA GLU A 15 -7.46 -2.55 1.93
C GLU A 15 -6.25 -3.01 2.75
N GLY A 16 -6.44 -3.88 3.72
CA GLY A 16 -5.28 -4.37 4.52
C GLY A 16 -4.39 -5.23 3.62
N ARG A 17 -4.99 -6.09 2.82
CA ARG A 17 -4.15 -6.96 1.90
C ARG A 17 -3.32 -6.08 0.95
N TYR A 18 -3.74 -4.86 0.65
CA TYR A 18 -2.92 -4.00 -0.28
C TYR A 18 -1.54 -3.77 0.34
N ALA A 19 -1.47 -3.51 1.63
CA ALA A 19 -0.12 -3.29 2.26
C ALA A 19 0.57 -4.64 2.49
N THR A 20 -0.17 -5.66 2.89
CA THR A 20 0.49 -6.99 3.11
C THR A 20 0.80 -7.67 1.76
N ALA A 21 0.08 -7.39 0.71
CA ALA A 21 0.43 -8.02 -0.60
C ALA A 21 1.62 -7.31 -1.25
N LEU A 22 1.93 -6.08 -0.86
CA LEU A 22 3.11 -5.39 -1.45
C LEU A 22 4.28 -5.54 -0.49
N TYR A 23 4.06 -5.36 0.79
CA TYR A 23 5.17 -5.55 1.75
C TYR A 23 5.44 -7.06 1.96
N SER A 24 4.52 -7.97 1.59
CA SER A 24 4.83 -9.44 1.78
C SER A 24 6.19 -9.75 1.15
N ALA A 25 6.50 -9.11 0.03
CA ALA A 25 7.85 -9.31 -0.58
C ALA A 25 8.85 -8.46 0.23
N ALA A 26 8.46 -7.25 0.63
CA ALA A 26 9.38 -6.40 1.46
C ALA A 26 9.75 -7.15 2.76
N SER A 27 8.81 -7.88 3.36
CA SER A 27 9.14 -8.63 4.62
C SER A 27 10.34 -9.56 4.39
N LYS A 28 10.39 -10.23 3.25
CA LYS A 28 11.55 -11.13 2.97
C LYS A 28 12.85 -10.29 2.88
N GLN A 29 12.78 -9.11 2.29
CA GLN A 29 14.00 -8.25 2.21
C GLN A 29 14.13 -7.34 3.44
N ASN A 30 13.16 -7.31 4.36
CA ASN A 30 13.24 -6.43 5.56
C ASN A 30 13.09 -4.97 5.13
N LYS A 31 12.18 -4.70 4.21
CA LYS A 31 11.98 -3.30 3.76
C LYS A 31 10.67 -2.68 4.32
N LEU A 32 10.01 -3.32 5.28
CA LEU A 32 8.74 -2.72 5.86
C LEU A 32 8.98 -1.24 6.23
N GLU A 33 10.18 -0.89 6.65
CA GLU A 33 10.45 0.56 6.97
C GLU A 33 10.44 1.36 5.65
N GLN A 34 11.06 0.82 4.61
CA GLN A 34 11.05 1.53 3.29
C GLN A 34 9.62 1.64 2.72
N VAL A 35 8.73 0.75 3.11
CA VAL A 35 7.33 0.83 2.56
C VAL A 35 6.36 1.44 3.59
N GLU A 36 6.52 1.16 4.87
CA GLU A 36 5.59 1.75 5.90
C GLU A 36 5.85 3.25 6.09
N LYS A 37 7.08 3.70 5.97
CA LYS A 37 7.37 5.16 6.18
C LYS A 37 7.05 5.98 4.92
N GLU A 38 7.26 5.43 3.73
CA GLU A 38 6.93 6.22 2.51
C GLU A 38 5.41 6.24 2.30
N LEU A 39 4.73 5.13 2.59
CA LEU A 39 3.24 5.13 2.43
C LEU A 39 2.62 6.24 3.29
N LEU A 40 3.16 6.50 4.47
CA LEU A 40 2.59 7.60 5.33
C LEU A 40 2.61 8.93 4.57
N ARG A 41 3.63 9.19 3.76
CA ARG A 41 3.68 10.49 3.00
C ARG A 41 2.42 10.64 2.13
N VAL A 42 1.98 9.58 1.50
CA VAL A 42 0.73 9.69 0.66
C VAL A 42 -0.46 10.08 1.56
N GLY A 43 -0.53 9.54 2.76
CA GLY A 43 -1.66 9.89 3.67
C GLY A 43 -1.55 11.37 4.05
N GLN A 44 -0.37 11.84 4.42
CA GLN A 44 -0.22 13.30 4.78
C GLN A 44 -0.68 14.17 3.59
N ILE A 45 -0.37 13.77 2.37
CA ILE A 45 -0.82 14.58 1.18
C ILE A 45 -2.36 14.61 1.16
N LEU A 46 -2.99 13.46 1.21
CA LEU A 46 -4.50 13.44 1.20
C LEU A 46 -5.07 14.27 2.37
N LYS A 47 -4.43 14.24 3.51
CA LYS A 47 -4.96 15.04 4.67
C LYS A 47 -4.69 16.53 4.42
N GLU A 48 -3.60 16.88 3.77
CA GLU A 48 -3.32 18.32 3.51
C GLU A 48 -4.46 18.95 2.68
N PRO A 49 -4.81 20.17 2.99
CA PRO A 49 -5.90 20.85 2.24
C PRO A 49 -5.43 21.22 0.82
N LYS A 50 -4.20 21.66 0.66
CA LYS A 50 -3.71 22.03 -0.72
C LYS A 50 -3.84 20.84 -1.68
N MET A 51 -3.64 19.63 -1.21
CA MET A 51 -3.77 18.44 -2.12
C MET A 51 -5.23 17.97 -2.24
N ALA A 52 -6.04 18.16 -1.21
CA ALA A 52 -7.49 17.71 -1.30
C ALA A 52 -8.14 18.28 -2.57
N ALA A 53 -7.81 19.51 -2.93
CA ALA A 53 -8.42 20.11 -4.17
C ALA A 53 -8.09 19.23 -5.40
N SER A 54 -6.94 18.58 -5.42
CA SER A 54 -6.59 17.71 -6.61
C SER A 54 -6.86 16.24 -6.30
N LEU A 55 -6.47 15.76 -5.13
CA LEU A 55 -6.73 14.30 -4.80
C LEU A 55 -8.23 14.00 -4.90
N LEU A 56 -9.09 14.95 -4.57
CA LEU A 56 -10.55 14.68 -4.65
C LEU A 56 -11.19 15.50 -5.79
N ASN A 57 -10.48 15.73 -6.89
CA ASN A 57 -11.08 16.51 -8.00
C ASN A 57 -11.45 15.56 -9.15
N PRO A 58 -12.74 15.39 -9.38
CA PRO A 58 -13.18 14.51 -10.50
C PRO A 58 -12.87 15.17 -11.87
N TYR A 59 -12.44 16.43 -11.89
CA TYR A 59 -12.13 17.11 -13.19
C TYR A 59 -10.65 16.92 -13.60
N VAL A 60 -9.89 16.06 -12.94
CA VAL A 60 -8.45 15.87 -13.33
C VAL A 60 -8.26 14.57 -14.13
N LYS A 61 -9.30 14.04 -14.77
CA LYS A 61 -9.16 12.78 -15.56
C LYS A 61 -8.44 11.68 -14.75
N ARG A 62 -8.09 10.58 -15.36
CA ARG A 62 -7.39 9.49 -14.61
C ARG A 62 -5.91 9.44 -15.05
N SER A 63 -5.64 9.33 -16.33
CA SER A 63 -4.19 9.29 -16.78
C SER A 63 -3.47 10.57 -16.32
N VAL A 64 -4.13 11.72 -16.38
CA VAL A 64 -3.45 12.98 -15.93
C VAL A 64 -3.24 12.92 -14.41
N LYS A 65 -4.21 12.44 -13.66
CA LYS A 65 -4.02 12.35 -12.17
C LYS A 65 -2.95 11.29 -11.85
N VAL A 66 -2.96 10.17 -12.57
CA VAL A 66 -1.91 9.12 -12.30
C VAL A 66 -0.52 9.68 -12.64
N LYS A 67 -0.40 10.44 -13.71
CA LYS A 67 0.95 11.01 -14.07
C LYS A 67 1.47 11.89 -12.92
N SER A 68 0.61 12.64 -12.26
CA SER A 68 1.09 13.51 -11.12
C SER A 68 1.77 12.64 -10.04
N LEU A 69 1.23 11.47 -9.75
CA LEU A 69 1.90 10.60 -8.71
C LEU A 69 3.29 10.21 -9.19
N SER A 70 3.42 9.71 -10.40
CA SER A 70 4.79 9.33 -10.91
C SER A 70 5.67 10.59 -10.97
N ASP A 71 5.13 11.70 -11.43
CA ASP A 71 5.96 12.96 -11.49
C ASP A 71 6.23 13.49 -10.07
N MET A 72 5.46 13.09 -9.07
CA MET A 72 5.73 13.58 -7.67
C MET A 72 6.71 12.59 -7.04
N THR A 73 6.48 11.31 -7.21
CA THR A 73 7.43 10.29 -6.66
C THR A 73 8.84 10.55 -7.25
N ALA A 74 8.93 10.95 -8.52
CA ALA A 74 10.29 11.23 -9.11
C ALA A 74 11.04 12.25 -8.24
N LYS A 75 10.35 13.26 -7.73
CA LYS A 75 11.04 14.27 -6.86
C LYS A 75 10.65 14.07 -5.38
N GLU A 76 10.25 12.87 -4.99
CA GLU A 76 9.88 12.65 -3.54
C GLU A 76 10.84 11.64 -2.87
N LYS A 77 11.90 11.18 -3.53
CA LYS A 77 12.85 10.23 -2.89
C LYS A 77 12.11 8.99 -2.36
N PHE A 78 11.10 8.50 -3.05
CA PHE A 78 10.39 7.27 -2.54
C PHE A 78 11.37 6.10 -2.47
N SER A 79 10.90 4.91 -2.16
CA SER A 79 11.83 3.75 -2.07
C SER A 79 11.50 2.73 -3.17
N PRO A 80 12.15 1.59 -3.14
CA PRO A 80 11.87 0.57 -4.16
C PRO A 80 10.53 -0.14 -3.91
N LEU A 81 9.87 0.10 -2.78
CA LEU A 81 8.56 -0.55 -2.54
C LEU A 81 7.44 0.49 -2.51
N THR A 82 7.69 1.72 -2.91
CA THR A 82 6.63 2.75 -2.87
C THR A 82 6.34 3.39 -4.24
N SER A 83 6.97 2.95 -5.32
CA SER A 83 6.65 3.55 -6.65
C SER A 83 5.91 2.50 -7.50
N ASN A 84 5.09 1.69 -6.86
CA ASN A 84 4.29 0.65 -7.58
C ASN A 84 2.91 0.65 -6.92
N LEU A 85 2.87 0.36 -5.62
CA LEU A 85 1.56 0.46 -4.88
C LEU A 85 1.05 1.92 -5.04
N ILE A 86 1.96 2.90 -5.21
CA ILE A 86 1.48 4.31 -5.37
C ILE A 86 0.52 4.40 -6.58
N ASN A 87 0.78 3.67 -7.64
CA ASN A 87 -0.15 3.73 -8.83
C ASN A 87 -1.51 3.16 -8.39
N LEU A 88 -1.53 1.99 -7.78
CA LEU A 88 -2.84 1.39 -7.32
C LEU A 88 -3.65 2.42 -6.52
N LEU A 89 -2.99 3.21 -5.69
CA LEU A 89 -3.75 4.25 -4.90
C LEU A 89 -4.39 5.26 -5.86
N ALA A 90 -3.69 5.67 -6.89
CA ALA A 90 -4.28 6.63 -7.86
C ALA A 90 -4.60 5.95 -9.21
N GLU A 91 -4.90 4.66 -9.20
CA GLU A 91 -5.22 3.97 -10.49
C GLU A 91 -6.59 3.28 -10.40
N ASN A 92 -6.77 2.38 -9.45
CA ASN A 92 -8.11 1.69 -9.33
C ASN A 92 -9.08 2.55 -8.51
N GLY A 93 -8.61 3.23 -7.48
CA GLY A 93 -9.51 4.08 -6.67
C GLY A 93 -9.29 3.79 -5.17
N ARG A 94 -8.10 3.98 -4.66
CA ARG A 94 -7.84 3.71 -3.22
C ARG A 94 -7.38 4.97 -2.48
N LEU A 95 -7.78 6.15 -2.93
CA LEU A 95 -7.37 7.39 -2.20
C LEU A 95 -8.50 7.80 -1.26
N THR A 96 -8.39 8.92 -0.55
CA THR A 96 -9.45 9.36 0.45
C THR A 96 -9.23 8.61 1.76
N ASN A 97 -9.21 7.29 1.74
CA ASN A 97 -8.92 6.52 2.99
C ASN A 97 -7.44 6.06 2.95
N THR A 98 -6.56 6.82 2.31
CA THR A 98 -5.10 6.43 2.21
C THR A 98 -4.54 5.97 3.57
N PRO A 99 -4.75 6.74 4.62
CA PRO A 99 -4.21 6.34 5.95
C PRO A 99 -4.92 5.07 6.45
N ALA A 100 -6.19 4.89 6.17
CA ALA A 100 -6.88 3.63 6.64
C ALA A 100 -6.21 2.41 5.98
N VAL A 101 -5.88 2.51 4.70
CA VAL A 101 -5.19 1.35 4.02
C VAL A 101 -3.75 1.24 4.53
N ILE A 102 -3.09 2.36 4.80
CA ILE A 102 -1.68 2.29 5.31
C ILE A 102 -1.66 1.89 6.79
N SER A 103 -2.65 2.28 7.58
CA SER A 103 -2.65 1.88 9.04
C SER A 103 -2.54 0.36 9.16
N ALA A 104 -3.23 -0.38 8.33
CA ALA A 104 -3.13 -1.88 8.41
C ALA A 104 -1.67 -2.32 8.20
N PHE A 105 -0.91 -1.61 7.37
CA PHE A 105 0.52 -2.00 7.15
C PHE A 105 1.27 -2.05 8.49
N SER A 106 1.08 -1.06 9.35
CA SER A 106 1.79 -1.07 10.67
C SER A 106 1.32 -2.26 11.51
N THR A 107 0.03 -2.55 11.50
CA THR A 107 -0.47 -3.72 12.30
C THR A 107 -0.02 -5.03 11.64
N MET A 108 0.01 -5.11 10.32
CA MET A 108 0.47 -6.37 9.67
C MET A 108 1.97 -6.57 9.92
N MET A 109 2.76 -5.51 9.97
CA MET A 109 4.23 -5.68 10.24
C MET A 109 4.43 -6.41 11.58
N SER A 110 3.65 -6.09 12.59
CA SER A 110 3.82 -6.83 13.90
C SER A 110 3.67 -8.35 13.69
N VAL A 111 2.86 -8.78 12.74
CA VAL A 111 2.73 -10.26 12.50
C VAL A 111 3.92 -10.81 11.68
N HIS A 112 4.78 -9.96 11.12
CA HIS A 112 5.94 -10.48 10.35
C HIS A 112 7.14 -10.74 11.31
N ARG A 113 7.19 -10.08 12.45
CA ARG A 113 8.34 -10.31 13.38
C ARG A 113 7.98 -11.38 14.43
N GLY A 114 6.74 -11.46 14.87
CA GLY A 114 6.35 -12.47 15.88
C GLY A 114 5.57 -13.61 15.19
N GLU A 115 5.98 -14.03 14.01
CA GLU A 115 5.25 -15.13 13.30
C GLU A 115 6.06 -15.64 12.10
N VAL A 116 6.97 -16.58 12.30
CA VAL A 116 7.78 -17.10 11.16
C VAL A 116 7.88 -18.64 11.25
N PRO A 117 7.86 -19.29 10.11
CA PRO A 117 7.96 -20.78 10.10
C PRO A 117 9.38 -21.23 10.45
N CYS A 118 9.53 -22.19 11.34
CA CYS A 118 10.90 -22.65 11.71
C CYS A 118 10.92 -24.19 11.85
N THR A 119 10.44 -24.91 10.85
CA THR A 119 10.44 -26.39 10.93
C THR A 119 11.31 -26.99 9.81
N VAL A 120 12.33 -27.75 10.16
CA VAL A 120 13.20 -28.35 9.11
C VAL A 120 13.44 -29.84 9.40
N GLN B 1 -19.20 -21.13 -7.10
CA GLN B 1 -18.00 -20.61 -7.80
C GLN B 1 -18.17 -19.11 -8.10
N LYS B 2 -18.10 -18.26 -7.08
CA LYS B 2 -18.26 -16.80 -7.33
C LYS B 2 -17.32 -16.01 -6.40
N THR B 3 -16.48 -15.15 -6.95
CA THR B 3 -15.55 -14.36 -6.09
C THR B 3 -15.34 -12.95 -6.67
N GLY B 4 -15.77 -11.93 -5.97
CA GLY B 4 -15.60 -10.54 -6.49
C GLY B 4 -14.10 -10.18 -6.51
N THR B 5 -13.58 -9.74 -7.64
CA THR B 5 -12.13 -9.37 -7.72
C THR B 5 -11.25 -10.55 -7.24
N ALA B 6 -9.94 -10.41 -7.31
CA ALA B 6 -9.05 -11.52 -6.85
C ALA B 6 -7.69 -10.98 -6.39
N GLU B 7 -7.66 -9.84 -5.73
CA GLU B 7 -6.36 -9.26 -5.26
C GLU B 7 -5.39 -9.11 -6.46
N VAL B 8 -5.83 -8.42 -7.49
CA VAL B 8 -4.93 -8.24 -8.70
C VAL B 8 -3.61 -7.59 -8.26
N SER B 9 -3.66 -6.61 -7.38
CA SER B 9 -2.38 -5.98 -6.90
C SER B 9 -1.49 -7.06 -6.27
N SER B 10 -2.07 -7.99 -5.54
CA SER B 10 -1.24 -9.08 -4.92
C SER B 10 -0.69 -9.99 -6.02
N ILE B 11 -1.48 -10.30 -7.03
CA ILE B 11 -0.98 -11.19 -8.13
C ILE B 11 0.17 -10.47 -8.87
N LEU B 12 0.06 -9.17 -9.09
CA LEU B 12 1.17 -8.44 -9.80
C LEU B 12 2.49 -8.59 -9.02
N GLU B 13 2.44 -8.53 -7.70
CA GLU B 13 3.72 -8.69 -6.91
C GLU B 13 4.37 -10.05 -7.21
N GLU B 14 3.59 -11.10 -7.39
CA GLU B 14 4.20 -12.45 -7.69
C GLU B 14 5.07 -12.35 -8.97
N ARG B 15 4.63 -11.62 -9.97
CA ARG B 15 5.46 -11.50 -11.22
C ARG B 15 6.86 -10.92 -10.88
N ILE B 16 6.95 -10.01 -9.94
CA ILE B 16 8.29 -9.44 -9.58
C ILE B 16 8.93 -10.21 -8.41
N LEU B 17 8.13 -10.75 -7.50
CA LEU B 17 8.72 -11.50 -6.35
C LEU B 17 7.83 -12.70 -5.98
N GLY B 18 8.29 -13.92 -6.21
CA GLY B 18 7.46 -15.11 -5.87
C GLY B 18 8.33 -16.16 -5.19
N ALA B 19 8.91 -17.08 -5.94
CA ALA B 19 9.76 -18.13 -5.32
C ALA B 19 11.13 -18.19 -6.04
N ASP B 20 12.19 -18.49 -5.32
CA ASP B 20 13.53 -18.57 -5.97
C ASP B 20 14.29 -19.81 -5.46
N THR B 21 14.82 -20.62 -6.36
CA THR B 21 15.57 -21.83 -5.93
C THR B 21 16.82 -22.03 -6.79
N SER B 22 17.99 -21.72 -6.27
CA SER B 22 19.24 -21.90 -7.07
C SER B 22 20.34 -22.54 -6.21
N VAL B 23 20.40 -23.86 -6.17
CA VAL B 23 21.45 -24.53 -5.34
C VAL B 23 21.97 -25.79 -6.08
N ASP B 24 22.31 -25.66 -7.34
CA ASP B 24 22.82 -26.85 -8.09
C ASP B 24 23.97 -26.44 -9.03
N LEU B 25 24.97 -27.28 -9.19
CA LEU B 25 26.12 -26.92 -10.07
C LEU B 25 26.50 -28.11 -10.95
N PHE A 1 -18.33 -11.05 41.53
CA PHE A 1 -17.32 -11.03 40.43
C PHE A 1 -17.99 -10.73 39.09
N ALA A 2 -17.26 -10.20 38.13
CA ALA A 2 -17.87 -9.88 36.80
C ALA A 2 -17.21 -10.72 35.70
N LYS A 3 -17.77 -10.75 34.51
CA LYS A 3 -17.16 -11.55 33.41
C LYS A 3 -17.31 -10.82 32.07
N LEU A 4 -16.29 -10.10 31.63
CA LEU A 4 -16.39 -9.37 30.33
C LEU A 4 -15.23 -9.79 29.41
N VAL A 5 -15.45 -9.79 28.11
CA VAL A 5 -14.35 -10.19 27.18
C VAL A 5 -14.47 -9.42 25.85
N ARG A 6 -13.39 -8.81 25.38
CA ARG A 6 -13.46 -8.04 24.09
C ARG A 6 -12.11 -8.12 23.36
N PRO A 7 -11.98 -9.08 22.46
CA PRO A 7 -10.72 -9.23 21.70
C PRO A 7 -10.56 -8.10 20.67
N PRO A 8 -9.35 -7.59 20.52
CA PRO A 8 -9.12 -6.50 19.55
C PRO A 8 -9.12 -7.05 18.11
N VAL A 9 -8.74 -6.25 17.14
CA VAL A 9 -8.73 -6.75 15.73
C VAL A 9 -7.36 -6.47 15.08
N GLN A 10 -7.08 -7.09 13.94
CA GLN A 10 -5.76 -6.84 13.27
C GLN A 10 -5.97 -6.13 11.93
N ILE A 11 -6.70 -6.72 11.02
CA ILE A 11 -6.94 -6.06 9.70
C ILE A 11 -8.45 -5.99 9.41
N TYR A 12 -8.90 -4.95 8.74
CA TYR A 12 -10.38 -4.78 8.50
C TYR A 12 -10.62 -3.92 7.25
N GLY A 13 -10.67 -4.52 6.08
CA GLY A 13 -10.91 -3.72 4.85
C GLY A 13 -9.89 -4.12 3.77
N ILE A 14 -10.35 -4.64 2.64
CA ILE A 14 -9.41 -5.06 1.53
C ILE A 14 -8.33 -3.98 1.30
N GLU A 15 -8.64 -2.71 1.46
CA GLU A 15 -7.59 -1.65 1.26
C GLU A 15 -6.35 -1.97 2.13
N GLY A 16 -6.54 -2.55 3.30
CA GLY A 16 -5.37 -2.90 4.16
C GLY A 16 -4.56 -4.00 3.46
N ARG A 17 -5.21 -4.97 2.84
CA ARG A 17 -4.45 -6.07 2.13
C ARG A 17 -3.49 -5.47 1.09
N TYR A 18 -3.85 -4.36 0.45
CA TYR A 18 -2.91 -3.75 -0.56
C TYR A 18 -1.52 -3.55 0.07
N ALA A 19 -1.47 -3.16 1.33
CA ALA A 19 -0.12 -2.97 1.97
C ALA A 19 0.49 -4.35 2.29
N THR A 20 -0.31 -5.31 2.72
CA THR A 20 0.27 -6.66 3.03
C THR A 20 0.59 -7.42 1.73
N ALA A 21 -0.15 -7.21 0.67
CA ALA A 21 0.21 -7.92 -0.61
C ALA A 21 1.42 -7.23 -1.27
N LEU A 22 1.76 -6.01 -0.87
CA LEU A 22 2.96 -5.35 -1.48
C LEU A 22 4.13 -5.50 -0.52
N TYR A 23 3.91 -5.24 0.75
CA TYR A 23 5.03 -5.41 1.72
C TYR A 23 5.25 -6.93 1.99
N SER A 24 4.31 -7.82 1.61
CA SER A 24 4.55 -9.30 1.85
C SER A 24 5.93 -9.66 1.27
N ALA A 25 6.26 -9.13 0.10
CA ALA A 25 7.63 -9.39 -0.47
C ALA A 25 8.62 -8.53 0.35
N ALA A 26 8.26 -7.30 0.67
CA ALA A 26 9.17 -6.44 1.49
C ALA A 26 9.53 -7.14 2.81
N SER A 27 8.60 -7.85 3.43
CA SER A 27 8.91 -8.55 4.72
C SER A 27 10.12 -9.49 4.51
N LYS A 28 10.16 -10.20 3.40
CA LYS A 28 11.34 -11.09 3.13
C LYS A 28 12.58 -10.23 2.89
N GLN A 29 12.44 -9.12 2.17
CA GLN A 29 13.62 -8.23 1.93
C GLN A 29 13.90 -7.34 3.16
N ASN A 30 13.06 -7.34 4.19
CA ASN A 30 13.30 -6.49 5.40
C ASN A 30 13.13 -5.02 5.04
N LYS A 31 12.14 -4.69 4.24
CA LYS A 31 11.91 -3.26 3.86
C LYS A 31 10.65 -2.68 4.55
N LEU A 32 10.13 -3.33 5.59
CA LEU A 32 8.91 -2.78 6.30
C LEU A 32 9.11 -1.28 6.62
N GLU A 33 10.32 -0.87 6.94
CA GLU A 33 10.56 0.59 7.20
C GLU A 33 10.54 1.35 5.86
N GLN A 34 11.14 0.80 4.82
CA GLN A 34 11.12 1.48 3.49
C GLN A 34 9.68 1.61 2.96
N VAL A 35 8.79 0.71 3.34
CA VAL A 35 7.38 0.81 2.82
C VAL A 35 6.43 1.37 3.90
N GLU A 36 6.60 1.02 5.16
CA GLU A 36 5.67 1.56 6.22
C GLU A 36 5.87 3.06 6.46
N LYS A 37 7.02 3.63 6.14
CA LYS A 37 7.22 5.10 6.39
C LYS A 37 6.91 5.93 5.15
N GLU A 38 7.21 5.44 3.96
CA GLU A 38 6.89 6.25 2.75
C GLU A 38 5.37 6.20 2.48
N LEU A 39 4.73 5.07 2.72
CA LEU A 39 3.24 4.99 2.50
C LEU A 39 2.54 6.08 3.33
N LEU A 40 3.02 6.36 4.53
CA LEU A 40 2.36 7.44 5.36
C LEU A 40 2.36 8.77 4.59
N ARG A 41 3.40 9.04 3.81
CA ARG A 41 3.42 10.35 3.04
C ARG A 41 2.20 10.43 2.11
N VAL A 42 1.82 9.34 1.47
CA VAL A 42 0.62 9.39 0.56
C VAL A 42 -0.62 9.78 1.37
N GLY A 43 -0.76 9.29 2.59
CA GLY A 43 -1.95 9.65 3.41
C GLY A 43 -1.94 11.17 3.68
N GLN A 44 -0.82 11.72 4.10
CA GLN A 44 -0.77 13.21 4.36
C GLN A 44 -1.11 13.97 3.07
N ILE A 45 -0.64 13.50 1.92
CA ILE A 45 -0.96 14.22 0.63
C ILE A 45 -2.49 14.30 0.45
N LEU A 46 -3.21 13.24 0.77
CA LEU A 46 -4.70 13.30 0.65
C LEU A 46 -5.30 14.00 1.88
N LYS A 47 -4.69 13.88 3.04
CA LYS A 47 -5.23 14.59 4.24
C LYS A 47 -4.95 16.09 4.10
N GLU A 48 -3.88 16.48 3.42
CA GLU A 48 -3.59 17.95 3.28
C GLU A 48 -4.83 18.69 2.73
N PRO A 49 -5.15 19.83 3.31
CA PRO A 49 -6.34 20.60 2.84
C PRO A 49 -6.09 21.23 1.47
N LYS A 50 -4.87 21.65 1.17
CA LYS A 50 -4.60 22.25 -0.18
C LYS A 50 -4.46 21.13 -1.22
N MET A 51 -3.91 19.99 -0.84
CA MET A 51 -3.77 18.85 -1.80
C MET A 51 -5.06 18.00 -1.83
N ALA A 52 -5.81 17.94 -0.74
CA ALA A 52 -7.07 17.12 -0.76
C ALA A 52 -8.01 17.59 -1.89
N ALA A 53 -8.09 18.88 -2.14
CA ALA A 53 -8.99 19.37 -3.24
C ALA A 53 -8.59 18.74 -4.58
N SER A 54 -7.31 18.54 -4.83
CA SER A 54 -6.89 17.93 -6.14
C SER A 54 -7.20 16.42 -6.16
N LEU A 55 -6.82 15.68 -5.13
CA LEU A 55 -7.12 14.20 -5.12
C LEU A 55 -8.63 13.95 -5.30
N LEU A 56 -9.49 14.82 -4.82
CA LEU A 56 -10.96 14.59 -4.97
C LEU A 56 -11.54 15.39 -6.17
N ASN A 57 -10.93 16.50 -6.55
CA ASN A 57 -11.49 17.30 -7.72
C ASN A 57 -11.71 16.40 -8.94
N PRO A 58 -12.72 16.73 -9.74
CA PRO A 58 -12.98 15.94 -10.97
C PRO A 58 -12.04 16.34 -12.13
N TYR A 59 -11.15 17.31 -11.94
CA TYR A 59 -10.22 17.71 -13.05
C TYR A 59 -8.94 16.87 -13.01
N VAL A 60 -8.46 16.51 -11.82
CA VAL A 60 -7.19 15.67 -11.75
C VAL A 60 -7.37 14.37 -12.57
N LYS A 61 -8.58 13.84 -12.69
CA LYS A 61 -8.79 12.58 -13.46
C LYS A 61 -7.92 11.45 -12.90
N ARG A 62 -8.03 10.24 -13.45
CA ARG A 62 -7.19 9.11 -12.93
C ARG A 62 -6.01 8.86 -13.88
N SER A 63 -6.26 8.72 -15.17
CA SER A 63 -5.10 8.48 -16.12
C SER A 63 -4.09 9.63 -16.01
N VAL A 64 -4.57 10.86 -15.91
CA VAL A 64 -3.61 12.01 -15.77
C VAL A 64 -2.95 11.93 -14.39
N LYS A 65 -3.71 11.62 -13.35
CA LYS A 65 -3.08 11.51 -11.99
C LYS A 65 -1.98 10.43 -11.99
N VAL A 66 -2.17 9.35 -12.73
CA VAL A 66 -1.10 8.28 -12.75
C VAL A 66 0.24 8.88 -13.20
N LYS A 67 0.23 9.79 -14.17
CA LYS A 67 1.53 10.40 -14.61
C LYS A 67 2.08 11.28 -13.48
N SER A 68 1.24 12.05 -12.81
CA SER A 68 1.74 12.91 -11.69
C SER A 68 2.38 12.03 -10.60
N LEU A 69 1.83 10.85 -10.33
CA LEU A 69 2.43 9.97 -9.27
C LEU A 69 3.88 9.63 -9.64
N SER A 70 4.13 9.25 -10.89
CA SER A 70 5.54 8.91 -11.29
C SER A 70 6.38 10.19 -11.28
N ASP A 71 5.85 11.29 -11.79
CA ASP A 71 6.65 12.58 -11.78
C ASP A 71 6.77 13.12 -10.34
N MET A 72 5.91 12.71 -9.42
CA MET A 72 6.05 13.20 -8.01
C MET A 72 7.01 12.26 -7.29
N THR A 73 6.82 10.96 -7.47
CA THR A 73 7.75 9.97 -6.82
C THR A 73 9.20 10.27 -7.27
N ALA A 74 9.40 10.67 -8.53
CA ALA A 74 10.81 10.98 -8.99
C ALA A 74 11.40 12.10 -8.11
N LYS A 75 10.62 13.10 -7.76
CA LYS A 75 11.15 14.20 -6.88
C LYS A 75 11.00 13.81 -5.40
N GLU A 76 9.95 13.11 -5.03
CA GLU A 76 9.78 12.71 -3.59
C GLU A 76 10.89 11.73 -3.15
N LYS A 77 11.60 11.09 -4.07
CA LYS A 77 12.68 10.13 -3.66
C LYS A 77 12.07 8.98 -2.85
N PHE A 78 10.97 8.41 -3.31
CA PHE A 78 10.33 7.27 -2.54
C PHE A 78 11.35 6.14 -2.35
N SER A 79 10.92 5.00 -1.83
CA SER A 79 11.87 3.88 -1.61
C SER A 79 11.67 2.84 -2.72
N PRO A 80 12.36 1.73 -2.63
CA PRO A 80 12.21 0.70 -3.66
C PRO A 80 10.85 -0.04 -3.54
N LEU A 81 10.10 0.16 -2.47
CA LEU A 81 8.78 -0.53 -2.36
C LEU A 81 7.64 0.50 -2.34
N THR A 82 7.89 1.76 -2.70
CA THR A 82 6.79 2.76 -2.67
C THR A 82 6.53 3.41 -4.04
N SER A 83 7.17 2.96 -5.12
CA SER A 83 6.86 3.54 -6.45
C SER A 83 6.13 2.48 -7.29
N ASN A 84 5.25 1.74 -6.65
CA ASN A 84 4.45 0.68 -7.33
C ASN A 84 3.07 0.71 -6.67
N LEU A 85 3.02 0.46 -5.38
CA LEU A 85 1.73 0.59 -4.64
C LEU A 85 1.18 2.02 -4.87
N ILE A 86 2.05 3.01 -5.08
CA ILE A 86 1.54 4.40 -5.32
C ILE A 86 0.64 4.42 -6.57
N ASN A 87 0.99 3.67 -7.61
CA ASN A 87 0.12 3.65 -8.83
C ASN A 87 -1.20 2.95 -8.48
N LEU A 88 -1.13 1.79 -7.84
CA LEU A 88 -2.40 1.06 -7.45
C LEU A 88 -3.32 2.01 -6.67
N LEU A 89 -2.77 2.85 -5.81
CA LEU A 89 -3.64 3.79 -5.03
C LEU A 89 -4.37 4.72 -6.02
N ALA A 90 -3.69 5.19 -7.05
CA ALA A 90 -4.36 6.06 -8.05
C ALA A 90 -4.59 5.28 -9.36
N GLU A 91 -4.79 3.98 -9.29
CA GLU A 91 -5.02 3.19 -10.56
C GLU A 91 -6.51 2.89 -10.73
N ASN A 92 -7.22 2.49 -9.69
CA ASN A 92 -8.67 2.19 -9.84
C ASN A 92 -9.52 3.12 -8.96
N GLY A 93 -9.10 4.35 -8.73
CA GLY A 93 -9.90 5.26 -7.87
C GLY A 93 -9.73 4.84 -6.41
N ARG A 94 -8.51 4.58 -5.98
CA ARG A 94 -8.30 4.14 -4.57
C ARG A 94 -7.70 5.28 -3.72
N LEU A 95 -8.04 6.53 -4.00
CA LEU A 95 -7.49 7.65 -3.17
C LEU A 95 -8.58 8.19 -2.23
N THR A 96 -9.51 7.34 -1.83
CA THR A 96 -10.57 7.78 -0.88
C THR A 96 -10.29 7.12 0.48
N ASN A 97 -10.12 5.82 0.50
CA ASN A 97 -9.75 5.12 1.76
C ASN A 97 -8.25 4.78 1.74
N THR A 98 -7.41 5.64 1.15
CA THR A 98 -5.94 5.34 1.11
C THR A 98 -5.28 5.33 2.52
N PRO A 99 -5.72 6.15 3.46
CA PRO A 99 -5.07 6.12 4.81
C PRO A 99 -5.27 4.75 5.46
N ALA A 100 -6.41 4.10 5.26
CA ALA A 100 -6.62 2.74 5.86
C ALA A 100 -5.50 1.79 5.40
N VAL A 101 -5.02 1.92 4.18
CA VAL A 101 -3.91 1.01 3.70
C VAL A 101 -2.66 1.23 4.57
N ILE A 102 -2.36 2.47 4.94
CA ILE A 102 -1.14 2.71 5.79
C ILE A 102 -1.38 2.18 7.21
N SER A 103 -2.57 2.39 7.77
CA SER A 103 -2.83 1.88 9.16
C SER A 103 -2.73 0.33 9.17
N ALA A 104 -3.38 -0.33 8.24
CA ALA A 104 -3.29 -1.84 8.20
C ALA A 104 -1.81 -2.28 8.09
N PHE A 105 -0.99 -1.53 7.37
CA PHE A 105 0.45 -1.92 7.24
C PHE A 105 1.10 -1.99 8.63
N SER A 106 0.80 -1.06 9.52
CA SER A 106 1.42 -1.11 10.89
C SER A 106 0.89 -2.33 11.65
N THR A 107 -0.39 -2.65 11.51
CA THR A 107 -0.93 -3.85 12.24
C THR A 107 -0.41 -5.14 11.59
N MET A 108 -0.27 -5.18 10.28
CA MET A 108 0.26 -6.42 9.64
C MET A 108 1.77 -6.52 9.91
N MET A 109 2.48 -5.40 9.94
CA MET A 109 3.96 -5.47 10.22
C MET A 109 4.18 -6.14 11.58
N SER A 110 3.36 -5.87 12.57
CA SER A 110 3.58 -6.56 13.90
C SER A 110 3.54 -8.10 13.73
N VAL A 111 2.76 -8.60 12.79
CA VAL A 111 2.73 -10.10 12.58
C VAL A 111 3.96 -10.58 11.77
N HIS A 112 4.75 -9.69 11.18
CA HIS A 112 5.94 -10.15 10.42
C HIS A 112 7.17 -10.27 11.38
N ARG A 113 7.17 -9.57 12.50
CA ARG A 113 8.33 -9.68 13.43
C ARG A 113 8.07 -10.75 14.50
N GLY A 114 6.82 -10.89 14.96
CA GLY A 114 6.51 -11.92 15.99
C GLY A 114 6.75 -13.33 15.43
N GLU A 115 6.49 -13.56 14.15
CA GLU A 115 6.71 -14.91 13.57
C GLU A 115 7.87 -14.89 12.58
N VAL A 116 9.09 -14.69 13.05
CA VAL A 116 10.26 -14.66 12.13
C VAL A 116 11.10 -15.94 12.29
N PRO A 117 10.80 -16.95 11.50
CA PRO A 117 11.56 -18.22 11.60
C PRO A 117 12.96 -18.06 11.00
N CYS A 118 13.08 -17.42 9.85
CA CYS A 118 14.43 -17.25 9.23
C CYS A 118 14.48 -15.97 8.39
N THR A 119 14.77 -14.83 9.00
CA THR A 119 14.83 -13.56 8.23
C THR A 119 15.92 -12.63 8.81
N VAL A 120 17.18 -12.93 8.58
CA VAL A 120 18.28 -12.07 9.11
C VAL A 120 18.13 -11.88 10.63
N GLN B 1 -9.62 -9.83 -19.59
CA GLN B 1 -8.44 -10.61 -19.09
C GLN B 1 -8.00 -10.07 -17.72
N LYS B 2 -7.67 -8.80 -17.63
CA LYS B 2 -7.23 -8.22 -16.32
C LYS B 2 -8.20 -7.12 -15.87
N THR B 3 -9.50 -7.39 -15.88
CA THR B 3 -10.49 -6.36 -15.44
C THR B 3 -11.22 -6.82 -14.18
N GLY B 4 -10.51 -7.18 -13.13
CA GLY B 4 -11.18 -7.64 -11.89
C GLY B 4 -10.63 -6.86 -10.68
N THR B 5 -11.27 -6.97 -9.53
CA THR B 5 -10.76 -6.22 -8.33
C THR B 5 -10.72 -7.15 -7.11
N ALA B 6 -9.98 -8.25 -7.18
CA ALA B 6 -9.91 -9.18 -6.02
C ALA B 6 -8.44 -9.48 -5.67
N GLU B 7 -7.92 -8.88 -4.62
CA GLU B 7 -6.49 -9.13 -4.22
C GLU B 7 -5.56 -8.83 -5.41
N VAL B 8 -5.82 -7.77 -6.15
CA VAL B 8 -4.93 -7.43 -7.32
C VAL B 8 -3.49 -7.19 -6.82
N SER B 9 -3.32 -6.51 -5.71
CA SER B 9 -1.92 -6.27 -5.18
C SER B 9 -1.19 -7.61 -4.98
N SER B 10 -1.89 -8.66 -4.61
CA SER B 10 -1.21 -9.98 -4.43
C SER B 10 -0.70 -10.49 -5.78
N ILE B 11 -1.58 -10.62 -6.76
CA ILE B 11 -1.10 -11.11 -8.11
C ILE B 11 -0.04 -10.14 -8.68
N LEU B 12 -0.14 -8.86 -8.40
CA LEU B 12 0.91 -7.90 -8.93
C LEU B 12 2.27 -8.21 -8.30
N GLU B 13 2.30 -8.56 -7.02
CA GLU B 13 3.62 -8.87 -6.37
C GLU B 13 4.31 -10.04 -7.11
N GLU B 14 3.56 -11.04 -7.51
CA GLU B 14 4.20 -12.19 -8.25
C GLU B 14 4.76 -11.71 -9.59
N ARG B 15 4.04 -10.83 -10.28
CA ARG B 15 4.56 -10.33 -11.60
C ARG B 15 5.87 -9.56 -11.41
N ILE B 16 6.03 -8.82 -10.33
CA ILE B 16 7.30 -8.05 -10.13
C ILE B 16 8.38 -8.93 -9.45
N LEU B 17 7.99 -9.90 -8.63
CA LEU B 17 9.02 -10.76 -7.97
C LEU B 17 8.98 -12.18 -8.56
N GLY B 18 7.90 -12.91 -8.35
CA GLY B 18 7.81 -14.30 -8.92
C GLY B 18 8.94 -15.16 -8.34
N ALA B 19 9.91 -15.54 -9.16
CA ALA B 19 11.03 -16.38 -8.64
C ALA B 19 12.37 -15.88 -9.20
N ASP B 20 12.56 -14.58 -9.26
CA ASP B 20 13.86 -14.04 -9.80
C ASP B 20 14.56 -13.19 -8.72
N THR B 21 15.75 -13.58 -8.31
CA THR B 21 16.48 -12.79 -7.27
C THR B 21 17.87 -12.38 -7.79
N SER B 22 17.95 -11.37 -8.61
CA SER B 22 19.28 -10.94 -9.14
C SER B 22 19.35 -9.41 -9.25
N VAL B 23 20.47 -8.81 -8.91
CA VAL B 23 20.58 -7.33 -9.00
C VAL B 23 21.96 -6.92 -9.54
N ASP B 24 22.41 -7.53 -10.61
CA ASP B 24 23.75 -7.17 -11.17
C ASP B 24 23.60 -6.61 -12.59
N LEU B 25 23.02 -7.37 -13.50
CA LEU B 25 22.84 -6.87 -14.90
C LEU B 25 21.49 -7.29 -15.45
N PHE A 1 -5.03 -25.57 17.65
CA PHE A 1 -6.05 -24.51 17.93
C PHE A 1 -7.24 -25.10 18.72
N ALA A 2 -8.04 -24.27 19.34
CA ALA A 2 -9.20 -24.79 20.12
C ALA A 2 -10.52 -24.27 19.53
N LYS A 3 -11.63 -24.56 20.15
CA LYS A 3 -12.95 -24.08 19.61
C LYS A 3 -13.62 -23.12 20.61
N LEU A 4 -13.27 -21.85 20.59
CA LEU A 4 -13.89 -20.88 21.53
C LEU A 4 -14.64 -19.78 20.76
N VAL A 5 -15.17 -18.79 21.44
CA VAL A 5 -15.91 -17.70 20.74
C VAL A 5 -15.30 -16.33 21.09
N ARG A 6 -14.01 -16.16 20.87
CA ARG A 6 -13.36 -14.85 21.20
C ARG A 6 -12.35 -14.47 20.11
N PRO A 7 -12.85 -14.13 18.93
CA PRO A 7 -11.95 -13.75 17.82
C PRO A 7 -11.33 -12.36 18.07
N PRO A 8 -10.16 -12.13 17.53
CA PRO A 8 -9.49 -10.81 17.71
C PRO A 8 -10.20 -9.74 16.86
N VAL A 9 -9.64 -8.55 16.78
CA VAL A 9 -10.27 -7.47 15.97
C VAL A 9 -9.22 -6.75 15.11
N GLN A 10 -8.66 -7.43 14.12
CA GLN A 10 -7.63 -6.78 13.26
C GLN A 10 -7.94 -7.04 11.78
N ILE A 11 -7.44 -6.20 10.88
CA ILE A 11 -7.70 -6.38 9.40
C ILE A 11 -9.21 -6.34 9.08
N TYR A 12 -9.64 -5.42 8.25
CA TYR A 12 -11.11 -5.32 7.92
C TYR A 12 -11.29 -4.56 6.60
N GLY A 13 -11.24 -5.25 5.47
CA GLY A 13 -11.42 -4.55 4.17
C GLY A 13 -10.24 -4.87 3.25
N ILE A 14 -10.49 -5.46 2.10
CA ILE A 14 -9.37 -5.79 1.13
C ILE A 14 -8.38 -4.61 1.01
N GLU A 15 -8.85 -3.37 1.09
CA GLU A 15 -7.91 -2.20 1.00
C GLU A 15 -6.74 -2.37 2.00
N GLY A 16 -6.98 -2.99 3.15
CA GLY A 16 -5.87 -3.18 4.12
C GLY A 16 -4.92 -4.25 3.58
N ARG A 17 -5.44 -5.32 3.01
CA ARG A 17 -4.54 -6.39 2.43
C ARG A 17 -3.61 -5.78 1.38
N TYR A 18 -4.00 -4.71 0.70
CA TYR A 18 -3.08 -4.09 -0.34
C TYR A 18 -1.70 -3.82 0.29
N ALA A 19 -1.67 -3.40 1.54
CA ALA A 19 -0.33 -3.15 2.20
C ALA A 19 0.34 -4.49 2.51
N THR A 20 -0.41 -5.50 2.94
CA THR A 20 0.24 -6.81 3.25
C THR A 20 0.56 -7.56 1.95
N ALA A 21 -0.25 -7.44 0.93
CA ALA A 21 0.09 -8.14 -0.36
C ALA A 21 1.27 -7.42 -1.05
N LEU A 22 1.57 -6.19 -0.69
CA LEU A 22 2.73 -5.49 -1.34
C LEU A 22 3.94 -5.61 -0.42
N TYR A 23 3.76 -5.38 0.87
CA TYR A 23 4.91 -5.53 1.79
C TYR A 23 5.17 -7.04 2.06
N SER A 24 4.23 -7.95 1.74
CA SER A 24 4.52 -9.42 1.99
C SER A 24 5.86 -9.77 1.36
N ALA A 25 6.16 -9.24 0.18
CA ALA A 25 7.50 -9.47 -0.43
C ALA A 25 8.50 -8.59 0.34
N ALA A 26 8.11 -7.35 0.65
CA ALA A 26 9.04 -6.45 1.43
C ALA A 26 9.48 -7.15 2.74
N SER A 27 8.58 -7.86 3.39
CA SER A 27 8.97 -8.56 4.68
C SER A 27 10.18 -9.47 4.42
N LYS A 28 10.17 -10.19 3.31
CA LYS A 28 11.34 -11.08 3.00
C LYS A 28 12.57 -10.20 2.72
N GLN A 29 12.41 -9.10 2.01
CA GLN A 29 13.58 -8.20 1.73
C GLN A 29 13.87 -7.26 2.92
N ASN A 30 13.06 -7.29 3.98
CA ASN A 30 13.31 -6.39 5.16
C ASN A 30 13.08 -4.93 4.76
N LYS A 31 12.04 -4.66 3.99
CA LYS A 31 11.77 -3.25 3.58
C LYS A 31 10.53 -2.69 4.32
N LEU A 32 10.06 -3.32 5.39
CA LEU A 32 8.86 -2.77 6.15
C LEU A 32 9.05 -1.27 6.42
N GLU A 33 10.27 -0.83 6.69
CA GLU A 33 10.49 0.63 6.91
C GLU A 33 10.42 1.35 5.55
N GLN A 34 11.02 0.78 4.52
CA GLN A 34 10.96 1.43 3.17
C GLN A 34 9.51 1.53 2.67
N VAL A 35 8.64 0.63 3.08
CA VAL A 35 7.22 0.70 2.59
C VAL A 35 6.29 1.30 3.68
N GLU A 36 6.51 0.99 4.94
CA GLU A 36 5.60 1.56 6.01
C GLU A 36 5.86 3.06 6.23
N LYS A 37 7.05 3.57 5.94
CA LYS A 37 7.30 5.03 6.17
C LYS A 37 6.96 5.86 4.92
N GLU A 38 7.19 5.33 3.73
CA GLU A 38 6.84 6.14 2.51
C GLU A 38 5.32 6.15 2.33
N LEU A 39 4.63 5.06 2.65
CA LEU A 39 3.12 5.06 2.51
C LEU A 39 2.54 6.24 3.30
N LEU A 40 3.10 6.56 4.46
CA LEU A 40 2.56 7.73 5.25
C LEU A 40 2.59 9.00 4.39
N ARG A 41 3.57 9.16 3.52
CA ARG A 41 3.62 10.40 2.67
C ARG A 41 2.32 10.54 1.85
N VAL A 42 1.84 9.45 1.26
CA VAL A 42 0.56 9.54 0.47
C VAL A 42 -0.59 9.97 1.40
N GLY A 43 -0.62 9.49 2.62
CA GLY A 43 -1.71 9.90 3.56
C GLY A 43 -1.54 11.37 3.90
N GLN A 44 -0.32 11.81 4.23
CA GLN A 44 -0.12 13.26 4.55
C GLN A 44 -0.54 14.13 3.37
N ILE A 45 -0.26 13.70 2.15
CA ILE A 45 -0.68 14.51 0.96
C ILE A 45 -2.22 14.56 0.92
N LEU A 46 -2.87 13.41 0.88
CA LEU A 46 -4.38 13.41 0.84
C LEU A 46 -4.95 14.19 2.04
N LYS A 47 -4.29 14.15 3.18
CA LYS A 47 -4.82 14.93 4.35
C LYS A 47 -4.53 16.42 4.13
N GLU A 48 -3.40 16.75 3.50
CA GLU A 48 -3.09 18.19 3.26
C GLU A 48 -4.21 18.86 2.45
N PRO A 49 -4.50 20.12 2.75
CA PRO A 49 -5.58 20.83 2.03
C PRO A 49 -5.13 21.18 0.60
N LYS A 50 -3.89 21.59 0.42
CA LYS A 50 -3.42 21.94 -0.98
C LYS A 50 -3.56 20.73 -1.92
N MET A 51 -3.34 19.53 -1.44
CA MET A 51 -3.48 18.33 -2.34
C MET A 51 -4.93 17.82 -2.35
N ALA A 52 -5.65 17.91 -1.24
CA ALA A 52 -7.08 17.43 -1.23
C ALA A 52 -7.87 18.08 -2.39
N ALA A 53 -7.61 19.34 -2.67
CA ALA A 53 -8.34 20.01 -3.80
C ALA A 53 -8.08 19.29 -5.15
N SER A 54 -6.98 18.57 -5.28
CA SER A 54 -6.70 17.88 -6.59
C SER A 54 -7.15 16.40 -6.52
N LEU A 55 -6.81 15.69 -5.46
CA LEU A 55 -7.23 14.25 -5.37
C LEU A 55 -8.76 14.11 -5.36
N LEU A 56 -9.49 15.08 -4.85
CA LEU A 56 -10.99 14.98 -4.82
C LEU A 56 -11.64 15.85 -5.92
N ASN A 57 -10.89 16.35 -6.89
CA ASN A 57 -11.55 17.19 -7.95
C ASN A 57 -11.72 16.39 -9.25
N PRO A 58 -12.76 16.72 -10.00
CA PRO A 58 -13.01 16.03 -11.28
C PRO A 58 -12.16 16.65 -12.42
N TYR A 59 -11.32 17.65 -12.14
CA TYR A 59 -10.48 18.26 -13.22
C TYR A 59 -9.13 17.52 -13.31
N VAL A 60 -8.60 17.02 -12.20
CA VAL A 60 -7.28 16.29 -12.26
C VAL A 60 -7.42 14.98 -13.06
N LYS A 61 -8.61 14.46 -13.29
CA LYS A 61 -8.78 13.19 -14.06
C LYS A 61 -7.96 12.06 -13.43
N ARG A 62 -8.01 10.86 -13.99
CA ARG A 62 -7.23 9.73 -13.40
C ARG A 62 -5.93 9.51 -14.20
N SER A 63 -6.02 9.31 -15.49
CA SER A 63 -4.75 9.11 -16.31
C SER A 63 -3.78 10.27 -16.06
N VAL A 64 -4.27 11.48 -15.98
CA VAL A 64 -3.35 12.65 -15.72
C VAL A 64 -2.80 12.53 -14.28
N LYS A 65 -3.62 12.15 -13.32
CA LYS A 65 -3.12 12.02 -11.91
C LYS A 65 -2.04 10.93 -11.85
N VAL A 66 -2.20 9.84 -12.58
CA VAL A 66 -1.16 8.76 -12.52
C VAL A 66 0.19 9.32 -13.01
N LYS A 67 0.19 10.13 -14.05
CA LYS A 67 1.49 10.71 -14.54
C LYS A 67 2.06 11.66 -13.48
N SER A 68 1.21 12.46 -12.86
CA SER A 68 1.72 13.41 -11.80
C SER A 68 2.36 12.60 -10.65
N LEU A 69 1.79 11.47 -10.29
CA LEU A 69 2.40 10.65 -9.17
C LEU A 69 3.80 10.20 -9.59
N SER A 70 3.96 9.63 -10.77
CA SER A 70 5.32 9.18 -11.21
C SER A 70 6.27 10.39 -11.27
N ASP A 71 5.80 11.52 -11.78
CA ASP A 71 6.68 12.74 -11.84
C ASP A 71 6.87 13.33 -10.42
N MET A 72 5.97 13.05 -9.49
CA MET A 72 6.16 13.57 -8.09
C MET A 72 7.05 12.56 -7.35
N THR A 73 6.77 11.28 -7.51
CA THR A 73 7.63 10.24 -6.85
C THR A 73 9.11 10.47 -7.25
N ALA A 74 9.38 10.88 -8.47
CA ALA A 74 10.81 11.14 -8.88
C ALA A 74 11.42 12.19 -7.94
N LYS A 75 10.67 13.23 -7.59
CA LYS A 75 11.22 14.26 -6.66
C LYS A 75 11.06 13.79 -5.20
N GLU A 76 9.98 13.07 -4.89
CA GLU A 76 9.81 12.58 -3.47
C GLU A 76 10.88 11.53 -3.10
N LYS A 77 11.59 10.95 -4.07
CA LYS A 77 12.62 9.92 -3.74
C LYS A 77 11.98 8.75 -2.98
N PHE A 78 10.86 8.24 -3.47
CA PHE A 78 10.20 7.09 -2.75
C PHE A 78 11.18 5.91 -2.62
N SER A 79 10.73 4.78 -2.14
CA SER A 79 11.65 3.62 -1.99
C SER A 79 11.35 2.59 -3.08
N PRO A 80 12.04 1.47 -3.05
CA PRO A 80 11.80 0.43 -4.07
C PRO A 80 10.43 -0.25 -3.87
N LEU A 81 9.76 -0.04 -2.74
CA LEU A 81 8.42 -0.67 -2.57
C LEU A 81 7.32 0.40 -2.53
N THR A 82 7.59 1.61 -2.99
CA THR A 82 6.53 2.66 -2.94
C THR A 82 6.29 3.35 -4.30
N SER A 83 6.81 2.82 -5.39
CA SER A 83 6.52 3.45 -6.72
C SER A 83 5.76 2.42 -7.59
N ASN A 84 4.87 1.68 -6.96
CA ASN A 84 4.03 0.67 -7.67
C ASN A 84 2.68 0.69 -6.97
N LEU A 85 2.67 0.38 -5.68
CA LEU A 85 1.38 0.51 -4.91
C LEU A 85 0.88 1.97 -5.04
N ILE A 86 1.77 2.94 -5.24
CA ILE A 86 1.29 4.36 -5.38
C ILE A 86 0.34 4.46 -6.59
N ASN A 87 0.61 3.74 -7.67
CA ASN A 87 -0.32 3.82 -8.85
C ASN A 87 -1.66 3.17 -8.47
N LEU A 88 -1.63 2.00 -7.87
CA LEU A 88 -2.91 1.32 -7.45
C LEU A 88 -3.76 2.29 -6.61
N LEU A 89 -3.14 3.05 -5.73
CA LEU A 89 -3.94 4.03 -4.90
C LEU A 89 -4.61 5.05 -5.84
N ALA A 90 -3.93 5.47 -6.88
CA ALA A 90 -4.55 6.44 -7.84
C ALA A 90 -4.89 5.73 -9.16
N GLU A 91 -5.20 4.43 -9.13
CA GLU A 91 -5.53 3.73 -10.40
C GLU A 91 -7.06 3.50 -10.51
N ASN A 92 -7.69 3.01 -9.47
CA ASN A 92 -9.17 2.78 -9.54
C ASN A 92 -9.93 3.70 -8.57
N GLY A 93 -9.42 4.88 -8.26
CA GLY A 93 -10.13 5.78 -7.33
C GLY A 93 -9.92 5.30 -5.89
N ARG A 94 -8.70 4.96 -5.52
CA ARG A 94 -8.46 4.47 -4.13
C ARG A 94 -7.82 5.58 -3.28
N LEU A 95 -8.14 6.84 -3.52
CA LEU A 95 -7.56 7.92 -2.68
C LEU A 95 -8.62 8.48 -1.71
N THR A 96 -9.55 7.64 -1.28
CA THR A 96 -10.59 8.10 -0.31
C THR A 96 -10.32 7.38 1.02
N ASN A 97 -10.23 6.06 1.00
CA ASN A 97 -9.91 5.31 2.24
C ASN A 97 -8.43 4.87 2.22
N THR A 98 -7.54 5.69 1.65
CA THR A 98 -6.09 5.28 1.62
C THR A 98 -5.46 5.14 3.02
N PRO A 99 -5.85 5.98 4.00
CA PRO A 99 -5.22 5.82 5.35
C PRO A 99 -5.57 4.45 5.95
N ALA A 100 -6.77 3.96 5.74
CA ALA A 100 -7.12 2.58 6.29
C ALA A 100 -6.16 1.54 5.69
N VAL A 101 -5.76 1.70 4.44
CA VAL A 101 -4.80 0.70 3.84
C VAL A 101 -3.44 0.76 4.55
N ILE A 102 -3.00 1.94 4.95
CA ILE A 102 -1.67 2.04 5.65
C ILE A 102 -1.80 1.58 7.11
N SER A 103 -2.92 1.84 7.76
CA SER A 103 -3.07 1.39 9.19
C SER A 103 -2.87 -0.12 9.29
N ALA A 104 -3.49 -0.89 8.40
CA ALA A 104 -3.30 -2.38 8.45
C ALA A 104 -1.80 -2.72 8.31
N PHE A 105 -1.05 -1.94 7.55
CA PHE A 105 0.42 -2.22 7.41
C PHE A 105 1.10 -2.24 8.78
N SER A 106 0.80 -1.26 9.62
CA SER A 106 1.45 -1.24 10.98
C SER A 106 0.98 -2.45 11.81
N THR A 107 -0.28 -2.83 11.69
CA THR A 107 -0.76 -4.02 12.49
C THR A 107 -0.24 -5.32 11.87
N MET A 108 -0.15 -5.40 10.56
CA MET A 108 0.39 -6.66 9.95
C MET A 108 1.92 -6.69 10.13
N MET A 109 2.58 -5.54 10.12
CA MET A 109 4.08 -5.54 10.32
C MET A 109 4.38 -6.19 11.69
N SER A 110 3.60 -5.93 12.72
CA SER A 110 3.90 -6.59 14.04
C SER A 110 3.93 -8.12 13.89
N VAL A 111 3.15 -8.68 12.98
CA VAL A 111 3.18 -10.18 12.80
C VAL A 111 4.41 -10.62 11.98
N HIS A 112 5.14 -9.70 11.35
CA HIS A 112 6.35 -10.12 10.56
C HIS A 112 7.59 -10.15 11.49
N ARG A 113 7.59 -9.43 12.60
CA ARG A 113 8.79 -9.45 13.51
C ARG A 113 8.58 -10.44 14.68
N GLY A 114 7.36 -10.67 15.12
CA GLY A 114 7.13 -11.61 16.26
C GLY A 114 7.76 -12.98 15.96
N GLU A 115 7.20 -13.73 15.04
CA GLU A 115 7.77 -15.08 14.73
C GLU A 115 7.91 -15.27 13.21
N VAL A 116 8.49 -14.30 12.51
CA VAL A 116 8.66 -14.45 11.03
C VAL A 116 9.96 -13.77 10.58
N PRO A 117 11.06 -14.15 11.20
CA PRO A 117 12.37 -13.54 10.82
C PRO A 117 12.85 -14.09 9.47
N CYS A 118 13.34 -13.23 8.60
CA CYS A 118 13.82 -13.71 7.27
C CYS A 118 15.04 -12.90 6.81
N THR A 119 16.21 -13.51 6.77
CA THR A 119 17.43 -12.77 6.34
C THR A 119 18.08 -13.46 5.13
N VAL A 120 17.71 -13.08 3.92
CA VAL A 120 18.31 -13.73 2.71
C VAL A 120 18.66 -12.67 1.67
N GLN B 1 -21.56 -2.69 -8.93
CA GLN B 1 -20.48 -1.67 -8.83
C GLN B 1 -19.24 -2.26 -8.16
N LYS B 2 -18.38 -2.93 -8.90
CA LYS B 2 -17.14 -3.54 -8.28
C LYS B 2 -17.52 -4.43 -7.09
N THR B 3 -17.85 -5.68 -7.32
CA THR B 3 -18.22 -6.59 -6.19
C THR B 3 -17.63 -7.98 -6.40
N GLY B 4 -16.35 -8.16 -6.13
CA GLY B 4 -15.73 -9.51 -6.32
C GLY B 4 -14.37 -9.35 -7.02
N THR B 5 -13.28 -9.41 -6.28
CA THR B 5 -11.93 -9.27 -6.92
C THR B 5 -11.12 -10.55 -6.74
N ALA B 6 -9.86 -10.55 -7.14
CA ALA B 6 -9.03 -11.78 -7.00
C ALA B 6 -7.69 -11.44 -6.33
N GLU B 7 -7.68 -10.56 -5.34
CA GLU B 7 -6.40 -10.19 -4.66
C GLU B 7 -5.40 -9.67 -5.71
N VAL B 8 -5.79 -8.68 -6.49
CA VAL B 8 -4.84 -8.14 -7.54
C VAL B 8 -3.54 -7.68 -6.86
N SER B 9 -3.64 -7.02 -5.71
CA SER B 9 -2.38 -6.57 -5.02
C SER B 9 -1.50 -7.81 -4.71
N SER B 10 -2.10 -8.92 -4.33
CA SER B 10 -1.29 -10.15 -4.05
C SER B 10 -0.65 -10.65 -5.36
N ILE B 11 -1.42 -10.76 -6.41
CA ILE B 11 -0.83 -11.23 -7.72
C ILE B 11 0.25 -10.24 -8.18
N LEU B 12 0.03 -8.94 -7.98
CA LEU B 12 1.08 -7.94 -8.41
C LEU B 12 2.42 -8.24 -7.70
N GLU B 13 2.39 -8.66 -6.45
CA GLU B 13 3.69 -8.95 -5.74
C GLU B 13 4.49 -10.01 -6.50
N GLU B 14 3.84 -11.02 -7.04
CA GLU B 14 4.59 -12.07 -7.81
C GLU B 14 5.29 -11.42 -9.02
N ARG B 15 4.65 -10.49 -9.70
CA ARG B 15 5.31 -9.83 -10.88
C ARG B 15 6.63 -9.17 -10.45
N ILE B 16 6.70 -8.60 -9.27
CA ILE B 16 7.99 -7.95 -8.83
C ILE B 16 8.99 -9.02 -8.38
N LEU B 17 8.54 -10.03 -7.68
CA LEU B 17 9.48 -11.11 -7.23
C LEU B 17 9.07 -12.46 -7.84
N GLY B 18 9.21 -12.62 -9.13
CA GLY B 18 8.83 -13.92 -9.78
C GLY B 18 10.10 -14.70 -10.16
N ALA B 19 10.58 -14.53 -11.37
CA ALA B 19 11.81 -15.26 -11.79
C ALA B 19 12.73 -14.34 -12.62
N ASP B 20 13.85 -14.84 -13.08
CA ASP B 20 14.77 -13.99 -13.90
C ASP B 20 15.37 -14.80 -15.05
N THR B 21 15.73 -14.15 -16.14
CA THR B 21 16.31 -14.89 -17.30
C THR B 21 17.73 -14.37 -17.61
N SER B 22 18.70 -14.66 -16.77
CA SER B 22 20.09 -14.18 -17.04
C SER B 22 21.11 -15.23 -16.62
N VAL B 23 22.12 -15.48 -17.43
CA VAL B 23 23.14 -16.51 -17.05
C VAL B 23 24.53 -15.85 -16.97
N ASP B 24 24.82 -15.16 -15.88
CA ASP B 24 26.16 -14.51 -15.74
C ASP B 24 26.78 -14.84 -14.38
N LEU B 25 28.08 -14.90 -14.28
CA LEU B 25 28.74 -15.22 -12.98
C LEU B 25 29.87 -14.23 -12.69
N PHE A 1 -12.95 -6.36 38.74
CA PHE A 1 -13.30 -7.80 38.48
C PHE A 1 -12.04 -8.59 38.12
N ALA A 2 -12.15 -9.90 37.94
CA ALA A 2 -10.95 -10.70 37.58
C ALA A 2 -11.15 -11.37 36.21
N LYS A 3 -10.09 -11.91 35.63
CA LYS A 3 -10.21 -12.56 34.28
C LYS A 3 -10.87 -11.62 33.27
N LEU A 4 -10.10 -10.84 32.54
CA LEU A 4 -10.70 -9.90 31.54
C LEU A 4 -10.05 -10.11 30.16
N VAL A 5 -10.72 -10.81 29.26
CA VAL A 5 -10.14 -11.04 27.91
C VAL A 5 -11.14 -10.64 26.82
N ARG A 6 -10.70 -9.97 25.79
CA ARG A 6 -11.65 -9.55 24.70
C ARG A 6 -11.00 -9.76 23.32
N PRO A 7 -11.81 -10.03 22.32
CA PRO A 7 -11.27 -10.24 20.95
C PRO A 7 -10.82 -8.90 20.35
N PRO A 8 -9.54 -8.80 20.03
CA PRO A 8 -9.02 -7.53 19.44
C PRO A 8 -9.50 -7.39 17.99
N VAL A 9 -9.24 -6.27 17.35
CA VAL A 9 -9.67 -6.09 15.95
C VAL A 9 -8.45 -5.94 15.03
N GLN A 10 -8.31 -6.78 14.02
CA GLN A 10 -7.14 -6.69 13.12
C GLN A 10 -7.58 -6.87 11.65
N ILE A 11 -6.97 -6.15 10.72
CA ILE A 11 -7.36 -6.28 9.27
C ILE A 11 -8.86 -6.00 9.07
N TYR A 12 -9.20 -4.87 8.48
CA TYR A 12 -10.65 -4.51 8.29
C TYR A 12 -10.82 -3.66 7.02
N GLY A 13 -10.93 -4.28 5.86
CA GLY A 13 -11.08 -3.49 4.61
C GLY A 13 -10.13 -4.04 3.53
N ILE A 14 -10.65 -4.58 2.45
CA ILE A 14 -9.76 -5.14 1.36
C ILE A 14 -8.63 -4.14 1.01
N GLU A 15 -8.88 -2.84 1.08
CA GLU A 15 -7.78 -1.86 0.75
C GLU A 15 -6.55 -2.12 1.62
N GLY A 16 -6.73 -2.54 2.86
CA GLY A 16 -5.55 -2.82 3.74
C GLY A 16 -4.67 -3.91 3.09
N ARG A 17 -5.27 -4.91 2.47
CA ARG A 17 -4.44 -5.99 1.83
C ARG A 17 -3.46 -5.39 0.80
N TYR A 18 -3.76 -4.24 0.21
CA TYR A 18 -2.79 -3.66 -0.78
C TYR A 18 -1.41 -3.46 -0.13
N ALA A 19 -1.38 -3.00 1.11
CA ALA A 19 -0.05 -2.82 1.78
C ALA A 19 0.50 -4.17 2.22
N THR A 20 -0.37 -5.07 2.67
CA THR A 20 0.14 -6.42 3.11
C THR A 20 0.52 -7.27 1.88
N ALA A 21 -0.16 -7.12 0.77
CA ALA A 21 0.24 -7.92 -0.44
C ALA A 21 1.46 -7.28 -1.13
N LEU A 22 1.84 -6.07 -0.75
CA LEU A 22 3.05 -5.45 -1.38
C LEU A 22 4.23 -5.61 -0.44
N TYR A 23 4.04 -5.37 0.84
CA TYR A 23 5.17 -5.56 1.79
C TYR A 23 5.40 -7.07 2.02
N SER A 24 4.46 -7.96 1.66
CA SER A 24 4.72 -9.44 1.86
C SER A 24 6.09 -9.79 1.25
N ALA A 25 6.41 -9.23 0.11
CA ALA A 25 7.76 -9.47 -0.49
C ALA A 25 8.75 -8.61 0.31
N ALA A 26 8.37 -7.37 0.63
CA ALA A 26 9.30 -6.49 1.44
C ALA A 26 9.70 -7.20 2.76
N SER A 27 8.80 -7.94 3.38
CA SER A 27 9.15 -8.66 4.66
C SER A 27 10.40 -9.53 4.42
N LYS A 28 10.46 -10.22 3.29
CA LYS A 28 11.67 -11.06 3.00
C LYS A 28 12.86 -10.16 2.69
N GLN A 29 12.65 -9.06 1.97
CA GLN A 29 13.79 -8.13 1.67
C GLN A 29 14.09 -7.18 2.87
N ASN A 30 13.29 -7.22 3.94
CA ASN A 30 13.53 -6.32 5.11
C ASN A 30 13.25 -4.86 4.72
N LYS A 31 12.19 -4.63 3.96
CA LYS A 31 11.86 -3.23 3.57
C LYS A 31 10.62 -2.70 4.34
N LEU A 32 10.19 -3.36 5.41
CA LEU A 32 9.00 -2.85 6.19
C LEU A 32 9.15 -1.35 6.48
N GLU A 33 10.35 -0.90 6.76
CA GLU A 33 10.55 0.58 6.99
C GLU A 33 10.50 1.28 5.62
N GLN A 34 11.12 0.71 4.60
CA GLN A 34 11.08 1.33 3.23
C GLN A 34 9.63 1.46 2.74
N VAL A 35 8.73 0.58 3.17
CA VAL A 35 7.32 0.67 2.68
C VAL A 35 6.39 1.25 3.78
N GLU A 36 6.57 0.87 5.02
CA GLU A 36 5.66 1.42 6.11
C GLU A 36 5.91 2.91 6.35
N LYS A 37 7.11 3.42 6.09
CA LYS A 37 7.36 4.88 6.34
C LYS A 37 7.03 5.73 5.10
N GLU A 38 7.29 5.24 3.91
CA GLU A 38 6.95 6.07 2.71
C GLU A 38 5.44 6.01 2.47
N LEU A 39 4.80 4.89 2.72
CA LEU A 39 3.30 4.81 2.54
C LEU A 39 2.62 5.89 3.39
N LEU A 40 3.15 6.20 4.57
CA LEU A 40 2.50 7.26 5.42
C LEU A 40 2.42 8.58 4.65
N ARG A 41 3.39 8.89 3.80
CA ARG A 41 3.32 10.19 3.03
C ARG A 41 2.05 10.23 2.17
N VAL A 42 1.70 9.14 1.52
CA VAL A 42 0.45 9.15 0.69
C VAL A 42 -0.77 9.47 1.58
N GLY A 43 -0.81 8.94 2.78
CA GLY A 43 -1.96 9.23 3.70
C GLY A 43 -1.95 10.72 4.04
N GLN A 44 -0.80 11.26 4.41
CA GLN A 44 -0.74 12.73 4.77
C GLN A 44 -1.16 13.57 3.55
N ILE A 45 -0.74 13.19 2.35
CA ILE A 45 -1.15 13.98 1.13
C ILE A 45 -2.69 14.01 1.03
N LEU A 46 -3.36 12.91 1.31
CA LEU A 46 -4.86 12.93 1.22
C LEU A 46 -5.46 13.80 2.33
N LYS A 47 -4.90 13.76 3.52
CA LYS A 47 -5.46 14.61 4.63
C LYS A 47 -5.05 16.08 4.42
N GLU A 48 -3.88 16.33 3.85
CA GLU A 48 -3.44 17.75 3.65
C GLU A 48 -4.53 18.55 2.89
N PRO A 49 -4.75 19.78 3.29
CA PRO A 49 -5.78 20.62 2.62
C PRO A 49 -5.29 21.06 1.23
N LYS A 50 -4.04 21.46 1.11
CA LYS A 50 -3.52 21.89 -0.24
C LYS A 50 -3.72 20.78 -1.27
N MET A 51 -3.58 19.53 -0.89
CA MET A 51 -3.78 18.41 -1.88
C MET A 51 -5.27 18.11 -2.08
N ALA A 52 -6.12 18.35 -1.08
CA ALA A 52 -7.59 18.05 -1.27
C ALA A 52 -8.11 18.68 -2.57
N ALA A 53 -7.63 19.85 -2.93
CA ALA A 53 -8.11 20.48 -4.21
C ALA A 53 -7.75 19.60 -5.42
N SER A 54 -6.63 18.90 -5.37
CA SER A 54 -6.26 18.02 -6.55
C SER A 54 -6.63 16.56 -6.27
N LEU A 55 -6.46 16.07 -5.06
CA LEU A 55 -6.81 14.63 -4.77
C LEU A 55 -8.29 14.37 -5.13
N LEU A 56 -9.17 15.28 -4.78
CA LEU A 56 -10.61 15.08 -5.11
C LEU A 56 -11.06 16.05 -6.22
N ASN A 57 -10.22 16.31 -7.20
CA ASN A 57 -10.64 17.23 -8.30
C ASN A 57 -11.13 16.42 -9.50
N PRO A 58 -12.40 16.59 -9.85
CA PRO A 58 -12.94 15.87 -11.04
C PRO A 58 -12.36 16.46 -12.35
N TYR A 59 -11.67 17.59 -12.29
CA TYR A 59 -11.08 18.20 -13.52
C TYR A 59 -9.69 17.65 -13.85
N VAL A 60 -9.19 16.65 -13.14
CA VAL A 60 -7.82 16.10 -13.46
C VAL A 60 -7.92 14.73 -14.15
N LYS A 61 -9.02 14.42 -14.82
CA LYS A 61 -9.14 13.09 -15.52
C LYS A 61 -8.76 11.93 -14.59
N ARG A 62 -8.67 10.72 -15.10
CA ARG A 62 -8.29 9.56 -14.24
C ARG A 62 -6.90 9.04 -14.64
N SER A 63 -6.72 8.67 -15.89
CA SER A 63 -5.37 8.16 -16.33
C SER A 63 -4.30 9.25 -16.12
N VAL A 64 -4.63 10.50 -16.40
CA VAL A 64 -3.60 11.60 -16.20
C VAL A 64 -3.20 11.65 -14.71
N LYS A 65 -4.13 11.46 -13.80
CA LYS A 65 -3.77 11.51 -12.33
C LYS A 65 -2.68 10.46 -12.03
N VAL A 66 -2.74 9.29 -12.63
CA VAL A 66 -1.68 8.25 -12.35
C VAL A 66 -0.31 8.79 -12.80
N LYS A 67 -0.24 9.42 -13.96
CA LYS A 67 1.08 9.96 -14.42
C LYS A 67 1.64 10.98 -13.40
N SER A 68 0.78 11.78 -12.80
CA SER A 68 1.28 12.79 -11.79
C SER A 68 2.00 12.06 -10.64
N LEU A 69 1.55 10.88 -10.25
CA LEU A 69 2.25 10.15 -9.13
C LEU A 69 3.71 9.88 -9.52
N SER A 70 3.95 9.43 -10.73
CA SER A 70 5.37 9.16 -11.16
C SER A 70 6.18 10.46 -11.09
N ASP A 71 5.62 11.56 -11.56
CA ASP A 71 6.38 12.87 -11.48
C ASP A 71 6.52 13.34 -10.03
N MET A 72 5.66 12.88 -9.12
CA MET A 72 5.81 13.30 -7.69
C MET A 72 6.76 12.29 -7.03
N THR A 73 6.56 11.02 -7.28
CA THR A 73 7.48 9.98 -6.71
C THR A 73 8.92 10.27 -7.19
N ALA A 74 9.10 10.71 -8.43
CA ALA A 74 10.48 11.02 -8.92
C ALA A 74 11.11 12.13 -8.05
N LYS A 75 10.33 13.12 -7.65
CA LYS A 75 10.91 14.20 -6.78
C LYS A 75 10.84 13.78 -5.30
N GLU A 76 9.81 13.04 -4.90
CA GLU A 76 9.73 12.60 -3.46
C GLU A 76 10.82 11.57 -3.11
N LYS A 77 11.50 10.99 -4.07
CA LYS A 77 12.57 9.98 -3.76
C LYS A 77 11.96 8.82 -2.96
N PHE A 78 10.83 8.28 -3.40
CA PHE A 78 10.20 7.14 -2.64
C PHE A 78 11.19 5.97 -2.50
N SER A 79 10.76 4.85 -1.99
CA SER A 79 11.70 3.69 -1.83
C SER A 79 11.42 2.67 -2.93
N PRO A 80 12.10 1.55 -2.88
CA PRO A 80 11.87 0.51 -3.91
C PRO A 80 10.49 -0.17 -3.74
N LEU A 81 9.80 0.03 -2.63
CA LEU A 81 8.45 -0.59 -2.48
C LEU A 81 7.37 0.49 -2.40
N THR A 82 7.61 1.68 -2.91
CA THR A 82 6.57 2.72 -2.83
C THR A 82 6.32 3.44 -4.18
N SER A 83 6.71 2.84 -5.29
CA SER A 83 6.43 3.47 -6.61
C SER A 83 5.65 2.46 -7.48
N ASN A 84 4.77 1.71 -6.85
CA ASN A 84 3.93 0.71 -7.57
C ASN A 84 2.58 0.73 -6.85
N LEU A 85 2.57 0.40 -5.57
CA LEU A 85 1.30 0.50 -4.78
C LEU A 85 0.80 1.96 -4.86
N ILE A 86 1.69 2.94 -5.04
CA ILE A 86 1.21 4.36 -5.15
C ILE A 86 0.26 4.50 -6.36
N ASN A 87 0.54 3.82 -7.45
CA ASN A 87 -0.39 3.93 -8.64
C ASN A 87 -1.71 3.24 -8.28
N LEU A 88 -1.65 2.08 -7.66
CA LEU A 88 -2.93 1.36 -7.27
C LEU A 88 -3.83 2.30 -6.46
N LEU A 89 -3.26 3.07 -5.55
CA LEU A 89 -4.11 4.01 -4.74
C LEU A 89 -4.78 5.03 -5.67
N ALA A 90 -4.07 5.51 -6.68
CA ALA A 90 -4.70 6.47 -7.63
C ALA A 90 -5.01 5.79 -8.96
N GLU A 91 -5.28 4.49 -8.97
CA GLU A 91 -5.59 3.80 -10.27
C GLU A 91 -7.11 3.65 -10.42
N ASN A 92 -7.81 3.21 -9.40
CA ASN A 92 -9.29 3.05 -9.52
C ASN A 92 -10.04 4.01 -8.57
N GLY A 93 -9.50 5.19 -8.30
CA GLY A 93 -10.19 6.13 -7.39
C GLY A 93 -10.00 5.66 -5.95
N ARG A 94 -8.78 5.32 -5.57
CA ARG A 94 -8.56 4.85 -4.17
C ARG A 94 -7.86 5.94 -3.33
N LEU A 95 -8.14 7.20 -3.57
CA LEU A 95 -7.51 8.27 -2.75
C LEU A 95 -8.51 8.84 -1.72
N THR A 96 -9.50 8.05 -1.31
CA THR A 96 -10.47 8.53 -0.29
C THR A 96 -10.16 7.79 1.02
N ASN A 97 -10.11 6.47 0.97
CA ASN A 97 -9.75 5.70 2.19
C ASN A 97 -8.29 5.20 2.06
N THR A 98 -7.42 6.00 1.46
CA THR A 98 -5.99 5.54 1.31
C THR A 98 -5.21 5.50 2.65
N PRO A 99 -5.51 6.36 3.63
CA PRO A 99 -4.75 6.29 4.90
C PRO A 99 -5.10 5.00 5.67
N ALA A 100 -6.35 4.55 5.62
CA ALA A 100 -6.71 3.28 6.34
C ALA A 100 -5.81 2.12 5.86
N VAL A 101 -5.46 2.09 4.58
CA VAL A 101 -4.58 0.99 4.07
C VAL A 101 -3.23 1.02 4.82
N ILE A 102 -2.68 2.19 5.07
CA ILE A 102 -1.37 2.26 5.80
C ILE A 102 -1.53 1.69 7.22
N SER A 103 -2.65 1.93 7.88
CA SER A 103 -2.83 1.36 9.27
C SER A 103 -2.72 -0.17 9.22
N ALA A 104 -3.38 -0.81 8.28
CA ALA A 104 -3.27 -2.32 8.19
C ALA A 104 -1.79 -2.74 8.07
N PHE A 105 -0.97 -1.93 7.40
CA PHE A 105 0.49 -2.30 7.27
C PHE A 105 1.11 -2.43 8.65
N SER A 106 0.92 -1.45 9.52
CA SER A 106 1.53 -1.56 10.89
C SER A 106 0.92 -2.75 11.65
N THR A 107 -0.33 -3.10 11.40
CA THR A 107 -0.93 -4.26 12.13
C THR A 107 -0.36 -5.58 11.61
N MET A 108 -0.24 -5.76 10.31
CA MET A 108 0.35 -7.05 9.82
C MET A 108 1.87 -7.01 10.06
N MET A 109 2.49 -5.83 9.99
CA MET A 109 3.97 -5.76 10.24
C MET A 109 4.26 -6.39 11.62
N SER A 110 3.44 -6.16 12.62
CA SER A 110 3.71 -6.80 13.96
C SER A 110 3.76 -8.33 13.80
N VAL A 111 3.02 -8.90 12.88
CA VAL A 111 3.07 -10.40 12.70
C VAL A 111 4.33 -10.82 11.90
N HIS A 112 5.05 -9.89 11.29
CA HIS A 112 6.28 -10.28 10.53
C HIS A 112 7.49 -10.35 11.49
N ARG A 113 7.45 -9.67 12.62
CA ARG A 113 8.63 -9.74 13.56
C ARG A 113 8.47 -10.90 14.54
N GLY A 114 7.25 -11.21 14.97
CA GLY A 114 7.07 -12.34 15.93
C GLY A 114 6.53 -13.57 15.18
N GLU A 115 7.05 -13.86 14.01
CA GLU A 115 6.57 -15.06 13.24
C GLU A 115 7.62 -15.53 12.23
N VAL A 116 8.83 -15.80 12.68
CA VAL A 116 9.89 -16.26 11.74
C VAL A 116 10.68 -17.43 12.36
N PRO A 117 11.07 -18.38 11.53
CA PRO A 117 11.83 -19.55 12.05
C PRO A 117 13.27 -19.14 12.41
N CYS A 118 14.13 -20.09 12.73
CA CYS A 118 15.53 -19.74 13.08
C CYS A 118 16.51 -20.35 12.06
N THR A 119 17.48 -19.59 11.59
CA THR A 119 18.45 -20.14 10.61
C THR A 119 19.85 -19.58 10.87
N VAL A 120 20.89 -20.35 10.62
CA VAL A 120 22.28 -19.85 10.86
C VAL A 120 23.16 -20.15 9.65
N GLN B 1 -8.10 -8.55 -20.13
CA GLN B 1 -8.53 -9.02 -18.78
C GLN B 1 -9.36 -7.93 -18.07
N LYS B 2 -10.35 -8.31 -17.31
CA LYS B 2 -11.19 -7.29 -16.59
C LYS B 2 -11.05 -7.45 -15.07
N THR B 3 -10.32 -6.58 -14.42
CA THR B 3 -10.16 -6.70 -12.93
C THR B 3 -10.19 -5.30 -12.29
N GLY B 4 -10.78 -5.18 -11.11
CA GLY B 4 -10.84 -3.85 -10.45
C GLY B 4 -10.31 -3.97 -9.01
N THR B 5 -11.06 -4.58 -8.12
CA THR B 5 -10.59 -4.72 -6.71
C THR B 5 -10.63 -6.20 -6.29
N ALA B 6 -9.64 -6.99 -6.65
CA ALA B 6 -9.63 -8.43 -6.27
C ALA B 6 -8.21 -8.87 -5.89
N GLU B 7 -7.63 -8.31 -4.83
CA GLU B 7 -6.25 -8.71 -4.42
C GLU B 7 -5.27 -8.52 -5.60
N VAL B 8 -5.39 -7.44 -6.33
CA VAL B 8 -4.45 -7.21 -7.49
C VAL B 8 -3.03 -6.99 -6.95
N SER B 9 -2.88 -6.25 -5.86
CA SER B 9 -1.49 -6.02 -5.30
C SER B 9 -0.81 -7.37 -5.02
N SER B 10 -1.55 -8.38 -4.61
CA SER B 10 -0.91 -9.72 -4.32
C SER B 10 -0.35 -10.31 -5.61
N ILE B 11 -1.16 -10.44 -6.65
CA ILE B 11 -0.63 -11.02 -7.94
C ILE B 11 0.51 -10.15 -8.48
N LEU B 12 0.53 -8.85 -8.22
CA LEU B 12 1.65 -8.00 -8.73
C LEU B 12 2.95 -8.35 -7.98
N GLU B 13 2.88 -8.62 -6.69
CA GLU B 13 4.13 -8.97 -5.93
C GLU B 13 4.79 -10.21 -6.54
N GLU B 14 4.01 -11.19 -6.98
CA GLU B 14 4.63 -12.42 -7.60
C GLU B 14 5.49 -12.03 -8.82
N ARG B 15 5.03 -11.09 -9.62
CA ARG B 15 5.86 -10.68 -10.82
C ARG B 15 7.24 -10.16 -10.38
N ILE B 16 7.33 -9.49 -9.24
CA ILE B 16 8.67 -8.98 -8.79
C ILE B 16 9.45 -10.10 -8.08
N LEU B 17 8.78 -10.92 -7.29
CA LEU B 17 9.49 -12.02 -6.58
C LEU B 17 9.06 -13.38 -7.13
N GLY B 18 9.85 -13.98 -8.01
CA GLY B 18 9.47 -15.31 -8.58
C GLY B 18 10.71 -16.21 -8.64
N ALA B 19 11.73 -15.82 -9.38
CA ALA B 19 12.96 -16.66 -9.46
C ALA B 19 14.22 -15.78 -9.43
N ASP B 20 15.24 -16.20 -8.71
CA ASP B 20 16.48 -15.37 -8.65
C ASP B 20 17.71 -16.20 -9.10
N THR B 21 18.54 -15.66 -9.95
CA THR B 21 19.74 -16.43 -10.42
C THR B 21 20.95 -15.50 -10.56
N SER B 22 21.77 -15.38 -9.54
CA SER B 22 22.96 -14.48 -9.63
C SER B 22 24.25 -15.29 -9.44
N VAL B 23 25.25 -15.10 -10.29
CA VAL B 23 26.52 -15.86 -10.14
C VAL B 23 27.72 -14.90 -10.21
N ASP B 24 28.32 -14.58 -9.07
CA ASP B 24 29.49 -13.65 -9.09
C ASP B 24 30.52 -14.06 -8.02
N LEU B 25 30.13 -14.11 -6.76
CA LEU B 25 31.10 -14.51 -5.69
C LEU B 25 30.43 -15.48 -4.73
N PHE A 1 -15.83 -13.12 37.61
CA PHE A 1 -16.91 -13.32 36.60
C PHE A 1 -16.54 -12.59 35.29
N ALA A 2 -15.60 -13.11 34.54
CA ALA A 2 -15.21 -12.44 33.26
C ALA A 2 -15.30 -13.44 32.09
N LYS A 3 -16.47 -13.64 31.53
CA LYS A 3 -16.60 -14.59 30.39
C LYS A 3 -17.46 -13.98 29.27
N LEU A 4 -16.88 -13.13 28.43
CA LEU A 4 -17.68 -12.51 27.34
C LEU A 4 -16.93 -12.64 26.00
N VAL A 5 -17.42 -12.01 24.95
CA VAL A 5 -16.74 -12.10 23.63
C VAL A 5 -16.18 -10.73 23.22
N ARG A 6 -15.00 -10.37 23.71
CA ARG A 6 -14.42 -9.04 23.35
C ARG A 6 -12.97 -9.21 22.86
N PRO A 7 -12.82 -9.87 21.72
CA PRO A 7 -11.46 -10.09 21.16
C PRO A 7 -10.89 -8.77 20.59
N PRO A 8 -9.60 -8.76 20.31
CA PRO A 8 -8.97 -7.54 19.75
C PRO A 8 -9.39 -7.34 18.30
N VAL A 9 -8.90 -6.31 17.63
CA VAL A 9 -9.28 -6.08 16.21
C VAL A 9 -8.04 -6.03 15.32
N GLN A 10 -7.98 -6.85 14.29
CA GLN A 10 -6.78 -6.85 13.39
C GLN A 10 -7.22 -7.07 11.93
N ILE A 11 -6.68 -6.31 10.99
CA ILE A 11 -7.07 -6.46 9.55
C ILE A 11 -8.58 -6.28 9.37
N TYR A 12 -9.00 -5.18 8.79
CA TYR A 12 -10.48 -4.92 8.61
C TYR A 12 -10.72 -4.10 7.34
N GLY A 13 -10.78 -4.73 6.18
CA GLY A 13 -11.01 -3.97 4.92
C GLY A 13 -9.91 -4.32 3.91
N ILE A 14 -10.28 -4.88 2.77
CA ILE A 14 -9.25 -5.25 1.72
C ILE A 14 -8.21 -4.12 1.53
N GLU A 15 -8.62 -2.86 1.65
CA GLU A 15 -7.62 -1.73 1.50
C GLU A 15 -6.41 -1.97 2.42
N GLY A 16 -6.62 -2.53 3.60
CA GLY A 16 -5.46 -2.80 4.50
C GLY A 16 -4.59 -3.90 3.89
N ARG A 17 -5.20 -4.93 3.32
CA ARG A 17 -4.38 -6.03 2.70
C ARG A 17 -3.46 -5.46 1.61
N TYR A 18 -3.84 -4.38 0.94
CA TYR A 18 -2.93 -3.81 -0.13
C TYR A 18 -1.53 -3.57 0.47
N ALA A 19 -1.45 -3.14 1.71
CA ALA A 19 -0.10 -2.91 2.32
C ALA A 19 0.55 -4.26 2.64
N THR A 20 -0.22 -5.23 3.10
CA THR A 20 0.39 -6.57 3.40
C THR A 20 0.69 -7.33 2.10
N ALA A 21 -0.15 -7.22 1.10
CA ALA A 21 0.17 -7.92 -0.19
C ALA A 21 1.33 -7.21 -0.91
N LEU A 22 1.66 -5.98 -0.54
CA LEU A 22 2.81 -5.29 -1.21
C LEU A 22 4.04 -5.43 -0.31
N TYR A 23 3.89 -5.23 0.97
CA TYR A 23 5.07 -5.39 1.87
C TYR A 23 5.31 -6.90 2.14
N SER A 24 4.35 -7.80 1.85
CA SER A 24 4.61 -9.28 2.10
C SER A 24 5.94 -9.65 1.42
N ALA A 25 6.20 -9.12 0.24
CA ALA A 25 7.51 -9.38 -0.42
C ALA A 25 8.55 -8.50 0.30
N ALA A 26 8.20 -7.26 0.61
CA ALA A 26 9.17 -6.36 1.34
C ALA A 26 9.63 -7.03 2.65
N SER A 27 8.76 -7.76 3.33
CA SER A 27 9.21 -8.44 4.61
C SER A 27 10.43 -9.32 4.33
N LYS A 28 10.44 -10.02 3.22
CA LYS A 28 11.64 -10.88 2.89
C LYS A 28 12.82 -9.97 2.52
N GLN A 29 12.57 -8.88 1.81
CA GLN A 29 13.69 -7.95 1.46
C GLN A 29 14.01 -6.97 2.62
N ASN A 30 13.27 -7.01 3.73
CA ASN A 30 13.54 -6.09 4.88
C ASN A 30 13.21 -4.64 4.48
N LYS A 31 12.12 -4.44 3.76
CA LYS A 31 11.75 -3.05 3.36
C LYS A 31 10.56 -2.52 4.19
N LEU A 32 10.19 -3.18 5.30
CA LEU A 32 9.03 -2.66 6.14
C LEU A 32 9.20 -1.16 6.40
N GLU A 33 10.43 -0.71 6.61
CA GLU A 33 10.63 0.77 6.81
C GLU A 33 10.55 1.44 5.42
N GLN A 34 11.16 0.84 4.42
CA GLN A 34 11.08 1.43 3.04
C GLN A 34 9.62 1.55 2.58
N VAL A 35 8.73 0.70 3.07
CA VAL A 35 7.29 0.80 2.63
C VAL A 35 6.41 1.41 3.73
N GLU A 36 6.59 1.03 4.98
CA GLU A 36 5.72 1.61 6.07
C GLU A 36 5.95 3.12 6.24
N LYS A 37 7.15 3.61 5.98
CA LYS A 37 7.39 5.08 6.17
C LYS A 37 7.07 5.86 4.89
N GLU A 38 7.35 5.31 3.72
CA GLU A 38 7.03 6.06 2.46
C GLU A 38 5.50 6.03 2.23
N LEU A 39 4.84 4.93 2.55
CA LEU A 39 3.35 4.88 2.35
C LEU A 39 2.68 6.01 3.16
N LEU A 40 3.21 6.36 4.32
CA LEU A 40 2.57 7.48 5.12
C LEU A 40 2.49 8.76 4.28
N ARG A 41 3.46 9.00 3.40
CA ARG A 41 3.41 10.26 2.56
C ARG A 41 2.12 10.27 1.71
N VAL A 42 1.77 9.15 1.10
CA VAL A 42 0.51 9.13 0.27
C VAL A 42 -0.71 9.42 1.17
N GLY A 43 -0.73 8.87 2.37
CA GLY A 43 -1.89 9.13 3.28
C GLY A 43 -1.93 10.61 3.64
N GLN A 44 -0.79 11.19 4.00
CA GLN A 44 -0.78 12.66 4.35
C GLN A 44 -1.17 13.49 3.12
N ILE A 45 -0.66 13.13 1.94
CA ILE A 45 -1.01 13.92 0.71
C ILE A 45 -2.54 13.87 0.49
N LEU A 46 -3.16 12.74 0.70
CA LEU A 46 -4.65 12.67 0.52
C LEU A 46 -5.36 13.31 1.72
N LYS A 47 -4.82 13.17 2.91
CA LYS A 47 -5.48 13.80 4.10
C LYS A 47 -5.21 15.31 4.14
N GLU A 48 -4.11 15.78 3.55
CA GLU A 48 -3.84 17.26 3.57
C GLU A 48 -5.05 18.03 3.00
N PRO A 49 -5.47 19.07 3.68
CA PRO A 49 -6.64 19.86 3.21
C PRO A 49 -6.29 20.66 1.93
N LYS A 50 -5.06 21.13 1.80
CA LYS A 50 -4.70 21.89 0.56
C LYS A 50 -4.48 20.91 -0.61
N MET A 51 -3.97 19.72 -0.33
CA MET A 51 -3.75 18.73 -1.43
C MET A 51 -5.02 17.86 -1.63
N ALA A 52 -5.80 17.61 -0.60
CA ALA A 52 -7.03 16.76 -0.78
C ALA A 52 -7.94 17.37 -1.85
N ALA A 53 -8.08 18.69 -1.87
CA ALA A 53 -8.95 19.33 -2.93
C ALA A 53 -8.48 18.92 -4.34
N SER A 54 -7.19 18.74 -4.54
CA SER A 54 -6.70 18.35 -5.91
C SER A 54 -7.02 16.86 -6.17
N LEU A 55 -6.57 15.96 -5.33
CA LEU A 55 -6.86 14.50 -5.58
C LEU A 55 -8.39 14.24 -5.65
N LEU A 56 -9.21 15.06 -5.01
CA LEU A 56 -10.69 14.83 -5.07
C LEU A 56 -11.33 15.68 -6.20
N ASN A 57 -10.77 16.83 -6.54
CA ASN A 57 -11.40 17.68 -7.62
C ASN A 57 -11.66 16.86 -8.88
N PRO A 58 -12.69 17.24 -9.62
CA PRO A 58 -13.02 16.53 -10.89
C PRO A 58 -12.13 17.01 -12.05
N TYR A 59 -11.22 17.96 -11.84
CA TYR A 59 -10.35 18.43 -12.97
C TYR A 59 -9.07 17.58 -13.04
N VAL A 60 -8.54 17.14 -11.90
CA VAL A 60 -7.28 16.30 -11.95
C VAL A 60 -7.49 15.07 -12.87
N LYS A 61 -8.71 14.57 -13.03
CA LYS A 61 -8.94 13.38 -13.92
C LYS A 61 -8.10 12.18 -13.45
N ARG A 62 -8.07 11.11 -14.21
CA ARG A 62 -7.28 9.92 -13.80
C ARG A 62 -5.99 9.82 -14.65
N SER A 63 -6.12 9.79 -15.96
CA SER A 63 -4.89 9.70 -16.83
C SER A 63 -3.94 10.88 -16.51
N VAL A 64 -4.48 12.07 -16.32
CA VAL A 64 -3.61 13.24 -15.99
C VAL A 64 -3.00 13.03 -14.59
N LYS A 65 -3.78 12.54 -13.65
CA LYS A 65 -3.22 12.30 -12.26
C LYS A 65 -2.06 11.30 -12.33
N VAL A 66 -2.12 10.31 -13.20
CA VAL A 66 -0.99 9.31 -13.28
C VAL A 66 0.32 10.06 -13.62
N LYS A 67 0.28 11.03 -14.51
CA LYS A 67 1.54 11.77 -14.84
C LYS A 67 2.01 12.58 -13.62
N SER A 68 1.08 13.22 -12.93
CA SER A 68 1.50 14.02 -11.71
C SER A 68 2.05 13.07 -10.63
N LEU A 69 1.45 11.90 -10.46
CA LEU A 69 1.98 10.95 -9.42
C LEU A 69 3.41 10.51 -9.78
N SER A 70 3.67 10.24 -11.04
CA SER A 70 5.06 9.82 -11.43
C SER A 70 6.04 10.98 -11.22
N ASP A 71 5.64 12.19 -11.58
CA ASP A 71 6.56 13.37 -11.38
C ASP A 71 6.72 13.68 -9.87
N MET A 72 5.85 13.19 -9.00
CA MET A 72 6.02 13.46 -7.54
C MET A 72 6.89 12.35 -6.96
N THR A 73 6.61 11.11 -7.32
CA THR A 73 7.47 9.98 -6.81
C THR A 73 8.91 10.18 -7.34
N ALA A 74 9.09 10.66 -8.56
CA ALA A 74 10.48 10.87 -9.10
C ALA A 74 11.20 11.97 -8.28
N LYS A 75 10.51 13.02 -7.90
CA LYS A 75 11.17 14.10 -7.10
C LYS A 75 11.13 13.78 -5.59
N GLU A 76 10.11 13.06 -5.13
CA GLU A 76 10.05 12.71 -3.66
C GLU A 76 11.12 11.67 -3.26
N LYS A 77 11.81 11.03 -4.20
CA LYS A 77 12.85 10.01 -3.83
C LYS A 77 12.18 8.90 -2.99
N PHE A 78 11.06 8.37 -3.44
CA PHE A 78 10.37 7.28 -2.66
C PHE A 78 11.33 6.11 -2.41
N SER A 79 10.84 5.01 -1.88
CA SER A 79 11.72 3.84 -1.62
C SER A 79 11.54 2.82 -2.73
N PRO A 80 12.25 1.73 -2.65
CA PRO A 80 12.12 0.69 -3.70
C PRO A 80 10.75 -0.01 -3.66
N LEU A 81 9.94 0.18 -2.63
CA LEU A 81 8.61 -0.49 -2.62
C LEU A 81 7.49 0.55 -2.55
N THR A 82 7.73 1.77 -3.02
CA THR A 82 6.65 2.79 -2.96
C THR A 82 6.41 3.45 -4.33
N SER A 83 6.88 2.86 -5.43
CA SER A 83 6.60 3.44 -6.77
C SER A 83 5.86 2.38 -7.58
N ASN A 84 4.85 1.80 -6.97
CA ASN A 84 4.01 0.75 -7.62
C ASN A 84 2.66 0.78 -6.90
N LEU A 85 2.67 0.57 -5.59
CA LEU A 85 1.40 0.69 -4.80
C LEU A 85 0.81 2.10 -5.02
N ILE A 86 1.62 3.12 -5.32
CA ILE A 86 1.04 4.48 -5.57
C ILE A 86 0.12 4.40 -6.81
N ASN A 87 0.54 3.70 -7.86
CA ASN A 87 -0.34 3.59 -9.07
C ASN A 87 -1.66 2.92 -8.68
N LEU A 88 -1.62 1.78 -8.03
CA LEU A 88 -2.90 1.09 -7.62
C LEU A 88 -3.80 2.07 -6.85
N LEU A 89 -3.24 2.90 -5.99
CA LEU A 89 -4.08 3.88 -5.24
C LEU A 89 -4.78 4.82 -6.24
N ALA A 90 -4.07 5.26 -7.27
CA ALA A 90 -4.70 6.15 -8.28
C ALA A 90 -4.97 5.36 -9.58
N GLU A 91 -5.21 4.05 -9.49
CA GLU A 91 -5.48 3.26 -10.73
C GLU A 91 -7.00 3.06 -10.91
N ASN A 92 -7.70 2.68 -9.86
CA ASN A 92 -9.17 2.48 -9.98
C ASN A 92 -9.93 3.36 -8.97
N GLY A 93 -9.42 4.53 -8.63
CA GLY A 93 -10.13 5.39 -7.65
C GLY A 93 -9.84 4.87 -6.24
N ARG A 94 -8.60 4.63 -5.90
CA ARG A 94 -8.28 4.11 -4.53
C ARG A 94 -7.62 5.20 -3.67
N LEU A 95 -7.90 6.47 -3.90
CA LEU A 95 -7.28 7.53 -3.04
C LEU A 95 -8.36 8.13 -2.11
N THR A 96 -9.35 7.35 -1.73
CA THR A 96 -10.40 7.85 -0.79
C THR A 96 -10.16 7.18 0.56
N ASN A 97 -10.04 5.86 0.58
CA ASN A 97 -9.73 5.15 1.85
C ASN A 97 -8.24 4.75 1.84
N THR A 98 -7.36 5.59 1.28
CA THR A 98 -5.91 5.24 1.24
C THR A 98 -5.25 5.22 2.65
N PRO A 99 -5.68 6.07 3.59
CA PRO A 99 -5.03 6.04 4.93
C PRO A 99 -5.26 4.68 5.60
N ALA A 100 -6.41 4.05 5.40
CA ALA A 100 -6.65 2.70 6.02
C ALA A 100 -5.57 1.71 5.51
N VAL A 101 -5.15 1.82 4.26
CA VAL A 101 -4.10 0.88 3.75
C VAL A 101 -2.81 1.05 4.58
N ILE A 102 -2.47 2.26 4.96
CA ILE A 102 -1.22 2.45 5.78
C ILE A 102 -1.44 1.94 7.22
N SER A 103 -2.61 2.15 7.78
CA SER A 103 -2.86 1.66 9.20
C SER A 103 -2.68 0.14 9.25
N ALA A 104 -3.31 -0.59 8.34
CA ALA A 104 -3.15 -2.10 8.36
C ALA A 104 -1.66 -2.46 8.27
N PHE A 105 -0.86 -1.69 7.55
CA PHE A 105 0.60 -2.01 7.44
C PHE A 105 1.23 -2.02 8.85
N SER A 106 0.95 -1.02 9.66
CA SER A 106 1.56 -0.99 11.04
C SER A 106 1.04 -2.19 11.87
N THR A 107 -0.22 -2.55 11.72
CA THR A 107 -0.75 -3.72 12.51
C THR A 107 -0.23 -5.03 11.92
N MET A 108 -0.12 -5.14 10.60
CA MET A 108 0.42 -6.41 10.02
C MET A 108 1.94 -6.45 10.24
N MET A 109 2.61 -5.30 10.25
CA MET A 109 4.10 -5.32 10.50
C MET A 109 4.37 -6.01 11.84
N SER A 110 3.57 -5.75 12.86
CA SER A 110 3.82 -6.45 14.19
C SER A 110 3.83 -7.99 13.97
N VAL A 111 3.02 -8.51 13.08
CA VAL A 111 3.03 -9.99 12.84
C VAL A 111 4.28 -10.43 12.06
N HIS A 112 5.01 -9.52 11.42
CA HIS A 112 6.23 -9.95 10.69
C HIS A 112 7.43 -10.02 11.66
N ARG A 113 7.38 -9.31 12.79
CA ARG A 113 8.54 -9.38 13.74
C ARG A 113 8.29 -10.43 14.83
N GLY A 114 7.06 -10.61 15.26
CA GLY A 114 6.78 -11.63 16.33
C GLY A 114 6.81 -13.05 15.75
N GLU A 115 6.35 -13.23 14.52
CA GLU A 115 6.38 -14.60 13.92
C GLU A 115 7.55 -14.74 12.92
N VAL A 116 8.78 -14.59 13.39
CA VAL A 116 9.95 -14.72 12.47
C VAL A 116 11.17 -15.26 13.24
N PRO A 117 11.12 -16.54 13.59
CA PRO A 117 12.25 -17.15 14.33
C PRO A 117 13.46 -17.33 13.41
N CYS A 118 14.55 -16.64 13.67
CA CYS A 118 15.75 -16.79 12.80
C CYS A 118 17.03 -16.71 13.64
N THR A 119 17.13 -17.50 14.70
CA THR A 119 18.36 -17.46 15.56
C THR A 119 18.97 -18.87 15.68
N VAL A 120 19.84 -19.25 14.76
CA VAL A 120 20.46 -20.60 14.84
C VAL A 120 21.94 -20.54 14.42
N GLN B 1 -12.59 -8.78 -17.85
CA GLN B 1 -12.35 -8.43 -19.28
C GLN B 1 -11.64 -7.07 -19.38
N LYS B 2 -12.19 -6.04 -18.77
CA LYS B 2 -11.54 -4.70 -18.84
C LYS B 2 -11.12 -4.23 -17.44
N THR B 3 -12.05 -4.13 -16.51
CA THR B 3 -11.69 -3.69 -15.14
C THR B 3 -12.01 -4.79 -14.12
N GLY B 4 -10.99 -5.38 -13.51
CA GLY B 4 -11.24 -6.47 -12.52
C GLY B 4 -10.63 -6.07 -11.16
N THR B 5 -11.35 -6.26 -10.08
CA THR B 5 -10.81 -5.89 -8.74
C THR B 5 -10.69 -7.14 -7.86
N ALA B 6 -9.74 -8.01 -8.15
CA ALA B 6 -9.58 -9.25 -7.31
C ALA B 6 -8.15 -9.34 -6.78
N GLU B 7 -7.76 -8.46 -5.87
CA GLU B 7 -6.38 -8.49 -5.30
C GLU B 7 -5.33 -8.45 -6.44
N VAL B 8 -5.54 -7.61 -7.44
CA VAL B 8 -4.56 -7.54 -8.58
C VAL B 8 -3.14 -7.24 -8.04
N SER B 9 -3.02 -6.50 -6.96
CA SER B 9 -1.64 -6.22 -6.41
C SER B 9 -1.03 -7.53 -5.87
N SER B 10 -1.82 -8.39 -5.25
CA SER B 10 -1.24 -9.67 -4.73
C SER B 10 -0.75 -10.54 -5.88
N ILE B 11 -1.55 -10.74 -6.91
CA ILE B 11 -1.08 -11.60 -8.06
C ILE B 11 0.15 -10.93 -8.73
N LEU B 12 0.19 -9.61 -8.81
CA LEU B 12 1.38 -8.95 -9.44
C LEU B 12 2.65 -9.25 -8.61
N GLU B 13 2.54 -9.30 -7.30
CA GLU B 13 3.76 -9.60 -6.46
C GLU B 13 4.39 -10.94 -6.89
N GLU B 14 3.58 -11.91 -7.29
CA GLU B 14 4.17 -13.23 -7.73
C GLU B 14 5.20 -13.01 -8.85
N ARG B 15 4.97 -12.06 -9.74
CA ARG B 15 5.96 -11.80 -10.84
C ARG B 15 7.35 -11.48 -10.25
N ILE B 16 7.40 -10.77 -9.13
CA ILE B 16 8.74 -10.44 -8.52
C ILE B 16 9.15 -11.55 -7.55
N LEU B 17 8.26 -12.01 -6.70
CA LEU B 17 8.62 -13.09 -5.73
C LEU B 17 7.76 -14.34 -6.00
N GLY B 18 8.30 -15.32 -6.70
CA GLY B 18 7.51 -16.55 -6.99
C GLY B 18 8.06 -17.73 -6.15
N ALA B 19 9.28 -18.16 -6.41
CA ALA B 19 9.85 -19.30 -5.63
C ALA B 19 11.08 -18.83 -4.85
N ASP B 20 11.20 -19.23 -3.59
CA ASP B 20 12.38 -18.81 -2.78
C ASP B 20 12.85 -19.96 -1.87
N THR B 21 12.83 -21.18 -2.36
CA THR B 21 13.27 -22.33 -1.52
C THR B 21 13.98 -23.39 -2.38
N SER B 22 15.11 -23.04 -2.98
CA SER B 22 15.84 -24.02 -3.82
C SER B 22 17.26 -24.26 -3.25
N VAL B 23 17.37 -24.89 -2.10
CA VAL B 23 18.72 -25.15 -1.51
C VAL B 23 18.76 -26.52 -0.82
N ASP B 24 18.30 -27.57 -1.49
CA ASP B 24 18.31 -28.92 -0.85
C ASP B 24 18.84 -29.96 -1.85
N LEU B 25 19.86 -29.63 -2.62
CA LEU B 25 20.40 -30.61 -3.60
C LEU B 25 21.92 -30.51 -3.67
N PHE A 1 -20.87 13.26 13.46
CA PHE A 1 -21.24 12.41 14.63
C PHE A 1 -20.41 11.13 14.64
N ALA A 2 -19.28 11.12 15.33
CA ALA A 2 -18.43 9.89 15.36
C ALA A 2 -17.99 9.60 16.81
N LYS A 3 -18.93 9.38 17.71
CA LYS A 3 -18.55 9.08 19.13
C LYS A 3 -19.00 7.67 19.52
N LEU A 4 -18.28 6.64 19.11
CA LEU A 4 -18.68 5.26 19.46
C LEU A 4 -17.45 4.43 19.89
N VAL A 5 -17.65 3.34 20.59
CA VAL A 5 -16.48 2.50 21.02
C VAL A 5 -16.59 1.09 20.42
N ARG A 6 -15.58 0.64 19.71
CA ARG A 6 -15.65 -0.73 19.10
C ARG A 6 -14.48 -1.59 19.62
N PRO A 7 -14.62 -2.89 19.49
CA PRO A 7 -13.55 -3.81 19.96
C PRO A 7 -12.34 -3.74 19.02
N PRO A 8 -11.19 -4.17 19.52
CA PRO A 8 -9.97 -4.15 18.68
C PRO A 8 -10.02 -5.26 17.62
N VAL A 9 -9.63 -4.97 16.39
CA VAL A 9 -9.67 -6.01 15.33
C VAL A 9 -8.45 -5.88 14.41
N GLN A 10 -8.07 -6.94 13.72
CA GLN A 10 -6.88 -6.87 12.81
C GLN A 10 -7.33 -7.13 11.36
N ILE A 11 -6.80 -6.39 10.40
CA ILE A 11 -7.19 -6.59 8.96
C ILE A 11 -8.71 -6.44 8.78
N TYR A 12 -9.16 -5.37 8.17
CA TYR A 12 -10.63 -5.13 8.00
C TYR A 12 -10.90 -4.32 6.72
N GLY A 13 -10.98 -4.96 5.57
CA GLY A 13 -11.22 -4.20 4.32
C GLY A 13 -10.11 -4.49 3.31
N ILE A 14 -10.44 -5.03 2.16
CA ILE A 14 -9.39 -5.35 1.12
C ILE A 14 -8.39 -4.18 0.97
N GLU A 15 -8.82 -2.95 1.13
CA GLU A 15 -7.85 -1.79 1.02
C GLU A 15 -6.64 -2.03 1.95
N GLY A 16 -6.86 -2.62 3.10
CA GLY A 16 -5.71 -2.90 4.02
C GLY A 16 -4.84 -3.99 3.38
N ARG A 17 -5.42 -5.00 2.76
CA ARG A 17 -4.60 -6.07 2.11
C ARG A 17 -3.65 -5.46 1.07
N TYR A 18 -4.00 -4.35 0.43
CA TYR A 18 -3.06 -3.73 -0.58
C TYR A 18 -1.69 -3.52 0.07
N ALA A 19 -1.64 -3.15 1.33
CA ALA A 19 -0.30 -2.96 2.00
C ALA A 19 0.32 -4.33 2.29
N THR A 20 -0.47 -5.29 2.72
CA THR A 20 0.12 -6.65 3.01
C THR A 20 0.46 -7.38 1.70
N ALA A 21 -0.32 -7.19 0.65
CA ALA A 21 0.03 -7.88 -0.64
C ALA A 21 1.22 -7.15 -1.31
N LEU A 22 1.53 -5.94 -0.92
CA LEU A 22 2.70 -5.23 -1.55
C LEU A 22 3.91 -5.38 -0.62
N TYR A 23 3.71 -5.20 0.67
CA TYR A 23 4.86 -5.37 1.60
C TYR A 23 5.10 -6.88 1.86
N SER A 24 4.16 -7.78 1.52
CA SER A 24 4.43 -9.26 1.74
C SER A 24 5.78 -9.61 1.10
N ALA A 25 6.06 -9.06 -0.08
CA ALA A 25 7.39 -9.31 -0.71
C ALA A 25 8.41 -8.45 0.07
N ALA A 26 8.06 -7.22 0.41
CA ALA A 26 9.01 -6.35 1.19
C ALA A 26 9.43 -7.07 2.50
N SER A 27 8.52 -7.78 3.14
CA SER A 27 8.90 -8.51 4.42
C SER A 27 10.12 -9.40 4.15
N LYS A 28 10.13 -10.10 3.03
CA LYS A 28 11.32 -10.98 2.70
C LYS A 28 12.54 -10.08 2.42
N GLN A 29 12.34 -8.97 1.74
CA GLN A 29 13.51 -8.05 1.47
C GLN A 29 13.81 -7.16 2.70
N ASN A 30 13.01 -7.20 3.76
CA ASN A 30 13.27 -6.36 4.96
C ASN A 30 13.04 -4.88 4.62
N LYS A 31 12.01 -4.58 3.86
CA LYS A 31 11.73 -3.15 3.51
C LYS A 31 10.50 -2.61 4.27
N LEU A 32 10.03 -3.29 5.32
CA LEU A 32 8.84 -2.77 6.10
C LEU A 32 9.03 -1.28 6.43
N GLU A 33 10.25 -0.86 6.70
CA GLU A 33 10.48 0.60 6.98
C GLU A 33 10.45 1.34 5.62
N GLN A 34 11.06 0.78 4.60
CA GLN A 34 11.03 1.45 3.25
C GLN A 34 9.59 1.60 2.75
N VAL A 35 8.69 0.71 3.14
CA VAL A 35 7.28 0.83 2.66
C VAL A 35 6.38 1.44 3.74
N GLU A 36 6.53 1.05 4.99
CA GLU A 36 5.65 1.64 6.07
C GLU A 36 5.92 3.14 6.27
N LYS A 37 7.14 3.60 6.05
CA LYS A 37 7.43 5.07 6.26
C LYS A 37 7.14 5.87 4.99
N GLU A 38 7.40 5.34 3.82
CA GLU A 38 7.10 6.12 2.58
C GLU A 38 5.58 6.18 2.37
N LEU A 39 4.86 5.10 2.65
CA LEU A 39 3.36 5.13 2.49
C LEU A 39 2.78 6.31 3.28
N LEU A 40 3.35 6.63 4.44
CA LEU A 40 2.80 7.79 5.25
C LEU A 40 2.76 9.07 4.38
N ARG A 41 3.70 9.24 3.47
CA ARG A 41 3.67 10.48 2.61
C ARG A 41 2.35 10.57 1.84
N VAL A 42 1.91 9.46 1.24
CA VAL A 42 0.61 9.51 0.48
C VAL A 42 -0.54 9.82 1.47
N GLY A 43 -0.49 9.26 2.67
CA GLY A 43 -1.57 9.56 3.66
C GLY A 43 -1.53 11.05 4.03
N GLN A 44 -0.36 11.59 4.32
CA GLN A 44 -0.29 13.06 4.66
C GLN A 44 -0.78 13.89 3.46
N ILE A 45 -0.37 13.53 2.26
CA ILE A 45 -0.84 14.30 1.05
C ILE A 45 -2.36 14.20 0.93
N LEU A 46 -2.95 13.06 1.28
CA LEU A 46 -4.45 12.94 1.18
C LEU A 46 -5.12 13.73 2.32
N LYS A 47 -4.56 13.69 3.52
CA LYS A 47 -5.17 14.45 4.65
C LYS A 47 -4.88 15.96 4.50
N GLU A 48 -3.79 16.34 3.87
CA GLU A 48 -3.50 17.81 3.71
C GLU A 48 -4.69 18.52 3.04
N PRO A 49 -5.01 19.72 3.50
CA PRO A 49 -6.14 20.47 2.92
C PRO A 49 -5.77 21.00 1.52
N LYS A 50 -4.58 21.54 1.36
CA LYS A 50 -4.17 22.07 0.00
C LYS A 50 -4.26 20.95 -1.05
N MET A 51 -3.91 19.73 -0.69
CA MET A 51 -4.00 18.60 -1.68
C MET A 51 -5.46 18.12 -1.84
N ALA A 52 -6.29 18.23 -0.81
CA ALA A 52 -7.72 17.77 -0.94
C ALA A 52 -8.36 18.36 -2.19
N ALA A 53 -8.02 19.59 -2.55
CA ALA A 53 -8.62 20.21 -3.78
C ALA A 53 -8.17 19.44 -5.05
N SER A 54 -6.98 18.87 -5.05
CA SER A 54 -6.51 18.11 -6.27
C SER A 54 -6.72 16.60 -6.09
N LEU A 55 -6.52 16.05 -4.90
CA LEU A 55 -6.72 14.58 -4.71
C LEU A 55 -8.16 14.19 -5.09
N LEU A 56 -9.13 14.98 -4.68
CA LEU A 56 -10.55 14.66 -5.03
C LEU A 56 -11.08 15.64 -6.09
N ASN A 57 -10.26 16.03 -7.04
CA ASN A 57 -10.76 16.97 -8.09
C ASN A 57 -11.17 16.21 -9.35
N PRO A 58 -12.45 16.28 -9.71
CA PRO A 58 -12.92 15.60 -10.94
C PRO A 58 -12.67 16.48 -12.20
N TYR A 59 -11.89 17.56 -12.09
CA TYR A 59 -11.61 18.42 -13.28
C TYR A 59 -10.31 18.01 -13.98
N VAL A 60 -9.40 17.31 -13.30
CA VAL A 60 -8.12 16.90 -13.98
C VAL A 60 -8.18 15.44 -14.45
N LYS A 61 -9.33 14.98 -14.92
CA LYS A 61 -9.44 13.56 -15.40
C LYS A 61 -8.88 12.56 -14.37
N ARG A 62 -8.83 11.29 -14.71
CA ARG A 62 -8.30 10.27 -13.74
C ARG A 62 -6.98 9.69 -14.28
N SER A 63 -6.99 9.14 -15.47
CA SER A 63 -5.72 8.56 -16.03
C SER A 63 -4.65 9.67 -16.15
N VAL A 64 -5.02 10.86 -16.57
CA VAL A 64 -4.02 11.97 -16.68
C VAL A 64 -3.48 12.30 -15.28
N LYS A 65 -4.34 12.35 -14.28
CA LYS A 65 -3.84 12.67 -12.89
C LYS A 65 -2.78 11.64 -12.45
N VAL A 66 -2.90 10.39 -12.87
CA VAL A 66 -1.87 9.37 -12.47
C VAL A 66 -0.46 9.82 -12.93
N LYS A 67 -0.36 10.41 -14.11
CA LYS A 67 1.00 10.87 -14.58
C LYS A 67 1.59 11.87 -13.58
N SER A 68 0.79 12.76 -13.02
CA SER A 68 1.34 13.74 -12.02
C SER A 68 1.98 12.99 -10.84
N LEU A 69 1.40 11.90 -10.39
CA LEU A 69 2.02 11.14 -9.24
C LEU A 69 3.44 10.70 -9.60
N SER A 70 3.65 10.20 -10.80
CA SER A 70 5.03 9.76 -11.18
C SER A 70 5.99 10.97 -11.14
N ASP A 71 5.56 12.12 -11.62
CA ASP A 71 6.46 13.33 -11.57
C ASP A 71 6.67 13.81 -10.12
N MET A 72 5.85 13.39 -9.17
CA MET A 72 6.06 13.82 -7.76
C MET A 72 7.00 12.80 -7.11
N THR A 73 6.76 11.53 -7.33
CA THR A 73 7.67 10.48 -6.77
C THR A 73 9.12 10.75 -7.26
N ALA A 74 9.30 11.20 -8.49
CA ALA A 74 10.70 11.50 -8.98
C ALA A 74 11.40 12.48 -8.03
N LYS A 75 10.68 13.46 -7.52
CA LYS A 75 11.32 14.45 -6.57
C LYS A 75 11.19 13.95 -5.11
N GLU A 76 10.12 13.24 -4.78
CA GLU A 76 9.96 12.74 -3.37
C GLU A 76 11.06 11.71 -3.01
N LYS A 77 11.74 11.12 -3.99
CA LYS A 77 12.80 10.11 -3.67
C LYS A 77 12.19 8.95 -2.88
N PHE A 78 11.06 8.43 -3.33
CA PHE A 78 10.41 7.29 -2.58
C PHE A 78 11.40 6.12 -2.42
N SER A 79 10.94 4.99 -1.91
CA SER A 79 11.86 3.84 -1.72
C SER A 79 11.60 2.82 -2.83
N PRO A 80 12.24 1.67 -2.76
CA PRO A 80 12.03 0.65 -3.80
C PRO A 80 10.65 -0.02 -3.69
N LEU A 81 9.90 0.21 -2.61
CA LEU A 81 8.56 -0.42 -2.51
C LEU A 81 7.48 0.68 -2.45
N THR A 82 7.74 1.85 -3.01
CA THR A 82 6.70 2.92 -2.96
C THR A 82 6.53 3.61 -4.32
N SER A 83 6.90 2.98 -5.43
CA SER A 83 6.68 3.61 -6.77
C SER A 83 5.90 2.60 -7.61
N ASN A 84 4.82 2.11 -7.05
CA ASN A 84 3.93 1.12 -7.73
C ASN A 84 2.61 1.12 -6.95
N LEU A 85 2.69 0.86 -5.64
CA LEU A 85 1.46 0.94 -4.80
C LEU A 85 0.85 2.36 -4.94
N ILE A 86 1.66 3.39 -5.20
CA ILE A 86 1.05 4.76 -5.36
C ILE A 86 0.12 4.77 -6.57
N ASN A 87 0.51 4.15 -7.67
CA ASN A 87 -0.39 4.12 -8.87
C ASN A 87 -1.71 3.42 -8.49
N LEU A 88 -1.63 2.27 -7.85
CA LEU A 88 -2.90 1.55 -7.44
C LEU A 88 -3.81 2.50 -6.65
N LEU A 89 -3.25 3.30 -5.77
CA LEU A 89 -4.11 4.26 -4.99
C LEU A 89 -4.79 5.23 -5.96
N ALA A 90 -4.08 5.70 -6.97
CA ALA A 90 -4.72 6.62 -7.95
C ALA A 90 -5.02 5.87 -9.27
N GLU A 91 -5.26 4.57 -9.22
CA GLU A 91 -5.57 3.82 -10.48
C GLU A 91 -7.09 3.68 -10.65
N ASN A 92 -7.81 3.35 -9.60
CA ASN A 92 -9.29 3.23 -9.72
C ASN A 92 -9.99 4.07 -8.65
N GLY A 93 -9.44 5.20 -8.24
CA GLY A 93 -10.10 6.04 -7.22
C GLY A 93 -9.77 5.48 -5.83
N ARG A 94 -8.52 5.18 -5.54
CA ARG A 94 -8.18 4.63 -4.20
C ARG A 94 -7.39 5.65 -3.35
N LEU A 95 -7.49 6.93 -3.62
CA LEU A 95 -6.76 7.93 -2.77
C LEU A 95 -7.76 8.66 -1.86
N THR A 96 -8.79 7.98 -1.42
CA THR A 96 -9.78 8.61 -0.50
C THR A 96 -9.62 7.96 0.87
N ASN A 97 -9.67 6.64 0.93
CA ASN A 97 -9.45 5.94 2.22
C ASN A 97 -8.02 5.39 2.26
N THR A 98 -7.05 6.09 1.68
CA THR A 98 -5.64 5.58 1.71
C THR A 98 -5.06 5.46 3.14
N PRO A 99 -5.41 6.34 4.07
CA PRO A 99 -4.86 6.21 5.45
C PRO A 99 -5.31 4.87 6.06
N ALA A 100 -6.53 4.43 5.81
CA ALA A 100 -6.97 3.10 6.37
C ALA A 100 -6.05 1.98 5.83
N VAL A 101 -5.60 2.10 4.59
CA VAL A 101 -4.69 1.03 4.03
C VAL A 101 -3.32 1.09 4.75
N ILE A 102 -2.83 2.28 5.07
CA ILE A 102 -1.50 2.38 5.77
C ILE A 102 -1.62 1.88 7.22
N SER A 103 -2.73 2.14 7.89
CA SER A 103 -2.87 1.67 9.33
C SER A 103 -2.71 0.15 9.38
N ALA A 104 -3.37 -0.57 8.50
CA ALA A 104 -3.23 -2.07 8.51
C ALA A 104 -1.73 -2.46 8.34
N PHE A 105 -0.97 -1.69 7.58
CA PHE A 105 0.49 -2.02 7.39
C PHE A 105 1.19 -2.10 8.76
N SER A 106 0.87 -1.20 9.68
CA SER A 106 1.56 -1.26 11.02
C SER A 106 1.11 -2.51 11.80
N THR A 107 -0.13 -2.91 11.69
CA THR A 107 -0.58 -4.14 12.42
C THR A 107 -0.14 -5.39 11.66
N MET A 108 -0.03 -5.32 10.34
CA MET A 108 0.42 -6.53 9.58
C MET A 108 1.94 -6.70 9.72
N MET A 109 2.70 -5.61 9.78
CA MET A 109 4.19 -5.76 9.93
C MET A 109 4.50 -6.46 11.27
N SER A 110 3.70 -6.26 12.32
CA SER A 110 4.02 -6.98 13.60
C SER A 110 3.99 -8.50 13.39
N VAL A 111 3.14 -9.00 12.51
CA VAL A 111 3.10 -10.48 12.28
C VAL A 111 4.26 -10.93 11.36
N HIS A 112 5.02 -10.01 10.77
CA HIS A 112 6.16 -10.44 9.90
C HIS A 112 7.45 -10.60 10.75
N ARG A 113 7.54 -9.93 11.90
CA ARG A 113 8.77 -10.07 12.74
C ARG A 113 8.62 -11.24 13.74
N GLY A 114 7.41 -11.47 14.24
CA GLY A 114 7.23 -12.59 15.22
C GLY A 114 6.56 -13.78 14.52
N GLU A 115 6.95 -14.09 13.30
CA GLU A 115 6.33 -15.24 12.59
C GLU A 115 7.27 -15.78 11.48
N VAL A 116 8.56 -15.83 11.74
CA VAL A 116 9.50 -16.33 10.69
C VAL A 116 10.19 -17.61 11.19
N PRO A 117 10.44 -18.54 10.29
CA PRO A 117 11.11 -19.81 10.68
C PRO A 117 12.60 -19.56 10.96
N CYS A 118 13.25 -20.46 11.68
CA CYS A 118 14.70 -20.27 11.98
C CYS A 118 15.49 -21.54 11.61
N THR A 119 16.40 -21.45 10.65
CA THR A 119 17.19 -22.65 10.26
C THR A 119 18.68 -22.44 10.56
N VAL A 120 19.28 -21.38 10.03
CA VAL A 120 20.72 -21.14 10.30
C VAL A 120 21.00 -19.63 10.39
N GLN B 1 -12.96 0.40 -18.45
CA GLN B 1 -14.08 -0.31 -17.76
C GLN B 1 -13.52 -1.45 -16.90
N LYS B 2 -13.96 -1.57 -15.66
CA LYS B 2 -13.46 -2.67 -14.79
C LYS B 2 -14.60 -3.24 -13.94
N THR B 3 -14.37 -4.35 -13.26
CA THR B 3 -15.46 -4.96 -12.42
C THR B 3 -14.87 -5.51 -11.12
N GLY B 4 -14.80 -4.72 -10.08
CA GLY B 4 -14.23 -5.22 -8.78
C GLY B 4 -12.76 -5.62 -9.00
N THR B 5 -12.17 -6.31 -8.04
CA THR B 5 -10.74 -6.73 -8.19
C THR B 5 -10.53 -8.14 -7.61
N ALA B 6 -9.35 -8.69 -7.75
CA ALA B 6 -9.10 -10.07 -7.21
C ALA B 6 -7.70 -10.14 -6.58
N GLU B 7 -7.37 -9.23 -5.68
CA GLU B 7 -6.01 -9.25 -5.04
C GLU B 7 -4.92 -9.20 -6.11
N VAL B 8 -5.04 -8.28 -7.07
CA VAL B 8 -4.00 -8.19 -8.15
C VAL B 8 -2.62 -7.95 -7.51
N SER B 9 -2.53 -7.10 -6.50
CA SER B 9 -1.20 -6.86 -5.85
C SER B 9 -0.62 -8.20 -5.33
N SER B 10 -1.45 -9.10 -4.85
CA SER B 10 -0.92 -10.42 -4.34
C SER B 10 -0.28 -11.21 -5.49
N ILE B 11 -0.99 -11.40 -6.59
CA ILE B 11 -0.39 -12.17 -7.74
C ILE B 11 0.85 -11.45 -8.29
N LEU B 12 0.92 -10.12 -8.18
CA LEU B 12 2.13 -9.39 -8.71
C LEU B 12 3.32 -9.60 -7.77
N GLU B 13 3.11 -9.58 -6.46
CA GLU B 13 4.26 -9.80 -5.52
C GLU B 13 4.79 -11.24 -5.62
N GLU B 14 3.96 -12.20 -5.99
CA GLU B 14 4.47 -13.62 -6.10
C GLU B 14 5.33 -13.75 -7.37
N ARG B 15 4.95 -13.11 -8.45
CA ARG B 15 5.79 -13.21 -9.71
C ARG B 15 7.19 -12.61 -9.47
N ILE B 16 7.31 -11.57 -8.66
CA ILE B 16 8.66 -10.97 -8.41
C ILE B 16 9.30 -11.57 -7.15
N LEU B 17 8.52 -11.98 -6.16
CA LEU B 17 9.12 -12.57 -4.93
C LEU B 17 8.39 -13.87 -4.55
N GLY B 18 8.80 -14.99 -5.11
CA GLY B 18 8.13 -16.28 -4.79
C GLY B 18 9.18 -17.36 -4.53
N ALA B 19 9.37 -17.77 -3.29
CA ALA B 19 10.39 -18.83 -3.00
C ALA B 19 9.82 -19.86 -2.03
N ASP B 20 8.58 -20.26 -2.20
CA ASP B 20 7.97 -21.26 -1.27
C ASP B 20 7.41 -22.45 -2.07
N THR B 21 7.46 -23.65 -1.52
CA THR B 21 6.92 -24.83 -2.25
C THR B 21 6.05 -25.69 -1.33
N SER B 22 5.53 -26.81 -1.81
CA SER B 22 4.68 -27.68 -0.94
C SER B 22 5.29 -29.09 -0.84
N VAL B 23 6.59 -29.18 -0.68
CA VAL B 23 7.22 -30.54 -0.57
C VAL B 23 8.37 -30.51 0.47
N ASP B 24 8.12 -29.96 1.65
CA ASP B 24 9.19 -29.91 2.68
C ASP B 24 8.73 -30.64 3.95
N LEU B 25 8.83 -31.95 3.98
CA LEU B 25 8.39 -32.70 5.20
C LEU B 25 9.04 -34.10 5.25
N PHE A 1 -14.48 24.96 11.79
CA PHE A 1 -14.73 24.39 10.45
C PHE A 1 -14.17 22.96 10.36
N ALA A 2 -14.51 22.10 11.31
CA ALA A 2 -14.00 20.70 11.27
C ALA A 2 -15.17 19.70 11.38
N LYS A 3 -15.85 19.43 10.28
CA LYS A 3 -16.99 18.47 10.34
C LYS A 3 -16.87 17.43 9.21
N LEU A 4 -16.45 16.21 9.52
CA LEU A 4 -16.32 15.17 8.46
C LEU A 4 -16.93 13.84 8.93
N VAL A 5 -16.64 12.75 8.25
CA VAL A 5 -17.22 11.44 8.68
C VAL A 5 -16.08 10.42 8.91
N ARG A 6 -15.52 10.37 10.09
CA ARG A 6 -14.42 9.40 10.36
C ARG A 6 -14.81 8.46 11.53
N PRO A 7 -15.57 7.44 11.21
CA PRO A 7 -16.00 6.47 12.26
C PRO A 7 -14.82 5.59 12.69
N PRO A 8 -14.97 4.93 13.82
CA PRO A 8 -13.88 4.05 14.31
C PRO A 8 -13.80 2.77 13.45
N VAL A 9 -12.73 2.60 12.69
CA VAL A 9 -12.61 1.36 11.85
C VAL A 9 -11.14 0.95 11.71
N GLN A 10 -10.82 -0.31 11.90
CA GLN A 10 -9.41 -0.77 11.78
C GLN A 10 -9.35 -2.16 11.14
N ILE A 11 -8.45 -2.39 10.22
CA ILE A 11 -8.33 -3.75 9.56
C ILE A 11 -9.66 -4.14 8.88
N TYR A 12 -9.71 -4.16 7.56
CA TYR A 12 -10.99 -4.50 6.86
C TYR A 12 -10.79 -5.73 5.97
N GLY A 13 -9.91 -5.67 4.99
CA GLY A 13 -9.68 -6.86 4.12
C GLY A 13 -8.98 -6.45 2.81
N ILE A 14 -9.72 -6.13 1.77
CA ILE A 14 -9.05 -5.73 0.47
C ILE A 14 -8.05 -4.59 0.72
N GLU A 15 -8.35 -3.65 1.60
CA GLU A 15 -7.37 -2.55 1.88
C GLU A 15 -6.20 -3.11 2.69
N GLY A 16 -6.45 -4.02 3.61
CA GLY A 16 -5.33 -4.59 4.41
C GLY A 16 -4.44 -5.43 3.48
N ARG A 17 -5.04 -6.22 2.59
CA ARG A 17 -4.21 -7.04 1.65
C ARG A 17 -3.37 -6.13 0.74
N TYR A 18 -3.78 -4.90 0.49
CA TYR A 18 -2.95 -4.00 -0.40
C TYR A 18 -1.59 -3.77 0.26
N ALA A 19 -1.57 -3.53 1.57
CA ALA A 19 -0.25 -3.31 2.24
C ALA A 19 0.44 -4.66 2.46
N THR A 20 -0.30 -5.68 2.84
CA THR A 20 0.35 -7.02 3.06
C THR A 20 0.72 -7.68 1.72
N ALA A 21 0.06 -7.35 0.62
CA ALA A 21 0.45 -7.98 -0.67
C ALA A 21 1.68 -7.25 -1.25
N LEU A 22 1.96 -6.03 -0.84
CA LEU A 22 3.18 -5.34 -1.37
C LEU A 22 4.30 -5.48 -0.35
N TYR A 23 4.00 -5.30 0.93
CA TYR A 23 5.07 -5.48 1.94
C TYR A 23 5.34 -7.00 2.14
N SER A 24 4.44 -7.90 1.71
CA SER A 24 4.75 -9.38 1.88
C SER A 24 6.16 -9.66 1.32
N ALA A 25 6.52 -9.01 0.22
CA ALA A 25 7.90 -9.18 -0.32
C ALA A 25 8.85 -8.34 0.57
N ALA A 26 8.43 -7.15 0.98
CA ALA A 26 9.31 -6.31 1.88
C ALA A 26 9.60 -7.10 3.17
N SER A 27 8.64 -7.83 3.70
CA SER A 27 8.89 -8.60 4.97
C SER A 27 10.09 -9.54 4.77
N LYS A 28 10.18 -10.19 3.62
CA LYS A 28 11.35 -11.11 3.38
C LYS A 28 12.65 -10.28 3.36
N GLN A 29 12.62 -9.09 2.78
CA GLN A 29 13.85 -8.23 2.76
C GLN A 29 13.94 -7.33 4.01
N ASN A 30 12.96 -7.34 4.90
CA ASN A 30 13.00 -6.47 6.12
C ASN A 30 12.86 -5.00 5.70
N LYS A 31 11.98 -4.72 4.76
CA LYS A 31 11.80 -3.31 4.32
C LYS A 31 10.47 -2.70 4.82
N LEU A 32 9.75 -3.35 5.73
CA LEU A 32 8.46 -2.74 6.23
C LEU A 32 8.68 -1.28 6.63
N GLU A 33 9.84 -0.92 7.13
CA GLU A 33 10.09 0.52 7.45
C GLU A 33 10.26 1.27 6.13
N GLN A 34 11.00 0.71 5.19
CA GLN A 34 11.17 1.38 3.85
C GLN A 34 9.79 1.56 3.18
N VAL A 35 8.80 0.75 3.50
CA VAL A 35 7.46 0.91 2.85
C VAL A 35 6.47 1.60 3.81
N GLU A 36 6.41 1.17 5.06
CA GLU A 36 5.45 1.81 6.03
C GLU A 36 5.73 3.32 6.16
N LYS A 37 6.98 3.74 6.06
CA LYS A 37 7.28 5.21 6.22
C LYS A 37 6.88 6.00 4.96
N GLU A 38 7.26 5.55 3.78
CA GLU A 38 6.86 6.32 2.55
C GLU A 38 5.34 6.26 2.39
N LEU A 39 4.71 5.14 2.69
CA LEU A 39 3.21 5.06 2.55
C LEU A 39 2.56 6.18 3.40
N LEU A 40 3.09 6.46 4.57
CA LEU A 40 2.49 7.56 5.41
C LEU A 40 2.53 8.89 4.64
N ARG A 41 3.57 9.15 3.87
CA ARG A 41 3.65 10.45 3.10
C ARG A 41 2.43 10.58 2.18
N VAL A 42 2.00 9.50 1.55
CA VAL A 42 0.79 9.61 0.65
C VAL A 42 -0.43 10.03 1.47
N GLY A 43 -0.58 9.51 2.68
CA GLY A 43 -1.74 9.89 3.52
C GLY A 43 -1.64 11.39 3.87
N GLN A 44 -0.48 11.86 4.28
CA GLN A 44 -0.34 13.32 4.61
C GLN A 44 -0.73 14.17 3.39
N ILE A 45 -0.38 13.75 2.19
CA ILE A 45 -0.76 14.54 0.97
C ILE A 45 -2.29 14.64 0.89
N LEU A 46 -2.98 13.53 0.97
CA LEU A 46 -4.49 13.58 0.90
C LEU A 46 -5.06 14.46 2.02
N LYS A 47 -4.49 14.40 3.20
CA LYS A 47 -5.02 15.25 4.33
C LYS A 47 -4.63 16.71 4.10
N GLU A 48 -3.47 16.97 3.50
CA GLU A 48 -3.08 18.40 3.28
C GLU A 48 -4.16 19.14 2.47
N PRO A 49 -4.43 20.38 2.83
CA PRO A 49 -5.47 21.15 2.10
C PRO A 49 -4.95 21.56 0.71
N LYS A 50 -3.71 22.01 0.61
CA LYS A 50 -3.17 22.40 -0.74
C LYS A 50 -3.29 21.22 -1.74
N MET A 51 -3.17 19.99 -1.28
CA MET A 51 -3.30 18.83 -2.22
C MET A 51 -4.78 18.45 -2.41
N ALA A 52 -5.62 18.65 -1.41
CA ALA A 52 -7.09 18.28 -1.58
C ALA A 52 -7.65 18.90 -2.86
N ALA A 53 -7.22 20.10 -3.22
CA ALA A 53 -7.75 20.73 -4.48
C ALA A 53 -7.52 19.80 -5.69
N SER A 54 -6.50 18.96 -5.66
CA SER A 54 -6.26 18.04 -6.83
C SER A 54 -6.74 16.62 -6.51
N LEU A 55 -6.34 16.07 -5.37
CA LEU A 55 -6.78 14.67 -5.04
C LEU A 55 -8.32 14.61 -4.95
N LEU A 56 -8.98 15.66 -4.50
CA LEU A 56 -10.47 15.63 -4.42
C LEU A 56 -11.13 16.39 -5.60
N ASN A 57 -10.42 16.64 -6.69
CA ASN A 57 -11.06 17.37 -7.83
C ASN A 57 -11.58 16.37 -8.88
N PRO A 58 -12.75 16.66 -9.44
CA PRO A 58 -13.31 15.78 -10.48
C PRO A 58 -12.72 16.13 -11.88
N TYR A 59 -11.78 17.05 -11.97
CA TYR A 59 -11.19 17.40 -13.31
C TYR A 59 -9.95 16.53 -13.58
N VAL A 60 -9.20 16.16 -12.56
CA VAL A 60 -7.97 15.30 -12.80
C VAL A 60 -8.35 14.04 -13.62
N LYS A 61 -9.54 13.49 -13.43
CA LYS A 61 -9.96 12.27 -14.20
C LYS A 61 -9.04 11.08 -13.88
N ARG A 62 -9.59 9.87 -13.84
CA ARG A 62 -8.73 8.67 -13.53
C ARG A 62 -7.67 8.53 -14.63
N SER A 63 -6.69 7.65 -14.46
CA SER A 63 -5.60 7.46 -15.48
C SER A 63 -4.70 8.71 -15.49
N VAL A 64 -5.22 9.87 -15.87
CA VAL A 64 -4.37 11.11 -15.87
C VAL A 64 -3.78 11.33 -14.46
N LYS A 65 -4.55 11.10 -13.42
CA LYS A 65 -4.01 11.28 -12.03
C LYS A 65 -2.81 10.34 -11.81
N VAL A 66 -2.85 9.13 -12.36
CA VAL A 66 -1.68 8.19 -12.17
C VAL A 66 -0.39 8.85 -12.68
N LYS A 67 -0.44 9.58 -13.79
CA LYS A 67 0.81 10.25 -14.31
C LYS A 67 1.37 11.18 -13.23
N SER A 68 0.53 11.90 -12.52
CA SER A 68 1.05 12.84 -11.46
C SER A 68 1.83 12.03 -10.40
N LEU A 69 1.35 10.84 -10.04
CA LEU A 69 2.09 10.02 -9.02
C LEU A 69 3.51 9.71 -9.53
N SER A 70 3.63 9.23 -10.76
CA SER A 70 4.99 8.93 -11.31
C SER A 70 5.81 10.21 -11.38
N ASP A 71 5.23 11.29 -11.88
CA ASP A 71 6.00 12.59 -11.95
C ASP A 71 6.26 13.14 -10.53
N MET A 72 5.47 12.77 -9.54
CA MET A 72 5.74 13.26 -8.16
C MET A 72 6.74 12.30 -7.52
N THR A 73 6.52 11.01 -7.67
CA THR A 73 7.48 10.00 -7.12
C THR A 73 8.89 10.27 -7.71
N ALA A 74 8.99 10.66 -8.96
CA ALA A 74 10.35 10.94 -9.55
C ALA A 74 11.06 12.04 -8.73
N LYS A 75 10.34 13.05 -8.29
CA LYS A 75 11.00 14.13 -7.47
C LYS A 75 10.92 13.78 -5.97
N GLU A 76 9.85 13.12 -5.52
CA GLU A 76 9.75 12.76 -4.06
C GLU A 76 10.86 11.77 -3.65
N LYS A 77 11.51 11.08 -4.58
CA LYS A 77 12.58 10.12 -4.20
C LYS A 77 11.98 9.02 -3.31
N PHE A 78 10.86 8.45 -3.69
CA PHE A 78 10.23 7.38 -2.85
C PHE A 78 11.22 6.23 -2.60
N SER A 79 10.78 5.14 -2.01
CA SER A 79 11.71 4.02 -1.74
C SER A 79 11.47 2.91 -2.76
N PRO A 80 12.24 1.85 -2.68
CA PRO A 80 12.05 0.73 -3.63
C PRO A 80 10.69 0.04 -3.41
N LEU A 81 10.01 0.25 -2.30
CA LEU A 81 8.69 -0.40 -2.12
C LEU A 81 7.57 0.66 -2.12
N THR A 82 7.78 1.81 -2.73
CA THR A 82 6.70 2.84 -2.72
C THR A 82 6.45 3.44 -4.13
N SER A 83 6.89 2.80 -5.19
CA SER A 83 6.59 3.35 -6.55
C SER A 83 5.84 2.28 -7.36
N ASN A 84 5.01 1.52 -6.71
CA ASN A 84 4.19 0.46 -7.38
C ASN A 84 2.83 0.47 -6.67
N LEU A 85 2.83 0.20 -5.37
CA LEU A 85 1.55 0.31 -4.60
C LEU A 85 1.01 1.75 -4.77
N ILE A 86 1.89 2.75 -5.00
CA ILE A 86 1.38 4.15 -5.19
C ILE A 86 0.40 4.19 -6.36
N ASN A 87 0.66 3.45 -7.42
CA ASN A 87 -0.30 3.46 -8.59
C ASN A 87 -1.63 2.84 -8.13
N LEU A 88 -1.59 1.67 -7.52
CA LEU A 88 -2.88 1.03 -7.04
C LEU A 88 -3.68 2.03 -6.18
N LEU A 89 -3.01 2.80 -5.34
CA LEU A 89 -3.76 3.80 -4.50
C LEU A 89 -4.51 4.78 -5.41
N ALA A 90 -3.90 5.21 -6.50
CA ALA A 90 -4.60 6.14 -7.44
C ALA A 90 -4.99 5.40 -8.74
N GLU A 91 -5.23 4.10 -8.69
CA GLU A 91 -5.61 3.36 -9.94
C GLU A 91 -7.11 3.01 -9.92
N ASN A 92 -7.60 2.44 -8.83
CA ASN A 92 -9.07 2.09 -8.78
C ASN A 92 -9.84 3.01 -7.82
N GLY A 93 -9.38 4.23 -7.60
CA GLY A 93 -10.11 5.15 -6.67
C GLY A 93 -9.78 4.76 -5.23
N ARG A 94 -8.51 4.60 -4.91
CA ARG A 94 -8.14 4.23 -3.51
C ARG A 94 -7.55 5.44 -2.76
N LEU A 95 -8.00 6.64 -3.06
CA LEU A 95 -7.48 7.83 -2.32
C LEU A 95 -8.56 8.29 -1.33
N THR A 96 -8.32 9.33 -0.56
CA THR A 96 -9.32 9.82 0.49
C THR A 96 -9.15 8.98 1.76
N ASN A 97 -9.24 7.66 1.67
CA ASN A 97 -9.00 6.81 2.87
C ASN A 97 -7.56 6.25 2.81
N THR A 98 -6.62 6.95 2.17
CA THR A 98 -5.21 6.46 2.07
C THR A 98 -4.67 5.94 3.41
N PRO A 99 -4.81 6.71 4.47
CA PRO A 99 -4.31 6.26 5.80
C PRO A 99 -5.07 5.03 6.29
N ALA A 100 -6.34 4.89 5.97
CA ALA A 100 -7.10 3.66 6.44
C ALA A 100 -6.43 2.41 5.85
N VAL A 101 -6.02 2.46 4.60
CA VAL A 101 -5.34 1.25 4.00
C VAL A 101 -3.92 1.15 4.58
N ILE A 102 -3.24 2.26 4.79
CA ILE A 102 -1.85 2.19 5.38
C ILE A 102 -1.91 1.81 6.86
N SER A 103 -2.94 2.20 7.59
CA SER A 103 -3.01 1.83 9.05
C SER A 103 -2.91 0.30 9.19
N ALA A 104 -3.56 -0.45 8.33
CA ALA A 104 -3.44 -1.95 8.42
C ALA A 104 -1.97 -2.36 8.25
N PHE A 105 -1.21 -1.66 7.42
CA PHE A 105 0.24 -2.03 7.24
C PHE A 105 0.94 -2.10 8.61
N SER A 106 0.64 -1.18 9.50
CA SER A 106 1.31 -1.22 10.85
C SER A 106 0.78 -2.42 11.64
N THR A 107 -0.51 -2.71 11.57
CA THR A 107 -1.04 -3.89 12.31
C THR A 107 -0.61 -5.19 11.63
N MET A 108 -0.51 -5.21 10.31
CA MET A 108 -0.07 -6.47 9.63
C MET A 108 1.43 -6.69 9.89
N MET A 109 2.22 -5.63 9.98
CA MET A 109 3.69 -5.82 10.27
C MET A 109 3.86 -6.56 11.60
N SER A 110 3.07 -6.25 12.61
CA SER A 110 3.23 -7.00 13.92
C SER A 110 3.11 -8.53 13.69
N VAL A 111 2.31 -8.95 12.72
CA VAL A 111 2.19 -10.43 12.46
C VAL A 111 3.42 -10.96 11.68
N HIS A 112 4.31 -10.10 11.20
CA HIS A 112 5.51 -10.60 10.47
C HIS A 112 6.67 -10.87 11.46
N ARG A 113 6.67 -10.23 12.63
CA ARG A 113 7.78 -10.49 13.60
C ARG A 113 7.42 -11.67 14.53
N GLY A 114 6.15 -11.85 14.86
CA GLY A 114 5.77 -12.99 15.76
C GLY A 114 6.15 -14.32 15.09
N GLU A 115 5.97 -14.45 13.80
CA GLU A 115 6.32 -15.74 13.11
C GLU A 115 7.60 -15.58 12.27
N VAL A 116 7.69 -14.55 11.46
CA VAL A 116 8.92 -14.36 10.61
C VAL A 116 9.19 -15.62 9.77
N PRO A 117 8.30 -15.93 8.86
CA PRO A 117 8.49 -17.12 8.00
C PRO A 117 9.59 -16.86 6.95
N CYS A 118 10.50 -17.79 6.77
CA CYS A 118 11.59 -17.59 5.77
C CYS A 118 11.68 -18.80 4.82
N THR A 119 11.88 -18.57 3.54
CA THR A 119 11.96 -19.71 2.59
C THR A 119 13.04 -19.44 1.53
N VAL A 120 13.68 -20.48 1.01
CA VAL A 120 14.75 -20.25 -0.02
C VAL A 120 14.67 -21.34 -1.09
N GLN B 1 -8.51 -11.39 -15.53
CA GLN B 1 -9.78 -10.85 -14.97
C GLN B 1 -9.56 -9.46 -14.37
N LYS B 2 -10.12 -8.42 -14.97
CA LYS B 2 -9.93 -7.05 -14.44
C LYS B 2 -11.29 -6.37 -14.18
N THR B 3 -11.90 -6.62 -13.03
CA THR B 3 -13.22 -6.00 -12.74
C THR B 3 -13.26 -5.51 -11.29
N GLY B 4 -13.22 -4.21 -11.06
CA GLY B 4 -13.26 -3.69 -9.65
C GLY B 4 -11.93 -3.98 -8.96
N THR B 5 -11.92 -4.85 -7.96
CA THR B 5 -10.65 -5.17 -7.26
C THR B 5 -10.47 -6.69 -7.15
N ALA B 6 -9.30 -7.20 -7.47
CA ALA B 6 -9.07 -8.67 -7.38
C ALA B 6 -7.66 -8.97 -6.86
N GLU B 7 -7.26 -8.34 -5.77
CA GLU B 7 -5.88 -8.59 -5.21
C GLU B 7 -4.83 -8.31 -6.29
N VAL B 8 -4.96 -7.20 -7.00
CA VAL B 8 -3.94 -6.88 -8.07
C VAL B 8 -2.54 -6.78 -7.44
N SER B 9 -2.42 -6.17 -6.27
CA SER B 9 -1.06 -6.08 -5.62
C SER B 9 -0.47 -7.49 -5.42
N SER B 10 -1.30 -8.48 -5.15
CA SER B 10 -0.75 -9.87 -4.96
C SER B 10 -0.18 -10.39 -6.29
N ILE B 11 -0.97 -10.40 -7.34
CA ILE B 11 -0.44 -10.89 -8.66
C ILE B 11 0.76 -10.02 -9.10
N LEU B 12 0.78 -8.74 -8.77
CA LEU B 12 1.94 -7.88 -9.18
C LEU B 12 3.22 -8.37 -8.48
N GLU B 13 3.12 -8.80 -7.22
CA GLU B 13 4.37 -9.28 -6.51
C GLU B 13 5.01 -10.44 -7.29
N GLU B 14 4.20 -11.34 -7.83
CA GLU B 14 4.80 -12.49 -8.61
C GLU B 14 5.48 -11.96 -9.88
N ARG B 15 4.87 -10.99 -10.55
CA ARG B 15 5.51 -10.44 -11.81
C ARG B 15 6.84 -9.73 -11.47
N ILE B 16 6.92 -9.06 -10.33
CA ILE B 16 8.21 -8.36 -9.98
C ILE B 16 9.15 -9.30 -9.21
N LEU B 17 8.64 -10.23 -8.43
CA LEU B 17 9.53 -11.15 -7.67
C LEU B 17 9.28 -12.60 -8.09
N GLY B 18 10.25 -13.25 -8.70
CA GLY B 18 10.06 -14.66 -9.14
C GLY B 18 10.68 -14.87 -10.53
N ALA B 19 10.52 -13.91 -11.43
CA ALA B 19 11.12 -14.07 -12.79
C ALA B 19 11.66 -12.72 -13.29
N ASP B 20 12.59 -12.13 -12.56
CA ASP B 20 13.16 -10.82 -13.00
C ASP B 20 14.66 -10.96 -13.30
N THR B 21 15.04 -11.00 -14.57
CA THR B 21 16.49 -11.13 -14.90
C THR B 21 16.92 -10.00 -15.84
N SER B 22 17.26 -8.85 -15.31
CA SER B 22 17.69 -7.71 -16.17
C SER B 22 19.09 -7.23 -15.77
N VAL B 23 19.93 -6.88 -16.73
CA VAL B 23 21.31 -6.41 -16.39
C VAL B 23 21.51 -4.97 -16.88
N ASP B 24 21.44 -3.99 -15.99
CA ASP B 24 21.62 -2.57 -16.41
C ASP B 24 22.80 -1.94 -15.65
N LEU B 25 22.73 -1.89 -14.33
CA LEU B 25 23.85 -1.28 -13.56
C LEU B 25 24.40 -2.30 -12.54
N PHE A 1 -5.33 -16.64 33.66
CA PHE A 1 -6.05 -15.76 32.70
C PHE A 1 -5.85 -16.27 31.26
N ALA A 2 -6.54 -17.33 30.87
CA ALA A 2 -6.37 -17.86 29.48
C ALA A 2 -7.72 -18.39 28.96
N LYS A 3 -8.81 -17.69 29.23
CA LYS A 3 -10.14 -18.16 28.73
C LYS A 3 -11.01 -16.97 28.34
N LEU A 4 -11.25 -16.77 27.05
CA LEU A 4 -12.09 -15.62 26.61
C LEU A 4 -13.10 -16.07 25.54
N VAL A 5 -14.13 -15.30 25.30
CA VAL A 5 -15.15 -15.70 24.28
C VAL A 5 -15.54 -14.49 23.41
N ARG A 6 -14.56 -13.75 22.90
CA ARG A 6 -14.89 -12.57 22.06
C ARG A 6 -14.09 -12.60 20.75
N PRO A 7 -14.66 -12.08 19.69
CA PRO A 7 -13.96 -12.07 18.38
C PRO A 7 -12.83 -11.03 18.39
N PRO A 8 -11.63 -11.44 18.00
CA PRO A 8 -10.49 -10.49 17.97
C PRO A 8 -10.62 -9.53 16.79
N VAL A 9 -9.67 -8.62 16.62
CA VAL A 9 -9.75 -7.65 15.48
C VAL A 9 -8.34 -7.25 15.02
N GLN A 10 -7.89 -7.73 13.88
CA GLN A 10 -6.53 -7.37 13.38
C GLN A 10 -6.62 -6.60 12.06
N ILE A 11 -7.27 -7.17 11.05
CA ILE A 11 -7.37 -6.46 9.75
C ILE A 11 -8.86 -6.31 9.37
N TYR A 12 -9.22 -5.22 8.71
CA TYR A 12 -10.67 -4.97 8.39
C TYR A 12 -10.81 -4.09 7.15
N GLY A 13 -10.81 -4.68 5.96
CA GLY A 13 -10.96 -3.85 4.73
C GLY A 13 -10.00 -4.37 3.65
N ILE A 14 -10.52 -4.88 2.54
CA ILE A 14 -9.61 -5.39 1.44
C ILE A 14 -8.50 -4.36 1.12
N GLU A 15 -8.78 -3.08 1.24
CA GLU A 15 -7.71 -2.04 0.95
C GLU A 15 -6.47 -2.33 1.83
N GLY A 16 -6.67 -2.79 3.05
CA GLY A 16 -5.49 -3.09 3.93
C GLY A 16 -4.59 -4.13 3.25
N ARG A 17 -5.16 -5.11 2.55
CA ARG A 17 -4.31 -6.15 1.87
C ARG A 17 -3.34 -5.48 0.88
N TYR A 18 -3.67 -4.34 0.31
CA TYR A 18 -2.70 -3.67 -0.64
C TYR A 18 -1.35 -3.49 0.06
N ALA A 19 -1.34 -3.15 1.34
CA ALA A 19 -0.04 -2.98 2.06
C ALA A 19 0.60 -4.35 2.30
N THR A 20 -0.19 -5.35 2.65
CA THR A 20 0.41 -6.71 2.89
C THR A 20 0.78 -7.37 1.56
N ALA A 21 0.03 -7.14 0.50
CA ALA A 21 0.42 -7.75 -0.80
C ALA A 21 1.62 -7.00 -1.41
N LEU A 22 1.93 -5.80 -0.94
CA LEU A 22 3.13 -5.09 -1.50
C LEU A 22 4.29 -5.29 -0.54
N TYR A 23 4.07 -5.09 0.75
CA TYR A 23 5.18 -5.33 1.71
C TYR A 23 5.42 -6.87 1.83
N SER A 24 4.49 -7.72 1.40
CA SER A 24 4.76 -9.21 1.49
C SER A 24 6.14 -9.50 0.87
N ALA A 25 6.49 -8.81 -0.20
CA ALA A 25 7.85 -8.99 -0.79
C ALA A 25 8.84 -8.21 0.09
N ALA A 26 8.46 -7.02 0.55
CA ALA A 26 9.38 -6.24 1.44
C ALA A 26 9.72 -7.05 2.70
N SER A 27 8.76 -7.80 3.23
CA SER A 27 9.04 -8.62 4.47
C SER A 27 10.22 -9.55 4.19
N LYS A 28 10.28 -10.16 3.02
CA LYS A 28 11.44 -11.06 2.71
C LYS A 28 12.74 -10.25 2.73
N GLN A 29 12.72 -9.03 2.21
CA GLN A 29 13.96 -8.18 2.22
C GLN A 29 14.07 -7.35 3.51
N ASN A 30 13.08 -7.38 4.40
CA ASN A 30 13.15 -6.57 5.67
C ASN A 30 13.02 -5.08 5.32
N LYS A 31 12.15 -4.73 4.41
CA LYS A 31 11.98 -3.30 4.05
C LYS A 31 10.65 -2.71 4.57
N LEU A 32 9.96 -3.39 5.49
CA LEU A 32 8.67 -2.82 6.03
C LEU A 32 8.88 -1.35 6.47
N GLU A 33 10.05 -1.01 6.96
CA GLU A 33 10.29 0.42 7.36
C GLU A 33 10.31 1.29 6.09
N GLN A 34 10.97 0.83 5.05
CA GLN A 34 10.99 1.62 3.76
C GLN A 34 9.58 1.71 3.16
N VAL A 35 8.70 0.78 3.46
CA VAL A 35 7.31 0.84 2.86
C VAL A 35 6.33 1.44 3.89
N GLU A 36 6.45 1.09 5.16
CA GLU A 36 5.50 1.65 6.19
C GLU A 36 5.71 3.17 6.36
N LYS A 37 6.92 3.67 6.21
CA LYS A 37 7.14 5.14 6.39
C LYS A 37 6.86 5.88 5.08
N GLU A 38 7.23 5.33 3.94
CA GLU A 38 6.94 6.04 2.65
C GLU A 38 5.43 6.06 2.41
N LEU A 39 4.74 4.97 2.69
CA LEU A 39 3.24 4.96 2.49
C LEU A 39 2.60 6.11 3.28
N LEU A 40 3.11 6.43 4.46
CA LEU A 40 2.51 7.57 5.25
C LEU A 40 2.51 8.87 4.42
N ARG A 41 3.55 9.10 3.63
CA ARG A 41 3.58 10.36 2.79
C ARG A 41 2.34 10.42 1.88
N VAL A 42 1.91 9.31 1.33
CA VAL A 42 0.69 9.33 0.45
C VAL A 42 -0.52 9.87 1.23
N GLY A 43 -0.64 9.53 2.50
CA GLY A 43 -1.79 10.03 3.31
C GLY A 43 -1.70 11.56 3.42
N GLN A 44 -0.54 12.09 3.77
CA GLN A 44 -0.41 13.60 3.87
C GLN A 44 -0.77 14.25 2.53
N ILE A 45 -0.37 13.65 1.41
CA ILE A 45 -0.71 14.26 0.08
C ILE A 45 -2.24 14.38 -0.05
N LEU A 46 -2.99 13.38 0.40
CA LEU A 46 -4.49 13.49 0.32
C LEU A 46 -5.01 14.42 1.42
N LYS A 47 -4.38 14.42 2.58
CA LYS A 47 -4.85 15.33 3.68
C LYS A 47 -4.43 16.77 3.40
N GLU A 48 -3.35 16.99 2.66
CA GLU A 48 -2.93 18.42 2.37
C GLU A 48 -4.10 19.20 1.76
N PRO A 49 -4.35 20.40 2.24
CA PRO A 49 -5.47 21.21 1.71
C PRO A 49 -5.17 21.72 0.27
N LYS A 50 -3.92 22.01 -0.04
CA LYS A 50 -3.60 22.47 -1.44
C LYS A 50 -3.57 21.26 -2.38
N MET A 51 -3.12 20.12 -1.90
CA MET A 51 -3.08 18.90 -2.78
C MET A 51 -4.43 18.15 -2.73
N ALA A 52 -5.16 18.20 -1.63
CA ALA A 52 -6.48 17.48 -1.57
C ALA A 52 -7.40 17.95 -2.71
N ALA A 53 -7.36 19.22 -3.06
CA ALA A 53 -8.26 19.71 -4.18
C ALA A 53 -8.01 18.90 -5.47
N SER A 54 -6.77 18.54 -5.76
CA SER A 54 -6.49 17.75 -7.00
C SER A 54 -7.01 16.31 -6.83
N LEU A 55 -6.59 15.62 -5.78
CA LEU A 55 -7.07 14.20 -5.58
C LEU A 55 -8.61 14.14 -5.51
N LEU A 56 -9.26 15.20 -5.05
CA LEU A 56 -10.76 15.17 -4.97
C LEU A 56 -11.38 15.80 -6.24
N ASN A 57 -10.75 16.80 -6.82
CA ASN A 57 -11.35 17.44 -8.06
C ASN A 57 -11.72 16.39 -9.11
N PRO A 58 -12.74 16.68 -9.89
CA PRO A 58 -13.16 15.76 -10.96
C PRO A 58 -12.31 15.96 -12.25
N TYR A 59 -11.33 16.84 -12.24
CA TYR A 59 -10.49 17.06 -13.46
C TYR A 59 -9.24 16.16 -13.42
N VAL A 60 -8.66 15.93 -12.26
CA VAL A 60 -7.43 15.05 -12.20
C VAL A 60 -7.71 13.66 -12.83
N LYS A 61 -8.95 13.19 -12.84
CA LYS A 61 -9.25 11.86 -13.46
C LYS A 61 -8.35 10.77 -12.85
N ARG A 62 -8.39 9.56 -13.40
CA ARG A 62 -7.54 8.47 -12.83
C ARG A 62 -6.32 8.23 -13.73
N SER A 63 -6.51 8.06 -15.03
CA SER A 63 -5.33 7.84 -15.94
C SER A 63 -4.39 9.06 -15.86
N VAL A 64 -4.93 10.26 -15.83
CA VAL A 64 -4.06 11.47 -15.73
C VAL A 64 -3.43 11.52 -14.33
N LYS A 65 -4.19 11.23 -13.30
CA LYS A 65 -3.60 11.24 -11.91
C LYS A 65 -2.50 10.17 -11.80
N VAL A 66 -2.68 9.02 -12.43
CA VAL A 66 -1.61 7.95 -12.35
C VAL A 66 -0.27 8.52 -12.88
N LYS A 67 -0.31 9.29 -13.96
CA LYS A 67 0.97 9.87 -14.49
C LYS A 67 1.52 10.88 -13.47
N SER A 68 0.67 11.69 -12.86
CA SER A 68 1.17 12.69 -11.85
C SER A 68 1.88 11.95 -10.70
N LEU A 69 1.39 10.79 -10.29
CA LEU A 69 2.06 10.04 -9.17
C LEU A 69 3.52 9.74 -9.54
N SER A 70 3.75 9.27 -10.77
CA SER A 70 5.17 8.99 -11.17
C SER A 70 5.97 10.29 -11.19
N ASP A 71 5.40 11.35 -11.71
CA ASP A 71 6.15 12.67 -11.73
C ASP A 71 6.27 13.24 -10.30
N MET A 72 5.43 12.83 -9.37
CA MET A 72 5.57 13.34 -7.96
C MET A 72 6.55 12.43 -7.24
N THR A 73 6.40 11.12 -7.41
CA THR A 73 7.36 10.16 -6.76
C THR A 73 8.79 10.50 -7.23
N ALA A 74 8.98 10.90 -8.48
CA ALA A 74 10.36 11.24 -8.96
C ALA A 74 10.94 12.38 -8.09
N LYS A 75 10.12 13.35 -7.72
CA LYS A 75 10.63 14.48 -6.86
C LYS A 75 10.53 14.10 -5.38
N GLU A 76 9.49 13.36 -4.99
CA GLU A 76 9.36 12.96 -3.54
C GLU A 76 10.53 12.06 -3.10
N LYS A 77 11.25 11.42 -4.02
CA LYS A 77 12.38 10.53 -3.63
C LYS A 77 11.85 9.36 -2.79
N PHE A 78 10.76 8.74 -3.21
CA PHE A 78 10.21 7.58 -2.43
C PHE A 78 11.26 6.47 -2.30
N SER A 79 10.92 5.32 -1.78
CA SER A 79 11.92 4.23 -1.64
C SER A 79 11.65 3.16 -2.70
N PRO A 80 12.29 2.01 -2.59
CA PRO A 80 12.07 0.96 -3.59
C PRO A 80 10.74 0.22 -3.39
N LEU A 81 9.98 0.52 -2.35
CA LEU A 81 8.67 -0.17 -2.17
C LEU A 81 7.53 0.85 -2.13
N THR A 82 7.74 2.07 -2.59
CA THR A 82 6.63 3.06 -2.55
C THR A 82 6.34 3.68 -3.94
N SER A 83 6.89 3.16 -5.03
CA SER A 83 6.57 3.73 -6.37
C SER A 83 5.84 2.66 -7.20
N ASN A 84 5.00 1.89 -6.55
CA ASN A 84 4.19 0.84 -7.25
C ASN A 84 2.83 0.82 -6.56
N LEU A 85 2.83 0.52 -5.26
CA LEU A 85 1.54 0.59 -4.50
C LEU A 85 0.99 2.03 -4.61
N ILE A 86 1.86 3.04 -4.80
CA ILE A 86 1.32 4.44 -4.94
C ILE A 86 0.36 4.52 -6.14
N ASN A 87 0.66 3.84 -7.23
CA ASN A 87 -0.27 3.89 -8.41
C ASN A 87 -1.59 3.21 -8.02
N LEU A 88 -1.52 2.02 -7.44
CA LEU A 88 -2.79 1.30 -7.03
C LEU A 88 -3.68 2.23 -6.21
N LEU A 89 -3.12 3.02 -5.33
CA LEU A 89 -3.97 3.96 -4.51
C LEU A 89 -4.64 4.97 -5.44
N ALA A 90 -3.94 5.47 -6.43
CA ALA A 90 -4.58 6.44 -7.38
C ALA A 90 -4.87 5.75 -8.72
N GLU A 91 -5.12 4.46 -8.74
CA GLU A 91 -5.43 3.78 -10.05
C GLU A 91 -6.94 3.54 -10.20
N ASN A 92 -7.60 3.06 -9.16
CA ASN A 92 -9.08 2.81 -9.29
C ASN A 92 -9.88 3.72 -8.33
N GLY A 93 -9.39 4.89 -8.00
CA GLY A 93 -10.14 5.79 -7.09
C GLY A 93 -9.97 5.30 -5.65
N ARG A 94 -8.73 5.11 -5.21
CA ARG A 94 -8.52 4.62 -3.81
C ARG A 94 -7.85 5.71 -2.95
N LEU A 95 -8.13 6.97 -3.19
CA LEU A 95 -7.52 8.05 -2.35
C LEU A 95 -8.55 8.62 -1.37
N THR A 96 -9.55 7.84 -0.99
CA THR A 96 -10.57 8.32 -0.01
C THR A 96 -10.31 7.60 1.32
N ASN A 97 -10.24 6.27 1.28
CA ASN A 97 -9.92 5.50 2.51
C ASN A 97 -8.45 5.04 2.43
N THR A 98 -7.56 5.85 1.88
CA THR A 98 -6.12 5.42 1.78
C THR A 98 -5.40 5.34 3.16
N PRO A 99 -5.76 6.18 4.14
CA PRO A 99 -5.06 6.09 5.44
C PRO A 99 -5.37 4.74 6.13
N ALA A 100 -6.58 4.23 5.97
CA ALA A 100 -6.90 2.90 6.61
C ALA A 100 -5.91 1.82 6.10
N VAL A 101 -5.52 1.88 4.84
CA VAL A 101 -4.55 0.84 4.31
C VAL A 101 -3.20 1.00 5.03
N ILE A 102 -2.75 2.22 5.26
CA ILE A 102 -1.42 2.40 5.95
C ILE A 102 -1.51 1.86 7.39
N SER A 103 -2.62 2.09 8.08
CA SER A 103 -2.74 1.56 9.49
C SER A 103 -2.62 0.03 9.47
N ALA A 104 -3.32 -0.64 8.57
CA ALA A 104 -3.21 -2.14 8.51
C ALA A 104 -1.73 -2.56 8.32
N PHE A 105 -0.95 -1.79 7.59
CA PHE A 105 0.50 -2.16 7.39
C PHE A 105 1.20 -2.32 8.76
N SER A 106 0.87 -1.48 9.72
CA SER A 106 1.53 -1.62 11.07
C SER A 106 0.97 -2.83 11.84
N THR A 107 -0.20 -3.34 11.49
CA THR A 107 -0.72 -4.53 12.22
C THR A 107 -0.25 -5.80 11.52
N MET A 108 -0.13 -5.80 10.21
CA MET A 108 0.37 -7.03 9.52
C MET A 108 1.88 -7.19 9.75
N MET A 109 2.62 -6.10 9.86
CA MET A 109 4.10 -6.25 10.10
C MET A 109 4.34 -7.02 11.42
N SER A 110 3.47 -6.89 12.42
CA SER A 110 3.71 -7.68 13.68
C SER A 110 3.63 -9.19 13.37
N VAL A 111 2.81 -9.59 12.42
CA VAL A 111 2.73 -11.06 12.09
C VAL A 111 3.91 -11.48 11.19
N HIS A 112 4.72 -10.56 10.68
CA HIS A 112 5.88 -10.98 9.84
C HIS A 112 7.11 -11.24 10.74
N ARG A 113 7.18 -10.60 11.91
CA ARG A 113 8.37 -10.84 12.80
C ARG A 113 8.07 -11.96 13.82
N GLY A 114 6.84 -12.08 14.29
CA GLY A 114 6.51 -13.16 15.27
C GLY A 114 6.77 -14.53 14.63
N GLU A 115 6.41 -14.71 13.38
CA GLU A 115 6.64 -16.02 12.72
C GLU A 115 7.61 -15.87 11.53
N VAL A 116 8.85 -15.52 11.79
CA VAL A 116 9.83 -15.34 10.66
C VAL A 116 10.30 -16.71 10.10
N PRO A 117 10.62 -17.65 10.97
CA PRO A 117 11.08 -18.98 10.49
C PRO A 117 9.88 -19.83 10.03
N CYS A 118 10.10 -20.76 9.13
CA CYS A 118 8.98 -21.62 8.66
C CYS A 118 9.33 -23.10 8.82
N THR A 119 8.34 -23.97 8.95
CA THR A 119 8.63 -25.42 9.12
C THR A 119 8.04 -26.22 7.95
N VAL A 120 8.85 -26.63 6.99
CA VAL A 120 8.31 -27.42 5.84
C VAL A 120 8.94 -28.81 5.81
N GLN B 1 -21.38 4.51 -11.14
CA GLN B 1 -20.10 3.85 -11.51
C GLN B 1 -19.89 2.58 -10.67
N LYS B 2 -19.70 1.43 -11.30
CA LYS B 2 -19.49 0.18 -10.51
C LYS B 2 -18.28 -0.60 -11.06
N THR B 3 -17.25 -0.79 -10.27
CA THR B 3 -16.05 -1.53 -10.75
C THR B 3 -15.77 -2.74 -9.85
N GLY B 4 -14.86 -3.61 -10.24
CA GLY B 4 -14.55 -4.80 -9.40
C GLY B 4 -13.04 -4.85 -9.11
N THR B 5 -12.63 -5.54 -8.07
CA THR B 5 -11.18 -5.63 -7.74
C THR B 5 -10.74 -7.09 -7.57
N ALA B 6 -9.48 -7.38 -7.79
CA ALA B 6 -9.01 -8.80 -7.65
C ALA B 6 -7.65 -8.84 -6.94
N GLU B 7 -7.44 -8.00 -5.94
CA GLU B 7 -6.13 -7.99 -5.22
C GLU B 7 -5.00 -7.72 -6.22
N VAL B 8 -5.12 -6.66 -7.01
CA VAL B 8 -4.04 -6.36 -8.02
C VAL B 8 -2.69 -6.24 -7.30
N SER B 9 -2.65 -5.59 -6.14
CA SER B 9 -1.34 -5.47 -5.40
C SER B 9 -0.79 -6.89 -5.13
N SER B 10 -1.64 -7.83 -4.81
CA SER B 10 -1.15 -9.24 -4.56
C SER B 10 -0.62 -9.82 -5.87
N ILE B 11 -1.33 -9.63 -6.96
CA ILE B 11 -0.84 -10.18 -8.28
C ILE B 11 0.44 -9.43 -8.69
N LEU B 12 0.48 -8.13 -8.50
CA LEU B 12 1.73 -7.36 -8.88
C LEU B 12 2.92 -7.88 -8.04
N GLU B 13 2.71 -8.24 -6.79
CA GLU B 13 3.86 -8.76 -5.96
C GLU B 13 4.50 -9.97 -6.64
N GLU B 14 3.72 -10.84 -7.25
CA GLU B 14 4.32 -12.05 -7.93
C GLU B 14 5.32 -11.60 -9.00
N ARG B 15 5.03 -10.53 -9.72
CA ARG B 15 5.99 -10.06 -10.78
C ARG B 15 7.37 -9.75 -10.16
N ILE B 16 7.41 -9.23 -8.95
CA ILE B 16 8.74 -8.92 -8.32
C ILE B 16 9.21 -10.10 -7.45
N LEU B 17 8.32 -10.68 -6.67
CA LEU B 17 8.74 -11.84 -5.81
C LEU B 17 7.77 -13.02 -6.00
N GLY B 18 7.95 -13.81 -7.04
CA GLY B 18 7.04 -14.97 -7.27
C GLY B 18 7.88 -16.24 -7.46
N ALA B 19 8.91 -16.43 -6.66
CA ALA B 19 9.75 -17.66 -6.81
C ALA B 19 9.85 -18.40 -5.48
N ASP B 20 8.75 -18.91 -4.96
CA ASP B 20 8.80 -19.65 -3.66
C ASP B 20 7.88 -20.88 -3.71
N THR B 21 6.59 -20.68 -3.81
CA THR B 21 5.65 -21.84 -3.86
C THR B 21 4.62 -21.65 -4.98
N SER B 22 4.96 -21.97 -6.20
CA SER B 22 3.98 -21.80 -7.32
C SER B 22 4.10 -22.97 -8.31
N VAL B 23 3.50 -22.86 -9.48
CA VAL B 23 3.59 -23.97 -10.48
C VAL B 23 4.34 -23.50 -11.74
N ASP B 24 3.84 -22.46 -12.40
CA ASP B 24 4.53 -21.97 -13.62
C ASP B 24 4.40 -20.45 -13.74
N LEU B 25 3.19 -19.93 -13.92
CA LEU B 25 3.00 -18.46 -14.04
C LEU B 25 1.74 -18.03 -13.29
N PHE A 1 -10.67 7.25 30.91
CA PHE A 1 -11.93 7.97 30.56
C PHE A 1 -12.06 8.08 29.03
N ALA A 2 -12.96 7.33 28.43
CA ALA A 2 -13.12 7.39 26.94
C ALA A 2 -14.61 7.46 26.57
N LYS A 3 -15.09 8.62 26.16
CA LYS A 3 -16.54 8.74 25.79
C LYS A 3 -16.70 9.68 24.58
N LEU A 4 -16.57 9.16 23.38
CA LEU A 4 -16.72 10.03 22.17
C LEU A 4 -17.90 9.55 21.32
N VAL A 5 -18.11 10.14 20.15
CA VAL A 5 -19.25 9.71 19.29
C VAL A 5 -18.77 9.50 17.83
N ARG A 6 -17.76 8.67 17.63
CA ARG A 6 -17.25 8.45 16.24
C ARG A 6 -17.30 6.94 15.91
N PRO A 7 -17.58 6.62 14.67
CA PRO A 7 -17.64 5.20 14.26
C PRO A 7 -16.22 4.61 14.17
N PRO A 8 -16.04 3.44 14.74
CA PRO A 8 -14.70 2.79 14.70
C PRO A 8 -14.41 2.23 13.30
N VAL A 9 -13.24 2.48 12.76
CA VAL A 9 -12.92 1.96 11.39
C VAL A 9 -11.41 1.66 11.27
N GLN A 10 -11.06 0.43 10.94
CA GLN A 10 -9.61 0.07 10.79
C GLN A 10 -9.46 -1.35 10.21
N ILE A 11 -8.63 -1.53 9.19
CA ILE A 11 -8.45 -2.89 8.57
C ILE A 11 -9.78 -3.41 8.00
N TYR A 12 -9.82 -3.80 6.74
CA TYR A 12 -11.12 -4.25 6.15
C TYR A 12 -10.89 -5.43 5.19
N GLY A 13 -10.08 -5.25 4.16
CA GLY A 13 -9.82 -6.39 3.21
C GLY A 13 -8.84 -5.97 2.11
N ILE A 14 -9.33 -5.60 0.94
CA ILE A 14 -8.39 -5.17 -0.16
C ILE A 14 -7.44 -4.07 0.36
N GLU A 15 -7.93 -3.15 1.16
CA GLU A 15 -7.01 -2.10 1.70
C GLU A 15 -5.99 -2.73 2.65
N GLY A 16 -6.39 -3.72 3.43
CA GLY A 16 -5.41 -4.39 4.34
C GLY A 16 -4.50 -5.29 3.49
N ARG A 17 -5.09 -6.12 2.65
CA ARG A 17 -4.25 -6.99 1.76
C ARG A 17 -3.39 -6.12 0.84
N TYR A 18 -3.86 -4.95 0.44
CA TYR A 18 -3.02 -4.08 -0.46
C TYR A 18 -1.66 -3.81 0.19
N ALA A 19 -1.61 -3.59 1.49
CA ALA A 19 -0.29 -3.34 2.15
C ALA A 19 0.42 -4.68 2.39
N THR A 20 -0.30 -5.72 2.77
CA THR A 20 0.37 -7.03 3.00
C THR A 20 0.74 -7.71 1.68
N ALA A 21 0.06 -7.41 0.58
CA ALA A 21 0.45 -8.04 -0.72
C ALA A 21 1.65 -7.31 -1.32
N LEU A 22 1.93 -6.08 -0.92
CA LEU A 22 3.13 -5.36 -1.47
C LEU A 22 4.27 -5.51 -0.48
N TYR A 23 4.01 -5.35 0.79
CA TYR A 23 5.10 -5.53 1.79
C TYR A 23 5.37 -7.04 2.01
N SER A 24 4.46 -7.94 1.61
CA SER A 24 4.77 -9.42 1.80
C SER A 24 6.17 -9.72 1.22
N ALA A 25 6.51 -9.09 0.10
CA ALA A 25 7.89 -9.27 -0.45
C ALA A 25 8.85 -8.41 0.39
N ALA A 26 8.43 -7.21 0.78
CA ALA A 26 9.32 -6.34 1.63
C ALA A 26 9.65 -7.08 2.94
N SER A 27 8.71 -7.82 3.50
CA SER A 27 9.01 -8.56 4.78
C SER A 27 10.21 -9.49 4.58
N LYS A 28 10.28 -10.16 3.45
CA LYS A 28 11.47 -11.05 3.19
C LYS A 28 12.75 -10.21 3.13
N GLN A 29 12.68 -9.03 2.54
CA GLN A 29 13.91 -8.15 2.47
C GLN A 29 14.01 -7.22 3.70
N ASN A 30 13.04 -7.23 4.62
CA ASN A 30 13.09 -6.33 5.82
C ASN A 30 12.91 -4.89 5.38
N LYS A 31 12.00 -4.62 4.46
CA LYS A 31 11.78 -3.22 4.01
C LYS A 31 10.48 -2.63 4.56
N LEU A 32 9.79 -3.29 5.50
CA LEU A 32 8.51 -2.70 6.05
C LEU A 32 8.73 -1.24 6.46
N GLU A 33 9.92 -0.87 6.90
CA GLU A 33 10.17 0.57 7.25
C GLU A 33 10.23 1.35 5.92
N GLN A 34 10.92 0.82 4.92
CA GLN A 34 10.99 1.53 3.59
C GLN A 34 9.58 1.64 2.98
N VAL A 35 8.66 0.75 3.31
CA VAL A 35 7.29 0.84 2.71
C VAL A 35 6.31 1.50 3.71
N GLU A 36 6.38 1.17 4.98
CA GLU A 36 5.44 1.80 5.97
C GLU A 36 5.71 3.30 6.12
N LYS A 37 6.96 3.74 6.02
CA LYS A 37 7.24 5.21 6.18
C LYS A 37 6.98 5.96 4.88
N GLU A 38 7.30 5.40 3.74
CA GLU A 38 7.02 6.14 2.46
C GLU A 38 5.51 6.11 2.19
N LEU A 39 4.84 4.99 2.46
CA LEU A 39 3.35 4.95 2.24
C LEU A 39 2.67 6.08 3.02
N LEU A 40 3.15 6.41 4.21
CA LEU A 40 2.51 7.53 4.98
C LEU A 40 2.52 8.83 4.16
N ARG A 41 3.55 9.07 3.37
CA ARG A 41 3.59 10.33 2.54
C ARG A 41 2.35 10.41 1.63
N VAL A 42 1.95 9.29 1.03
CA VAL A 42 0.73 9.31 0.14
C VAL A 42 -0.49 9.75 0.97
N GLY A 43 -0.61 9.30 2.20
CA GLY A 43 -1.78 9.71 3.03
C GLY A 43 -1.68 11.21 3.32
N GLN A 44 -0.51 11.70 3.73
CA GLN A 44 -0.37 13.18 4.00
C GLN A 44 -0.71 13.98 2.73
N ILE A 45 -0.32 13.49 1.57
CA ILE A 45 -0.65 14.24 0.30
C ILE A 45 -2.18 14.34 0.14
N LEU A 46 -2.90 13.28 0.44
CA LEU A 46 -4.40 13.36 0.32
C LEU A 46 -4.97 14.11 1.54
N LYS A 47 -4.40 13.92 2.71
CA LYS A 47 -4.92 14.66 3.92
C LYS A 47 -4.53 16.15 3.80
N GLU A 48 -3.45 16.47 3.11
CA GLU A 48 -3.05 17.91 2.98
C GLU A 48 -4.22 18.76 2.49
N PRO A 49 -4.42 19.92 3.08
CA PRO A 49 -5.55 20.79 2.67
C PRO A 49 -5.29 21.43 1.29
N LYS A 50 -4.04 21.68 0.92
CA LYS A 50 -3.77 22.26 -0.43
C LYS A 50 -3.82 21.15 -1.49
N MET A 51 -3.39 19.95 -1.15
CA MET A 51 -3.44 18.84 -2.15
C MET A 51 -4.78 18.07 -2.07
N ALA A 52 -5.46 18.06 -0.92
CA ALA A 52 -6.77 17.31 -0.83
C ALA A 52 -7.74 17.84 -1.92
N ALA A 53 -7.74 19.13 -2.18
CA ALA A 53 -8.67 19.67 -3.24
C ALA A 53 -8.41 18.97 -4.60
N SER A 54 -7.17 18.61 -4.90
CA SER A 54 -6.90 17.93 -6.21
C SER A 54 -7.25 16.44 -6.12
N LEU A 55 -6.75 15.73 -5.13
CA LEU A 55 -7.07 14.27 -5.02
C LEU A 55 -8.59 14.05 -4.85
N LEU A 56 -9.32 14.99 -4.28
CA LEU A 56 -10.80 14.81 -4.12
C LEU A 56 -11.60 15.59 -5.20
N ASN A 57 -10.96 16.13 -6.23
CA ASN A 57 -11.74 16.88 -7.26
C ASN A 57 -12.04 15.99 -8.48
N PRO A 58 -13.15 16.26 -9.14
CA PRO A 58 -13.52 15.48 -10.34
C PRO A 58 -12.77 16.00 -11.61
N TYR A 59 -11.92 17.02 -11.49
CA TYR A 59 -11.19 17.53 -12.68
C TYR A 59 -9.84 16.80 -12.81
N VAL A 60 -9.17 16.53 -11.71
CA VAL A 60 -7.83 15.81 -11.81
C VAL A 60 -7.99 14.45 -12.52
N LYS A 61 -9.17 13.86 -12.52
CA LYS A 61 -9.35 12.53 -13.21
C LYS A 61 -8.42 11.47 -12.60
N ARG A 62 -8.43 10.26 -13.13
CA ARG A 62 -7.54 9.20 -12.57
C ARG A 62 -6.33 9.00 -13.49
N SER A 63 -6.54 8.75 -14.77
CA SER A 63 -5.36 8.55 -15.69
C SER A 63 -4.45 9.78 -15.63
N VAL A 64 -5.01 10.98 -15.61
CA VAL A 64 -4.15 12.20 -15.52
C VAL A 64 -3.45 12.23 -14.14
N LYS A 65 -4.15 11.90 -13.08
CA LYS A 65 -3.50 11.89 -11.73
C LYS A 65 -2.31 10.91 -11.71
N VAL A 66 -2.42 9.78 -12.40
CA VAL A 66 -1.26 8.81 -12.40
C VAL A 66 -0.01 9.50 -12.96
N LYS A 67 -0.13 10.31 -13.99
CA LYS A 67 1.08 11.01 -14.53
C LYS A 67 1.63 11.99 -13.49
N SER A 68 0.76 12.72 -12.80
CA SER A 68 1.26 13.68 -11.76
C SER A 68 1.94 12.90 -10.63
N LEU A 69 1.36 11.78 -10.21
CA LEU A 69 2.01 10.99 -9.11
C LEU A 69 3.39 10.50 -9.56
N SER A 70 3.51 10.02 -10.79
CA SER A 70 4.86 9.54 -11.27
C SER A 70 5.86 10.71 -11.26
N ASP A 71 5.44 11.88 -11.73
CA ASP A 71 6.38 13.06 -11.72
C ASP A 71 6.66 13.53 -10.28
N MET A 72 5.85 13.15 -9.30
CA MET A 72 6.11 13.57 -7.89
C MET A 72 7.05 12.53 -7.28
N THR A 73 6.77 11.25 -7.49
CA THR A 73 7.67 10.18 -6.95
C THR A 73 9.11 10.43 -7.46
N ALA A 74 9.28 10.88 -8.69
CA ALA A 74 10.67 11.14 -9.20
C ALA A 74 11.37 12.18 -8.30
N LYS A 75 10.66 13.19 -7.84
CA LYS A 75 11.30 14.21 -6.96
C LYS A 75 11.17 13.81 -5.47
N GLU A 76 10.09 13.13 -5.10
CA GLU A 76 9.93 12.72 -3.66
C GLU A 76 11.04 11.73 -3.22
N LYS A 77 11.73 11.08 -4.16
CA LYS A 77 12.80 10.11 -3.77
C LYS A 77 12.18 8.98 -2.94
N PHE A 78 11.07 8.42 -3.39
CA PHE A 78 10.42 7.30 -2.62
C PHE A 78 11.41 6.15 -2.40
N SER A 79 10.96 5.03 -1.86
CA SER A 79 11.90 3.90 -1.63
C SER A 79 11.68 2.85 -2.71
N PRO A 80 12.34 1.71 -2.58
CA PRO A 80 12.17 0.64 -3.58
C PRO A 80 10.81 -0.05 -3.44
N LEU A 81 10.04 0.21 -2.39
CA LEU A 81 8.71 -0.44 -2.28
C LEU A 81 7.61 0.62 -2.28
N THR A 82 7.83 1.77 -2.88
CA THR A 82 6.75 2.81 -2.90
C THR A 82 6.55 3.42 -4.30
N SER A 83 6.95 2.73 -5.36
CA SER A 83 6.70 3.27 -6.73
C SER A 83 6.02 2.17 -7.53
N ASN A 84 4.98 1.61 -6.95
CA ASN A 84 4.19 0.52 -7.59
C ASN A 84 2.84 0.49 -6.86
N LEU A 85 2.88 0.30 -5.55
CA LEU A 85 1.60 0.36 -4.76
C LEU A 85 0.94 1.74 -4.99
N ILE A 86 1.69 2.79 -5.29
CA ILE A 86 1.03 4.12 -5.54
C ILE A 86 0.11 4.00 -6.78
N ASN A 87 0.54 3.26 -7.80
CA ASN A 87 -0.34 3.12 -9.02
C ASN A 87 -1.74 2.63 -8.60
N LEU A 88 -1.82 1.55 -7.85
CA LEU A 88 -3.18 1.04 -7.40
C LEU A 88 -3.97 2.18 -6.74
N LEU A 89 -3.32 3.02 -5.96
CA LEU A 89 -4.06 4.16 -5.31
C LEU A 89 -4.64 5.08 -6.39
N ALA A 90 -3.90 5.35 -7.45
CA ALA A 90 -4.44 6.22 -8.53
C ALA A 90 -4.75 5.39 -9.79
N GLU A 91 -5.10 4.12 -9.65
CA GLU A 91 -5.42 3.29 -10.85
C GLU A 91 -6.82 2.67 -10.70
N ASN A 92 -7.06 1.89 -9.66
CA ASN A 92 -8.42 1.28 -9.49
C ASN A 92 -9.37 2.29 -8.82
N GLY A 93 -8.88 3.04 -7.85
CA GLY A 93 -9.75 4.03 -7.17
C GLY A 93 -9.58 3.91 -5.65
N ARG A 94 -8.39 4.13 -5.14
CA ARG A 94 -8.18 4.02 -3.66
C ARG A 94 -7.55 5.31 -3.08
N LEU A 95 -7.64 6.44 -3.77
CA LEU A 95 -7.07 7.70 -3.18
C LEU A 95 -8.19 8.46 -2.46
N THR A 96 -8.49 8.02 -1.27
CA THR A 96 -9.57 8.65 -0.45
C THR A 96 -9.38 8.19 1.00
N ASN A 97 -9.34 6.88 1.22
CA ASN A 97 -9.05 6.35 2.58
C ASN A 97 -7.56 5.92 2.64
N THR A 98 -6.68 6.51 1.81
CA THR A 98 -5.22 6.12 1.81
C THR A 98 -4.66 5.86 3.23
N PRO A 99 -4.87 6.78 4.15
CA PRO A 99 -4.35 6.57 5.53
C PRO A 99 -4.96 5.31 6.16
N ALA A 100 -6.21 4.98 5.85
CA ALA A 100 -6.80 3.72 6.42
C ALA A 100 -6.00 2.51 5.92
N VAL A 101 -5.60 2.52 4.65
CA VAL A 101 -4.79 1.36 4.12
C VAL A 101 -3.40 1.36 4.78
N ILE A 102 -2.82 2.52 5.03
CA ILE A 102 -1.46 2.55 5.69
C ILE A 102 -1.57 2.06 7.14
N SER A 103 -2.64 2.39 7.84
CA SER A 103 -2.77 1.91 9.27
C SER A 103 -2.71 0.38 9.31
N ALA A 104 -3.43 -0.29 8.42
CA ALA A 104 -3.37 -1.81 8.42
C ALA A 104 -1.92 -2.27 8.19
N PHE A 105 -1.15 -1.56 7.40
CA PHE A 105 0.28 -1.97 7.15
C PHE A 105 1.04 -2.07 8.49
N SER A 106 0.83 -1.11 9.38
CA SER A 106 1.56 -1.17 10.70
C SER A 106 1.07 -2.39 11.50
N THR A 107 -0.21 -2.68 11.49
CA THR A 107 -0.71 -3.88 12.26
C THR A 107 -0.23 -5.17 11.58
N MET A 108 -0.19 -5.20 10.25
CA MET A 108 0.30 -6.45 9.57
C MET A 108 1.79 -6.65 9.85
N MET A 109 2.57 -5.57 9.91
CA MET A 109 4.03 -5.73 10.19
C MET A 109 4.23 -6.45 11.53
N SER A 110 3.45 -6.13 12.54
CA SER A 110 3.63 -6.87 13.86
C SER A 110 3.47 -8.38 13.64
N VAL A 111 2.63 -8.81 12.72
CA VAL A 111 2.48 -10.29 12.50
C VAL A 111 3.64 -10.86 11.65
N HIS A 112 4.51 -10.03 11.10
CA HIS A 112 5.65 -10.57 10.31
C HIS A 112 6.86 -10.82 11.23
N ARG A 113 6.96 -10.13 12.36
CA ARG A 113 8.13 -10.36 13.28
C ARG A 113 7.75 -11.38 14.37
N GLY A 114 6.52 -11.41 14.83
CA GLY A 114 6.12 -12.38 15.89
C GLY A 114 6.42 -13.82 15.43
N GLU A 115 6.24 -14.12 14.15
CA GLU A 115 6.53 -15.52 13.68
C GLU A 115 7.85 -15.56 12.91
N VAL A 116 8.06 -14.67 11.96
CA VAL A 116 9.34 -14.68 11.19
C VAL A 116 10.13 -13.37 11.46
N PRO A 117 10.69 -13.27 12.64
CA PRO A 117 11.47 -12.06 13.00
C PRO A 117 12.82 -12.06 12.26
N CYS A 118 13.50 -13.18 12.22
CA CYS A 118 14.83 -13.22 11.52
C CYS A 118 15.01 -14.59 10.83
N THR A 119 15.62 -14.62 9.66
CA THR A 119 15.83 -15.92 8.95
C THR A 119 17.28 -16.03 8.46
N VAL A 120 17.82 -17.22 8.36
CA VAL A 120 19.23 -17.38 7.88
C VAL A 120 19.34 -18.60 6.97
N GLN B 1 -22.28 -17.42 -0.22
CA GLN B 1 -21.86 -15.99 -0.22
C GLN B 1 -20.73 -15.77 -1.25
N LYS B 2 -20.87 -14.82 -2.14
CA LYS B 2 -19.80 -14.57 -3.15
C LYS B 2 -19.30 -13.12 -3.06
N THR B 3 -18.02 -12.93 -2.80
CA THR B 3 -17.49 -11.54 -2.70
C THR B 3 -16.45 -11.28 -3.80
N GLY B 4 -16.00 -10.05 -3.96
CA GLY B 4 -14.99 -9.74 -5.02
C GLY B 4 -13.70 -10.52 -4.73
N THR B 5 -13.23 -11.31 -5.68
CA THR B 5 -11.97 -12.09 -5.45
C THR B 5 -10.95 -11.77 -6.54
N ALA B 6 -9.95 -10.96 -6.23
CA ALA B 6 -8.93 -10.62 -7.27
C ALA B 6 -7.55 -10.41 -6.62
N GLU B 7 -7.43 -9.51 -5.65
CA GLU B 7 -6.10 -9.26 -4.99
C GLU B 7 -5.11 -8.76 -6.05
N VAL B 8 -5.40 -7.63 -6.68
CA VAL B 8 -4.47 -7.09 -7.74
C VAL B 8 -3.07 -6.87 -7.13
N SER B 9 -2.99 -6.34 -5.93
CA SER B 9 -1.64 -6.14 -5.30
C SER B 9 -0.96 -7.51 -5.12
N SER B 10 -1.72 -8.54 -4.78
CA SER B 10 -1.07 -9.89 -4.61
C SER B 10 -0.55 -10.39 -5.96
N ILE B 11 -1.39 -10.44 -6.98
CA ILE B 11 -0.91 -10.93 -8.31
C ILE B 11 0.22 -10.01 -8.83
N LEU B 12 0.17 -8.72 -8.54
CA LEU B 12 1.27 -7.82 -9.03
C LEU B 12 2.58 -8.14 -8.28
N GLU B 13 2.50 -8.44 -6.99
CA GLU B 13 3.76 -8.77 -6.23
C GLU B 13 4.39 -10.05 -6.79
N GLU B 14 3.60 -11.05 -7.15
CA GLU B 14 4.18 -12.31 -7.70
C GLU B 14 4.89 -12.02 -9.05
N ARG B 15 4.31 -11.17 -9.88
CA ARG B 15 4.98 -10.87 -11.19
C ARG B 15 6.34 -10.18 -10.97
N ILE B 16 6.48 -9.36 -9.95
CA ILE B 16 7.80 -8.69 -9.71
C ILE B 16 8.66 -9.47 -8.69
N LEU B 17 8.05 -10.14 -7.74
CA LEU B 17 8.86 -10.91 -6.74
C LEU B 17 7.99 -11.96 -6.01
N GLY B 18 7.85 -13.14 -6.58
CA GLY B 18 7.01 -14.19 -5.91
C GLY B 18 7.68 -14.61 -4.59
N ALA B 19 8.08 -15.87 -4.48
CA ALA B 19 8.73 -16.32 -3.21
C ALA B 19 10.17 -16.76 -3.49
N ASP B 20 10.88 -17.26 -2.48
CA ASP B 20 12.28 -17.70 -2.70
C ASP B 20 12.54 -19.04 -1.99
N THR B 21 13.63 -19.70 -2.28
CA THR B 21 13.92 -21.01 -1.62
C THR B 21 15.37 -21.03 -1.10
N SER B 22 15.56 -21.00 0.20
CA SER B 22 16.94 -21.02 0.76
C SER B 22 17.05 -22.10 1.85
N VAL B 23 17.60 -23.26 1.53
CA VAL B 23 17.74 -24.33 2.56
C VAL B 23 19.14 -24.94 2.51
N ASP B 24 20.07 -24.44 3.32
CA ASP B 24 21.45 -24.99 3.30
C ASP B 24 21.84 -25.50 4.70
N LEU B 25 21.93 -24.61 5.68
CA LEU B 25 22.30 -25.06 7.05
C LEU B 25 21.47 -24.30 8.10
N PHE A 1 -4.71 10.04 32.70
CA PHE A 1 -3.59 9.84 31.73
C PHE A 1 -3.72 8.46 31.05
N ALA A 2 -4.18 8.42 29.81
CA ALA A 2 -4.32 7.11 29.10
C ALA A 2 -3.83 7.24 27.65
N LYS A 3 -3.17 6.22 27.13
CA LYS A 3 -2.67 6.30 25.72
C LYS A 3 -2.83 4.93 25.03
N LEU A 4 -3.93 4.25 25.27
CA LEU A 4 -4.14 2.91 24.62
C LEU A 4 -5.53 2.85 23.97
N VAL A 5 -5.89 1.72 23.40
CA VAL A 5 -7.25 1.60 22.76
C VAL A 5 -8.10 0.56 23.49
N ARG A 6 -9.34 0.86 23.77
CA ARG A 6 -10.21 -0.14 24.49
C ARG A 6 -10.69 -1.24 23.54
N PRO A 7 -11.26 -0.84 22.40
CA PRO A 7 -11.76 -1.84 21.43
C PRO A 7 -10.61 -2.35 20.54
N PRO A 8 -10.23 -3.61 20.71
CA PRO A 8 -9.12 -4.17 19.89
C PRO A 8 -9.60 -4.39 18.44
N VAL A 9 -8.86 -3.90 17.46
CA VAL A 9 -9.28 -4.09 16.05
C VAL A 9 -8.06 -4.46 15.19
N GLN A 10 -8.16 -5.50 14.37
CA GLN A 10 -7.00 -5.88 13.52
C GLN A 10 -7.48 -6.41 12.15
N ILE A 11 -6.92 -5.91 11.06
CA ILE A 11 -7.34 -6.39 9.70
C ILE A 11 -8.86 -6.20 9.49
N TYR A 12 -9.27 -5.20 8.75
CA TYR A 12 -10.74 -4.93 8.53
C TYR A 12 -10.95 -4.12 7.24
N GLY A 13 -11.07 -4.77 6.10
CA GLY A 13 -11.27 -4.01 4.84
C GLY A 13 -10.26 -4.49 3.79
N ILE A 14 -10.73 -5.05 2.69
CA ILE A 14 -9.78 -5.55 1.61
C ILE A 14 -8.70 -4.49 1.30
N GLU A 15 -9.02 -3.22 1.39
CA GLU A 15 -7.97 -2.16 1.10
C GLU A 15 -6.73 -2.39 1.98
N GLY A 16 -6.91 -2.86 3.21
CA GLY A 16 -5.73 -3.11 4.09
C GLY A 16 -4.81 -4.15 3.43
N ARG A 17 -5.37 -5.16 2.79
CA ARG A 17 -4.50 -6.19 2.12
C ARG A 17 -3.53 -5.54 1.12
N TYR A 18 -3.87 -4.40 0.55
CA TYR A 18 -2.91 -3.75 -0.42
C TYR A 18 -1.54 -3.55 0.25
N ALA A 19 -1.52 -3.18 1.53
CA ALA A 19 -0.20 -3.01 2.21
C ALA A 19 0.41 -4.38 2.51
N THR A 20 -0.39 -5.35 2.90
CA THR A 20 0.20 -6.71 3.19
C THR A 20 0.55 -7.43 1.88
N ALA A 21 -0.20 -7.23 0.82
CA ALA A 21 0.17 -7.90 -0.47
C ALA A 21 1.36 -7.17 -1.12
N LEU A 22 1.67 -5.96 -0.71
CA LEU A 22 2.85 -5.25 -1.32
C LEU A 22 4.03 -5.40 -0.37
N TYR A 23 3.83 -5.22 0.92
CA TYR A 23 4.95 -5.41 1.88
C TYR A 23 5.18 -6.92 2.10
N SER A 24 4.25 -7.81 1.73
CA SER A 24 4.51 -9.29 1.93
C SER A 24 5.88 -9.63 1.33
N ALA A 25 6.19 -9.08 0.17
CA ALA A 25 7.54 -9.32 -0.43
C ALA A 25 8.54 -8.48 0.39
N ALA A 26 8.17 -7.25 0.75
CA ALA A 26 9.10 -6.39 1.57
C ALA A 26 9.48 -7.12 2.87
N SER A 27 8.56 -7.85 3.48
CA SER A 27 8.91 -8.60 4.76
C SER A 27 10.11 -9.52 4.50
N LYS A 28 10.15 -10.19 3.36
CA LYS A 28 11.32 -11.08 3.05
C LYS A 28 12.56 -10.21 2.76
N GLN A 29 12.38 -9.10 2.07
CA GLN A 29 13.55 -8.21 1.78
C GLN A 29 13.85 -7.25 2.95
N ASN A 30 13.07 -7.29 4.03
CA ASN A 30 13.32 -6.36 5.19
C ASN A 30 13.03 -4.91 4.79
N LYS A 31 11.97 -4.69 4.04
CA LYS A 31 11.64 -3.29 3.63
C LYS A 31 10.43 -2.74 4.41
N LEU A 32 10.00 -3.38 5.49
CA LEU A 32 8.82 -2.84 6.28
C LEU A 32 9.02 -1.34 6.56
N GLU A 33 10.24 -0.92 6.84
CA GLU A 33 10.49 0.56 7.04
C GLU A 33 10.46 1.23 5.65
N GLN A 34 11.09 0.62 4.66
CA GLN A 34 11.06 1.21 3.28
C GLN A 34 9.62 1.36 2.77
N VAL A 35 8.71 0.51 3.20
CA VAL A 35 7.30 0.63 2.70
C VAL A 35 6.39 1.27 3.76
N GLU A 36 6.55 0.94 5.03
CA GLU A 36 5.66 1.57 6.09
C GLU A 36 5.91 3.07 6.22
N LYS A 37 7.11 3.55 5.91
CA LYS A 37 7.37 5.03 6.05
C LYS A 37 7.06 5.76 4.74
N GLU A 38 7.35 5.15 3.61
CA GLU A 38 7.04 5.84 2.31
C GLU A 38 5.52 5.88 2.12
N LEU A 39 4.81 4.83 2.45
CA LEU A 39 3.30 4.86 2.31
C LEU A 39 2.72 6.05 3.09
N LEU A 40 3.29 6.38 4.25
CA LEU A 40 2.75 7.55 5.04
C LEU A 40 2.75 8.83 4.18
N ARG A 41 3.73 9.01 3.32
CA ARG A 41 3.76 10.26 2.46
C ARG A 41 2.46 10.36 1.65
N VAL A 42 1.98 9.26 1.11
CA VAL A 42 0.69 9.32 0.31
C VAL A 42 -0.47 9.72 1.24
N GLY A 43 -0.49 9.22 2.46
CA GLY A 43 -1.59 9.59 3.40
C GLY A 43 -1.46 11.08 3.76
N GLN A 44 -0.27 11.54 4.07
CA GLN A 44 -0.10 13.01 4.42
C GLN A 44 -0.50 13.86 3.20
N ILE A 45 -0.13 13.44 2.01
CA ILE A 45 -0.50 14.24 0.79
C ILE A 45 -2.02 14.26 0.63
N LEU A 46 -2.70 13.16 0.91
CA LEU A 46 -4.20 13.17 0.78
C LEU A 46 -4.84 13.90 1.97
N LYS A 47 -4.24 13.82 3.15
CA LYS A 47 -4.82 14.56 4.32
C LYS A 47 -4.59 16.07 4.15
N GLU A 48 -3.53 16.47 3.48
CA GLU A 48 -3.27 17.94 3.30
C GLU A 48 -4.49 18.62 2.64
N PRO A 49 -4.79 19.83 3.05
CA PRO A 49 -5.95 20.55 2.46
C PRO A 49 -5.63 21.01 1.03
N LYS A 50 -4.47 21.60 0.81
CA LYS A 50 -4.12 22.06 -0.59
C LYS A 50 -4.10 20.86 -1.55
N MET A 51 -3.61 19.71 -1.11
CA MET A 51 -3.58 18.51 -2.02
C MET A 51 -4.99 17.89 -2.12
N ALA A 52 -5.76 17.89 -1.05
CA ALA A 52 -7.15 17.28 -1.12
C ALA A 52 -7.93 17.87 -2.30
N ALA A 53 -7.75 19.14 -2.60
CA ALA A 53 -8.49 19.75 -3.76
C ALA A 53 -8.01 19.14 -5.09
N SER A 54 -6.74 18.75 -5.19
CA SER A 54 -6.25 18.15 -6.48
C SER A 54 -6.57 16.65 -6.55
N LEU A 55 -6.43 15.95 -5.45
CA LEU A 55 -6.73 14.46 -5.48
C LEU A 55 -8.25 14.22 -5.52
N LEU A 56 -9.06 15.13 -5.02
CA LEU A 56 -10.55 14.90 -5.05
C LEU A 56 -11.23 15.67 -6.20
N ASN A 57 -10.61 16.71 -6.75
CA ASN A 57 -11.30 17.46 -7.86
C ASN A 57 -11.66 16.51 -9.03
N PRO A 58 -12.88 16.65 -9.54
CA PRO A 58 -13.30 15.81 -10.68
C PRO A 58 -12.69 16.34 -12.01
N TYR A 59 -11.97 17.45 -11.99
CA TYR A 59 -11.37 17.99 -13.26
C TYR A 59 -9.93 17.45 -13.47
N VAL A 60 -9.39 16.63 -12.58
CA VAL A 60 -8.01 16.11 -12.81
C VAL A 60 -8.02 14.76 -13.57
N LYS A 61 -9.14 14.33 -14.13
CA LYS A 61 -9.18 13.03 -14.88
C LYS A 61 -8.56 11.89 -14.04
N ARG A 62 -8.42 10.71 -14.62
CA ARG A 62 -7.82 9.57 -13.86
C ARG A 62 -6.42 9.25 -14.42
N SER A 63 -6.31 9.00 -15.71
CA SER A 63 -4.95 8.70 -16.29
C SER A 63 -4.00 9.87 -16.04
N VAL A 64 -4.48 11.10 -16.16
CA VAL A 64 -3.57 12.28 -15.91
C VAL A 64 -3.13 12.29 -14.44
N LYS A 65 -4.02 12.00 -13.52
CA LYS A 65 -3.62 11.99 -12.07
C LYS A 65 -2.59 10.88 -11.83
N VAL A 66 -2.74 9.73 -12.45
CA VAL A 66 -1.73 8.63 -12.24
C VAL A 66 -0.36 9.09 -12.77
N LYS A 67 -0.32 9.74 -13.91
CA LYS A 67 1.01 10.21 -14.45
C LYS A 67 1.64 11.21 -13.47
N SER A 68 0.85 12.10 -12.88
CA SER A 68 1.43 13.09 -11.91
C SER A 68 2.13 12.35 -10.75
N LEU A 69 1.57 11.24 -10.29
CA LEU A 69 2.23 10.50 -9.15
C LEU A 69 3.64 10.07 -9.57
N SER A 70 3.81 9.53 -10.77
CA SER A 70 5.19 9.12 -11.21
C SER A 70 6.11 10.34 -11.23
N ASP A 71 5.64 11.46 -11.73
CA ASP A 71 6.50 12.70 -11.74
C ASP A 71 6.70 13.23 -10.31
N MET A 72 5.81 12.92 -9.37
CA MET A 72 6.01 13.40 -7.97
C MET A 72 6.90 12.38 -7.26
N THR A 73 6.62 11.10 -7.47
CA THR A 73 7.48 10.04 -6.84
C THR A 73 8.95 10.27 -7.27
N ALA A 74 9.20 10.69 -8.50
CA ALA A 74 10.62 10.94 -8.93
C ALA A 74 11.22 12.05 -8.06
N LYS A 75 10.47 13.09 -7.77
CA LYS A 75 11.02 14.19 -6.90
C LYS A 75 10.92 13.78 -5.41
N GLU A 76 9.88 13.06 -5.03
CA GLU A 76 9.77 12.63 -3.58
C GLU A 76 10.87 11.61 -3.21
N LYS A 77 11.56 11.01 -4.18
CA LYS A 77 12.62 10.01 -3.84
C LYS A 77 12.00 8.83 -3.07
N PHE A 78 10.88 8.31 -3.52
CA PHE A 78 10.25 7.15 -2.78
C PHE A 78 11.24 5.98 -2.70
N SER A 79 10.82 4.84 -2.22
CA SER A 79 11.76 3.69 -2.12
C SER A 79 11.38 2.63 -3.16
N PRO A 80 11.97 1.45 -3.07
CA PRO A 80 11.64 0.41 -4.07
C PRO A 80 10.27 -0.24 -3.82
N LEU A 81 9.57 0.10 -2.76
CA LEU A 81 8.22 -0.51 -2.53
C LEU A 81 7.13 0.57 -2.49
N THR A 82 7.42 1.80 -2.91
CA THR A 82 6.37 2.84 -2.87
C THR A 82 6.06 3.46 -4.25
N SER A 83 6.66 2.97 -5.34
CA SER A 83 6.31 3.53 -6.68
C SER A 83 5.53 2.47 -7.47
N ASN A 84 4.68 1.74 -6.80
CA ASN A 84 3.83 0.70 -7.46
C ASN A 84 2.47 0.76 -6.76
N LEU A 85 2.46 0.49 -5.47
CA LEU A 85 1.18 0.64 -4.70
C LEU A 85 0.69 2.11 -4.85
N ILE A 86 1.60 3.06 -5.07
CA ILE A 86 1.12 4.49 -5.25
C ILE A 86 0.20 4.57 -6.48
N ASN A 87 0.50 3.84 -7.54
CA ASN A 87 -0.40 3.90 -8.74
C ASN A 87 -1.75 3.25 -8.38
N LEU A 88 -1.73 2.08 -7.77
CA LEU A 88 -3.02 1.40 -7.38
C LEU A 88 -3.90 2.38 -6.58
N LEU A 89 -3.32 3.14 -5.67
CA LEU A 89 -4.16 4.12 -4.90
C LEU A 89 -4.83 5.10 -5.86
N ALA A 90 -4.15 5.50 -6.92
CA ALA A 90 -4.77 6.44 -7.90
C ALA A 90 -5.11 5.68 -9.20
N GLU A 91 -5.39 4.38 -9.13
CA GLU A 91 -5.73 3.63 -10.39
C GLU A 91 -7.25 3.39 -10.47
N ASN A 92 -7.87 2.88 -9.42
CA ASN A 92 -9.34 2.63 -9.48
C ASN A 92 -10.10 3.53 -8.49
N GLY A 93 -9.61 4.72 -8.21
CA GLY A 93 -10.32 5.63 -7.26
C GLY A 93 -10.04 5.17 -5.83
N ARG A 94 -8.79 4.90 -5.51
CA ARG A 94 -8.46 4.46 -4.11
C ARG A 94 -7.79 5.59 -3.32
N LEU A 95 -8.18 6.84 -3.57
CA LEU A 95 -7.56 7.97 -2.79
C LEU A 95 -8.60 8.54 -1.80
N THR A 96 -9.49 7.71 -1.29
CA THR A 96 -10.49 8.17 -0.29
C THR A 96 -10.18 7.48 1.03
N ASN A 97 -10.09 6.16 1.04
CA ASN A 97 -9.75 5.44 2.29
C ASN A 97 -8.27 5.01 2.26
N THR A 98 -7.39 5.78 1.61
CA THR A 98 -5.95 5.36 1.56
C THR A 98 -5.29 5.26 2.97
N PRO A 99 -5.66 6.12 3.92
CA PRO A 99 -5.02 6.01 5.27
C PRO A 99 -5.37 4.67 5.92
N ALA A 100 -6.57 4.15 5.71
CA ALA A 100 -6.93 2.82 6.33
C ALA A 100 -5.92 1.74 5.89
N VAL A 101 -5.47 1.78 4.64
CA VAL A 101 -4.48 0.75 4.18
C VAL A 101 -3.14 0.95 4.91
N ILE A 102 -2.73 2.18 5.13
CA ILE A 102 -1.43 2.40 5.86
C ILE A 102 -1.57 1.93 7.32
N SER A 103 -2.71 2.16 7.96
CA SER A 103 -2.86 1.70 9.38
C SER A 103 -2.74 0.17 9.44
N ALA A 104 -3.43 -0.55 8.56
CA ALA A 104 -3.31 -2.05 8.56
C ALA A 104 -1.84 -2.47 8.41
N PHE A 105 -1.04 -1.71 7.67
CA PHE A 105 0.42 -2.08 7.51
C PHE A 105 1.08 -2.18 8.89
N SER A 106 0.80 -1.26 9.78
CA SER A 106 1.44 -1.33 11.15
C SER A 106 0.93 -2.57 11.89
N THR A 107 -0.34 -2.87 11.79
CA THR A 107 -0.87 -4.08 12.51
C THR A 107 -0.39 -5.36 11.81
N MET A 108 -0.30 -5.36 10.49
CA MET A 108 0.21 -6.59 9.79
C MET A 108 1.71 -6.74 10.05
N MET A 109 2.46 -5.64 10.13
CA MET A 109 3.93 -5.76 10.40
C MET A 109 4.15 -6.53 11.72
N SER A 110 3.32 -6.32 12.73
CA SER A 110 3.54 -7.09 14.01
C SER A 110 3.56 -8.60 13.74
N VAL A 111 2.82 -9.08 12.76
CA VAL A 111 2.84 -10.55 12.46
C VAL A 111 4.10 -10.95 11.66
N HIS A 112 4.89 -10.01 11.16
CA HIS A 112 6.12 -10.38 10.39
C HIS A 112 7.32 -10.49 11.35
N ARG A 113 7.29 -9.85 12.51
CA ARG A 113 8.45 -9.96 13.44
C ARG A 113 8.23 -11.04 14.52
N GLY A 114 6.98 -11.37 14.85
CA GLY A 114 6.73 -12.40 15.90
C GLY A 114 7.47 -13.71 15.55
N GLU A 115 7.22 -14.29 14.39
CA GLU A 115 7.91 -15.56 14.02
C GLU A 115 8.14 -15.64 12.50
N VAL A 116 9.20 -15.04 12.01
CA VAL A 116 9.48 -15.10 10.54
C VAL A 116 10.99 -15.23 10.28
N PRO A 117 11.46 -16.44 10.14
CA PRO A 117 12.91 -16.66 9.89
C PRO A 117 13.28 -16.23 8.46
N CYS A 118 14.53 -15.89 8.21
CA CYS A 118 14.93 -15.47 6.84
C CYS A 118 15.99 -16.43 6.28
N THR A 119 16.08 -16.57 4.97
CA THR A 119 17.09 -17.49 4.38
C THR A 119 17.67 -16.89 3.09
N VAL A 120 18.64 -17.53 2.48
CA VAL A 120 19.25 -16.99 1.22
C VAL A 120 18.96 -17.94 0.05
N GLN B 1 -5.14 -6.92 -20.90
CA GLN B 1 -5.59 -7.01 -19.48
C GLN B 1 -7.12 -7.16 -19.42
N LYS B 2 -7.63 -8.03 -18.58
CA LYS B 2 -9.11 -8.22 -18.50
C LYS B 2 -9.56 -8.21 -17.03
N THR B 3 -10.50 -7.35 -16.67
CA THR B 3 -10.97 -7.30 -15.23
C THR B 3 -9.79 -7.15 -14.27
N GLY B 4 -9.44 -5.95 -13.88
CA GLY B 4 -8.30 -5.77 -12.93
C GLY B 4 -8.82 -5.26 -11.59
N THR B 5 -9.61 -6.05 -10.89
CA THR B 5 -10.14 -5.61 -9.57
C THR B 5 -10.15 -6.79 -8.58
N ALA B 6 -9.05 -7.51 -8.47
CA ALA B 6 -9.01 -8.67 -7.51
C ALA B 6 -7.61 -8.80 -6.91
N GLU B 7 -7.27 -7.98 -5.92
CA GLU B 7 -5.90 -8.06 -5.29
C GLU B 7 -4.82 -7.91 -6.37
N VAL B 8 -4.93 -6.87 -7.19
CA VAL B 8 -3.88 -6.67 -8.27
C VAL B 8 -2.49 -6.54 -7.62
N SER B 9 -2.39 -5.81 -6.52
CA SER B 9 -1.04 -5.68 -5.86
C SER B 9 -0.50 -7.08 -5.48
N SER B 10 -1.38 -7.99 -5.09
CA SER B 10 -0.88 -9.37 -4.73
C SER B 10 -0.31 -10.05 -5.97
N ILE B 11 -1.08 -10.16 -7.03
CA ILE B 11 -0.54 -10.83 -8.27
C ILE B 11 0.66 -10.04 -8.81
N LEU B 12 0.67 -8.71 -8.69
CA LEU B 12 1.84 -7.92 -9.18
C LEU B 12 3.07 -8.23 -8.30
N GLU B 13 2.89 -8.38 -7.01
CA GLU B 13 4.06 -8.69 -6.11
C GLU B 13 4.75 -9.99 -6.57
N GLU B 14 3.98 -10.99 -6.98
CA GLU B 14 4.62 -12.28 -7.44
C GLU B 14 5.60 -12.00 -8.60
N ARG B 15 5.27 -11.11 -9.49
CA ARG B 15 6.21 -10.81 -10.64
C ARG B 15 7.58 -10.36 -10.10
N ILE B 16 7.63 -9.65 -9.00
CA ILE B 16 8.96 -9.19 -8.46
C ILE B 16 9.58 -10.31 -7.60
N LEU B 17 8.78 -10.98 -6.78
CA LEU B 17 9.34 -12.08 -5.93
C LEU B 17 8.72 -13.43 -6.31
N GLY B 18 9.33 -14.17 -7.21
CA GLY B 18 8.76 -15.48 -7.61
C GLY B 18 9.75 -16.61 -7.23
N ALA B 19 10.96 -16.56 -7.75
CA ALA B 19 11.95 -17.64 -7.41
C ALA B 19 13.34 -17.02 -7.20
N ASP B 20 13.79 -16.90 -5.96
CA ASP B 20 15.13 -16.30 -5.70
C ASP B 20 16.05 -17.35 -5.05
N THR B 21 16.58 -18.27 -5.82
CA THR B 21 17.49 -19.31 -5.24
C THR B 21 18.82 -19.36 -6.02
N SER B 22 19.74 -18.47 -5.72
CA SER B 22 21.04 -18.47 -6.45
C SER B 22 22.19 -18.78 -5.47
N VAL B 23 23.02 -19.77 -5.76
CA VAL B 23 24.16 -20.09 -4.85
C VAL B 23 25.49 -19.84 -5.57
N ASP B 24 25.72 -20.47 -6.71
CA ASP B 24 27.01 -20.26 -7.43
C ASP B 24 26.74 -19.98 -8.92
N LEU B 25 25.89 -19.02 -9.24
CA LEU B 25 25.60 -18.71 -10.66
C LEU B 25 26.03 -17.27 -11.00
N PHE A 1 -22.85 -17.48 33.03
CA PHE A 1 -22.65 -16.46 31.95
C PHE A 1 -21.16 -16.09 31.84
N ALA A 2 -20.45 -16.69 30.91
CA ALA A 2 -18.99 -16.36 30.77
C ALA A 2 -18.69 -15.98 29.31
N LYS A 3 -19.53 -15.22 28.66
CA LYS A 3 -19.27 -14.84 27.24
C LYS A 3 -19.62 -13.36 27.02
N LEU A 4 -18.94 -12.68 26.12
CA LEU A 4 -19.23 -11.24 25.87
C LEU A 4 -19.34 -10.97 24.36
N VAL A 5 -19.88 -9.83 23.97
CA VAL A 5 -20.01 -9.53 22.51
C VAL A 5 -19.17 -8.29 22.16
N ARG A 6 -17.88 -8.45 21.96
CA ARG A 6 -17.01 -7.28 21.61
C ARG A 6 -16.04 -7.64 20.49
N PRO A 7 -16.36 -7.27 19.26
CA PRO A 7 -15.47 -7.59 18.12
C PRO A 7 -14.20 -6.72 18.18
N PRO A 8 -13.06 -7.31 17.85
CA PRO A 8 -11.79 -6.55 17.88
C PRO A 8 -11.71 -5.60 16.68
N VAL A 9 -10.57 -4.98 16.45
CA VAL A 9 -10.43 -4.05 15.29
C VAL A 9 -9.14 -4.36 14.51
N GLN A 10 -9.00 -5.56 13.99
CA GLN A 10 -7.77 -5.90 13.23
C GLN A 10 -8.14 -6.37 11.81
N ILE A 11 -7.47 -5.88 10.78
CA ILE A 11 -7.77 -6.30 9.37
C ILE A 11 -9.27 -6.05 9.05
N TYR A 12 -9.57 -5.02 8.28
CA TYR A 12 -11.00 -4.71 7.96
C TYR A 12 -11.10 -3.89 6.66
N GLY A 13 -11.14 -4.54 5.50
CA GLY A 13 -11.24 -3.77 4.24
C GLY A 13 -10.09 -4.18 3.30
N ILE A 14 -10.42 -4.71 2.13
CA ILE A 14 -9.33 -5.12 1.15
C ILE A 14 -8.24 -4.02 1.04
N GLU A 15 -8.61 -2.75 1.16
CA GLU A 15 -7.57 -1.65 1.08
C GLU A 15 -6.41 -1.96 2.05
N GLY A 16 -6.69 -2.53 3.20
CA GLY A 16 -5.59 -2.87 4.16
C GLY A 16 -4.71 -3.97 3.53
N ARG A 17 -5.30 -4.95 2.88
CA ARG A 17 -4.46 -6.04 2.25
C ARG A 17 -3.48 -5.44 1.24
N TYR A 18 -3.82 -4.34 0.58
CA TYR A 18 -2.84 -3.73 -0.40
C TYR A 18 -1.48 -3.51 0.28
N ALA A 19 -1.47 -3.12 1.54
CA ALA A 19 -0.15 -2.94 2.24
C ALA A 19 0.47 -4.31 2.53
N THR A 20 -0.32 -5.28 2.92
CA THR A 20 0.26 -6.64 3.21
C THR A 20 0.63 -7.34 1.90
N ALA A 21 -0.13 -7.16 0.84
CA ALA A 21 0.27 -7.81 -0.45
C ALA A 21 1.45 -7.06 -1.09
N LEU A 22 1.74 -5.84 -0.65
CA LEU A 22 2.91 -5.11 -1.22
C LEU A 22 4.09 -5.27 -0.27
N TYR A 23 3.88 -5.05 1.02
CA TYR A 23 5.01 -5.25 1.97
C TYR A 23 5.29 -6.77 2.11
N SER A 24 4.38 -7.67 1.71
CA SER A 24 4.69 -9.14 1.82
C SER A 24 6.06 -9.41 1.19
N ALA A 25 6.35 -8.77 0.07
CA ALA A 25 7.71 -8.93 -0.54
C ALA A 25 8.70 -8.15 0.34
N ALA A 26 8.31 -6.96 0.79
CA ALA A 26 9.23 -6.15 1.68
C ALA A 26 9.62 -6.99 2.92
N SER A 27 8.69 -7.74 3.48
CA SER A 27 9.03 -8.59 4.69
C SER A 27 10.23 -9.50 4.35
N LYS A 28 10.26 -10.05 3.16
CA LYS A 28 11.42 -10.93 2.78
C LYS A 28 12.68 -10.07 2.57
N GLN A 29 12.54 -8.88 2.00
CA GLN A 29 13.74 -8.01 1.80
C GLN A 29 13.99 -7.10 3.02
N ASN A 30 13.24 -7.24 4.11
CA ASN A 30 13.47 -6.36 5.31
C ASN A 30 13.16 -4.90 4.96
N LYS A 31 12.09 -4.66 4.23
CA LYS A 31 11.73 -3.25 3.87
C LYS A 31 10.53 -2.74 4.69
N LEU A 32 10.06 -3.47 5.71
CA LEU A 32 8.90 -2.98 6.55
C LEU A 32 9.12 -1.51 6.96
N GLU A 33 10.35 -1.16 7.28
CA GLU A 33 10.62 0.28 7.64
C GLU A 33 10.65 1.09 6.33
N GLN A 34 11.25 0.55 5.28
CA GLN A 34 11.28 1.29 3.96
C GLN A 34 9.85 1.48 3.43
N VAL A 35 8.92 0.59 3.73
CA VAL A 35 7.52 0.76 3.20
C VAL A 35 6.61 1.39 4.27
N GLU A 36 6.75 0.99 5.52
CA GLU A 36 5.86 1.59 6.59
C GLU A 36 6.08 3.11 6.75
N LYS A 37 7.23 3.63 6.35
CA LYS A 37 7.45 5.12 6.51
C LYS A 37 7.10 5.87 5.23
N GLU A 38 7.51 5.38 4.08
CA GLU A 38 7.16 6.11 2.82
C GLU A 38 5.64 6.08 2.60
N LEU A 39 4.98 4.98 2.93
CA LEU A 39 3.47 4.94 2.76
C LEU A 39 2.83 6.12 3.52
N LEU A 40 3.35 6.47 4.68
CA LEU A 40 2.74 7.62 5.45
C LEU A 40 2.71 8.88 4.57
N ARG A 41 3.70 9.08 3.72
CA ARG A 41 3.69 10.31 2.84
C ARG A 41 2.41 10.33 1.99
N VAL A 42 1.98 9.18 1.48
CA VAL A 42 0.72 9.17 0.65
C VAL A 42 -0.47 9.66 1.49
N GLY A 43 -0.53 9.29 2.75
CA GLY A 43 -1.65 9.76 3.62
C GLY A 43 -1.58 11.28 3.78
N GLN A 44 -0.41 11.81 4.10
CA GLN A 44 -0.28 13.31 4.26
C GLN A 44 -0.67 14.01 2.95
N ILE A 45 -0.31 13.44 1.81
CA ILE A 45 -0.68 14.10 0.50
C ILE A 45 -2.22 14.26 0.43
N LEU A 46 -2.97 13.27 0.85
CA LEU A 46 -4.46 13.43 0.82
C LEU A 46 -4.94 14.29 2.01
N LYS A 47 -4.20 14.31 3.10
CA LYS A 47 -4.63 15.17 4.26
C LYS A 47 -4.37 16.64 3.91
N GLU A 48 -3.35 16.93 3.11
CA GLU A 48 -3.08 18.37 2.75
C GLU A 48 -4.34 19.00 2.14
N PRO A 49 -4.67 20.21 2.56
CA PRO A 49 -5.88 20.89 2.01
C PRO A 49 -5.68 21.34 0.55
N LYS A 50 -4.47 21.74 0.18
CA LYS A 50 -4.25 22.15 -1.25
C LYS A 50 -4.09 20.89 -2.12
N MET A 51 -3.47 19.86 -1.58
CA MET A 51 -3.30 18.59 -2.36
C MET A 51 -4.58 17.74 -2.30
N ALA A 52 -5.34 17.81 -1.21
CA ALA A 52 -6.60 16.99 -1.12
C ALA A 52 -7.53 17.31 -2.30
N ALA A 53 -7.61 18.56 -2.72
CA ALA A 53 -8.53 18.92 -3.86
C ALA A 53 -8.13 18.17 -5.15
N SER A 54 -6.86 17.86 -5.36
CA SER A 54 -6.46 17.14 -6.62
C SER A 54 -6.62 15.62 -6.46
N LEU A 55 -6.27 15.07 -5.31
CA LEU A 55 -6.41 13.58 -5.14
C LEU A 55 -7.87 13.15 -5.42
N LEU A 56 -8.84 13.97 -5.04
CA LEU A 56 -10.26 13.59 -5.29
C LEU A 56 -10.90 14.59 -6.28
N ASN A 57 -10.19 14.99 -7.32
CA ASN A 57 -10.80 15.94 -8.30
C ASN A 57 -11.27 15.18 -9.54
N PRO A 58 -12.55 15.25 -9.83
CA PRO A 58 -13.08 14.57 -11.05
C PRO A 58 -12.89 15.45 -12.31
N TYR A 59 -12.12 16.53 -12.24
CA TYR A 59 -11.91 17.40 -13.44
C TYR A 59 -10.63 16.98 -14.21
N VAL A 60 -9.66 16.37 -13.54
CA VAL A 60 -8.40 15.97 -14.27
C VAL A 60 -8.43 14.48 -14.65
N LYS A 61 -9.59 13.90 -14.93
CA LYS A 61 -9.67 12.46 -15.32
C LYS A 61 -8.89 11.57 -14.33
N ARG A 62 -8.74 10.29 -14.64
CA ARG A 62 -7.98 9.39 -13.72
C ARG A 62 -6.60 9.07 -14.31
N SER A 63 -6.55 8.61 -15.55
CA SER A 63 -5.21 8.31 -16.18
C SER A 63 -4.32 9.56 -16.15
N VAL A 64 -4.89 10.72 -16.42
CA VAL A 64 -4.06 11.98 -16.38
C VAL A 64 -3.56 12.21 -14.95
N LYS A 65 -4.41 12.00 -13.95
CA LYS A 65 -3.94 12.21 -12.53
C LYS A 65 -2.78 11.26 -12.21
N VAL A 66 -2.81 10.04 -12.73
CA VAL A 66 -1.67 9.08 -12.45
C VAL A 66 -0.34 9.69 -12.92
N LYS A 67 -0.34 10.36 -14.06
CA LYS A 67 0.96 10.98 -14.55
C LYS A 67 1.49 11.97 -13.50
N SER A 68 0.63 12.74 -12.88
CA SER A 68 1.13 13.71 -11.83
C SER A 68 1.78 12.93 -10.67
N LEU A 69 1.22 11.81 -10.28
CA LEU A 69 1.84 11.02 -9.15
C LEU A 69 3.27 10.61 -9.53
N SER A 70 3.50 10.17 -10.76
CA SER A 70 4.89 9.77 -11.17
C SER A 70 5.82 10.98 -11.06
N ASP A 71 5.38 12.15 -11.47
CA ASP A 71 6.27 13.37 -11.36
C ASP A 71 6.48 13.77 -9.87
N MET A 72 5.65 13.29 -8.96
CA MET A 72 5.85 13.65 -7.52
C MET A 72 6.79 12.60 -6.92
N THR A 73 6.56 11.33 -7.21
CA THR A 73 7.46 10.26 -6.70
C THR A 73 8.90 10.52 -7.22
N ALA A 74 9.05 10.98 -8.46
CA ALA A 74 10.43 11.26 -8.98
C ALA A 74 11.12 12.32 -8.11
N LYS A 75 10.38 13.32 -7.66
CA LYS A 75 11.02 14.38 -6.79
C LYS A 75 10.95 13.97 -5.30
N GLU A 76 9.94 13.20 -4.90
CA GLU A 76 9.86 12.79 -3.46
C GLU A 76 10.96 11.78 -3.08
N LYS A 77 11.67 11.19 -4.04
CA LYS A 77 12.74 10.20 -3.69
C LYS A 77 12.13 9.04 -2.89
N PHE A 78 11.02 8.50 -3.35
CA PHE A 78 10.37 7.35 -2.59
C PHE A 78 11.37 6.19 -2.42
N SER A 79 10.92 5.06 -1.94
CA SER A 79 11.85 3.91 -1.74
C SER A 79 11.51 2.80 -2.73
N PRO A 80 12.26 1.72 -2.67
CA PRO A 80 11.98 0.59 -3.59
C PRO A 80 10.61 -0.04 -3.33
N LEU A 81 9.98 0.19 -2.19
CA LEU A 81 8.64 -0.41 -1.96
C LEU A 81 7.56 0.69 -2.03
N THR A 82 7.83 1.80 -2.71
CA THR A 82 6.79 2.87 -2.78
C THR A 82 6.61 3.40 -4.21
N SER A 83 6.98 2.64 -5.24
CA SER A 83 6.75 3.11 -6.63
C SER A 83 5.96 2.02 -7.36
N ASN A 84 4.89 1.60 -6.72
CA ASN A 84 3.99 0.54 -7.29
C ASN A 84 2.66 0.66 -6.52
N LEU A 85 2.73 0.55 -5.20
CA LEU A 85 1.49 0.76 -4.38
C LEU A 85 0.92 2.16 -4.68
N ILE A 86 1.75 3.14 -5.06
CA ILE A 86 1.17 4.49 -5.38
C ILE A 86 0.28 4.39 -6.62
N ASN A 87 0.72 3.68 -7.64
CA ASN A 87 -0.15 3.54 -8.87
C ASN A 87 -1.46 2.85 -8.48
N LEU A 88 -1.40 1.80 -7.67
CA LEU A 88 -2.66 1.09 -7.24
C LEU A 88 -3.57 2.09 -6.51
N LEU A 89 -3.01 2.93 -5.66
CA LEU A 89 -3.87 3.94 -4.94
C LEU A 89 -4.58 4.84 -5.97
N ALA A 90 -3.91 5.20 -7.04
CA ALA A 90 -4.57 6.05 -8.08
C ALA A 90 -4.92 5.20 -9.31
N GLU A 91 -5.15 3.90 -9.14
CA GLU A 91 -5.50 3.05 -10.34
C GLU A 91 -7.04 2.91 -10.46
N ASN A 92 -7.73 2.71 -9.35
CA ASN A 92 -9.21 2.57 -9.42
C ASN A 92 -9.89 3.47 -8.37
N GLY A 93 -9.33 4.63 -8.09
CA GLY A 93 -9.95 5.53 -7.07
C GLY A 93 -9.60 5.03 -5.67
N ARG A 94 -8.33 4.76 -5.42
CA ARG A 94 -7.93 4.26 -4.07
C ARG A 94 -7.16 5.34 -3.27
N LEU A 95 -7.31 6.61 -3.59
CA LEU A 95 -6.59 7.66 -2.80
C LEU A 95 -7.59 8.40 -1.90
N THR A 96 -8.60 7.72 -1.40
CA THR A 96 -9.60 8.36 -0.49
C THR A 96 -9.39 7.76 0.89
N ASN A 97 -9.41 6.43 1.00
CA ASN A 97 -9.15 5.78 2.31
C ASN A 97 -7.70 5.25 2.35
N THR A 98 -6.76 5.95 1.72
CA THR A 98 -5.34 5.46 1.74
C THR A 98 -4.76 5.38 3.17
N PRO A 99 -5.11 6.30 4.08
CA PRO A 99 -4.56 6.19 5.46
C PRO A 99 -5.00 4.87 6.11
N ALA A 100 -6.24 4.45 5.89
CA ALA A 100 -6.70 3.14 6.48
C ALA A 100 -5.78 2.00 5.99
N VAL A 101 -5.28 2.10 4.76
CA VAL A 101 -4.37 1.01 4.24
C VAL A 101 -3.03 1.00 5.02
N ILE A 102 -2.58 2.15 5.52
CA ILE A 102 -1.28 2.18 6.27
C ILE A 102 -1.47 1.68 7.72
N SER A 103 -2.61 1.95 8.33
CA SER A 103 -2.81 1.47 9.76
C SER A 103 -2.68 -0.06 9.80
N ALA A 104 -3.35 -0.76 8.90
CA ALA A 104 -3.23 -2.26 8.89
C ALA A 104 -1.75 -2.66 8.70
N PHE A 105 -0.97 -1.87 7.98
CA PHE A 105 0.48 -2.21 7.78
C PHE A 105 1.18 -2.36 9.14
N SER A 106 0.88 -1.48 10.09
CA SER A 106 1.55 -1.60 11.43
C SER A 106 1.11 -2.90 12.13
N THR A 107 -0.16 -3.23 12.06
CA THR A 107 -0.63 -4.50 12.73
C THR A 107 -0.15 -5.71 11.92
N MET A 108 -0.11 -5.63 10.61
CA MET A 108 0.39 -6.80 9.81
C MET A 108 1.91 -6.94 10.01
N MET A 109 2.64 -5.84 10.14
CA MET A 109 4.12 -5.97 10.34
C MET A 109 4.39 -6.77 11.63
N SER A 110 3.65 -6.54 12.69
CA SER A 110 3.91 -7.34 13.94
C SER A 110 3.80 -8.85 13.64
N VAL A 111 2.93 -9.25 12.73
CA VAL A 111 2.82 -10.72 12.41
C VAL A 111 3.99 -11.19 11.51
N HIS A 112 4.77 -10.30 10.93
CA HIS A 112 5.90 -10.75 10.07
C HIS A 112 7.16 -10.99 10.95
N ARG A 113 7.26 -10.37 12.12
CA ARG A 113 8.47 -10.59 12.97
C ARG A 113 8.20 -11.70 14.02
N GLY A 114 6.98 -11.80 14.53
CA GLY A 114 6.69 -12.85 15.54
C GLY A 114 6.15 -14.12 14.88
N GLU A 115 5.41 -14.01 13.79
CA GLU A 115 4.86 -15.24 13.13
C GLU A 115 5.80 -15.72 12.02
N VAL A 116 7.04 -16.03 12.35
CA VAL A 116 8.00 -16.51 11.31
C VAL A 116 8.69 -17.80 11.79
N PRO A 117 7.90 -18.79 12.15
CA PRO A 117 8.47 -20.07 12.63
C PRO A 117 9.06 -20.88 11.45
N CYS A 118 9.83 -21.90 11.73
CA CYS A 118 10.42 -22.71 10.62
C CYS A 118 10.55 -24.19 11.04
N THR A 119 9.60 -25.02 10.70
CA THR A 119 9.68 -26.46 11.09
C THR A 119 9.28 -27.35 9.90
N VAL A 120 9.78 -27.08 8.72
CA VAL A 120 9.42 -27.92 7.54
C VAL A 120 10.62 -28.07 6.60
N GLN B 1 -22.56 -8.82 -10.34
CA GLN B 1 -22.67 -7.42 -10.84
C GLN B 1 -22.99 -6.47 -9.69
N LYS B 2 -22.23 -6.51 -8.61
CA LYS B 2 -22.52 -5.60 -7.46
C LYS B 2 -21.20 -5.02 -6.92
N THR B 3 -20.34 -5.83 -6.36
CA THR B 3 -19.05 -5.31 -5.83
C THR B 3 -17.86 -6.09 -6.42
N GLY B 4 -17.47 -5.79 -7.64
CA GLY B 4 -16.33 -6.53 -8.27
C GLY B 4 -15.04 -6.25 -7.47
N THR B 5 -14.62 -7.18 -6.65
CA THR B 5 -13.37 -6.97 -5.85
C THR B 5 -12.30 -8.00 -6.23
N ALA B 6 -11.04 -7.63 -6.24
CA ALA B 6 -9.97 -8.59 -6.61
C ALA B 6 -8.71 -8.35 -5.76
N GLU B 7 -7.58 -8.87 -6.17
CA GLU B 7 -6.32 -8.65 -5.39
C GLU B 7 -5.21 -8.18 -6.34
N VAL B 8 -5.48 -7.19 -7.16
CA VAL B 8 -4.42 -6.70 -8.13
C VAL B 8 -3.11 -6.40 -7.39
N SER B 9 -3.17 -5.99 -6.14
CA SER B 9 -1.89 -5.71 -5.39
C SER B 9 -1.21 -7.05 -5.03
N SER B 10 -1.97 -8.06 -4.68
CA SER B 10 -1.34 -9.38 -4.34
C SER B 10 -0.83 -10.05 -5.62
N ILE B 11 -1.59 -10.00 -6.70
CA ILE B 11 -1.09 -10.64 -7.97
C ILE B 11 0.08 -9.81 -8.54
N LEU B 12 0.05 -8.49 -8.40
CA LEU B 12 1.20 -7.66 -8.92
C LEU B 12 2.48 -7.98 -8.14
N GLU B 13 2.38 -8.23 -6.84
CA GLU B 13 3.62 -8.55 -6.05
C GLU B 13 4.32 -9.79 -6.65
N GLU B 14 3.57 -10.79 -7.07
CA GLU B 14 4.22 -12.02 -7.66
C GLU B 14 5.03 -11.63 -8.91
N ARG B 15 4.54 -10.72 -9.72
CA ARG B 15 5.30 -10.31 -10.96
C ARG B 15 6.69 -9.76 -10.57
N ILE B 16 6.81 -9.08 -9.44
CA ILE B 16 8.16 -8.53 -9.04
C ILE B 16 9.03 -9.66 -8.48
N LEU B 17 8.47 -10.56 -7.69
CA LEU B 17 9.28 -11.68 -7.12
C LEU B 17 8.70 -13.03 -7.55
N GLY B 18 9.14 -13.58 -8.67
CA GLY B 18 8.60 -14.89 -9.12
C GLY B 18 9.72 -15.94 -9.10
N ALA B 19 10.38 -16.17 -10.22
CA ALA B 19 11.49 -17.18 -10.24
C ALA B 19 12.62 -16.70 -11.15
N ASP B 20 13.55 -15.93 -10.62
CA ASP B 20 14.68 -15.44 -11.47
C ASP B 20 16.00 -15.48 -10.68
N THR B 21 17.06 -16.02 -11.25
CA THR B 21 18.36 -16.08 -10.52
C THR B 21 19.52 -15.81 -11.48
N SER B 22 19.44 -14.77 -12.29
CA SER B 22 20.56 -14.48 -13.24
C SER B 22 20.82 -12.96 -13.30
N VAL B 23 21.74 -12.46 -12.50
CA VAL B 23 22.03 -11.00 -12.52
C VAL B 23 23.50 -10.76 -12.89
N ASP B 24 23.76 -10.08 -13.98
CA ASP B 24 25.19 -9.83 -14.38
C ASP B 24 25.33 -8.40 -14.94
N LEU B 25 26.41 -7.72 -14.63
CA LEU B 25 26.60 -6.33 -15.14
C LEU B 25 28.04 -6.14 -15.64
N PHE A 1 2.85 11.49 20.38
CA PHE A 1 3.67 10.44 21.07
C PHE A 1 3.30 10.38 22.56
N ALA A 2 2.04 10.21 22.88
CA ALA A 2 1.63 10.14 24.32
C ALA A 2 0.73 8.91 24.56
N LYS A 3 -0.39 8.83 23.89
CA LYS A 3 -1.29 7.65 24.09
C LYS A 3 -1.83 7.16 22.73
N LEU A 4 -1.87 5.85 22.52
CA LEU A 4 -2.39 5.34 21.22
C LEU A 4 -3.58 4.40 21.46
N VAL A 5 -4.37 4.11 20.44
CA VAL A 5 -5.54 3.21 20.63
C VAL A 5 -5.46 2.03 19.65
N ARG A 6 -5.44 0.81 20.15
CA ARG A 6 -5.36 -0.38 19.24
C ARG A 6 -6.35 -1.46 19.69
N PRO A 7 -7.52 -1.49 19.09
CA PRO A 7 -8.54 -2.50 19.45
C PRO A 7 -8.12 -3.89 18.95
N PRO A 8 -8.73 -4.92 19.51
CA PRO A 8 -8.40 -6.31 19.09
C PRO A 8 -8.95 -6.59 17.68
N VAL A 9 -8.35 -6.04 16.65
CA VAL A 9 -8.85 -6.29 15.26
C VAL A 9 -7.67 -6.62 14.33
N GLN A 10 -7.91 -7.32 13.24
CA GLN A 10 -6.79 -7.66 12.32
C GLN A 10 -7.27 -7.62 10.85
N ILE A 11 -6.80 -6.68 10.06
CA ILE A 11 -7.22 -6.60 8.62
C ILE A 11 -8.75 -6.45 8.50
N TYR A 12 -9.22 -5.30 8.07
CA TYR A 12 -10.71 -5.08 7.95
C TYR A 12 -11.00 -4.28 6.68
N GLY A 13 -11.01 -4.90 5.53
CA GLY A 13 -11.28 -4.16 4.27
C GLY A 13 -10.18 -4.47 3.26
N ILE A 14 -10.53 -5.03 2.11
CA ILE A 14 -9.48 -5.36 1.05
C ILE A 14 -8.48 -4.21 0.89
N GLU A 15 -8.90 -2.96 1.04
CA GLU A 15 -7.92 -1.81 0.90
C GLU A 15 -6.71 -2.04 1.83
N GLY A 16 -6.91 -2.64 2.99
CA GLY A 16 -5.75 -2.89 3.89
C GLY A 16 -4.86 -3.98 3.28
N ARG A 17 -5.45 -5.01 2.70
CA ARG A 17 -4.61 -6.09 2.07
C ARG A 17 -3.69 -5.49 0.99
N TYR A 18 -4.08 -4.42 0.34
CA TYR A 18 -3.18 -3.81 -0.72
C TYR A 18 -1.78 -3.56 -0.14
N ALA A 19 -1.70 -3.10 1.10
CA ALA A 19 -0.35 -2.86 1.70
C ALA A 19 0.27 -4.20 2.11
N THR A 20 -0.53 -5.14 2.59
CA THR A 20 0.06 -6.47 2.99
C THR A 20 0.44 -7.26 1.74
N ALA A 21 -0.28 -7.13 0.64
CA ALA A 21 0.13 -7.89 -0.59
C ALA A 21 1.33 -7.21 -1.27
N LEU A 22 1.71 -6.00 -0.85
CA LEU A 22 2.90 -5.34 -1.48
C LEU A 22 4.08 -5.51 -0.53
N TYR A 23 3.89 -5.24 0.74
CA TYR A 23 5.01 -5.44 1.70
C TYR A 23 5.26 -6.95 1.86
N SER A 24 4.33 -7.84 1.48
CA SER A 24 4.61 -9.33 1.62
C SER A 24 5.98 -9.64 1.00
N ALA A 25 6.32 -8.97 -0.08
CA ALA A 25 7.68 -9.17 -0.69
C ALA A 25 8.68 -8.37 0.16
N ALA A 26 8.31 -7.17 0.59
CA ALA A 26 9.24 -6.36 1.46
C ALA A 26 9.56 -7.15 2.74
N SER A 27 8.61 -7.87 3.29
CA SER A 27 8.89 -8.66 4.54
C SER A 27 10.07 -9.60 4.31
N LYS A 28 10.14 -10.25 3.16
CA LYS A 28 11.30 -11.17 2.88
C LYS A 28 12.60 -10.35 2.86
N GLN A 29 12.57 -9.15 2.31
CA GLN A 29 13.82 -8.31 2.29
C GLN A 29 13.94 -7.43 3.55
N ASN A 30 12.94 -7.43 4.44
CA ASN A 30 13.01 -6.58 5.68
C ASN A 30 12.92 -5.11 5.30
N LYS A 31 12.07 -4.77 4.37
CA LYS A 31 11.93 -3.33 3.97
C LYS A 31 10.60 -2.72 4.47
N LEU A 32 9.90 -3.35 5.41
CA LEU A 32 8.60 -2.75 5.91
C LEU A 32 8.82 -1.27 6.31
N GLU A 33 9.99 -0.93 6.82
CA GLU A 33 10.23 0.51 7.17
C GLU A 33 10.28 1.33 5.87
N GLN A 34 10.95 0.83 4.85
CA GLN A 34 10.99 1.58 3.54
C GLN A 34 9.58 1.66 2.91
N VAL A 35 8.67 0.77 3.27
CA VAL A 35 7.29 0.84 2.66
C VAL A 35 6.29 1.47 3.65
N GLU A 36 6.37 1.15 4.93
CA GLU A 36 5.41 1.75 5.92
C GLU A 36 5.62 3.26 6.06
N LYS A 37 6.85 3.73 5.99
CA LYS A 37 7.09 5.21 6.14
C LYS A 37 6.82 5.95 4.82
N GLU A 38 7.11 5.35 3.68
CA GLU A 38 6.83 6.06 2.39
C GLU A 38 5.31 6.10 2.16
N LEU A 39 4.60 5.03 2.50
CA LEU A 39 3.10 5.04 2.31
C LEU A 39 2.49 6.25 3.05
N LEU A 40 3.00 6.58 4.22
CA LEU A 40 2.43 7.76 4.98
C LEU A 40 2.50 9.04 4.11
N ARG A 41 3.52 9.17 3.28
CA ARG A 41 3.62 10.41 2.42
C ARG A 41 2.38 10.53 1.52
N VAL A 42 1.92 9.44 0.93
CA VAL A 42 0.71 9.52 0.06
C VAL A 42 -0.50 9.94 0.91
N GLY A 43 -0.62 9.42 2.12
CA GLY A 43 -1.77 9.79 2.99
C GLY A 43 -1.66 11.29 3.35
N GLN A 44 -0.49 11.75 3.74
CA GLN A 44 -0.35 13.22 4.08
C GLN A 44 -0.67 14.07 2.84
N ILE A 45 -0.21 13.66 1.66
CA ILE A 45 -0.50 14.46 0.43
C ILE A 45 -2.03 14.56 0.23
N LEU A 46 -2.76 13.48 0.46
CA LEU A 46 -4.25 13.56 0.27
C LEU A 46 -4.89 14.41 1.37
N LYS A 47 -4.39 14.35 2.60
CA LYS A 47 -4.98 15.20 3.69
C LYS A 47 -4.53 16.65 3.48
N GLU A 48 -3.35 16.88 2.93
CA GLU A 48 -2.88 18.29 2.71
C GLU A 48 -3.96 19.12 1.96
N PRO A 49 -4.11 20.36 2.35
CA PRO A 49 -5.12 21.23 1.69
C PRO A 49 -4.66 21.58 0.26
N LYS A 50 -3.40 21.88 0.06
CA LYS A 50 -2.92 22.22 -1.33
C LYS A 50 -3.06 21.00 -2.25
N MET A 51 -2.90 19.78 -1.74
CA MET A 51 -3.03 18.58 -2.62
C MET A 51 -4.46 17.99 -2.54
N ALA A 52 -5.11 18.07 -1.40
CA ALA A 52 -6.51 17.49 -1.30
C ALA A 52 -7.40 18.07 -2.41
N ALA A 53 -7.24 19.33 -2.74
CA ALA A 53 -8.08 19.93 -3.84
C ALA A 53 -7.71 19.31 -5.20
N SER A 54 -6.49 18.85 -5.38
CA SER A 54 -6.12 18.24 -6.71
C SER A 54 -6.32 16.71 -6.67
N LEU A 55 -6.00 16.07 -5.57
CA LEU A 55 -6.19 14.57 -5.51
C LEU A 55 -7.67 14.20 -5.34
N LEU A 56 -8.48 15.09 -4.75
CA LEU A 56 -9.93 14.75 -4.56
C LEU A 56 -10.82 15.42 -5.63
N ASN A 57 -10.35 16.44 -6.34
CA ASN A 57 -11.24 17.09 -7.37
C ASN A 57 -11.65 16.08 -8.44
N PRO A 58 -12.94 15.96 -8.69
CA PRO A 58 -13.42 15.05 -9.76
C PRO A 58 -13.15 15.65 -11.16
N TYR A 59 -12.69 16.89 -11.25
CA TYR A 59 -12.41 17.50 -12.58
C TYR A 59 -10.95 17.23 -13.05
N VAL A 60 -10.19 16.41 -12.34
CA VAL A 60 -8.78 16.15 -12.81
C VAL A 60 -8.69 14.80 -13.56
N LYS A 61 -9.74 14.38 -14.24
CA LYS A 61 -9.69 13.09 -15.01
C LYS A 61 -9.17 11.94 -14.13
N ARG A 62 -8.96 10.77 -14.71
CA ARG A 62 -8.44 9.62 -13.91
C ARG A 62 -7.01 9.27 -14.37
N SER A 63 -6.82 9.00 -15.64
CA SER A 63 -5.43 8.66 -16.12
C SER A 63 -4.48 9.84 -15.85
N VAL A 64 -4.93 11.05 -16.04
CA VAL A 64 -4.02 12.24 -15.78
C VAL A 64 -3.59 12.23 -14.30
N LYS A 65 -4.49 11.93 -13.39
CA LYS A 65 -4.11 11.90 -11.93
C LYS A 65 -2.91 10.96 -11.71
N VAL A 66 -2.88 9.83 -12.40
CA VAL A 66 -1.71 8.89 -12.21
C VAL A 66 -0.41 9.57 -12.66
N LYS A 67 -0.43 10.30 -13.76
CA LYS A 67 0.83 10.98 -14.21
C LYS A 67 1.32 11.98 -13.14
N SER A 68 0.41 12.69 -12.51
CA SER A 68 0.85 13.67 -11.44
C SER A 68 1.57 12.93 -10.31
N LEU A 69 1.06 11.78 -9.90
CA LEU A 69 1.76 11.03 -8.80
C LEU A 69 3.16 10.60 -9.26
N SER A 70 3.29 10.07 -10.46
CA SER A 70 4.65 9.65 -10.94
C SER A 70 5.59 10.87 -10.96
N ASP A 71 5.10 12.03 -11.36
CA ASP A 71 5.98 13.25 -11.37
C ASP A 71 6.34 13.69 -9.94
N MET A 72 5.63 13.24 -8.92
CA MET A 72 6.00 13.65 -7.53
C MET A 72 7.01 12.61 -7.02
N THR A 73 6.72 11.34 -7.21
CA THR A 73 7.68 10.26 -6.78
C THR A 73 9.06 10.53 -7.45
N ALA A 74 9.07 10.99 -8.70
CA ALA A 74 10.40 11.28 -9.36
C ALA A 74 11.18 12.31 -8.53
N LYS A 75 10.51 13.30 -7.97
CA LYS A 75 11.24 14.31 -7.12
C LYS A 75 10.90 14.14 -5.63
N GLU A 76 10.43 12.98 -5.21
CA GLU A 76 10.11 12.78 -3.76
C GLU A 76 11.09 11.79 -3.07
N LYS A 77 12.06 11.24 -3.78
CA LYS A 77 13.03 10.29 -3.14
C LYS A 77 12.29 9.11 -2.49
N PHE A 78 11.24 8.59 -3.12
CA PHE A 78 10.52 7.42 -2.50
C PHE A 78 11.51 6.24 -2.35
N SER A 79 11.04 5.08 -1.96
CA SER A 79 11.98 3.93 -1.80
C SER A 79 11.68 2.87 -2.86
N PRO A 80 12.32 1.73 -2.76
CA PRO A 80 12.09 0.67 -3.75
C PRO A 80 10.73 -0.04 -3.54
N LEU A 81 10.01 0.26 -2.47
CA LEU A 81 8.67 -0.39 -2.28
C LEU A 81 7.59 0.68 -2.25
N THR A 82 7.79 1.82 -2.88
CA THR A 82 6.73 2.87 -2.86
C THR A 82 6.52 3.52 -4.24
N SER A 83 6.85 2.83 -5.32
CA SER A 83 6.60 3.40 -6.67
C SER A 83 5.84 2.34 -7.49
N ASN A 84 4.80 1.83 -6.90
CA ASN A 84 3.95 0.78 -7.54
C ASN A 84 2.63 0.76 -6.75
N LEU A 85 2.72 0.53 -5.45
CA LEU A 85 1.49 0.59 -4.60
C LEU A 85 0.83 1.98 -4.75
N ILE A 86 1.61 3.03 -5.06
CA ILE A 86 0.96 4.38 -5.22
C ILE A 86 0.05 4.37 -6.47
N ASN A 87 0.48 3.75 -7.54
CA ASN A 87 -0.39 3.71 -8.78
C ASN A 87 -1.74 3.05 -8.43
N LEU A 88 -1.73 1.94 -7.73
CA LEU A 88 -3.03 1.28 -7.33
C LEU A 88 -3.94 2.29 -6.62
N LEU A 89 -3.38 3.09 -5.73
CA LEU A 89 -4.23 4.11 -5.01
C LEU A 89 -4.85 5.07 -6.04
N ALA A 90 -4.11 5.46 -7.06
CA ALA A 90 -4.68 6.37 -8.08
C ALA A 90 -5.04 5.60 -9.38
N GLU A 91 -5.29 4.30 -9.29
CA GLU A 91 -5.64 3.53 -10.53
C GLU A 91 -7.16 3.28 -10.55
N ASN A 92 -7.68 2.61 -9.54
CA ASN A 92 -9.16 2.35 -9.51
C ASN A 92 -9.88 3.45 -8.70
N GLY A 93 -9.26 3.98 -7.66
CA GLY A 93 -9.91 5.04 -6.85
C GLY A 93 -9.70 4.74 -5.36
N ARG A 94 -8.47 4.71 -4.89
CA ARG A 94 -8.22 4.41 -3.45
C ARG A 94 -7.41 5.53 -2.79
N LEU A 95 -7.57 6.77 -3.20
CA LEU A 95 -6.81 7.88 -2.54
C LEU A 95 -7.74 8.70 -1.63
N THR A 96 -8.76 8.07 -1.06
CA THR A 96 -9.68 8.78 -0.14
C THR A 96 -9.46 8.21 1.26
N ASN A 97 -9.58 6.90 1.40
CA ASN A 97 -9.31 6.27 2.73
C ASN A 97 -7.92 5.61 2.71
N THR A 98 -6.94 6.20 2.04
CA THR A 98 -5.58 5.58 2.00
C THR A 98 -4.98 5.38 3.42
N PRO A 99 -5.22 6.30 4.37
CA PRO A 99 -4.65 6.09 5.74
C PRO A 99 -5.16 4.76 6.33
N ALA A 100 -6.40 4.38 6.06
CA ALA A 100 -6.90 3.06 6.60
C ALA A 100 -6.04 1.93 6.02
N VAL A 101 -5.65 2.03 4.75
CA VAL A 101 -4.78 0.95 4.14
C VAL A 101 -3.41 0.92 4.83
N ILE A 102 -2.91 2.05 5.31
CA ILE A 102 -1.57 2.04 5.99
C ILE A 102 -1.68 1.50 7.43
N SER A 103 -2.77 1.76 8.12
CA SER A 103 -2.90 1.23 9.53
C SER A 103 -2.74 -0.29 9.54
N ALA A 104 -3.39 -0.99 8.61
CA ALA A 104 -3.22 -2.48 8.56
C ALA A 104 -1.72 -2.83 8.37
N PHE A 105 -0.96 -1.98 7.69
CA PHE A 105 0.50 -2.28 7.49
C PHE A 105 1.19 -2.47 8.85
N SER A 106 0.91 -1.62 9.81
CA SER A 106 1.57 -1.79 11.15
C SER A 106 1.05 -3.06 11.84
N THR A 107 -0.23 -3.37 11.69
CA THR A 107 -0.76 -4.62 12.35
C THR A 107 -0.27 -5.85 11.59
N MET A 108 -0.17 -5.80 10.27
CA MET A 108 0.34 -6.99 9.52
C MET A 108 1.85 -7.09 9.70
N MET A 109 2.56 -5.97 9.76
CA MET A 109 4.05 -6.05 9.97
C MET A 109 4.33 -6.76 11.30
N SER A 110 3.57 -6.49 12.35
CA SER A 110 3.83 -7.22 13.65
C SER A 110 3.76 -8.75 13.43
N VAL A 111 2.92 -9.21 12.53
CA VAL A 111 2.86 -10.70 12.28
C VAL A 111 4.05 -11.18 11.42
N HIS A 112 4.88 -10.28 10.89
CA HIS A 112 6.05 -10.74 10.08
C HIS A 112 7.26 -10.96 11.01
N ARG A 113 7.32 -10.29 12.16
CA ARG A 113 8.49 -10.49 13.08
C ARG A 113 8.16 -11.55 14.16
N GLY A 114 6.92 -11.63 14.60
CA GLY A 114 6.56 -12.64 15.65
C GLY A 114 7.00 -14.05 15.22
N GLU A 115 6.91 -14.38 13.95
CA GLU A 115 7.33 -15.75 13.50
C GLU A 115 8.76 -15.70 12.93
N VAL A 116 9.72 -15.22 13.70
CA VAL A 116 11.12 -15.16 13.20
C VAL A 116 12.08 -15.80 14.23
N PRO A 117 12.41 -17.05 14.00
CA PRO A 117 13.33 -17.75 14.94
C PRO A 117 14.76 -17.22 14.80
N CYS A 118 15.19 -16.35 15.69
CA CYS A 118 16.58 -15.80 15.60
C CYS A 118 17.19 -15.62 17.00
N THR A 119 17.01 -16.59 17.87
CA THR A 119 17.57 -16.47 19.26
C THR A 119 18.63 -17.57 19.50
N VAL A 120 19.71 -17.25 20.17
CA VAL A 120 20.76 -18.27 20.44
C VAL A 120 21.36 -18.08 21.84
N GLN B 1 -11.51 -14.85 -21.39
CA GLN B 1 -12.87 -14.43 -21.81
C GLN B 1 -13.25 -13.09 -21.14
N LYS B 2 -13.21 -13.02 -19.83
CA LYS B 2 -13.56 -11.75 -19.14
C LYS B 2 -12.37 -11.24 -18.31
N THR B 3 -12.50 -10.11 -17.65
CA THR B 3 -11.38 -9.57 -16.83
C THR B 3 -11.90 -8.91 -15.55
N GLY B 4 -11.35 -9.24 -14.40
CA GLY B 4 -11.83 -8.62 -13.14
C GLY B 4 -10.63 -8.12 -12.33
N THR B 5 -10.55 -8.44 -11.05
CA THR B 5 -9.40 -7.98 -10.22
C THR B 5 -8.68 -9.18 -9.59
N ALA B 6 -9.38 -9.98 -8.80
CA ALA B 6 -8.74 -11.17 -8.16
C ALA B 6 -7.47 -10.76 -7.39
N GLU B 7 -7.51 -9.67 -6.65
CA GLU B 7 -6.29 -9.21 -5.90
C GLU B 7 -5.13 -8.99 -6.87
N VAL B 8 -5.34 -8.14 -7.87
CA VAL B 8 -4.22 -7.88 -8.85
C VAL B 8 -2.97 -7.41 -8.09
N SER B 9 -3.12 -6.56 -7.10
CA SER B 9 -1.92 -6.10 -6.31
C SER B 9 -1.19 -7.33 -5.74
N SER B 10 -1.93 -8.34 -5.30
CA SER B 10 -1.26 -9.56 -4.76
C SER B 10 -0.54 -10.30 -5.89
N ILE B 11 -1.16 -10.42 -7.05
CA ILE B 11 -0.49 -11.12 -8.20
C ILE B 11 0.73 -10.31 -8.65
N LEU B 12 0.63 -8.98 -8.68
CA LEU B 12 1.81 -8.16 -9.10
C LEU B 12 2.99 -8.39 -8.13
N GLU B 13 2.72 -8.54 -6.84
CA GLU B 13 3.85 -8.77 -5.87
C GLU B 13 4.63 -10.04 -6.26
N GLU B 14 3.95 -11.09 -6.71
CA GLU B 14 4.69 -12.35 -7.10
C GLU B 14 5.73 -12.03 -8.19
N ARG B 15 5.42 -11.15 -9.12
CA ARG B 15 6.42 -10.83 -10.20
C ARG B 15 7.75 -10.31 -9.58
N ILE B 16 7.68 -9.58 -8.49
CA ILE B 16 8.96 -9.07 -7.86
C ILE B 16 9.50 -10.10 -6.85
N LEU B 17 8.65 -10.62 -5.99
CA LEU B 17 9.13 -11.62 -4.99
C LEU B 17 8.11 -12.77 -4.85
N GLY B 18 8.58 -14.00 -4.75
CA GLY B 18 7.62 -15.14 -4.63
C GLY B 18 7.58 -15.61 -3.17
N ALA B 19 7.50 -16.91 -2.92
CA ALA B 19 7.45 -17.42 -1.51
C ALA B 19 6.33 -16.72 -0.71
N ASP B 20 5.11 -17.18 -0.83
CA ASP B 20 3.99 -16.53 -0.08
C ASP B 20 2.98 -17.59 0.39
N THR B 21 3.45 -18.68 0.96
CA THR B 21 2.51 -19.75 1.43
C THR B 21 2.66 -19.95 2.95
N SER B 22 2.57 -18.88 3.72
CA SER B 22 2.71 -19.03 5.21
C SER B 22 1.41 -18.62 5.91
N VAL B 23 0.27 -19.10 5.45
CA VAL B 23 -1.03 -18.73 6.10
C VAL B 23 -1.75 -20.00 6.57
N ASP B 24 -1.59 -20.37 7.83
CA ASP B 24 -2.28 -21.59 8.34
C ASP B 24 -3.24 -21.23 9.48
N LEU B 25 -4.45 -21.75 9.46
CA LEU B 25 -5.42 -21.42 10.55
C LEU B 25 -6.19 -22.67 10.96
N PHE A 1 -18.81 10.96 29.87
CA PHE A 1 -17.49 10.42 29.43
C PHE A 1 -16.84 9.62 30.57
N ALA A 2 -16.40 8.41 30.29
CA ALA A 2 -15.76 7.59 31.36
C ALA A 2 -14.61 6.75 30.78
N LYS A 3 -14.91 5.81 29.91
CA LYS A 3 -13.82 4.96 29.31
C LYS A 3 -14.16 4.61 27.85
N LEU A 4 -13.21 4.08 27.11
CA LEU A 4 -13.50 3.71 25.69
C LEU A 4 -13.22 2.22 25.46
N VAL A 5 -14.18 1.48 24.95
CA VAL A 5 -13.96 0.02 24.72
C VAL A 5 -14.29 -0.34 23.26
N ARG A 6 -13.39 -1.00 22.56
CA ARG A 6 -13.67 -1.37 21.14
C ARG A 6 -13.21 -2.81 20.87
N PRO A 7 -13.85 -3.46 19.92
CA PRO A 7 -13.47 -4.86 19.59
C PRO A 7 -12.13 -4.89 18.83
N PRO A 8 -11.26 -5.83 19.18
CA PRO A 8 -9.95 -5.92 18.50
C PRO A 8 -10.12 -6.52 17.10
N VAL A 9 -9.70 -5.82 16.06
CA VAL A 9 -9.84 -6.36 14.68
C VAL A 9 -8.62 -5.97 13.82
N GLN A 10 -8.18 -6.84 12.94
CA GLN A 10 -7.00 -6.52 12.08
C GLN A 10 -7.41 -6.49 10.60
N ILE A 11 -6.71 -5.73 9.78
CA ILE A 11 -7.04 -5.64 8.30
C ILE A 11 -8.46 -5.07 8.07
N TYR A 12 -9.52 -5.81 8.39
CA TYR A 12 -10.95 -5.29 8.19
C TYR A 12 -11.09 -4.49 6.89
N GLY A 13 -11.13 -5.15 5.75
CA GLY A 13 -11.28 -4.41 4.47
C GLY A 13 -10.20 -4.86 3.48
N ILE A 14 -10.58 -5.44 2.36
CA ILE A 14 -9.55 -5.90 1.35
C ILE A 14 -8.50 -4.78 1.08
N GLU A 15 -8.90 -3.52 1.14
CA GLU A 15 -7.90 -2.40 0.92
C GLU A 15 -6.67 -2.59 1.83
N GLY A 16 -6.86 -3.09 3.04
CA GLY A 16 -5.69 -3.30 3.95
C GLY A 16 -4.71 -4.28 3.30
N ARG A 17 -5.20 -5.31 2.63
CA ARG A 17 -4.26 -6.29 1.96
C ARG A 17 -3.32 -5.56 0.99
N TYR A 18 -3.70 -4.42 0.44
CA TYR A 18 -2.76 -3.70 -0.51
C TYR A 18 -1.41 -3.48 0.18
N ALA A 19 -1.40 -3.17 1.46
CA ALA A 19 -0.10 -2.97 2.17
C ALA A 19 0.57 -4.34 2.40
N THR A 20 -0.19 -5.36 2.74
CA THR A 20 0.45 -6.70 2.96
C THR A 20 0.83 -7.34 1.62
N ALA A 21 0.07 -7.12 0.57
CA ALA A 21 0.46 -7.71 -0.75
C ALA A 21 1.64 -6.94 -1.36
N LEU A 22 1.92 -5.72 -0.89
CA LEU A 22 3.09 -4.98 -1.45
C LEU A 22 4.26 -5.16 -0.50
N TYR A 23 4.04 -4.99 0.79
CA TYR A 23 5.16 -5.20 1.74
C TYR A 23 5.43 -6.72 1.91
N SER A 24 4.52 -7.61 1.48
CA SER A 24 4.83 -9.10 1.62
C SER A 24 6.21 -9.37 1.01
N ALA A 25 6.52 -8.74 -0.11
CA ALA A 25 7.89 -8.91 -0.70
C ALA A 25 8.85 -8.08 0.17
N ALA A 26 8.43 -6.88 0.57
CA ALA A 26 9.32 -6.04 1.45
C ALA A 26 9.72 -6.82 2.73
N SER A 27 8.81 -7.59 3.30
CA SER A 27 9.15 -8.37 4.55
C SER A 27 10.36 -9.26 4.26
N LYS A 28 10.40 -9.90 3.11
CA LYS A 28 11.58 -10.77 2.77
C LYS A 28 12.82 -9.88 2.60
N GLN A 29 12.68 -8.73 1.97
CA GLN A 29 13.86 -7.82 1.80
C GLN A 29 14.09 -6.95 3.06
N ASN A 30 13.24 -7.05 4.09
CA ASN A 30 13.43 -6.22 5.32
C ASN A 30 13.20 -4.73 4.99
N LYS A 31 12.19 -4.45 4.20
CA LYS A 31 11.91 -3.02 3.85
C LYS A 31 10.63 -2.50 4.57
N LEU A 32 10.15 -3.18 5.61
CA LEU A 32 8.92 -2.69 6.34
C LEU A 32 9.08 -1.19 6.68
N GLU A 33 10.27 -0.76 7.04
CA GLU A 33 10.46 0.70 7.34
C GLU A 33 10.44 1.48 6.00
N GLN A 34 11.07 0.95 4.97
CA GLN A 34 11.05 1.67 3.64
C GLN A 34 9.62 1.77 3.10
N VAL A 35 8.75 0.83 3.43
CA VAL A 35 7.34 0.92 2.89
C VAL A 35 6.37 1.46 3.97
N GLU A 36 6.55 1.10 5.22
CA GLU A 36 5.60 1.60 6.29
C GLU A 36 5.78 3.11 6.55
N LYS A 37 6.93 3.69 6.23
CA LYS A 37 7.12 5.15 6.50
C LYS A 37 6.78 5.97 5.24
N GLU A 38 7.14 5.52 4.07
CA GLU A 38 6.80 6.31 2.84
C GLU A 38 5.29 6.23 2.59
N LEU A 39 4.66 5.09 2.87
CA LEU A 39 3.16 5.00 2.67
C LEU A 39 2.46 6.11 3.48
N LEU A 40 2.95 6.41 4.67
CA LEU A 40 2.28 7.51 5.48
C LEU A 40 2.28 8.83 4.69
N ARG A 41 3.33 9.11 3.94
CA ARG A 41 3.36 10.40 3.15
C ARG A 41 2.14 10.48 2.21
N VAL A 42 1.75 9.36 1.60
CA VAL A 42 0.56 9.40 0.67
C VAL A 42 -0.69 9.87 1.45
N GLY A 43 -0.84 9.42 2.69
CA GLY A 43 -2.03 9.85 3.48
C GLY A 43 -1.93 11.36 3.77
N GLN A 44 -0.77 11.83 4.18
CA GLN A 44 -0.62 13.31 4.46
C GLN A 44 -0.92 14.12 3.18
N ILE A 45 -0.50 13.62 2.02
CA ILE A 45 -0.78 14.38 0.75
C ILE A 45 -2.31 14.58 0.59
N LEU A 46 -3.11 13.59 0.92
CA LEU A 46 -4.59 13.76 0.79
C LEU A 46 -5.12 14.64 1.93
N LYS A 47 -4.55 14.55 3.12
CA LYS A 47 -5.04 15.43 4.24
C LYS A 47 -4.59 16.87 3.96
N GLU A 48 -3.47 17.08 3.28
CA GLU A 48 -3.02 18.47 2.99
C GLU A 48 -4.15 19.26 2.30
N PRO A 49 -4.41 20.47 2.77
CA PRO A 49 -5.49 21.29 2.16
C PRO A 49 -5.08 21.77 0.75
N LYS A 50 -3.79 21.95 0.49
CA LYS A 50 -3.37 22.37 -0.88
C LYS A 50 -3.34 21.13 -1.80
N MET A 51 -3.10 19.95 -1.25
CA MET A 51 -3.07 18.72 -2.09
C MET A 51 -4.27 17.80 -1.78
N ALA A 52 -5.36 18.32 -1.24
CA ALA A 52 -6.53 17.43 -0.95
C ALA A 52 -7.54 17.54 -2.09
N ALA A 53 -7.89 18.75 -2.50
CA ALA A 53 -8.86 18.90 -3.64
C ALA A 53 -8.24 18.35 -4.94
N SER A 54 -6.93 18.39 -5.09
CA SER A 54 -6.30 17.86 -6.35
C SER A 54 -6.16 16.33 -6.28
N LEU A 55 -5.78 15.78 -5.15
CA LEU A 55 -5.64 14.28 -5.07
C LEU A 55 -7.00 13.61 -5.38
N LEU A 56 -8.10 14.20 -4.95
CA LEU A 56 -9.43 13.58 -5.24
C LEU A 56 -10.24 14.48 -6.18
N ASN A 57 -9.62 15.13 -7.14
CA ASN A 57 -10.41 16.00 -8.07
C ASN A 57 -10.86 15.19 -9.28
N PRO A 58 -12.17 15.08 -9.48
CA PRO A 58 -12.69 14.35 -10.66
C PRO A 58 -12.44 15.16 -11.96
N TYR A 59 -12.00 16.40 -11.86
CA TYR A 59 -11.74 17.22 -13.10
C TYR A 59 -10.31 17.01 -13.65
N VAL A 60 -9.52 16.12 -13.08
CA VAL A 60 -8.13 15.93 -13.62
C VAL A 60 -8.00 14.58 -14.36
N LYS A 61 -9.08 14.07 -14.94
CA LYS A 61 -8.99 12.77 -15.69
C LYS A 61 -8.30 11.69 -14.85
N ARG A 62 -8.04 10.53 -15.43
CA ARG A 62 -7.35 9.44 -14.67
C ARG A 62 -5.91 9.29 -15.18
N SER A 63 -5.72 9.03 -16.46
CA SER A 63 -4.33 8.88 -16.99
C SER A 63 -3.50 10.16 -16.70
N VAL A 64 -4.13 11.30 -16.57
CA VAL A 64 -3.33 12.55 -16.25
C VAL A 64 -3.02 12.57 -14.75
N LYS A 65 -3.95 12.13 -13.91
CA LYS A 65 -3.66 12.11 -12.44
C LYS A 65 -2.65 11.01 -12.10
N VAL A 66 -2.73 9.86 -12.76
CA VAL A 66 -1.74 8.77 -12.46
C VAL A 66 -0.32 9.23 -12.86
N LYS A 67 -0.18 9.96 -13.95
CA LYS A 67 1.19 10.44 -14.36
C LYS A 67 1.80 11.30 -13.25
N SER A 68 1.00 12.14 -12.60
CA SER A 68 1.56 13.00 -11.50
C SER A 68 2.20 12.14 -10.42
N LEU A 69 1.64 10.98 -10.12
CA LEU A 69 2.25 10.10 -9.06
C LEU A 69 3.68 9.72 -9.46
N SER A 70 3.90 9.32 -10.69
CA SER A 70 5.30 8.95 -11.13
C SER A 70 6.15 10.22 -11.20
N ASP A 71 5.61 11.29 -11.75
CA ASP A 71 6.42 12.57 -11.82
C ASP A 71 6.57 13.19 -10.41
N MET A 72 5.76 12.79 -9.44
CA MET A 72 5.93 13.36 -8.06
C MET A 72 6.89 12.44 -7.32
N THR A 73 6.68 11.13 -7.41
CA THR A 73 7.62 10.17 -6.75
C THR A 73 9.06 10.43 -7.27
N ALA A 74 9.20 10.77 -8.55
CA ALA A 74 10.60 11.04 -9.08
C ALA A 74 11.23 12.21 -8.30
N LYS A 75 10.46 13.20 -7.93
CA LYS A 75 11.05 14.35 -7.17
C LYS A 75 10.62 14.32 -5.68
N GLU A 76 10.20 13.18 -5.16
CA GLU A 76 9.79 13.12 -3.72
C GLU A 76 10.71 12.18 -2.90
N LYS A 77 11.80 11.68 -3.46
CA LYS A 77 12.71 10.78 -2.69
C LYS A 77 11.92 9.59 -2.11
N PHE A 78 10.95 9.07 -2.82
CA PHE A 78 10.18 7.88 -2.26
C PHE A 78 11.15 6.70 -2.07
N SER A 79 10.65 5.53 -1.78
CA SER A 79 11.55 4.37 -1.58
C SER A 79 11.33 3.35 -2.69
N PRO A 80 12.11 2.29 -2.68
CA PRO A 80 11.94 1.24 -3.70
C PRO A 80 10.59 0.51 -3.57
N LEU A 81 9.89 0.65 -2.45
CA LEU A 81 8.57 -0.02 -2.33
C LEU A 81 7.44 1.02 -2.28
N THR A 82 7.65 2.22 -2.81
CA THR A 82 6.56 3.22 -2.78
C THR A 82 6.25 3.81 -4.18
N SER A 83 6.73 3.21 -5.25
CA SER A 83 6.38 3.73 -6.60
C SER A 83 5.63 2.64 -7.39
N ASN A 84 4.84 1.85 -6.70
CA ASN A 84 4.04 0.77 -7.35
C ASN A 84 2.68 0.79 -6.65
N LEU A 85 2.67 0.53 -5.35
CA LEU A 85 1.39 0.65 -4.58
C LEU A 85 0.88 2.11 -4.74
N ILE A 86 1.76 3.09 -4.96
CA ILE A 86 1.27 4.49 -5.14
C ILE A 86 0.34 4.57 -6.36
N ASN A 87 0.63 3.84 -7.43
CA ASN A 87 -0.28 3.90 -8.63
C ASN A 87 -1.64 3.31 -8.25
N LEU A 88 -1.67 2.14 -7.64
CA LEU A 88 -2.98 1.51 -7.23
C LEU A 88 -3.80 2.52 -6.41
N LEU A 89 -3.17 3.27 -5.53
CA LEU A 89 -3.96 4.28 -4.72
C LEU A 89 -4.61 5.30 -5.66
N ALA A 90 -3.92 5.69 -6.72
CA ALA A 90 -4.54 6.67 -7.68
C ALA A 90 -4.89 5.96 -9.00
N GLU A 91 -5.19 4.67 -8.98
CA GLU A 91 -5.54 3.97 -10.25
C GLU A 91 -7.06 3.69 -10.31
N ASN A 92 -7.65 3.15 -9.26
CA ASN A 92 -9.11 2.87 -9.30
C ASN A 92 -9.87 3.76 -8.30
N GLY A 93 -9.41 4.97 -8.04
CA GLY A 93 -10.11 5.86 -7.08
C GLY A 93 -9.81 5.38 -5.66
N ARG A 94 -8.55 5.18 -5.33
CA ARG A 94 -8.21 4.71 -3.94
C ARG A 94 -7.63 5.86 -3.10
N LEU A 95 -8.05 7.09 -3.32
CA LEU A 95 -7.52 8.22 -2.49
C LEU A 95 -8.63 8.68 -1.54
N THR A 96 -9.27 7.74 -0.88
CA THR A 96 -10.35 8.06 0.10
C THR A 96 -10.05 7.31 1.39
N ASN A 97 -9.94 5.99 1.32
CA ASN A 97 -9.57 5.20 2.54
C ASN A 97 -8.06 4.87 2.49
N THR A 98 -7.26 5.62 1.72
CA THR A 98 -5.79 5.34 1.64
C THR A 98 -5.15 5.14 3.04
N PRO A 99 -5.44 6.03 3.97
CA PRO A 99 -4.85 5.88 5.33
C PRO A 99 -5.38 4.59 5.99
N ALA A 100 -6.62 4.22 5.76
CA ALA A 100 -7.14 2.93 6.37
C ALA A 100 -6.25 1.76 5.92
N VAL A 101 -5.78 1.76 4.68
CA VAL A 101 -4.89 0.63 4.21
C VAL A 101 -3.56 0.67 5.00
N ILE A 102 -3.03 1.85 5.27
CA ILE A 102 -1.74 1.92 6.03
C ILE A 102 -1.92 1.32 7.43
N SER A 103 -3.06 1.52 8.07
CA SER A 103 -3.27 0.93 9.44
C SER A 103 -3.02 -0.59 9.41
N ALA A 104 -3.52 -1.27 8.40
CA ALA A 104 -3.28 -2.75 8.31
C ALA A 104 -1.76 -3.02 8.23
N PHE A 105 -1.01 -2.17 7.55
CA PHE A 105 0.47 -2.39 7.44
C PHE A 105 1.10 -2.48 8.84
N SER A 106 0.67 -1.63 9.75
CA SER A 106 1.27 -1.69 11.14
C SER A 106 0.81 -2.98 11.85
N THR A 107 -0.43 -3.39 11.67
CA THR A 107 -0.89 -4.66 12.33
C THR A 107 -0.30 -5.88 11.61
N MET A 108 -0.16 -5.83 10.30
CA MET A 108 0.44 -7.00 9.59
C MET A 108 1.95 -7.02 9.84
N MET A 109 2.60 -5.86 9.95
CA MET A 109 4.08 -5.86 10.22
C MET A 109 4.35 -6.62 11.53
N SER A 110 3.52 -6.46 12.54
CA SER A 110 3.78 -7.23 13.82
C SER A 110 3.85 -8.74 13.54
N VAL A 111 3.09 -9.23 12.58
CA VAL A 111 3.14 -10.71 12.28
C VAL A 111 4.39 -11.07 11.42
N HIS A 112 5.13 -10.10 10.92
CA HIS A 112 6.35 -10.42 10.12
C HIS A 112 7.58 -10.53 11.06
N ARG A 113 7.55 -9.90 12.22
CA ARG A 113 8.73 -9.99 13.14
C ARG A 113 8.52 -11.09 14.20
N GLY A 114 7.29 -11.35 14.62
CA GLY A 114 7.06 -12.40 15.65
C GLY A 114 7.53 -13.77 15.14
N GLU A 115 7.39 -14.06 13.86
CA GLU A 115 7.82 -15.39 13.35
C GLU A 115 8.78 -15.23 12.16
N VAL A 116 10.02 -14.83 12.40
CA VAL A 116 10.99 -14.67 11.28
C VAL A 116 12.41 -15.09 11.74
N PRO A 117 13.15 -15.73 10.86
CA PRO A 117 14.51 -16.18 11.21
C PRO A 117 15.48 -14.98 11.24
N CYS A 118 16.70 -15.18 11.69
CA CYS A 118 17.67 -14.05 11.74
C CYS A 118 19.09 -14.55 11.40
N THR A 119 19.79 -13.87 10.51
CA THR A 119 21.18 -14.32 10.15
C THR A 119 22.08 -13.10 9.94
N VAL A 120 22.76 -12.64 10.97
CA VAL A 120 23.65 -11.46 10.80
C VAL A 120 24.94 -11.65 11.61
N GLN B 1 -21.73 1.07 -6.28
CA GLN B 1 -20.35 0.53 -6.45
C GLN B 1 -20.26 -0.27 -7.76
N LYS B 2 -19.20 -0.08 -8.52
CA LYS B 2 -19.06 -0.84 -9.81
C LYS B 2 -17.79 -1.70 -9.79
N THR B 3 -17.50 -2.34 -8.67
CA THR B 3 -16.28 -3.20 -8.60
C THR B 3 -16.60 -4.52 -7.87
N GLY B 4 -15.95 -5.60 -8.22
CA GLY B 4 -16.21 -6.90 -7.55
C GLY B 4 -15.25 -7.08 -6.36
N THR B 5 -14.61 -8.23 -6.25
CA THR B 5 -13.67 -8.45 -5.12
C THR B 5 -12.44 -9.26 -5.60
N ALA B 6 -11.35 -8.60 -5.91
CA ALA B 6 -10.14 -9.34 -6.39
C ALA B 6 -8.90 -8.91 -5.58
N GLU B 7 -7.73 -9.31 -6.01
CA GLU B 7 -6.48 -8.92 -5.27
C GLU B 7 -5.42 -8.48 -6.28
N VAL B 8 -5.75 -7.55 -7.16
CA VAL B 8 -4.73 -7.08 -8.18
C VAL B 8 -3.41 -6.70 -7.50
N SER B 9 -3.43 -6.22 -6.28
CA SER B 9 -2.15 -5.87 -5.58
C SER B 9 -1.44 -7.16 -5.13
N SER B 10 -2.18 -8.17 -4.71
CA SER B 10 -1.52 -9.45 -4.28
C SER B 10 -1.02 -10.19 -5.52
N ILE B 11 -1.79 -10.25 -6.58
CA ILE B 11 -1.32 -10.97 -7.81
C ILE B 11 -0.11 -10.21 -8.41
N LEU B 12 -0.09 -8.89 -8.34
CA LEU B 12 1.07 -8.13 -8.91
C LEU B 12 2.36 -8.53 -8.18
N GLU B 13 2.33 -8.76 -6.88
CA GLU B 13 3.59 -9.14 -6.15
C GLU B 13 4.17 -10.44 -6.76
N GLU B 14 3.33 -11.39 -7.11
CA GLU B 14 3.88 -12.67 -7.72
C GLU B 14 4.65 -12.35 -9.01
N ARG B 15 4.16 -11.44 -9.82
CA ARG B 15 4.89 -11.11 -11.09
C ARG B 15 6.32 -10.61 -10.77
N ILE B 16 6.50 -9.87 -9.69
CA ILE B 16 7.87 -9.37 -9.34
C ILE B 16 8.58 -10.33 -8.37
N LEU B 17 7.86 -11.01 -7.50
CA LEU B 17 8.51 -11.95 -6.55
C LEU B 17 7.97 -13.37 -6.73
N GLY B 18 8.82 -14.34 -6.98
CA GLY B 18 8.34 -15.74 -7.16
C GLY B 18 7.66 -16.23 -5.87
N ALA B 19 7.15 -17.45 -5.86
CA ALA B 19 6.48 -17.97 -4.63
C ALA B 19 7.25 -19.18 -4.09
N ASP B 20 7.61 -19.17 -2.81
CA ASP B 20 8.36 -20.33 -2.24
C ASP B 20 7.60 -20.91 -1.03
N THR B 21 6.77 -21.89 -1.23
CA THR B 21 6.01 -22.48 -0.08
C THR B 21 5.92 -24.01 -0.22
N SER B 22 6.09 -24.75 0.84
CA SER B 22 6.02 -26.23 0.75
C SER B 22 5.33 -26.81 2.01
N VAL B 23 4.20 -26.28 2.40
CA VAL B 23 3.50 -26.80 3.61
C VAL B 23 1.98 -26.80 3.39
N ASP B 24 1.49 -27.36 2.31
CA ASP B 24 0.02 -27.37 2.05
C ASP B 24 -0.50 -28.81 2.05
N LEU B 25 -0.05 -29.64 1.12
CA LEU B 25 -0.54 -31.05 1.08
C LEU B 25 0.64 -32.02 1.14
N PHE A 1 -14.12 -14.66 31.96
CA PHE A 1 -14.46 -15.37 33.23
C PHE A 1 -15.24 -16.65 32.93
N ALA A 2 -16.37 -16.54 32.25
CA ALA A 2 -17.18 -17.77 31.93
C ALA A 2 -17.52 -17.80 30.43
N LYS A 3 -18.26 -16.81 29.95
CA LYS A 3 -18.62 -16.80 28.50
C LYS A 3 -18.12 -15.50 27.84
N LEU A 4 -17.10 -15.59 27.01
CA LEU A 4 -16.58 -14.36 26.34
C LEU A 4 -16.30 -14.63 24.86
N VAL A 5 -17.16 -14.19 23.97
CA VAL A 5 -16.93 -14.43 22.51
C VAL A 5 -16.75 -13.10 21.78
N ARG A 6 -15.53 -12.63 21.63
CA ARG A 6 -15.31 -11.33 20.92
C ARG A 6 -14.46 -11.56 19.66
N PRO A 7 -14.70 -10.77 18.64
CA PRO A 7 -13.94 -10.90 17.37
C PRO A 7 -12.50 -10.39 17.55
N PRO A 8 -11.60 -10.84 16.71
CA PRO A 8 -10.19 -10.39 16.81
C PRO A 8 -10.06 -8.94 16.33
N VAL A 9 -8.87 -8.37 16.39
CA VAL A 9 -8.70 -6.95 15.94
C VAL A 9 -7.32 -6.77 15.27
N GLN A 10 -7.10 -7.40 14.14
CA GLN A 10 -5.78 -7.26 13.45
C GLN A 10 -5.96 -6.53 12.12
N ILE A 11 -6.76 -7.07 11.22
CA ILE A 11 -6.98 -6.38 9.91
C ILE A 11 -8.48 -6.20 9.67
N TYR A 12 -8.89 -5.10 9.06
CA TYR A 12 -10.34 -4.81 8.89
C TYR A 12 -10.58 -3.90 7.68
N GLY A 13 -10.68 -4.45 6.48
CA GLY A 13 -10.92 -3.59 5.30
C GLY A 13 -9.94 -3.95 4.17
N ILE A 14 -10.43 -4.44 3.04
CA ILE A 14 -9.50 -4.80 1.90
C ILE A 14 -8.46 -3.70 1.65
N GLU A 15 -8.81 -2.43 1.87
CA GLU A 15 -7.79 -1.33 1.64
C GLU A 15 -6.51 -1.63 2.44
N GLY A 16 -6.61 -2.26 3.61
CA GLY A 16 -5.39 -2.59 4.38
C GLY A 16 -4.60 -3.68 3.64
N ARG A 17 -5.27 -4.66 3.08
CA ARG A 17 -4.53 -5.74 2.32
C ARG A 17 -3.68 -5.12 1.20
N TYR A 18 -4.09 -4.01 0.62
CA TYR A 18 -3.26 -3.38 -0.48
C TYR A 18 -1.82 -3.19 0.01
N ALA A 19 -1.65 -2.68 1.21
CA ALA A 19 -0.25 -2.50 1.73
C ALA A 19 0.32 -3.87 2.13
N THR A 20 -0.49 -4.77 2.64
CA THR A 20 0.05 -6.13 3.01
C THR A 20 0.41 -6.93 1.75
N ALA A 21 -0.32 -6.76 0.66
CA ALA A 21 0.06 -7.52 -0.58
C ALA A 21 1.28 -6.88 -1.27
N LEU A 22 1.71 -5.70 -0.84
CA LEU A 22 2.93 -5.08 -1.46
C LEU A 22 4.10 -5.30 -0.52
N TYR A 23 3.94 -5.02 0.75
CA TYR A 23 5.06 -5.27 1.69
C TYR A 23 5.26 -6.80 1.83
N SER A 24 4.29 -7.65 1.46
CA SER A 24 4.53 -9.15 1.56
C SER A 24 5.89 -9.49 0.92
N ALA A 25 6.24 -8.81 -0.15
CA ALA A 25 7.59 -9.04 -0.76
C ALA A 25 8.62 -8.27 0.09
N ALA A 26 8.27 -7.07 0.53
CA ALA A 26 9.24 -6.29 1.39
C ALA A 26 9.55 -7.09 2.67
N SER A 27 8.60 -7.83 3.21
CA SER A 27 8.89 -8.62 4.46
C SER A 27 10.07 -9.58 4.19
N LYS A 28 10.11 -10.21 3.03
CA LYS A 28 11.26 -11.12 2.73
C LYS A 28 12.56 -10.30 2.70
N GLN A 29 12.52 -9.12 2.12
CA GLN A 29 13.77 -8.26 2.09
C GLN A 29 13.95 -7.49 3.42
N ASN A 30 12.95 -7.44 4.29
CA ASN A 30 13.07 -6.70 5.59
C ASN A 30 13.06 -5.19 5.31
N LYS A 31 12.21 -4.74 4.39
CA LYS A 31 12.15 -3.29 4.09
C LYS A 31 10.82 -2.67 4.57
N LEU A 32 10.11 -3.30 5.50
CA LEU A 32 8.81 -2.69 5.98
C LEU A 32 9.03 -1.22 6.39
N GLU A 33 10.18 -0.90 6.95
CA GLU A 33 10.43 0.53 7.32
C GLU A 33 10.50 1.37 6.03
N GLN A 34 11.17 0.86 5.01
CA GLN A 34 11.23 1.62 3.70
C GLN A 34 9.81 1.81 3.12
N VAL A 35 8.85 0.98 3.49
CA VAL A 35 7.47 1.14 2.92
C VAL A 35 6.53 1.78 3.97
N GLU A 36 6.57 1.33 5.20
CA GLU A 36 5.67 1.92 6.26
C GLU A 36 5.95 3.42 6.45
N LYS A 37 7.18 3.86 6.29
CA LYS A 37 7.46 5.33 6.50
C LYS A 37 7.15 6.13 5.22
N GLU A 38 7.53 5.66 4.06
CA GLU A 38 7.20 6.45 2.82
C GLU A 38 5.68 6.43 2.60
N LEU A 39 5.01 5.34 2.93
CA LEU A 39 3.50 5.30 2.76
C LEU A 39 2.87 6.50 3.49
N LEU A 40 3.40 6.89 4.64
CA LEU A 40 2.81 8.07 5.38
C LEU A 40 2.79 9.30 4.47
N ARG A 41 3.78 9.49 3.62
CA ARG A 41 3.78 10.69 2.72
C ARG A 41 2.51 10.72 1.86
N VAL A 42 2.08 9.58 1.35
CA VAL A 42 0.83 9.56 0.51
C VAL A 42 -0.38 9.92 1.39
N GLY A 43 -0.43 9.41 2.61
CA GLY A 43 -1.58 9.74 3.51
C GLY A 43 -1.51 11.23 3.87
N GLN A 44 -0.35 11.74 4.21
CA GLN A 44 -0.24 13.20 4.55
C GLN A 44 -0.70 14.05 3.35
N ILE A 45 -0.38 13.63 2.14
CA ILE A 45 -0.84 14.42 0.93
C ILE A 45 -2.38 14.41 0.89
N LEU A 46 -2.98 13.24 0.84
CA LEU A 46 -4.49 13.19 0.79
C LEU A 46 -5.09 13.92 2.00
N LYS A 47 -4.45 13.87 3.15
CA LYS A 47 -5.01 14.58 4.34
C LYS A 47 -5.03 16.08 4.07
N GLU A 48 -4.07 16.60 3.31
CA GLU A 48 -4.07 18.06 3.02
C GLU A 48 -5.23 18.40 2.06
N PRO A 49 -5.86 19.53 2.28
CA PRO A 49 -7.00 19.93 1.40
C PRO A 49 -6.47 20.34 0.00
N LYS A 50 -5.37 21.06 -0.06
CA LYS A 50 -4.84 21.47 -1.41
C LYS A 50 -4.57 20.24 -2.29
N MET A 51 -4.19 19.11 -1.70
CA MET A 51 -3.94 17.88 -2.53
C MET A 51 -5.25 17.11 -2.75
N ALA A 52 -6.12 17.05 -1.77
CA ALA A 52 -7.42 16.29 -1.95
C ALA A 52 -8.15 16.82 -3.20
N ALA A 53 -8.15 18.12 -3.41
CA ALA A 53 -8.84 18.68 -4.63
C ALA A 53 -8.23 18.09 -5.92
N SER A 54 -6.98 17.65 -5.89
CA SER A 54 -6.38 17.08 -7.15
C SER A 54 -6.32 15.54 -7.08
N LEU A 55 -5.90 14.96 -5.98
CA LEU A 55 -5.85 13.46 -5.91
C LEU A 55 -7.23 12.86 -6.20
N LEU A 56 -8.30 13.52 -5.80
CA LEU A 56 -9.66 12.96 -6.07
C LEU A 56 -10.44 13.90 -7.01
N ASN A 57 -9.77 14.50 -7.99
CA ASN A 57 -10.50 15.40 -8.93
C ASN A 57 -10.93 14.64 -10.19
N PRO A 58 -12.22 14.65 -10.48
CA PRO A 58 -12.72 13.98 -11.71
C PRO A 58 -12.54 14.89 -12.96
N TYR A 59 -11.86 16.01 -12.86
CA TYR A 59 -11.67 16.91 -14.04
C TYR A 59 -10.35 16.59 -14.78
N VAL A 60 -9.36 16.01 -14.10
CA VAL A 60 -8.07 15.70 -14.81
C VAL A 60 -8.01 14.22 -15.22
N LYS A 61 -9.12 13.64 -15.66
CA LYS A 61 -9.11 12.21 -16.08
C LYS A 61 -8.47 11.30 -15.01
N ARG A 62 -8.29 10.03 -15.28
CA ARG A 62 -7.66 9.12 -14.28
C ARG A 62 -6.21 8.79 -14.70
N SER A 63 -6.01 8.34 -15.92
CA SER A 63 -4.60 8.01 -16.37
C SER A 63 -3.73 9.27 -16.26
N VAL A 64 -4.25 10.44 -16.60
CA VAL A 64 -3.42 11.69 -16.49
C VAL A 64 -3.04 11.91 -15.02
N LYS A 65 -3.95 11.70 -14.10
CA LYS A 65 -3.61 11.90 -12.64
C LYS A 65 -2.44 10.99 -12.23
N VAL A 66 -2.39 9.77 -12.75
CA VAL A 66 -1.25 8.86 -12.37
C VAL A 66 0.10 9.51 -12.77
N LYS A 67 0.16 10.15 -13.92
CA LYS A 67 1.46 10.80 -14.32
C LYS A 67 1.88 11.84 -13.28
N SER A 68 0.93 12.60 -12.74
CA SER A 68 1.31 13.64 -11.71
C SER A 68 1.97 12.94 -10.50
N LEU A 69 1.46 11.80 -10.08
CA LEU A 69 2.10 11.10 -8.90
C LEU A 69 3.56 10.75 -9.22
N SER A 70 3.82 10.22 -10.41
CA SER A 70 5.25 9.87 -10.75
C SER A 70 6.12 11.14 -10.70
N ASP A 71 5.63 12.26 -11.18
CA ASP A 71 6.45 13.52 -11.12
C ASP A 71 6.67 13.98 -9.67
N MET A 72 5.85 13.54 -8.72
CA MET A 72 6.08 13.94 -7.29
C MET A 72 7.04 12.92 -6.69
N THR A 73 6.80 11.64 -6.94
CA THR A 73 7.72 10.58 -6.41
C THR A 73 9.15 10.87 -6.92
N ALA A 74 9.31 11.37 -8.14
CA ALA A 74 10.70 11.67 -8.65
C ALA A 74 11.39 12.68 -7.71
N LYS A 75 10.67 13.66 -7.21
CA LYS A 75 11.31 14.65 -6.27
C LYS A 75 11.20 14.13 -4.81
N GLU A 76 10.13 13.45 -4.47
CA GLU A 76 10.01 12.92 -3.07
C GLU A 76 11.14 11.92 -2.74
N LYS A 77 11.79 11.33 -3.73
CA LYS A 77 12.89 10.34 -3.44
C LYS A 77 12.32 9.14 -2.68
N PHE A 78 11.19 8.61 -3.14
CA PHE A 78 10.58 7.42 -2.43
C PHE A 78 11.60 6.28 -2.33
N SER A 79 11.18 5.12 -1.85
CA SER A 79 12.14 4.00 -1.72
C SER A 79 11.81 2.93 -2.78
N PRO A 80 12.47 1.79 -2.70
CA PRO A 80 12.20 0.73 -3.69
C PRO A 80 10.85 0.03 -3.44
N LEU A 81 10.17 0.30 -2.34
CA LEU A 81 8.85 -0.36 -2.11
C LEU A 81 7.74 0.70 -2.05
N THR A 82 7.96 1.88 -2.60
CA THR A 82 6.89 2.91 -2.53
C THR A 82 6.64 3.56 -3.91
N SER A 83 7.03 2.93 -5.00
CA SER A 83 6.74 3.50 -6.35
C SER A 83 5.97 2.43 -7.13
N ASN A 84 4.96 1.89 -6.50
CA ASN A 84 4.09 0.84 -7.11
C ASN A 84 2.78 0.86 -6.33
N LEU A 85 2.86 0.66 -5.03
CA LEU A 85 1.63 0.77 -4.18
C LEU A 85 0.99 2.17 -4.39
N ILE A 86 1.78 3.19 -4.73
CA ILE A 86 1.16 4.53 -4.98
C ILE A 86 0.26 4.46 -6.22
N ASN A 87 0.68 3.76 -7.26
CA ASN A 87 -0.18 3.65 -8.49
C ASN A 87 -1.54 3.05 -8.12
N LEU A 88 -1.54 1.92 -7.43
CA LEU A 88 -2.85 1.29 -7.01
C LEU A 88 -3.71 2.32 -6.25
N LEU A 89 -3.09 3.12 -5.40
CA LEU A 89 -3.88 4.16 -4.65
C LEU A 89 -4.58 5.10 -5.65
N ALA A 90 -3.91 5.46 -6.73
CA ALA A 90 -4.56 6.35 -7.74
C ALA A 90 -4.90 5.53 -9.01
N GLU A 91 -5.17 4.24 -8.88
CA GLU A 91 -5.51 3.43 -10.10
C GLU A 91 -7.01 3.15 -10.17
N ASN A 92 -7.62 2.72 -9.08
CA ASN A 92 -9.09 2.44 -9.11
C ASN A 92 -9.85 3.33 -8.10
N GLY A 93 -9.40 4.54 -7.86
CA GLY A 93 -10.11 5.43 -6.91
C GLY A 93 -9.79 4.97 -5.48
N ARG A 94 -8.53 4.76 -5.17
CA ARG A 94 -8.18 4.30 -3.78
C ARG A 94 -7.74 5.49 -2.92
N LEU A 95 -7.09 6.50 -3.48
CA LEU A 95 -6.65 7.68 -2.63
C LEU A 95 -7.87 8.25 -1.88
N THR A 96 -8.01 7.85 -0.63
CA THR A 96 -9.17 8.31 0.22
C THR A 96 -9.01 7.67 1.59
N ASN A 97 -8.81 6.36 1.63
CA ASN A 97 -8.56 5.67 2.93
C ASN A 97 -7.04 5.45 3.10
N THR A 98 -6.18 6.23 2.42
CA THR A 98 -4.69 6.06 2.55
C THR A 98 -4.23 5.73 3.99
N PRO A 99 -4.65 6.53 4.95
CA PRO A 99 -4.26 6.27 6.36
C PRO A 99 -4.79 4.91 6.81
N ALA A 100 -5.98 4.52 6.40
CA ALA A 100 -6.51 3.16 6.80
C ALA A 100 -5.59 2.08 6.21
N VAL A 101 -5.09 2.27 5.00
CA VAL A 101 -4.15 1.24 4.41
C VAL A 101 -2.82 1.21 5.18
N ILE A 102 -2.39 2.32 5.76
CA ILE A 102 -1.09 2.30 6.53
C ILE A 102 -1.29 1.67 7.92
N SER A 103 -2.42 1.89 8.56
CA SER A 103 -2.64 1.26 9.92
C SER A 103 -2.51 -0.26 9.81
N ALA A 104 -3.14 -0.86 8.83
CA ALA A 104 -3.02 -2.36 8.68
C ALA A 104 -1.54 -2.74 8.51
N PHE A 105 -0.74 -1.90 7.87
CA PHE A 105 0.72 -2.22 7.68
C PHE A 105 1.37 -2.51 9.04
N SER A 106 1.05 -1.74 10.06
CA SER A 106 1.65 -1.99 11.40
C SER A 106 1.08 -3.28 12.00
N THR A 107 -0.20 -3.56 11.79
CA THR A 107 -0.79 -4.83 12.35
C THR A 107 -0.31 -6.02 11.52
N MET A 108 -0.18 -5.88 10.22
CA MET A 108 0.31 -7.04 9.41
C MET A 108 1.82 -7.21 9.62
N MET A 109 2.56 -6.12 9.78
CA MET A 109 4.04 -6.26 10.02
C MET A 109 4.27 -7.10 11.29
N SER A 110 3.47 -6.94 12.32
CA SER A 110 3.70 -7.77 13.57
C SER A 110 3.68 -9.26 13.22
N VAL A 111 2.89 -9.69 12.25
CA VAL A 111 2.89 -11.14 11.89
C VAL A 111 4.10 -11.50 11.01
N HIS A 112 4.90 -10.54 10.57
CA HIS A 112 6.09 -10.90 9.75
C HIS A 112 7.27 -11.22 10.69
N ARG A 113 7.31 -10.68 11.90
CA ARG A 113 8.43 -11.02 12.83
C ARG A 113 8.41 -12.53 13.13
N GLY A 114 7.24 -13.13 13.22
CA GLY A 114 7.17 -14.59 13.51
C GLY A 114 6.09 -14.82 14.58
N GLU A 115 4.83 -14.55 14.26
CA GLU A 115 3.73 -14.74 15.27
C GLU A 115 4.07 -13.97 16.56
N VAL A 116 4.62 -12.78 16.45
CA VAL A 116 4.98 -12.00 17.67
C VAL A 116 4.11 -10.73 17.75
N PRO A 117 2.97 -10.83 18.40
CA PRO A 117 2.06 -9.66 18.53
C PRO A 117 2.63 -8.65 19.53
N CYS A 118 1.90 -7.61 19.84
CA CYS A 118 2.41 -6.60 20.81
C CYS A 118 1.38 -6.34 21.92
N THR A 119 1.18 -7.29 22.82
CA THR A 119 0.18 -7.10 23.91
C THR A 119 0.83 -7.40 25.27
N VAL A 120 1.99 -6.83 25.55
CA VAL A 120 2.65 -7.08 26.86
C VAL A 120 3.17 -5.77 27.47
N GLN B 1 -16.60 -5.36 -12.74
CA GLN B 1 -16.14 -4.54 -13.89
C GLN B 1 -15.79 -3.12 -13.40
N LYS B 2 -14.67 -2.57 -13.82
CA LYS B 2 -14.28 -1.18 -13.38
C LYS B 2 -14.33 -1.06 -11.85
N THR B 3 -13.87 -2.07 -11.13
CA THR B 3 -13.90 -1.99 -9.64
C THR B 3 -12.55 -2.44 -9.06
N GLY B 4 -12.18 -3.69 -9.26
CA GLY B 4 -10.87 -4.18 -8.71
C GLY B 4 -11.04 -4.57 -7.23
N THR B 5 -11.65 -5.70 -6.96
CA THR B 5 -11.84 -6.11 -5.54
C THR B 5 -11.46 -7.60 -5.36
N ALA B 6 -10.38 -8.05 -5.99
CA ALA B 6 -9.98 -9.47 -5.84
C ALA B 6 -8.48 -9.57 -5.50
N GLU B 7 -8.03 -8.84 -4.49
CA GLU B 7 -6.58 -8.89 -4.11
C GLU B 7 -5.71 -8.51 -5.31
N VAL B 8 -6.03 -7.42 -6.00
CA VAL B 8 -5.21 -7.02 -7.18
C VAL B 8 -3.77 -6.74 -6.74
N SER B 9 -3.57 -6.10 -5.60
CA SER B 9 -2.17 -5.84 -5.14
C SER B 9 -1.40 -7.17 -4.98
N SER B 10 -2.07 -8.24 -4.59
CA SER B 10 -1.35 -9.55 -4.45
C SER B 10 -0.90 -10.04 -5.82
N ILE B 11 -1.80 -10.16 -6.77
CA ILE B 11 -1.38 -10.64 -8.14
C ILE B 11 -0.34 -9.66 -8.74
N LEU B 12 -0.42 -8.39 -8.44
CA LEU B 12 0.60 -7.42 -9.00
C LEU B 12 1.98 -7.72 -8.41
N GLU B 13 2.06 -8.08 -7.14
CA GLU B 13 3.41 -8.38 -6.53
C GLU B 13 4.08 -9.55 -7.28
N GLU B 14 3.31 -10.56 -7.65
CA GLU B 14 3.94 -11.72 -8.40
C GLU B 14 4.54 -11.22 -9.72
N ARG B 15 3.86 -10.32 -10.43
CA ARG B 15 4.41 -9.81 -11.73
C ARG B 15 5.79 -9.16 -11.50
N ILE B 16 6.00 -8.49 -10.38
CA ILE B 16 7.33 -7.85 -10.13
C ILE B 16 8.25 -8.79 -9.31
N LEU B 17 7.70 -9.61 -8.44
CA LEU B 17 8.56 -10.53 -7.64
C LEU B 17 8.12 -11.99 -7.86
N GLY B 18 8.06 -12.44 -9.09
CA GLY B 18 7.64 -13.85 -9.36
C GLY B 18 8.66 -14.53 -10.28
N ALA B 19 9.95 -14.30 -10.06
CA ALA B 19 10.98 -14.95 -10.94
C ALA B 19 12.18 -15.39 -10.09
N ASP B 20 12.61 -16.63 -10.25
CA ASP B 20 13.78 -17.12 -9.45
C ASP B 20 14.65 -18.06 -10.29
N THR B 21 15.02 -17.66 -11.49
CA THR B 21 15.86 -18.54 -12.36
C THR B 21 16.92 -17.71 -13.10
N SER B 22 18.13 -17.66 -12.59
CA SER B 22 19.19 -16.87 -13.27
C SER B 22 20.43 -17.73 -13.52
N VAL B 23 21.04 -17.63 -14.69
CA VAL B 23 22.25 -18.45 -14.99
C VAL B 23 23.31 -17.60 -15.72
N ASP B 24 24.47 -17.43 -15.14
CA ASP B 24 25.53 -16.61 -15.82
C ASP B 24 26.75 -17.49 -16.14
N LEU B 25 27.37 -18.09 -15.15
CA LEU B 25 28.56 -18.95 -15.42
C LEU B 25 28.39 -20.32 -14.76
N PHE A 1 -29.33 12.66 23.45
CA PHE A 1 -28.02 13.34 23.60
C PHE A 1 -26.94 12.61 22.77
N ALA A 2 -26.51 13.20 21.67
CA ALA A 2 -25.47 12.54 20.82
C ALA A 2 -24.47 13.57 20.30
N LYS A 3 -23.40 13.83 21.03
CA LYS A 3 -22.39 14.83 20.57
C LYS A 3 -20.99 14.19 20.55
N LEU A 4 -20.77 13.20 19.72
CA LEU A 4 -19.42 12.55 19.65
C LEU A 4 -19.09 12.15 18.21
N VAL A 5 -17.83 11.96 17.90
CA VAL A 5 -17.44 11.57 16.51
C VAL A 5 -16.26 10.58 16.53
N ARG A 6 -16.44 9.41 17.11
CA ARG A 6 -15.32 8.43 17.16
C ARG A 6 -15.71 7.15 16.39
N PRO A 7 -15.60 7.22 15.08
CA PRO A 7 -15.95 6.04 14.24
C PRO A 7 -14.87 4.95 14.37
N PRO A 8 -15.22 3.83 14.98
CA PRO A 8 -14.23 2.74 15.14
C PRO A 8 -13.96 2.06 13.80
N VAL A 9 -12.74 2.14 13.29
CA VAL A 9 -12.43 1.49 11.98
C VAL A 9 -10.96 1.02 11.94
N GLN A 10 -10.72 -0.23 11.61
CA GLN A 10 -9.30 -0.75 11.56
C GLN A 10 -9.28 -2.18 11.00
N ILE A 11 -8.40 -2.47 10.05
CA ILE A 11 -8.31 -3.85 9.45
C ILE A 11 -9.66 -4.25 8.81
N TYR A 12 -9.65 -4.65 7.55
CA TYR A 12 -10.94 -5.00 6.88
C TYR A 12 -10.73 -6.18 5.90
N GLY A 13 -9.86 -6.04 4.93
CA GLY A 13 -9.62 -7.17 3.96
C GLY A 13 -8.75 -6.71 2.79
N ILE A 14 -9.35 -6.29 1.68
CA ILE A 14 -8.52 -5.82 0.52
C ILE A 14 -7.58 -4.68 0.98
N GLU A 15 -8.06 -3.77 1.81
CA GLU A 15 -7.17 -2.68 2.29
C GLU A 15 -6.05 -3.26 3.16
N GLY A 16 -6.35 -4.29 3.95
CA GLY A 16 -5.27 -4.90 4.78
C GLY A 16 -4.37 -5.74 3.87
N ARG A 17 -4.96 -6.59 3.05
CA ARG A 17 -4.12 -7.41 2.10
C ARG A 17 -3.35 -6.49 1.15
N TYR A 18 -3.82 -5.28 0.90
CA TYR A 18 -3.06 -4.36 -0.02
C TYR A 18 -1.67 -4.07 0.58
N ALA A 19 -1.59 -3.76 1.86
CA ALA A 19 -0.24 -3.49 2.46
C ALA A 19 0.49 -4.82 2.69
N THR A 20 -0.21 -5.86 3.09
CA THR A 20 0.49 -7.17 3.32
C THR A 20 0.83 -7.84 1.98
N ALA A 21 0.07 -7.63 0.94
CA ALA A 21 0.45 -8.25 -0.38
C ALA A 21 1.61 -7.46 -1.02
N LEU A 22 1.85 -6.23 -0.60
CA LEU A 22 3.00 -5.46 -1.17
C LEU A 22 4.20 -5.59 -0.24
N TYR A 23 3.98 -5.54 1.06
CA TYR A 23 5.12 -5.70 1.99
C TYR A 23 5.41 -7.20 2.23
N SER A 24 4.51 -8.12 1.88
CA SER A 24 4.83 -9.59 2.08
C SER A 24 6.21 -9.88 1.45
N ALA A 25 6.49 -9.28 0.31
CA ALA A 25 7.84 -9.45 -0.31
C ALA A 25 8.82 -8.58 0.48
N ALA A 26 8.43 -7.37 0.88
CA ALA A 26 9.36 -6.51 1.68
C ALA A 26 9.73 -7.22 3.00
N SER A 27 8.80 -7.92 3.61
CA SER A 27 9.12 -8.64 4.90
C SER A 27 10.31 -9.60 4.67
N LYS A 28 10.32 -10.30 3.55
CA LYS A 28 11.48 -11.22 3.28
C LYS A 28 12.78 -10.41 3.19
N GLN A 29 12.74 -9.23 2.60
CA GLN A 29 13.98 -8.40 2.51
C GLN A 29 14.10 -7.40 3.69
N ASN A 30 13.15 -7.38 4.61
CA ASN A 30 13.21 -6.42 5.77
C ASN A 30 13.02 -4.99 5.26
N LYS A 31 12.10 -4.79 4.35
CA LYS A 31 11.86 -3.42 3.82
C LYS A 31 10.57 -2.79 4.41
N LEU A 32 9.93 -3.39 5.41
CA LEU A 32 8.68 -2.75 5.99
C LEU A 32 8.95 -1.27 6.31
N GLU A 33 10.17 -0.92 6.70
CA GLU A 33 10.45 0.54 6.95
C GLU A 33 10.47 1.27 5.60
N GLN A 34 11.08 0.68 4.59
CA GLN A 34 11.08 1.33 3.22
C GLN A 34 9.66 1.40 2.64
N VAL A 35 8.78 0.50 3.01
CA VAL A 35 7.39 0.54 2.44
C VAL A 35 6.41 1.20 3.43
N GLU A 36 6.59 1.03 4.73
CA GLU A 36 5.63 1.67 5.71
C GLU A 36 5.86 3.19 5.80
N LYS A 37 7.09 3.65 5.66
CA LYS A 37 7.35 5.13 5.76
C LYS A 37 7.01 5.81 4.43
N GLU A 38 7.28 5.17 3.30
CA GLU A 38 6.95 5.83 1.99
C GLU A 38 5.42 5.85 1.82
N LEU A 39 4.73 4.79 2.19
CA LEU A 39 3.23 4.79 2.05
C LEU A 39 2.62 5.97 2.85
N LEU A 40 3.18 6.30 4.00
CA LEU A 40 2.62 7.45 4.80
C LEU A 40 2.61 8.73 3.95
N ARG A 41 3.57 8.93 3.07
CA ARG A 41 3.58 10.18 2.23
C ARG A 41 2.29 10.27 1.41
N VAL A 42 1.86 9.19 0.80
CA VAL A 42 0.59 9.24 -0.01
C VAL A 42 -0.59 9.58 0.91
N GLY A 43 -0.62 9.04 2.12
CA GLY A 43 -1.75 9.36 3.05
C GLY A 43 -1.65 10.83 3.46
N GLN A 44 -0.47 11.31 3.81
CA GLN A 44 -0.33 12.76 4.21
C GLN A 44 -0.78 13.67 3.05
N ILE A 45 -0.50 13.29 1.81
CA ILE A 45 -0.91 14.15 0.65
C ILE A 45 -2.45 14.33 0.67
N LEU A 46 -3.19 13.28 0.94
CA LEU A 46 -4.68 13.44 1.00
C LEU A 46 -5.10 14.09 2.34
N LYS A 47 -4.29 13.97 3.38
CA LYS A 47 -4.67 14.63 4.68
C LYS A 47 -4.50 16.15 4.52
N GLU A 48 -3.54 16.60 3.73
CA GLU A 48 -3.36 18.09 3.56
C GLU A 48 -4.68 18.72 3.09
N PRO A 49 -5.02 19.87 3.63
CA PRO A 49 -6.30 20.54 3.25
C PRO A 49 -6.20 21.16 1.84
N LYS A 50 -5.07 21.74 1.49
CA LYS A 50 -4.94 22.32 0.11
C LYS A 50 -4.76 21.17 -0.88
N MET A 51 -3.92 20.21 -0.53
CA MET A 51 -3.71 19.03 -1.44
C MET A 51 -5.01 18.22 -1.55
N ALA A 52 -5.79 18.13 -0.49
CA ALA A 52 -7.08 17.35 -0.57
C ALA A 52 -7.96 17.89 -1.72
N ALA A 53 -8.00 19.19 -1.90
CA ALA A 53 -8.84 19.76 -3.02
C ALA A 53 -8.29 19.31 -4.40
N SER A 54 -6.99 19.12 -4.53
CA SER A 54 -6.44 18.69 -5.86
C SER A 54 -6.43 17.15 -5.95
N LEU A 55 -6.08 16.45 -4.89
CA LEU A 55 -6.07 14.94 -4.97
C LEU A 55 -7.47 14.42 -5.34
N LEU A 56 -8.52 15.05 -4.85
CA LEU A 56 -9.90 14.58 -5.19
C LEU A 56 -10.62 15.61 -6.09
N ASN A 57 -9.91 16.30 -6.96
CA ASN A 57 -10.60 17.29 -7.84
C ASN A 57 -11.09 16.60 -9.12
N PRO A 58 -12.37 16.74 -9.43
CA PRO A 58 -12.90 16.14 -10.67
C PRO A 58 -12.46 16.94 -11.92
N TYR A 59 -11.79 18.07 -11.75
CA TYR A 59 -11.34 18.89 -12.93
C TYR A 59 -9.97 18.42 -13.46
N VAL A 60 -9.28 17.51 -12.79
CA VAL A 60 -7.95 17.05 -13.30
C VAL A 60 -8.05 15.66 -13.96
N LYS A 61 -9.22 15.24 -14.42
CA LYS A 61 -9.34 13.90 -15.07
C LYS A 61 -8.71 12.79 -14.21
N ARG A 62 -8.63 11.58 -14.71
CA ARG A 62 -8.02 10.47 -13.91
C ARG A 62 -6.64 10.11 -14.48
N SER A 63 -6.56 9.82 -15.77
CA SER A 63 -5.22 9.49 -16.37
C SER A 63 -4.25 10.66 -16.18
N VAL A 64 -4.72 11.88 -16.35
CA VAL A 64 -3.79 13.05 -16.15
C VAL A 64 -3.31 13.10 -14.69
N LYS A 65 -4.19 12.86 -13.75
CA LYS A 65 -3.75 12.88 -12.30
C LYS A 65 -2.70 11.79 -12.07
N VAL A 66 -2.85 10.63 -12.68
CA VAL A 66 -1.82 9.53 -12.47
C VAL A 66 -0.44 10.03 -12.94
N LYS A 67 -0.38 10.76 -14.04
CA LYS A 67 0.96 11.27 -14.51
C LYS A 67 1.60 12.16 -13.43
N SER A 68 0.82 12.99 -12.77
CA SER A 68 1.40 13.86 -11.70
C SER A 68 2.03 13.00 -10.59
N LEU A 69 1.42 11.88 -10.23
CA LEU A 69 2.02 11.00 -9.17
C LEU A 69 3.40 10.51 -9.64
N SER A 70 3.50 10.02 -10.86
CA SER A 70 4.84 9.54 -11.35
C SER A 70 5.83 10.71 -11.39
N ASP A 71 5.41 11.85 -11.88
CA ASP A 71 6.34 13.04 -11.90
C ASP A 71 6.61 13.55 -10.47
N MET A 72 5.75 13.25 -9.51
CA MET A 72 6.02 13.70 -8.11
C MET A 72 6.90 12.64 -7.46
N THR A 73 6.59 11.37 -7.66
CA THR A 73 7.44 10.27 -7.08
C THR A 73 8.92 10.49 -7.54
N ALA A 74 9.14 10.96 -8.76
CA ALA A 74 10.55 11.20 -9.21
C ALA A 74 11.24 12.20 -8.26
N LYS A 75 10.53 13.22 -7.83
CA LYS A 75 11.15 14.21 -6.87
C LYS A 75 10.98 13.72 -5.42
N GLU A 76 9.89 13.05 -5.11
CA GLU A 76 9.71 12.53 -3.70
C GLU A 76 10.83 11.55 -3.31
N LYS A 77 11.52 10.94 -4.26
CA LYS A 77 12.62 9.97 -3.93
C LYS A 77 12.03 8.74 -3.23
N PHE A 78 10.93 8.21 -3.72
CA PHE A 78 10.32 7.00 -3.07
C PHE A 78 11.34 5.86 -3.02
N SER A 79 10.94 4.68 -2.60
CA SER A 79 11.91 3.56 -2.52
C SER A 79 11.50 2.46 -3.51
N PRO A 80 12.11 1.30 -3.42
CA PRO A 80 11.77 0.22 -4.37
C PRO A 80 10.41 -0.44 -4.04
N LEU A 81 9.78 -0.09 -2.93
CA LEU A 81 8.44 -0.70 -2.63
C LEU A 81 7.38 0.40 -2.61
N THR A 82 7.59 1.50 -3.31
CA THR A 82 6.57 2.57 -3.29
C THR A 82 6.40 3.23 -4.68
N SER A 83 6.69 2.53 -5.76
CA SER A 83 6.49 3.12 -7.12
C SER A 83 5.72 2.08 -7.95
N ASN A 84 4.63 1.64 -7.40
CA ASN A 84 3.74 0.62 -8.05
C ASN A 84 2.44 0.59 -7.22
N LEU A 85 2.58 0.37 -5.92
CA LEU A 85 1.37 0.43 -5.03
C LEU A 85 0.71 1.82 -5.17
N ILE A 86 1.48 2.88 -5.48
CA ILE A 86 0.83 4.23 -5.63
C ILE A 86 -0.15 4.17 -6.82
N ASN A 87 0.20 3.51 -7.91
CA ASN A 87 -0.75 3.43 -9.08
C ASN A 87 -2.09 2.85 -8.62
N LEU A 88 -2.10 1.73 -7.94
CA LEU A 88 -3.39 1.12 -7.46
C LEU A 88 -4.22 2.18 -6.70
N LEU A 89 -3.57 3.01 -5.91
CA LEU A 89 -4.35 4.07 -5.17
C LEU A 89 -4.95 5.06 -6.18
N ALA A 90 -4.22 5.41 -7.21
CA ALA A 90 -4.78 6.36 -8.22
C ALA A 90 -5.14 5.61 -9.52
N GLU A 91 -5.50 4.34 -9.45
CA GLU A 91 -5.87 3.59 -10.70
C GLU A 91 -7.40 3.46 -10.79
N ASN A 92 -8.05 3.02 -9.74
CA ASN A 92 -9.54 2.87 -9.78
C ASN A 92 -10.21 3.79 -8.74
N GLY A 93 -9.65 4.95 -8.46
CA GLY A 93 -10.26 5.86 -7.46
C GLY A 93 -9.97 5.32 -6.06
N ARG A 94 -8.73 5.00 -5.77
CA ARG A 94 -8.40 4.47 -4.41
C ARG A 94 -7.59 5.48 -3.58
N LEU A 95 -7.70 6.79 -3.85
CA LEU A 95 -6.95 7.77 -3.03
C LEU A 95 -7.92 8.51 -2.09
N THR A 96 -8.96 7.84 -1.63
CA THR A 96 -9.93 8.47 -0.68
C THR A 96 -9.73 7.81 0.69
N ASN A 97 -9.77 6.49 0.74
CA ASN A 97 -9.53 5.78 2.03
C ASN A 97 -8.09 5.22 2.03
N THR A 98 -7.13 5.92 1.41
CA THR A 98 -5.72 5.40 1.41
C THR A 98 -5.08 5.35 2.82
N PRO A 99 -5.40 6.27 3.72
CA PRO A 99 -4.78 6.20 5.08
C PRO A 99 -5.21 4.91 5.80
N ALA A 100 -6.45 4.48 5.63
CA ALA A 100 -6.89 3.20 6.31
C ALA A 100 -6.00 2.04 5.81
N VAL A 101 -5.66 2.00 4.54
CA VAL A 101 -4.78 0.89 4.04
C VAL A 101 -3.37 1.03 4.64
N ILE A 102 -2.88 2.24 4.82
CA ILE A 102 -1.50 2.41 5.42
C ILE A 102 -1.53 2.01 6.90
N SER A 103 -2.58 2.34 7.63
CA SER A 103 -2.64 1.95 9.09
C SER A 103 -2.55 0.43 9.23
N ALA A 104 -3.31 -0.31 8.44
CA ALA A 104 -3.24 -1.82 8.53
C ALA A 104 -1.79 -2.29 8.32
N PHE A 105 -1.02 -1.61 7.48
CA PHE A 105 0.42 -2.03 7.26
C PHE A 105 1.16 -2.07 8.59
N SER A 106 0.97 -1.08 9.44
CA SER A 106 1.70 -1.08 10.76
C SER A 106 1.22 -2.27 11.62
N THR A 107 -0.06 -2.55 11.63
CA THR A 107 -0.56 -3.71 12.45
C THR A 107 -0.09 -5.02 11.81
N MET A 108 -0.05 -5.12 10.49
CA MET A 108 0.41 -6.39 9.86
C MET A 108 1.92 -6.58 10.13
N MET A 109 2.69 -5.51 10.14
CA MET A 109 4.17 -5.66 10.42
C MET A 109 4.36 -6.36 11.78
N SER A 110 3.57 -6.04 12.78
CA SER A 110 3.74 -6.73 14.11
C SER A 110 3.65 -8.26 13.94
N VAL A 111 2.84 -8.74 13.00
CA VAL A 111 2.75 -10.23 12.80
C VAL A 111 3.97 -10.77 12.01
N HIS A 112 4.84 -9.91 11.48
CA HIS A 112 6.02 -10.42 10.73
C HIS A 112 7.22 -10.60 11.69
N ARG A 113 7.25 -9.89 12.81
CA ARG A 113 8.42 -10.04 13.75
C ARG A 113 8.09 -11.02 14.90
N GLY A 114 6.82 -11.24 15.22
CA GLY A 114 6.47 -12.18 16.34
C GLY A 114 7.15 -13.54 16.13
N GLU A 115 6.76 -14.30 15.12
CA GLU A 115 7.40 -15.63 14.90
C GLU A 115 7.50 -15.92 13.39
N VAL A 116 8.48 -15.34 12.72
CA VAL A 116 8.64 -15.60 11.25
C VAL A 116 10.12 -15.56 10.86
N PRO A 117 10.76 -16.72 10.88
CA PRO A 117 12.20 -16.77 10.53
C PRO A 117 12.38 -16.60 9.01
N CYS A 118 12.44 -15.38 8.53
CA CYS A 118 12.62 -15.15 7.07
C CYS A 118 13.81 -14.20 6.82
N THR A 119 15.02 -14.71 6.85
CA THR A 119 16.21 -13.82 6.61
C THR A 119 17.13 -14.45 5.56
N VAL A 120 18.23 -13.80 5.24
CA VAL A 120 19.17 -14.38 4.21
C VAL A 120 20.58 -14.47 4.80
N GLN B 1 -15.74 -6.64 -4.77
CA GLN B 1 -16.08 -8.09 -4.94
C GLN B 1 -17.01 -8.27 -6.15
N LYS B 2 -17.32 -9.51 -6.53
CA LYS B 2 -18.22 -9.74 -7.71
C LYS B 2 -17.70 -9.00 -8.95
N THR B 3 -16.72 -9.54 -9.64
CA THR B 3 -16.18 -8.87 -10.86
C THR B 3 -15.74 -7.42 -10.54
N GLY B 4 -14.46 -7.19 -10.32
CA GLY B 4 -14.00 -5.80 -10.00
C GLY B 4 -12.62 -5.83 -9.34
N THR B 5 -12.40 -6.73 -8.41
CA THR B 5 -11.06 -6.80 -7.73
C THR B 5 -10.62 -8.26 -7.57
N ALA B 6 -9.45 -8.62 -8.08
CA ALA B 6 -8.97 -10.02 -7.95
C ALA B 6 -7.64 -10.06 -7.18
N GLU B 7 -7.50 -9.27 -6.12
CA GLU B 7 -6.22 -9.26 -5.34
C GLU B 7 -5.04 -8.97 -6.28
N VAL B 8 -5.15 -7.94 -7.11
CA VAL B 8 -4.02 -7.63 -8.06
C VAL B 8 -2.73 -7.38 -7.26
N SER B 9 -2.81 -6.67 -6.15
CA SER B 9 -1.56 -6.43 -5.33
C SER B 9 -0.94 -7.79 -4.96
N SER B 10 -1.75 -8.78 -4.64
CA SER B 10 -1.18 -10.13 -4.30
C SER B 10 -0.58 -10.75 -5.56
N ILE B 11 -1.27 -10.66 -6.68
CA ILE B 11 -0.70 -11.24 -7.96
C ILE B 11 0.53 -10.44 -8.38
N LEU B 12 0.50 -9.12 -8.25
CA LEU B 12 1.70 -8.31 -8.64
C LEU B 12 2.89 -8.69 -7.75
N GLU B 13 2.66 -8.98 -6.48
CA GLU B 13 3.81 -9.36 -5.58
C GLU B 13 4.56 -10.57 -6.15
N GLU B 14 3.84 -11.54 -6.71
CA GLU B 14 4.54 -12.75 -7.28
C GLU B 14 5.41 -12.33 -8.48
N ARG B 15 4.92 -11.43 -9.32
CA ARG B 15 5.75 -11.00 -10.51
C ARG B 15 7.02 -10.28 -10.04
N ILE B 16 6.98 -9.54 -8.94
CA ILE B 16 8.21 -8.84 -8.46
C ILE B 16 9.00 -9.74 -7.49
N LEU B 17 8.32 -10.49 -6.65
CA LEU B 17 9.06 -11.38 -5.69
C LEU B 17 8.24 -12.66 -5.41
N GLY B 18 8.79 -13.82 -5.70
CA GLY B 18 8.04 -15.08 -5.44
C GLY B 18 9.00 -16.14 -4.87
N ALA B 19 9.49 -17.04 -5.70
CA ALA B 19 10.44 -18.11 -5.21
C ALA B 19 9.85 -18.84 -4.00
N ASP B 20 9.18 -19.97 -4.21
CA ASP B 20 8.58 -20.72 -3.07
C ASP B 20 9.04 -22.19 -3.11
N THR B 21 8.76 -22.91 -4.18
CA THR B 21 9.17 -24.34 -4.26
C THR B 21 9.81 -24.64 -5.63
N SER B 22 11.11 -24.76 -5.70
CA SER B 22 11.77 -25.04 -7.01
C SER B 22 12.65 -26.30 -6.91
N VAL B 23 12.56 -27.20 -7.85
CA VAL B 23 13.39 -28.45 -7.79
C VAL B 23 14.03 -28.71 -9.16
N ASP B 24 15.34 -28.64 -9.26
CA ASP B 24 16.01 -28.90 -10.57
C ASP B 24 16.96 -30.10 -10.46
N LEU B 25 16.47 -31.23 -9.98
CA LEU B 25 17.35 -32.43 -9.85
C LEU B 25 16.63 -33.67 -10.39
N PHE A 1 -14.83 -18.23 28.89
CA PHE A 1 -14.43 -18.54 30.29
C PHE A 1 -14.16 -17.24 31.06
N ALA A 2 -13.31 -16.37 30.56
CA ALA A 2 -13.02 -15.09 31.28
C ALA A 2 -13.15 -13.90 30.31
N LYS A 3 -14.14 -13.91 29.44
CA LYS A 3 -14.33 -12.77 28.48
C LYS A 3 -13.02 -12.48 27.72
N LEU A 4 -12.53 -13.43 26.95
CA LEU A 4 -11.26 -13.20 26.19
C LEU A 4 -11.33 -13.90 24.82
N VAL A 5 -12.28 -13.54 23.99
CA VAL A 5 -12.38 -14.18 22.64
C VAL A 5 -12.44 -13.10 21.54
N ARG A 6 -13.43 -12.21 21.58
CA ARG A 6 -13.54 -11.14 20.54
C ARG A 6 -13.59 -11.75 19.13
N PRO A 7 -13.92 -10.93 18.15
CA PRO A 7 -14.00 -11.42 16.76
C PRO A 7 -12.59 -11.60 16.17
N PRO A 8 -12.38 -12.69 15.45
CA PRO A 8 -11.05 -12.94 14.84
C PRO A 8 -10.83 -12.03 13.62
N VAL A 9 -10.35 -10.81 13.84
CA VAL A 9 -10.14 -9.89 12.68
C VAL A 9 -8.88 -9.03 12.94
N GLN A 10 -8.09 -8.77 11.90
CA GLN A 10 -6.87 -7.93 12.09
C GLN A 10 -6.61 -7.07 10.84
N ILE A 11 -7.65 -6.56 10.21
CA ILE A 11 -7.44 -5.70 8.99
C ILE A 11 -8.69 -4.87 8.63
N TYR A 12 -9.90 -5.45 8.68
CA TYR A 12 -11.17 -4.66 8.41
C TYR A 12 -11.01 -3.67 7.24
N GLY A 13 -11.08 -4.14 6.01
CA GLY A 13 -10.94 -3.20 4.87
C GLY A 13 -9.95 -3.76 3.83
N ILE A 14 -10.42 -4.11 2.65
CA ILE A 14 -9.48 -4.65 1.59
C ILE A 14 -8.23 -3.74 1.45
N GLU A 15 -8.37 -2.44 1.67
CA GLU A 15 -7.17 -1.54 1.56
C GLU A 15 -6.01 -2.09 2.42
N GLY A 16 -6.31 -2.71 3.54
CA GLY A 16 -5.22 -3.27 4.39
C GLY A 16 -4.44 -4.33 3.59
N ARG A 17 -5.13 -5.15 2.82
CA ARG A 17 -4.41 -6.19 2.00
C ARG A 17 -3.49 -5.50 0.98
N TYR A 18 -3.88 -4.37 0.42
CA TYR A 18 -2.97 -3.67 -0.57
C TYR A 18 -1.59 -3.45 0.06
N ALA A 19 -1.53 -3.11 1.34
CA ALA A 19 -0.19 -2.91 1.99
C ALA A 19 0.46 -4.27 2.24
N THR A 20 -0.31 -5.28 2.62
CA THR A 20 0.32 -6.62 2.87
C THR A 20 0.67 -7.30 1.55
N ALA A 21 -0.08 -7.08 0.49
CA ALA A 21 0.31 -7.71 -0.82
C ALA A 21 1.49 -6.95 -1.44
N LEU A 22 1.78 -5.74 -0.99
CA LEU A 22 2.96 -5.00 -1.55
C LEU A 22 4.13 -5.16 -0.59
N TYR A 23 3.91 -4.95 0.69
CA TYR A 23 5.02 -5.13 1.65
C TYR A 23 5.31 -6.64 1.81
N SER A 24 4.41 -7.55 1.40
CA SER A 24 4.72 -9.02 1.53
C SER A 24 6.10 -9.30 0.90
N ALA A 25 6.40 -8.65 -0.21
CA ALA A 25 7.76 -8.80 -0.82
C ALA A 25 8.75 -7.99 0.04
N ALA A 26 8.35 -6.80 0.46
CA ALA A 26 9.28 -5.98 1.34
C ALA A 26 9.64 -6.76 2.62
N SER A 27 8.70 -7.51 3.19
CA SER A 27 9.01 -8.30 4.44
C SER A 27 10.22 -9.23 4.16
N LYS A 28 10.25 -9.85 3.00
CA LYS A 28 11.42 -10.74 2.66
C LYS A 28 12.68 -9.88 2.53
N GLN A 29 12.58 -8.71 1.94
CA GLN A 29 13.79 -7.83 1.81
C GLN A 29 13.99 -6.94 3.06
N ASN A 30 13.14 -7.06 4.08
CA ASN A 30 13.30 -6.23 5.32
C ASN A 30 13.06 -4.75 4.98
N LYS A 31 12.06 -4.47 4.18
CA LYS A 31 11.78 -3.04 3.83
C LYS A 31 10.52 -2.53 4.56
N LEU A 32 10.02 -3.22 5.58
CA LEU A 32 8.79 -2.71 6.32
C LEU A 32 8.98 -1.23 6.69
N GLU A 33 10.18 -0.83 7.05
CA GLU A 33 10.41 0.63 7.34
C GLU A 33 10.48 1.35 5.99
N GLN A 34 11.16 0.78 5.02
CA GLN A 34 11.23 1.42 3.65
C GLN A 34 9.82 1.64 3.09
N VAL A 35 8.86 0.81 3.46
CA VAL A 35 7.47 1.00 2.92
C VAL A 35 6.57 1.66 3.98
N GLU A 36 6.59 1.18 5.22
CA GLU A 36 5.72 1.80 6.28
C GLU A 36 6.00 3.31 6.41
N LYS A 37 7.21 3.77 6.16
CA LYS A 37 7.49 5.24 6.30
C LYS A 37 7.18 5.97 4.99
N GLU A 38 7.62 5.47 3.87
CA GLU A 38 7.32 6.18 2.58
C GLU A 38 5.81 6.09 2.30
N LEU A 39 5.21 4.92 2.44
CA LEU A 39 3.72 4.81 2.20
C LEU A 39 2.98 5.78 3.14
N LEU A 40 3.46 6.00 4.35
CA LEU A 40 2.76 6.95 5.28
C LEU A 40 2.64 8.34 4.61
N ARG A 41 3.64 8.76 3.86
CA ARG A 41 3.54 10.11 3.18
C ARG A 41 2.29 10.16 2.29
N VAL A 42 1.95 9.08 1.62
CA VAL A 42 0.71 9.11 0.74
C VAL A 42 -0.52 9.47 1.60
N GLY A 43 -0.59 8.98 2.82
CA GLY A 43 -1.77 9.32 3.68
C GLY A 43 -1.75 10.82 3.99
N GLN A 44 -0.61 11.36 4.38
CA GLN A 44 -0.55 12.84 4.68
C GLN A 44 -0.94 13.64 3.43
N ILE A 45 -0.52 13.21 2.26
CA ILE A 45 -0.89 13.96 1.00
C ILE A 45 -2.43 14.03 0.89
N LEU A 46 -3.11 12.92 1.09
CA LEU A 46 -4.60 12.94 0.99
C LEU A 46 -5.20 13.73 2.18
N LYS A 47 -4.62 13.62 3.35
CA LYS A 47 -5.17 14.40 4.52
C LYS A 47 -4.83 15.87 4.36
N GLU A 48 -3.71 16.21 3.75
CA GLU A 48 -3.36 17.67 3.58
C GLU A 48 -4.47 18.38 2.79
N PRO A 49 -4.77 19.61 3.17
CA PRO A 49 -5.83 20.37 2.46
C PRO A 49 -5.34 20.79 1.07
N LYS A 50 -4.09 21.21 0.95
CA LYS A 50 -3.57 21.63 -0.39
C LYS A 50 -3.70 20.48 -1.41
N MET A 51 -3.60 19.24 -0.98
CA MET A 51 -3.71 18.10 -1.95
C MET A 51 -5.16 17.55 -1.99
N ALA A 52 -5.90 17.60 -0.90
CA ALA A 52 -7.31 17.07 -0.92
C ALA A 52 -8.10 17.70 -2.10
N ALA A 53 -7.88 18.97 -2.37
CA ALA A 53 -8.61 19.61 -3.51
C ALA A 53 -8.27 18.93 -4.85
N SER A 54 -7.13 18.25 -4.95
CA SER A 54 -6.77 17.58 -6.24
C SER A 54 -7.08 16.08 -6.16
N LEU A 55 -6.67 15.41 -5.11
CA LEU A 55 -6.95 13.93 -5.00
C LEU A 55 -8.47 13.66 -5.05
N LEU A 56 -9.28 14.56 -4.53
CA LEU A 56 -10.76 14.32 -4.56
C LEU A 56 -11.44 15.20 -5.64
N ASN A 57 -10.71 15.66 -6.65
CA ASN A 57 -11.38 16.51 -7.70
C ASN A 57 -11.64 15.68 -8.96
N PRO A 58 -12.80 15.87 -9.56
CA PRO A 58 -13.13 15.16 -10.81
C PRO A 58 -12.49 15.86 -12.04
N TYR A 59 -11.76 16.95 -11.85
CA TYR A 59 -11.13 17.66 -13.01
C TYR A 59 -9.71 17.10 -13.28
N VAL A 60 -9.13 16.33 -12.38
CA VAL A 60 -7.74 15.78 -12.65
C VAL A 60 -7.78 14.46 -13.44
N LYS A 61 -8.93 14.00 -13.91
CA LYS A 61 -8.98 12.72 -14.69
C LYS A 61 -8.29 11.57 -13.92
N ARG A 62 -8.19 10.40 -14.51
CA ARG A 62 -7.52 9.27 -13.81
C ARG A 62 -6.12 9.04 -14.40
N SER A 63 -6.01 8.88 -15.72
CA SER A 63 -4.66 8.66 -16.33
C SER A 63 -3.73 9.84 -15.97
N VAL A 64 -4.23 11.06 -15.97
CA VAL A 64 -3.36 12.23 -15.60
C VAL A 64 -2.93 12.11 -14.14
N LYS A 65 -3.83 11.71 -13.25
CA LYS A 65 -3.44 11.57 -11.81
C LYS A 65 -2.34 10.49 -11.66
N VAL A 66 -2.44 9.40 -12.40
CA VAL A 66 -1.38 8.34 -12.29
C VAL A 66 -0.04 8.91 -12.78
N LYS A 67 -0.03 9.60 -13.89
CA LYS A 67 1.26 10.18 -14.40
C LYS A 67 1.82 11.18 -13.37
N SER A 68 0.97 11.98 -12.76
CA SER A 68 1.48 12.97 -11.74
C SER A 68 2.19 12.22 -10.60
N LEU A 69 1.72 11.05 -10.21
CA LEU A 69 2.41 10.31 -9.10
C LEU A 69 3.87 10.00 -9.50
N SER A 70 4.08 9.50 -10.71
CA SER A 70 5.49 9.20 -11.15
C SER A 70 6.31 10.49 -11.14
N ASP A 71 5.75 11.59 -11.61
CA ASP A 71 6.53 12.88 -11.61
C ASP A 71 6.71 13.40 -10.16
N MET A 72 5.86 13.01 -9.23
CA MET A 72 6.06 13.46 -7.82
C MET A 72 6.99 12.45 -7.14
N THR A 73 6.75 11.17 -7.36
CA THR A 73 7.67 10.13 -6.77
C THR A 73 9.11 10.39 -7.27
N ALA A 74 9.29 10.80 -8.52
CA ALA A 74 10.68 11.07 -9.01
C ALA A 74 11.31 12.24 -8.23
N LYS A 75 10.52 13.25 -7.90
CA LYS A 75 11.08 14.41 -7.13
C LYS A 75 11.06 14.12 -5.62
N GLU A 76 10.09 13.34 -5.14
CA GLU A 76 10.05 13.03 -3.66
C GLU A 76 11.10 11.96 -3.26
N LYS A 77 11.82 11.36 -4.21
CA LYS A 77 12.83 10.31 -3.83
C LYS A 77 12.15 9.20 -3.04
N PHE A 78 11.02 8.69 -3.51
CA PHE A 78 10.32 7.59 -2.75
C PHE A 78 11.26 6.38 -2.58
N SER A 79 10.76 5.25 -2.13
CA SER A 79 11.63 4.07 -1.94
C SER A 79 11.28 3.00 -2.96
N PRO A 80 11.98 1.89 -2.92
CA PRO A 80 11.68 0.79 -3.87
C PRO A 80 10.31 0.14 -3.59
N LEU A 81 9.69 0.39 -2.46
CA LEU A 81 8.35 -0.22 -2.21
C LEU A 81 7.26 0.87 -2.21
N THR A 82 7.57 2.10 -2.57
CA THR A 82 6.52 3.16 -2.58
C THR A 82 6.21 3.69 -4.00
N SER A 83 6.86 3.20 -5.04
CA SER A 83 6.52 3.68 -6.41
C SER A 83 5.80 2.57 -7.18
N ASN A 84 4.96 1.82 -6.49
CA ASN A 84 4.18 0.72 -7.12
C ASN A 84 2.79 0.77 -6.49
N LEU A 85 2.72 0.58 -5.18
CA LEU A 85 1.40 0.73 -4.48
C LEU A 85 0.90 2.18 -4.72
N ILE A 86 1.80 3.14 -4.95
CA ILE A 86 1.31 4.55 -5.20
C ILE A 86 0.45 4.58 -6.47
N ASN A 87 0.80 3.82 -7.49
CA ASN A 87 -0.04 3.82 -8.74
C ASN A 87 -1.40 3.18 -8.41
N LEU A 88 -1.39 2.00 -7.82
CA LEU A 88 -2.71 1.34 -7.46
C LEU A 88 -3.59 2.30 -6.64
N LEU A 89 -2.99 3.07 -5.74
CA LEU A 89 -3.83 4.03 -4.94
C LEU A 89 -4.55 5.00 -5.88
N ALA A 90 -3.89 5.46 -6.93
CA ALA A 90 -4.57 6.38 -7.89
C ALA A 90 -4.89 5.65 -9.21
N GLU A 91 -5.09 4.34 -9.18
CA GLU A 91 -5.40 3.61 -10.46
C GLU A 91 -6.92 3.36 -10.57
N ASN A 92 -7.56 2.95 -9.50
CA ASN A 92 -9.04 2.70 -9.58
C ASN A 92 -9.82 3.66 -8.66
N GLY A 93 -9.33 4.87 -8.45
CA GLY A 93 -10.06 5.82 -7.56
C GLY A 93 -9.89 5.34 -6.12
N ARG A 94 -8.68 5.05 -5.70
CA ARG A 94 -8.47 4.58 -4.30
C ARG A 94 -7.84 5.68 -3.43
N LEU A 95 -8.16 6.94 -3.68
CA LEU A 95 -7.59 8.03 -2.82
C LEU A 95 -8.66 8.56 -1.85
N THR A 96 -9.60 7.73 -1.46
CA THR A 96 -10.64 8.17 -0.47
C THR A 96 -10.35 7.46 0.84
N ASN A 97 -10.23 6.14 0.81
CA ASN A 97 -9.87 5.39 2.05
C ASN A 97 -8.38 5.02 2.00
N THR A 98 -7.53 5.87 1.44
CA THR A 98 -6.06 5.54 1.37
C THR A 98 -5.39 5.44 2.76
N PRO A 99 -5.81 6.24 3.76
CA PRO A 99 -5.15 6.13 5.09
C PRO A 99 -5.34 4.72 5.68
N ALA A 100 -6.46 4.07 5.43
CA ALA A 100 -6.65 2.67 5.97
C ALA A 100 -5.50 1.77 5.49
N VAL A 101 -5.04 1.95 4.26
CA VAL A 101 -3.89 1.11 3.75
C VAL A 101 -2.64 1.36 4.61
N ILE A 102 -2.47 2.56 5.15
CA ILE A 102 -1.24 2.83 5.99
C ILE A 102 -1.43 2.25 7.40
N SER A 103 -2.58 2.47 8.02
CA SER A 103 -2.79 1.91 9.40
C SER A 103 -2.71 0.38 9.36
N ALA A 104 -3.40 -0.26 8.44
CA ALA A 104 -3.34 -1.77 8.36
C ALA A 104 -1.88 -2.21 8.19
N PHE A 105 -1.07 -1.46 7.46
CA PHE A 105 0.38 -1.86 7.28
C PHE A 105 1.06 -2.03 8.66
N SER A 106 0.78 -1.13 9.59
CA SER A 106 1.43 -1.28 10.95
C SER A 106 0.91 -2.53 11.65
N THR A 107 -0.37 -2.83 11.53
CA THR A 107 -0.91 -4.06 12.21
C THR A 107 -0.38 -5.31 11.50
N MET A 108 -0.28 -5.29 10.19
CA MET A 108 0.26 -6.50 9.48
C MET A 108 1.75 -6.64 9.76
N MET A 109 2.48 -5.54 9.84
CA MET A 109 3.96 -5.64 10.13
C MET A 109 4.17 -6.38 11.47
N SER A 110 3.33 -6.16 12.46
CA SER A 110 3.54 -6.91 13.76
C SER A 110 3.55 -8.43 13.51
N VAL A 111 2.84 -8.92 12.51
CA VAL A 111 2.86 -10.40 12.24
C VAL A 111 4.13 -10.81 11.45
N HIS A 112 4.88 -9.87 10.88
CA HIS A 112 6.11 -10.27 10.15
C HIS A 112 7.32 -10.36 11.12
N ARG A 113 7.26 -9.71 12.28
CA ARG A 113 8.42 -9.80 13.23
C ARG A 113 8.21 -10.94 14.24
N GLY A 114 6.97 -11.24 14.61
CA GLY A 114 6.73 -12.33 15.60
C GLY A 114 7.34 -13.66 15.10
N GLU A 115 7.34 -13.91 13.79
CA GLU A 115 7.92 -15.19 13.29
C GLU A 115 9.28 -14.95 12.62
N VAL A 116 9.35 -14.06 11.64
CA VAL A 116 10.66 -13.78 10.96
C VAL A 116 11.28 -15.10 10.44
N PRO A 117 10.85 -15.54 9.28
CA PRO A 117 11.38 -16.79 8.69
C PRO A 117 12.82 -16.58 8.20
N CYS A 118 13.43 -17.58 7.60
CA CYS A 118 14.83 -17.42 7.10
C CYS A 118 14.88 -17.65 5.58
N THR A 119 15.59 -16.82 4.84
CA THR A 119 15.68 -17.01 3.36
C THR A 119 17.14 -16.96 2.90
N VAL A 120 17.44 -17.46 1.72
CA VAL A 120 18.85 -17.43 1.24
C VAL A 120 18.92 -16.71 -0.11
N GLN B 1 -13.72 1.53 -21.08
CA GLN B 1 -13.88 1.29 -19.61
C GLN B 1 -12.76 0.37 -19.11
N LYS B 2 -12.50 0.37 -17.81
CA LYS B 2 -11.43 -0.52 -17.27
C LYS B 2 -12.00 -1.46 -16.19
N THR B 3 -11.59 -2.71 -16.18
CA THR B 3 -12.12 -3.66 -15.15
C THR B 3 -10.98 -4.21 -14.28
N GLY B 4 -11.26 -5.13 -13.39
CA GLY B 4 -10.18 -5.69 -12.52
C GLY B 4 -10.49 -5.38 -11.05
N THR B 5 -11.08 -6.31 -10.34
CA THR B 5 -11.41 -6.06 -8.90
C THR B 5 -11.21 -7.34 -8.07
N ALA B 6 -10.06 -7.99 -8.22
CA ALA B 6 -9.80 -9.23 -7.44
C ALA B 6 -8.35 -9.25 -6.94
N GLU B 7 -7.97 -8.34 -6.07
CA GLU B 7 -6.57 -8.31 -5.54
C GLU B 7 -5.56 -8.24 -6.71
N VAL B 8 -5.85 -7.43 -7.71
CA VAL B 8 -4.89 -7.33 -8.88
C VAL B 8 -3.48 -6.92 -8.39
N SER B 9 -3.36 -6.18 -7.31
CA SER B 9 -2.00 -5.80 -6.82
C SER B 9 -1.29 -7.03 -6.25
N SER B 10 -2.01 -7.91 -5.57
CA SER B 10 -1.34 -9.13 -4.99
C SER B 10 -0.82 -10.04 -6.13
N ILE B 11 -1.62 -10.27 -7.16
CA ILE B 11 -1.12 -11.15 -8.29
C ILE B 11 0.09 -10.50 -8.98
N LEU B 12 0.17 -9.19 -9.04
CA LEU B 12 1.36 -8.54 -9.70
C LEU B 12 2.59 -8.70 -8.81
N GLU B 13 2.43 -8.51 -7.50
CA GLU B 13 3.63 -8.67 -6.59
C GLU B 13 4.16 -10.11 -6.67
N GLU B 14 3.29 -11.10 -6.81
CA GLU B 14 3.78 -12.52 -6.91
C GLU B 14 4.76 -12.66 -8.10
N ARG B 15 4.52 -11.98 -9.19
CA ARG B 15 5.45 -12.11 -10.37
C ARG B 15 6.85 -11.60 -9.99
N ILE B 16 6.95 -10.42 -9.40
CA ILE B 16 8.30 -9.90 -9.01
C ILE B 16 8.94 -10.77 -7.91
N LEU B 17 8.14 -11.41 -7.06
CA LEU B 17 8.73 -12.27 -5.99
C LEU B 17 7.98 -13.61 -5.91
N GLY B 18 8.66 -14.72 -6.11
CA GLY B 18 7.97 -16.04 -6.05
C GLY B 18 8.80 -17.01 -5.19
N ALA B 19 8.64 -16.97 -3.89
CA ALA B 19 9.43 -17.89 -3.02
C ALA B 19 8.59 -18.34 -1.81
N ASP B 20 7.42 -18.89 -2.04
CA ASP B 20 6.56 -19.35 -0.91
C ASP B 20 5.92 -20.71 -1.22
N THR B 21 6.17 -21.71 -0.40
CA THR B 21 5.58 -23.06 -0.67
C THR B 21 5.16 -23.73 0.66
N SER B 22 4.60 -22.98 1.59
CA SER B 22 4.19 -23.59 2.88
C SER B 22 2.89 -22.94 3.39
N VAL B 23 2.28 -23.48 4.43
CA VAL B 23 1.01 -22.88 4.95
C VAL B 23 1.10 -22.71 6.47
N ASP B 24 1.47 -21.53 6.94
CA ASP B 24 1.57 -21.30 8.43
C ASP B 24 2.46 -22.36 9.08
N LEU B 25 3.55 -22.75 8.44
CA LEU B 25 4.45 -23.77 9.02
C LEU B 25 5.91 -23.42 8.76
N PHE A 1 -13.10 -20.29 35.91
CA PHE A 1 -12.82 -19.12 35.04
C PHE A 1 -13.83 -19.06 33.88
N ALA A 2 -13.83 -17.99 33.11
CA ALA A 2 -14.79 -17.89 31.97
C ALA A 2 -14.03 -17.78 30.64
N LYS A 3 -14.73 -17.59 29.54
CA LYS A 3 -14.04 -17.47 28.22
C LYS A 3 -14.33 -16.10 27.59
N LEU A 4 -13.89 -15.87 26.37
CA LEU A 4 -14.14 -14.55 25.71
C LEU A 4 -14.85 -14.76 24.36
N VAL A 5 -15.34 -13.71 23.75
CA VAL A 5 -16.03 -13.85 22.43
C VAL A 5 -15.70 -12.66 21.52
N ARG A 6 -14.62 -12.73 20.77
CA ARG A 6 -14.27 -11.58 19.87
C ARG A 6 -13.83 -12.11 18.49
N PRO A 7 -14.32 -11.49 17.44
CA PRO A 7 -13.95 -11.95 16.07
C PRO A 7 -12.51 -11.54 15.74
N PRO A 8 -11.84 -12.35 14.95
CA PRO A 8 -10.43 -12.04 14.58
C PRO A 8 -10.39 -10.87 13.57
N VAL A 9 -9.23 -10.54 13.04
CA VAL A 9 -9.12 -9.42 12.04
C VAL A 9 -9.63 -8.10 12.66
N GLN A 10 -9.27 -6.97 12.09
CA GLN A 10 -9.74 -5.67 12.66
C GLN A 10 -9.90 -4.62 11.54
N ILE A 11 -8.85 -4.33 10.80
CA ILE A 11 -8.96 -3.32 9.70
C ILE A 11 -8.22 -3.81 8.45
N TYR A 12 -8.45 -5.06 8.03
CA TYR A 12 -7.73 -5.59 6.83
C TYR A 12 -8.72 -6.21 5.84
N GLY A 13 -9.41 -5.39 5.08
CA GLY A 13 -10.37 -5.94 4.09
C GLY A 13 -9.69 -6.04 2.74
N ILE A 14 -10.17 -5.32 1.75
CA ILE A 14 -9.51 -5.35 0.41
C ILE A 14 -8.43 -4.25 0.36
N GLU A 15 -8.71 -3.09 0.92
CA GLU A 15 -7.67 -2.01 0.94
C GLU A 15 -6.56 -2.38 1.93
N GLY A 16 -6.86 -3.11 3.00
CA GLY A 16 -5.79 -3.49 3.96
C GLY A 16 -4.83 -4.46 3.29
N ARG A 17 -5.33 -5.39 2.49
CA ARG A 17 -4.39 -6.35 1.80
C ARG A 17 -3.42 -5.59 0.87
N TYR A 18 -3.74 -4.39 0.43
CA TYR A 18 -2.76 -3.67 -0.47
C TYR A 18 -1.43 -3.46 0.28
N ALA A 19 -1.47 -3.15 1.55
CA ALA A 19 -0.17 -2.96 2.29
C ALA A 19 0.44 -4.33 2.59
N THR A 20 -0.37 -5.31 2.98
CA THR A 20 0.22 -6.66 3.28
C THR A 20 0.60 -7.39 1.98
N ALA A 21 -0.10 -7.16 0.88
CA ALA A 21 0.30 -7.84 -0.40
C ALA A 21 1.48 -7.09 -1.04
N LEU A 22 1.74 -5.85 -0.65
CA LEU A 22 2.90 -5.12 -1.25
C LEU A 22 4.09 -5.26 -0.31
N TYR A 23 3.88 -5.13 0.98
CA TYR A 23 5.02 -5.30 1.92
C TYR A 23 5.33 -6.81 2.09
N SER A 24 4.44 -7.73 1.72
CA SER A 24 4.79 -9.20 1.85
C SER A 24 6.15 -9.45 1.17
N ALA A 25 6.39 -8.81 0.04
CA ALA A 25 7.73 -8.96 -0.62
C ALA A 25 8.73 -8.10 0.16
N ALA A 26 8.32 -6.92 0.63
CA ALA A 26 9.25 -6.06 1.43
C ALA A 26 9.70 -6.81 2.69
N SER A 27 8.79 -7.53 3.34
CA SER A 27 9.19 -8.29 4.58
C SER A 27 10.34 -9.24 4.26
N LYS A 28 10.30 -9.91 3.12
CA LYS A 28 11.43 -10.85 2.77
C LYS A 28 12.77 -10.10 2.75
N GLN A 29 12.77 -8.85 2.31
CA GLN A 29 14.07 -8.09 2.28
C GLN A 29 14.17 -7.07 3.44
N ASN A 30 13.29 -7.14 4.44
CA ASN A 30 13.36 -6.17 5.59
C ASN A 30 13.09 -4.75 5.07
N LYS A 31 12.10 -4.60 4.21
CA LYS A 31 11.78 -3.23 3.68
C LYS A 31 10.56 -2.62 4.39
N LEU A 32 9.88 -3.32 5.30
CA LEU A 32 8.69 -2.71 6.01
C LEU A 32 9.01 -1.29 6.48
N GLU A 33 10.24 -1.02 6.89
CA GLU A 33 10.59 0.38 7.30
C GLU A 33 10.59 1.25 6.04
N GLN A 34 11.16 0.77 4.96
CA GLN A 34 11.15 1.58 3.68
C GLN A 34 9.72 1.68 3.11
N VAL A 35 8.82 0.79 3.49
CA VAL A 35 7.42 0.87 2.94
C VAL A 35 6.46 1.51 3.97
N GLU A 36 6.62 1.21 5.26
CA GLU A 36 5.69 1.81 6.28
C GLU A 36 5.95 3.32 6.47
N LYS A 37 7.16 3.79 6.24
CA LYS A 37 7.43 5.25 6.45
C LYS A 37 7.15 6.05 5.17
N GLU A 38 7.41 5.51 4.00
CA GLU A 38 7.10 6.30 2.76
C GLU A 38 5.59 6.29 2.52
N LEU A 39 4.91 5.18 2.78
CA LEU A 39 3.41 5.16 2.58
C LEU A 39 2.77 6.31 3.39
N LEU A 40 3.30 6.63 4.56
CA LEU A 40 2.71 7.76 5.36
C LEU A 40 2.69 9.06 4.53
N ARG A 41 3.68 9.27 3.68
CA ARG A 41 3.69 10.53 2.84
C ARG A 41 2.43 10.60 1.99
N VAL A 42 1.99 9.49 1.41
CA VAL A 42 0.74 9.53 0.58
C VAL A 42 -0.46 10.03 1.43
N GLY A 43 -0.52 9.65 2.69
CA GLY A 43 -1.64 10.13 3.56
C GLY A 43 -1.54 11.64 3.73
N GLN A 44 -0.36 12.16 4.03
CA GLN A 44 -0.21 13.65 4.21
C GLN A 44 -0.65 14.36 2.91
N ILE A 45 -0.30 13.82 1.75
CA ILE A 45 -0.72 14.47 0.46
C ILE A 45 -2.25 14.59 0.42
N LEU A 46 -2.96 13.58 0.87
CA LEU A 46 -4.46 13.68 0.87
C LEU A 46 -4.94 14.54 2.05
N LYS A 47 -4.19 14.62 3.13
CA LYS A 47 -4.62 15.49 4.27
C LYS A 47 -4.43 16.96 3.85
N GLU A 48 -3.40 17.26 3.09
CA GLU A 48 -3.19 18.69 2.65
C GLU A 48 -4.47 19.24 2.00
N PRO A 49 -4.89 20.42 2.41
CA PRO A 49 -6.13 21.01 1.84
C PRO A 49 -5.92 21.46 0.39
N LYS A 50 -4.73 21.92 0.02
CA LYS A 50 -4.51 22.34 -1.40
C LYS A 50 -4.27 21.09 -2.26
N MET A 51 -3.63 20.08 -1.72
CA MET A 51 -3.38 18.82 -2.50
C MET A 51 -4.60 17.89 -2.41
N ALA A 52 -5.36 17.92 -1.32
CA ALA A 52 -6.56 17.01 -1.22
C ALA A 52 -7.52 17.27 -2.39
N ALA A 53 -7.70 18.51 -2.78
CA ALA A 53 -8.64 18.80 -3.92
C ALA A 53 -8.17 18.10 -5.21
N SER A 54 -6.88 17.87 -5.38
CA SER A 54 -6.40 17.20 -6.64
C SER A 54 -6.14 15.70 -6.41
N LEU A 55 -5.58 15.32 -5.27
CA LEU A 55 -5.32 13.86 -5.03
C LEU A 55 -6.62 13.04 -5.15
N LEU A 56 -7.76 13.60 -4.78
CA LEU A 56 -9.04 12.84 -4.88
C LEU A 56 -10.03 13.58 -5.80
N ASN A 57 -9.57 14.15 -6.90
CA ASN A 57 -10.52 14.85 -7.81
C ASN A 57 -10.87 13.96 -9.00
N PRO A 58 -12.15 13.63 -9.15
CA PRO A 58 -12.58 12.81 -10.31
C PRO A 58 -12.51 13.64 -11.63
N TYR A 59 -12.30 14.95 -11.54
CA TYR A 59 -12.23 15.79 -12.78
C TYR A 59 -10.81 15.83 -13.37
N VAL A 60 -9.84 15.09 -12.85
CA VAL A 60 -8.47 15.13 -13.44
C VAL A 60 -8.22 13.86 -14.27
N LYS A 61 -9.20 13.40 -15.02
CA LYS A 61 -9.00 12.17 -15.85
C LYS A 61 -8.44 11.01 -15.01
N ARG A 62 -8.15 9.88 -15.63
CA ARG A 62 -7.60 8.73 -14.85
C ARG A 62 -6.10 8.52 -15.18
N SER A 63 -5.75 8.41 -16.45
CA SER A 63 -4.31 8.22 -16.80
C SER A 63 -3.51 9.48 -16.43
N VAL A 64 -4.05 10.66 -16.65
CA VAL A 64 -3.30 11.91 -16.29
C VAL A 64 -3.05 11.93 -14.77
N LYS A 65 -4.03 11.54 -13.97
CA LYS A 65 -3.82 11.56 -12.47
C LYS A 65 -2.64 10.65 -12.10
N VAL A 66 -2.52 9.50 -12.74
CA VAL A 66 -1.36 8.59 -12.39
C VAL A 66 -0.04 9.28 -12.78
N LYS A 67 0.01 9.94 -13.92
CA LYS A 67 1.29 10.64 -14.31
C LYS A 67 1.66 11.68 -13.26
N SER A 68 0.70 12.41 -12.72
CA SER A 68 1.04 13.44 -11.69
C SER A 68 1.71 12.77 -10.47
N LEU A 69 1.19 11.64 -10.02
CA LEU A 69 1.84 10.96 -8.85
C LEU A 69 3.28 10.55 -9.21
N SER A 70 3.48 9.98 -10.38
CA SER A 70 4.88 9.58 -10.79
C SER A 70 5.77 10.82 -10.83
N ASP A 71 5.29 11.92 -11.35
CA ASP A 71 6.14 13.17 -11.40
C ASP A 71 6.43 13.70 -9.98
N MET A 72 5.64 13.33 -8.98
CA MET A 72 5.94 13.80 -7.59
C MET A 72 6.92 12.79 -6.97
N THR A 73 6.65 11.51 -7.15
CA THR A 73 7.58 10.46 -6.61
C THR A 73 9.01 10.73 -7.16
N ALA A 74 9.14 11.18 -8.41
CA ALA A 74 10.52 11.45 -8.96
C ALA A 74 11.26 12.45 -8.04
N LYS A 75 10.57 13.44 -7.51
CA LYS A 75 11.25 14.42 -6.59
C LYS A 75 11.16 13.95 -5.13
N GLU A 76 10.08 13.28 -4.75
CA GLU A 76 9.98 12.79 -3.33
C GLU A 76 11.07 11.76 -2.99
N LYS A 77 11.71 11.14 -3.97
CA LYS A 77 12.76 10.12 -3.67
C LYS A 77 12.15 8.97 -2.84
N PHE A 78 11.01 8.46 -3.27
CA PHE A 78 10.35 7.34 -2.50
C PHE A 78 11.32 6.16 -2.32
N SER A 79 10.86 5.06 -1.79
CA SER A 79 11.75 3.89 -1.59
C SER A 79 11.45 2.83 -2.65
N PRO A 80 12.20 1.75 -2.62
CA PRO A 80 11.95 0.67 -3.59
C PRO A 80 10.58 0.00 -3.38
N LEU A 81 9.94 0.20 -2.23
CA LEU A 81 8.60 -0.42 -2.03
C LEU A 81 7.52 0.66 -2.03
N THR A 82 7.75 1.81 -2.65
CA THR A 82 6.70 2.87 -2.64
C THR A 82 6.51 3.51 -4.03
N SER A 83 6.85 2.82 -5.10
CA SER A 83 6.61 3.39 -6.46
C SER A 83 5.81 2.36 -7.26
N ASN A 84 4.74 1.91 -6.66
CA ASN A 84 3.84 0.89 -7.28
C ASN A 84 2.53 0.93 -6.48
N LEU A 85 2.62 0.73 -5.18
CA LEU A 85 1.40 0.84 -4.32
C LEU A 85 0.81 2.26 -4.48
N ILE A 86 1.63 3.28 -4.77
CA ILE A 86 1.04 4.65 -4.95
C ILE A 86 0.27 4.68 -6.28
N ASN A 87 0.78 4.07 -7.33
CA ASN A 87 0.03 4.07 -8.64
C ASN A 87 -1.35 3.43 -8.43
N LEU A 88 -1.41 2.33 -7.70
CA LEU A 88 -2.74 1.69 -7.44
C LEU A 88 -3.63 2.67 -6.66
N LEU A 89 -3.06 3.37 -5.69
CA LEU A 89 -3.89 4.36 -4.90
C LEU A 89 -4.53 5.38 -5.87
N ALA A 90 -3.80 5.82 -6.87
CA ALA A 90 -4.38 6.78 -7.85
C ALA A 90 -4.69 6.06 -9.18
N GLU A 91 -4.97 4.77 -9.16
CA GLU A 91 -5.29 4.06 -10.44
C GLU A 91 -6.80 4.01 -10.65
N ASN A 92 -7.58 3.74 -9.62
CA ASN A 92 -9.06 3.69 -9.78
C ASN A 92 -9.76 4.39 -8.60
N GLY A 93 -9.19 5.43 -8.04
CA GLY A 93 -9.83 6.13 -6.90
C GLY A 93 -9.58 5.32 -5.62
N ARG A 94 -8.34 5.01 -5.33
CA ARG A 94 -8.05 4.22 -4.08
C ARG A 94 -7.47 5.11 -2.97
N LEU A 95 -7.74 6.41 -2.97
CA LEU A 95 -7.22 7.28 -1.88
C LEU A 95 -8.38 7.67 -0.93
N THR A 96 -9.33 6.78 -0.75
CA THR A 96 -10.47 7.05 0.18
C THR A 96 -10.23 6.21 1.45
N ASN A 97 -9.95 4.94 1.28
CA ASN A 97 -9.63 4.07 2.46
C ASN A 97 -8.10 3.90 2.52
N THR A 98 -7.33 4.94 2.18
CA THR A 98 -5.84 4.83 2.23
C THR A 98 -5.25 4.81 3.67
N PRO A 99 -5.87 5.47 4.64
CA PRO A 99 -5.28 5.45 6.01
C PRO A 99 -5.22 4.02 6.56
N ALA A 100 -6.20 3.18 6.28
CA ALA A 100 -6.11 1.76 6.78
C ALA A 100 -4.92 1.08 6.11
N VAL A 101 -4.71 1.32 4.82
CA VAL A 101 -3.52 0.69 4.13
C VAL A 101 -2.22 1.09 4.87
N ILE A 102 -2.16 2.29 5.40
CA ILE A 102 -0.91 2.71 6.15
C ILE A 102 -1.02 2.28 7.61
N SER A 103 -2.16 2.50 8.25
CA SER A 103 -2.30 2.08 9.69
C SER A 103 -2.23 0.56 9.76
N ALA A 104 -3.05 -0.15 9.01
CA ALA A 104 -2.99 -1.65 9.05
C ALA A 104 -1.56 -2.13 8.75
N PHE A 105 -0.82 -1.41 7.92
CA PHE A 105 0.59 -1.83 7.62
C PHE A 105 1.38 -1.98 8.93
N SER A 106 1.18 -1.09 9.87
CA SER A 106 1.91 -1.21 11.18
C SER A 106 1.34 -2.39 11.99
N THR A 107 0.02 -2.60 11.94
CA THR A 107 -0.56 -3.75 12.69
C THR A 107 -0.28 -5.07 11.97
N MET A 108 -0.16 -5.08 10.65
CA MET A 108 0.17 -6.35 9.94
C MET A 108 1.65 -6.68 10.13
N MET A 109 2.51 -5.66 10.21
CA MET A 109 3.98 -5.95 10.42
C MET A 109 4.16 -6.78 11.69
N SER A 110 3.41 -6.54 12.74
CA SER A 110 3.57 -7.38 13.98
C SER A 110 3.42 -8.87 13.64
N VAL A 111 2.61 -9.23 12.67
CA VAL A 111 2.46 -10.68 12.30
C VAL A 111 3.66 -11.17 11.44
N HIS A 112 4.54 -10.28 10.99
CA HIS A 112 5.70 -10.74 10.17
C HIS A 112 6.91 -11.03 11.08
N ARG A 113 6.97 -10.48 12.29
CA ARG A 113 8.13 -10.75 13.18
C ARG A 113 7.81 -11.81 14.26
N GLY A 114 6.55 -12.10 14.53
CA GLY A 114 6.22 -13.11 15.59
C GLY A 114 6.44 -14.53 15.06
N GLU A 115 5.99 -14.85 13.86
CA GLU A 115 6.17 -16.23 13.33
C GLU A 115 7.04 -16.24 12.07
N VAL A 116 8.26 -15.72 12.14
CA VAL A 116 9.15 -15.71 10.94
C VAL A 116 10.63 -15.80 11.37
N PRO A 117 11.21 -16.97 11.24
CA PRO A 117 12.63 -17.15 11.62
C PRO A 117 13.55 -16.44 10.61
N CYS A 118 14.62 -15.82 11.07
CA CYS A 118 15.54 -15.13 10.12
C CYS A 118 16.94 -15.76 10.16
N THR A 119 17.33 -16.47 9.14
CA THR A 119 18.68 -17.11 9.14
C THR A 119 19.28 -17.08 7.73
N VAL A 120 19.11 -15.99 7.01
CA VAL A 120 19.68 -15.91 5.63
C VAL A 120 20.21 -14.48 5.36
N GLN B 1 -19.74 1.29 -3.99
CA GLN B 1 -20.57 0.27 -4.72
C GLN B 1 -20.01 -1.14 -4.45
N LYS B 2 -20.72 -2.17 -4.87
CA LYS B 2 -20.22 -3.56 -4.64
C LYS B 2 -19.97 -4.26 -5.99
N THR B 3 -19.41 -3.58 -6.96
CA THR B 3 -19.15 -4.22 -8.28
C THR B 3 -17.65 -4.20 -8.60
N GLY B 4 -17.03 -5.36 -8.74
CA GLY B 4 -15.56 -5.39 -9.06
C GLY B 4 -14.77 -5.59 -7.76
N THR B 5 -14.70 -6.81 -7.26
CA THR B 5 -13.93 -7.06 -6.00
C THR B 5 -12.73 -7.99 -6.29
N ALA B 6 -11.54 -7.44 -6.41
CA ALA B 6 -10.35 -8.29 -6.69
C ALA B 6 -9.11 -7.74 -5.97
N GLU B 7 -7.93 -8.18 -6.34
CA GLU B 7 -6.69 -7.68 -5.68
C GLU B 7 -5.58 -7.49 -6.73
N VAL B 8 -5.85 -6.74 -7.79
CA VAL B 8 -4.80 -6.52 -8.86
C VAL B 8 -3.47 -6.05 -8.23
N SER B 9 -3.52 -5.32 -7.12
CA SER B 9 -2.24 -4.88 -6.48
C SER B 9 -1.58 -6.06 -5.75
N SER B 10 -2.36 -6.94 -5.15
CA SER B 10 -1.74 -8.12 -4.45
C SER B 10 -1.24 -9.13 -5.50
N ILE B 11 -2.01 -9.38 -6.53
CA ILE B 11 -1.53 -10.35 -7.58
C ILE B 11 -0.29 -9.77 -8.28
N LEU B 12 -0.22 -8.47 -8.48
CA LEU B 12 0.98 -7.88 -9.16
C LEU B 12 2.26 -8.22 -8.37
N GLU B 13 2.19 -8.27 -7.04
CA GLU B 13 3.43 -8.61 -6.25
C GLU B 13 4.00 -9.96 -6.70
N GLU B 14 3.17 -10.93 -6.99
CA GLU B 14 3.70 -12.26 -7.45
C GLU B 14 4.35 -12.12 -8.84
N ARG B 15 3.78 -11.31 -9.71
CA ARG B 15 4.39 -11.15 -11.09
C ARG B 15 5.73 -10.38 -10.99
N ILE B 16 5.85 -9.44 -10.07
CA ILE B 16 7.15 -8.68 -9.96
C ILE B 16 8.13 -9.40 -9.02
N LEU B 17 7.66 -10.14 -8.04
CA LEU B 17 8.59 -10.86 -7.12
C LEU B 17 8.55 -12.37 -7.38
N GLY B 18 7.39 -12.99 -7.28
CA GLY B 18 7.31 -14.46 -7.53
C GLY B 18 8.18 -15.21 -6.52
N ALA B 19 9.34 -15.69 -6.94
CA ALA B 19 10.22 -16.44 -5.99
C ALA B 19 11.69 -16.09 -6.28
N ASP B 20 12.51 -15.98 -5.25
CA ASP B 20 13.96 -15.65 -5.47
C ASP B 20 14.85 -16.62 -4.69
N THR B 21 14.61 -17.92 -4.79
CA THR B 21 15.45 -18.90 -4.04
C THR B 21 15.79 -20.09 -4.95
N SER B 22 16.98 -20.66 -4.81
CA SER B 22 17.37 -21.82 -5.67
C SER B 22 17.65 -23.04 -4.79
N VAL B 23 16.63 -23.75 -4.35
CA VAL B 23 16.86 -24.96 -3.50
C VAL B 23 15.78 -26.02 -3.78
N ASP B 24 15.56 -26.37 -5.03
CA ASP B 24 14.52 -27.40 -5.37
C ASP B 24 13.16 -27.05 -4.73
N LEU B 25 12.43 -26.12 -5.31
CA LEU B 25 11.11 -25.75 -4.73
C LEU B 25 10.00 -25.90 -5.78
N PHE A 1 -22.17 -11.40 -12.89
CA PHE A 1 -21.32 -10.44 -12.13
C PHE A 1 -20.55 -11.17 -11.03
N ALA A 2 -19.28 -10.83 -10.83
CA ALA A 2 -18.49 -11.52 -9.76
C ALA A 2 -17.80 -10.48 -8.86
N LYS A 3 -18.53 -9.50 -8.37
CA LYS A 3 -17.91 -8.47 -7.48
C LYS A 3 -18.90 -8.03 -6.39
N LEU A 4 -18.41 -7.63 -5.24
CA LEU A 4 -19.34 -7.18 -4.15
C LEU A 4 -19.10 -5.70 -3.82
N VAL A 5 -20.07 -5.03 -3.23
CA VAL A 5 -19.88 -3.58 -2.90
C VAL A 5 -20.33 -3.32 -1.45
N ARG A 6 -19.40 -3.21 -0.53
CA ARG A 6 -19.78 -2.94 0.89
C ARG A 6 -18.84 -1.91 1.52
N PRO A 7 -19.35 -1.12 2.44
CA PRO A 7 -18.52 -0.09 3.10
C PRO A 7 -17.51 -0.74 4.06
N PRO A 8 -16.57 0.05 4.55
CA PRO A 8 -15.55 -0.49 5.49
C PRO A 8 -16.18 -0.76 6.86
N VAL A 9 -15.43 -1.34 7.78
CA VAL A 9 -16.01 -1.63 9.13
C VAL A 9 -14.94 -1.41 10.22
N GLN A 10 -13.83 -2.13 10.17
CA GLN A 10 -12.78 -1.95 11.21
C GLN A 10 -11.38 -2.12 10.58
N ILE A 11 -11.08 -3.27 10.00
CA ILE A 11 -9.74 -3.48 9.39
C ILE A 11 -9.77 -3.67 7.86
N TYR A 12 -10.92 -3.96 7.25
CA TYR A 12 -10.99 -4.10 5.74
C TYR A 12 -9.84 -4.97 5.22
N GLY A 13 -10.01 -6.28 5.23
CA GLY A 13 -8.92 -7.19 4.75
C GLY A 13 -8.56 -6.88 3.29
N ILE A 14 -9.54 -6.70 2.42
CA ILE A 14 -9.21 -6.42 0.98
C ILE A 14 -8.36 -5.13 0.87
N GLU A 15 -8.70 -4.10 1.63
CA GLU A 15 -7.88 -2.84 1.56
C GLU A 15 -6.58 -3.06 2.35
N GLY A 16 -6.65 -3.73 3.50
CA GLY A 16 -5.40 -3.99 4.27
C GLY A 16 -4.48 -4.90 3.43
N ARG A 17 -5.02 -5.83 2.66
CA ARG A 17 -4.14 -6.70 1.82
C ARG A 17 -3.27 -5.87 0.87
N TYR A 18 -3.69 -4.67 0.50
CA TYR A 18 -2.81 -3.85 -0.43
C TYR A 18 -1.44 -3.62 0.23
N ALA A 19 -1.41 -3.37 1.52
CA ALA A 19 -0.08 -3.16 2.20
C ALA A 19 0.60 -4.51 2.43
N THR A 20 -0.15 -5.54 2.81
CA THR A 20 0.50 -6.87 3.04
C THR A 20 0.84 -7.54 1.70
N ALA A 21 0.12 -7.26 0.63
CA ALA A 21 0.50 -7.89 -0.67
C ALA A 21 1.70 -7.15 -1.30
N LEU A 22 1.98 -5.92 -0.89
CA LEU A 22 3.16 -5.21 -1.47
C LEU A 22 4.33 -5.34 -0.51
N TYR A 23 4.09 -5.20 0.78
CA TYR A 23 5.20 -5.37 1.74
C TYR A 23 5.47 -6.89 1.93
N SER A 24 4.57 -7.79 1.54
CA SER A 24 4.89 -9.27 1.70
C SER A 24 6.25 -9.56 1.08
N ALA A 25 6.56 -8.92 -0.04
CA ALA A 25 7.92 -9.09 -0.65
C ALA A 25 8.91 -8.27 0.19
N ALA A 26 8.51 -7.08 0.63
CA ALA A 26 9.43 -6.25 1.49
C ALA A 26 9.79 -7.03 2.77
N SER A 27 8.84 -7.76 3.34
CA SER A 27 9.14 -8.53 4.60
C SER A 27 10.34 -9.47 4.34
N LYS A 28 10.40 -10.11 3.19
CA LYS A 28 11.56 -11.01 2.90
C LYS A 28 12.85 -10.19 2.86
N GLN A 29 12.81 -8.99 2.31
CA GLN A 29 14.05 -8.14 2.27
C GLN A 29 14.16 -7.24 3.53
N ASN A 30 13.19 -7.24 4.42
CA ASN A 30 13.25 -6.37 5.65
C ASN A 30 13.11 -4.90 5.23
N LYS A 31 12.21 -4.61 4.30
CA LYS A 31 12.03 -3.20 3.87
C LYS A 31 10.71 -2.60 4.42
N LEU A 32 10.04 -3.25 5.38
CA LEU A 32 8.76 -2.65 5.92
C LEU A 32 8.99 -1.18 6.32
N GLU A 33 10.18 -0.84 6.80
CA GLU A 33 10.44 0.61 7.14
C GLU A 33 10.45 1.42 5.84
N GLN A 34 11.09 0.91 4.80
CA GLN A 34 11.11 1.65 3.49
C GLN A 34 9.69 1.76 2.90
N VAL A 35 8.78 0.86 3.25
CA VAL A 35 7.40 0.93 2.67
C VAL A 35 6.39 1.54 3.69
N GLU A 36 6.55 1.25 4.96
CA GLU A 36 5.57 1.82 5.97
C GLU A 36 5.80 3.33 6.17
N LYS A 37 7.00 3.83 6.01
CA LYS A 37 7.24 5.31 6.22
C LYS A 37 6.95 6.11 4.95
N GLU A 38 7.22 5.57 3.77
CA GLU A 38 6.90 6.37 2.53
C GLU A 38 5.38 6.35 2.30
N LEU A 39 4.72 5.24 2.58
CA LEU A 39 3.22 5.21 2.38
C LEU A 39 2.58 6.35 3.18
N LEU A 40 3.08 6.67 4.37
CA LEU A 40 2.49 7.81 5.16
C LEU A 40 2.49 9.10 4.33
N ARG A 41 3.47 9.30 3.48
CA ARG A 41 3.50 10.57 2.65
C ARG A 41 2.24 10.65 1.79
N VAL A 42 1.84 9.56 1.15
CA VAL A 42 0.58 9.61 0.30
C VAL A 42 -0.62 9.99 1.19
N GLY A 43 -0.69 9.46 2.39
CA GLY A 43 -1.83 9.80 3.29
C GLY A 43 -1.76 11.28 3.66
N GLN A 44 -0.59 11.77 4.03
CA GLN A 44 -0.47 13.24 4.39
C GLN A 44 -0.84 14.09 3.17
N ILE A 45 -0.45 13.68 1.97
CA ILE A 45 -0.80 14.49 0.75
C ILE A 45 -2.33 14.59 0.64
N LEU A 46 -3.05 13.52 0.88
CA LEU A 46 -4.55 13.60 0.80
C LEU A 46 -5.10 14.25 2.08
N LYS A 47 -4.45 14.08 3.21
CA LYS A 47 -4.96 14.74 4.46
C LYS A 47 -4.73 16.25 4.35
N GLU A 48 -3.68 16.68 3.64
CA GLU A 48 -3.43 18.15 3.51
C GLU A 48 -4.69 18.85 2.93
N PRO A 49 -5.09 19.95 3.52
CA PRO A 49 -6.29 20.67 3.04
C PRO A 49 -6.02 21.38 1.70
N LYS A 50 -4.82 21.88 1.48
CA LYS A 50 -4.52 22.56 0.17
C LYS A 50 -4.27 21.48 -0.91
N MET A 51 -3.63 20.39 -0.53
CA MET A 51 -3.37 19.29 -1.53
C MET A 51 -4.62 18.40 -1.67
N ALA A 52 -5.43 18.26 -0.64
CA ALA A 52 -6.65 17.38 -0.78
C ALA A 52 -7.52 17.87 -1.95
N ALA A 53 -7.65 19.17 -2.14
CA ALA A 53 -8.48 19.68 -3.28
C ALA A 53 -7.91 19.18 -4.62
N SER A 54 -6.60 19.04 -4.74
CA SER A 54 -6.01 18.55 -6.04
C SER A 54 -5.84 17.03 -6.01
N LEU A 55 -5.36 16.47 -4.92
CA LEU A 55 -5.19 14.97 -4.87
C LEU A 55 -6.54 14.27 -5.10
N LEU A 56 -7.63 14.86 -4.64
CA LEU A 56 -8.97 14.22 -4.86
C LEU A 56 -9.84 15.10 -5.77
N ASN A 57 -9.25 15.76 -6.76
CA ASN A 57 -10.08 16.61 -7.66
C ASN A 57 -10.59 15.80 -8.86
N PRO A 58 -11.89 15.76 -9.06
CA PRO A 58 -12.45 15.03 -10.22
C PRO A 58 -12.21 15.82 -11.54
N TYR A 59 -11.68 17.03 -11.48
CA TYR A 59 -11.42 17.83 -12.72
C TYR A 59 -10.05 17.51 -13.34
N VAL A 60 -9.24 16.64 -12.73
CA VAL A 60 -7.90 16.33 -13.33
C VAL A 60 -7.94 14.96 -14.04
N LYS A 61 -9.05 14.60 -14.66
CA LYS A 61 -9.14 13.28 -15.36
C LYS A 61 -8.67 12.13 -14.45
N ARG A 62 -8.57 10.92 -14.97
CA ARG A 62 -8.12 9.78 -14.12
C ARG A 62 -6.77 9.26 -14.62
N SER A 63 -6.67 8.87 -15.88
CA SER A 63 -5.35 8.37 -16.40
C SER A 63 -4.29 9.49 -16.29
N VAL A 64 -4.65 10.71 -16.58
CA VAL A 64 -3.63 11.83 -16.46
C VAL A 64 -3.19 11.96 -15.00
N LYS A 65 -4.11 11.85 -14.05
CA LYS A 65 -3.69 11.98 -12.60
C LYS A 65 -2.65 10.90 -12.26
N VAL A 66 -2.78 9.69 -12.78
CA VAL A 66 -1.76 8.63 -12.47
C VAL A 66 -0.37 9.08 -12.93
N LYS A 67 -0.27 9.69 -14.10
CA LYS A 67 1.07 10.17 -14.58
C LYS A 67 1.62 11.22 -13.61
N SER A 68 0.78 12.12 -13.11
CA SER A 68 1.28 13.17 -12.16
C SER A 68 1.90 12.50 -10.93
N LEU A 69 1.34 11.41 -10.44
CA LEU A 69 1.93 10.74 -9.23
C LEU A 69 3.37 10.30 -9.53
N SER A 70 3.60 9.70 -10.68
CA SER A 70 5.00 9.26 -11.02
C SER A 70 5.93 10.49 -11.08
N ASP A 71 5.45 11.59 -11.66
CA ASP A 71 6.32 12.82 -11.72
C ASP A 71 6.51 13.44 -10.32
N MET A 72 5.70 13.09 -9.34
CA MET A 72 5.89 13.65 -7.97
C MET A 72 6.84 12.72 -7.22
N THR A 73 6.61 11.42 -7.32
CA THR A 73 7.54 10.45 -6.65
C THR A 73 8.98 10.66 -7.19
N ALA A 74 9.12 10.97 -8.48
CA ALA A 74 10.50 11.20 -9.03
C ALA A 74 11.24 12.27 -8.20
N LYS A 75 10.53 13.29 -7.75
CA LYS A 75 11.18 14.35 -6.92
C LYS A 75 10.77 14.21 -5.44
N GLU A 76 10.40 13.01 -4.99
CA GLU A 76 10.01 12.84 -3.56
C GLU A 76 10.94 11.86 -2.82
N LYS A 77 12.02 11.40 -3.43
CA LYS A 77 12.95 10.44 -2.73
C LYS A 77 12.20 9.22 -2.19
N PHE A 78 11.18 8.74 -2.90
CA PHE A 78 10.46 7.52 -2.39
C PHE A 78 11.44 6.35 -2.28
N SER A 79 10.96 5.16 -1.96
CA SER A 79 11.88 4.00 -1.82
C SER A 79 11.57 2.98 -2.91
N PRO A 80 12.30 1.89 -2.92
CA PRO A 80 12.05 0.84 -3.93
C PRO A 80 10.68 0.16 -3.72
N LEU A 81 10.04 0.34 -2.56
CA LEU A 81 8.70 -0.29 -2.37
C LEU A 81 7.63 0.79 -2.33
N THR A 82 7.82 1.90 -3.03
CA THR A 82 6.78 2.97 -3.00
C THR A 82 6.61 3.65 -4.38
N SER A 83 6.88 2.95 -5.46
CA SER A 83 6.67 3.55 -6.81
C SER A 83 5.89 2.53 -7.64
N ASN A 84 4.78 2.14 -7.10
CA ASN A 84 3.87 1.13 -7.74
C ASN A 84 2.59 1.09 -6.90
N LEU A 85 2.75 0.86 -5.60
CA LEU A 85 1.55 0.91 -4.70
C LEU A 85 0.90 2.31 -4.81
N ILE A 86 1.66 3.37 -5.09
CA ILE A 86 1.01 4.71 -5.22
C ILE A 86 0.10 4.70 -6.46
N ASN A 87 0.58 4.17 -7.58
CA ASN A 87 -0.28 4.13 -8.81
C ASN A 87 -1.55 3.31 -8.49
N LEU A 88 -1.40 2.20 -7.80
CA LEU A 88 -2.62 1.37 -7.44
C LEU A 88 -3.59 2.24 -6.62
N LEU A 89 -3.08 3.02 -5.68
CA LEU A 89 -4.00 3.91 -4.88
C LEU A 89 -4.77 4.86 -5.83
N ALA A 90 -4.13 5.33 -6.88
CA ALA A 90 -4.85 6.23 -7.83
C ALA A 90 -5.17 5.47 -9.14
N GLU A 91 -5.32 4.16 -9.09
CA GLU A 91 -5.63 3.40 -10.35
C GLU A 91 -7.13 3.03 -10.38
N ASN A 92 -7.66 2.48 -9.32
CA ASN A 92 -9.11 2.10 -9.31
C ASN A 92 -9.90 2.96 -8.30
N GLY A 93 -9.47 4.18 -8.03
CA GLY A 93 -10.22 5.04 -7.07
C GLY A 93 -9.81 4.66 -5.65
N ARG A 94 -8.53 4.50 -5.39
CA ARG A 94 -8.10 4.13 -4.00
C ARG A 94 -7.38 5.31 -3.31
N LEU A 95 -7.68 6.54 -3.68
CA LEU A 95 -7.03 7.70 -3.01
C LEU A 95 -8.07 8.38 -2.10
N THR A 96 -8.76 7.59 -1.32
CA THR A 96 -9.80 8.13 -0.38
C THR A 96 -9.52 7.54 1.01
N ASN A 97 -9.49 6.23 1.13
CA ASN A 97 -9.15 5.60 2.44
C ASN A 97 -7.66 5.20 2.44
N THR A 98 -6.84 5.77 1.55
CA THR A 98 -5.37 5.41 1.50
C THR A 98 -4.72 5.41 2.90
N PRO A 99 -4.94 6.46 3.68
CA PRO A 99 -4.34 6.49 5.04
C PRO A 99 -4.91 5.36 5.91
N ALA A 100 -6.17 5.01 5.75
CA ALA A 100 -6.73 3.88 6.57
C ALA A 100 -5.99 2.58 6.20
N VAL A 101 -5.71 2.36 4.92
CA VAL A 101 -4.96 1.12 4.51
C VAL A 101 -3.54 1.17 5.10
N ILE A 102 -2.92 2.34 5.14
CA ILE A 102 -1.53 2.42 5.71
C ILE A 102 -1.53 1.96 7.18
N SER A 103 -2.56 2.28 7.94
CA SER A 103 -2.59 1.84 9.39
C SER A 103 -2.48 0.31 9.46
N ALA A 104 -3.17 -0.40 8.59
CA ALA A 104 -3.06 -1.91 8.61
C ALA A 104 -1.60 -2.31 8.35
N PHE A 105 -0.86 -1.57 7.55
CA PHE A 105 0.58 -1.95 7.28
C PHE A 105 1.35 -2.04 8.60
N SER A 106 1.13 -1.11 9.52
CA SER A 106 1.87 -1.17 10.83
C SER A 106 1.40 -2.40 11.63
N THR A 107 0.10 -2.67 11.63
CA THR A 107 -0.38 -3.88 12.39
C THR A 107 0.04 -5.16 11.66
N MET A 108 0.06 -5.15 10.33
CA MET A 108 0.49 -6.39 9.61
C MET A 108 1.99 -6.62 9.83
N MET A 109 2.78 -5.57 9.94
CA MET A 109 4.26 -5.78 10.18
C MET A 109 4.45 -6.58 11.48
N SER A 110 3.69 -6.31 12.52
CA SER A 110 3.86 -7.11 13.79
C SER A 110 3.72 -8.62 13.50
N VAL A 111 2.89 -9.00 12.54
CA VAL A 111 2.76 -10.46 12.22
C VAL A 111 3.96 -10.97 11.39
N HIS A 112 4.85 -10.11 10.93
CA HIS A 112 6.01 -10.58 10.13
C HIS A 112 7.21 -10.88 11.08
N ARG A 113 7.25 -10.27 12.26
CA ARG A 113 8.40 -10.55 13.19
C ARG A 113 8.03 -11.61 14.24
N GLY A 114 6.75 -11.76 14.58
CA GLY A 114 6.37 -12.78 15.61
C GLY A 114 6.88 -14.18 15.22
N GLU A 115 6.49 -14.70 14.08
CA GLU A 115 6.96 -16.06 13.67
C GLU A 115 7.12 -16.14 12.15
N VAL A 116 8.23 -15.70 11.60
CA VAL A 116 8.44 -15.77 10.13
C VAL A 116 9.89 -16.20 9.82
N PRO A 117 10.24 -17.40 10.23
CA PRO A 117 11.62 -17.90 9.99
C PRO A 117 11.81 -18.24 8.50
N CYS A 118 13.02 -18.54 8.07
CA CYS A 118 13.26 -18.88 6.65
C CYS A 118 14.24 -20.06 6.54
N THR A 119 15.46 -19.89 7.03
CA THR A 119 16.46 -21.00 6.96
C THR A 119 17.15 -21.18 8.31
N VAL A 120 17.79 -22.31 8.54
CA VAL A 120 18.49 -22.54 9.84
C VAL A 120 20.00 -22.72 9.60
N GLN B 1 -8.55 -23.14 3.64
CA GLN B 1 -9.65 -22.33 3.04
C GLN B 1 -9.11 -21.45 1.90
N LYS B 2 -9.83 -21.36 0.80
CA LYS B 2 -9.35 -20.52 -0.34
C LYS B 2 -10.53 -19.84 -1.05
N THR B 3 -11.40 -19.19 -0.31
CA THR B 3 -12.56 -18.50 -0.94
C THR B 3 -12.65 -17.04 -0.48
N GLY B 4 -13.28 -16.18 -1.23
CA GLY B 4 -13.39 -14.75 -0.82
C GLY B 4 -13.22 -13.84 -2.05
N THR B 5 -12.10 -13.15 -2.17
CA THR B 5 -11.89 -12.26 -3.34
C THR B 5 -10.69 -12.74 -4.17
N ALA B 6 -10.38 -12.08 -5.27
CA ALA B 6 -9.22 -12.52 -6.10
C ALA B 6 -8.01 -11.59 -5.87
N GLU B 7 -8.21 -10.28 -5.82
CA GLU B 7 -7.07 -9.34 -5.61
C GLU B 7 -6.04 -9.53 -6.74
N VAL B 8 -6.45 -9.32 -7.97
CA VAL B 8 -5.49 -9.49 -9.13
C VAL B 8 -4.23 -8.63 -8.88
N SER B 9 -4.40 -7.43 -8.35
CA SER B 9 -3.18 -6.58 -8.07
C SER B 9 -2.31 -7.29 -7.03
N SER B 10 -2.89 -8.02 -6.09
CA SER B 10 -2.05 -8.73 -5.06
C SER B 10 -1.25 -9.84 -5.74
N ILE B 11 -1.90 -10.74 -6.46
CA ILE B 11 -1.12 -11.84 -7.15
C ILE B 11 -0.07 -11.22 -8.10
N LEU B 12 -0.34 -10.07 -8.69
CA LEU B 12 0.69 -9.45 -9.61
C LEU B 12 1.99 -9.18 -8.84
N GLU B 13 1.91 -8.80 -7.57
CA GLU B 13 3.17 -8.52 -6.79
C GLU B 13 4.10 -9.75 -6.84
N GLU B 14 3.56 -10.95 -6.81
CA GLU B 14 4.46 -12.17 -6.86
C GLU B 14 5.33 -12.13 -8.13
N ARG B 15 4.79 -11.67 -9.25
CA ARG B 15 5.62 -11.62 -10.50
C ARG B 15 6.86 -10.72 -10.30
N ILE B 16 6.74 -9.66 -9.54
CA ILE B 16 7.94 -8.76 -9.33
C ILE B 16 8.81 -9.25 -8.17
N LEU B 17 8.25 -9.89 -7.16
CA LEU B 17 9.09 -10.36 -6.01
C LEU B 17 8.51 -11.67 -5.44
N GLY B 18 7.34 -11.63 -4.84
CA GLY B 18 6.75 -12.87 -4.26
C GLY B 18 7.37 -13.14 -2.88
N ALA B 19 7.18 -14.33 -2.33
CA ALA B 19 7.76 -14.63 -0.99
C ALA B 19 8.49 -15.98 -1.03
N ASP B 20 9.46 -16.20 -0.15
CA ASP B 20 10.19 -17.50 -0.15
C ASP B 20 10.02 -18.20 1.21
N THR B 21 8.81 -18.25 1.74
CA THR B 21 8.60 -18.93 3.06
C THR B 21 7.67 -20.13 2.89
N SER B 22 8.01 -21.26 3.47
CA SER B 22 7.13 -22.47 3.34
C SER B 22 7.05 -23.21 4.69
N VAL B 23 6.13 -22.83 5.55
CA VAL B 23 6.03 -23.53 6.87
C VAL B 23 4.54 -23.61 7.30
N ASP B 24 3.66 -24.05 6.43
CA ASP B 24 2.22 -24.15 6.79
C ASP B 24 1.75 -25.62 6.75
N LEU B 25 0.57 -25.91 7.26
CA LEU B 25 0.08 -27.32 7.25
C LEU B 25 -1.19 -27.43 6.40
N PHE A 1 1.75 17.99 24.23
CA PHE A 1 0.33 17.68 23.94
C PHE A 1 0.10 16.15 24.00
N ALA A 2 -1.14 15.71 23.91
CA ALA A 2 -1.41 14.25 23.96
C ALA A 2 -2.05 13.78 22.64
N LYS A 3 -1.70 12.60 22.17
CA LYS A 3 -2.29 12.10 20.90
C LYS A 3 -3.08 10.80 21.14
N LEU A 4 -4.19 10.61 20.47
CA LEU A 4 -4.99 9.36 20.67
C LEU A 4 -5.15 8.62 19.33
N VAL A 5 -4.95 7.31 19.32
CA VAL A 5 -5.09 6.55 18.05
C VAL A 5 -6.15 5.45 18.22
N ARG A 6 -7.41 5.74 17.95
CA ARG A 6 -8.47 4.70 18.11
C ARG A 6 -9.52 4.85 16.99
N PRO A 7 -9.23 4.29 15.84
CA PRO A 7 -10.18 4.37 14.70
C PRO A 7 -11.39 3.46 14.94
N PRO A 8 -12.52 3.84 14.39
CA PRO A 8 -13.75 3.02 14.56
C PRO A 8 -13.66 1.73 13.74
N VAL A 9 -13.20 1.81 12.49
CA VAL A 9 -13.09 0.58 11.66
C VAL A 9 -11.63 0.34 11.25
N GLN A 10 -11.07 -0.80 11.60
CA GLN A 10 -9.65 -1.09 11.22
C GLN A 10 -9.55 -2.47 10.56
N ILE A 11 -8.69 -2.62 9.57
CA ILE A 11 -8.53 -3.95 8.87
C ILE A 11 -9.87 -4.39 8.25
N TYR A 12 -9.97 -4.40 6.94
CA TYR A 12 -11.28 -4.78 6.29
C TYR A 12 -11.06 -5.97 5.35
N GLY A 13 -10.25 -5.82 4.32
CA GLY A 13 -10.02 -6.97 3.38
C GLY A 13 -9.05 -6.55 2.25
N ILE A 14 -9.58 -6.21 1.08
CA ILE A 14 -8.66 -5.81 -0.05
C ILE A 14 -7.76 -4.65 0.42
N GLU A 15 -8.30 -3.69 1.17
CA GLU A 15 -7.44 -2.57 1.65
C GLU A 15 -6.38 -3.11 2.62
N GLY A 16 -6.71 -4.11 3.43
CA GLY A 16 -5.69 -4.67 4.36
C GLY A 16 -4.76 -5.57 3.54
N ARG A 17 -5.31 -6.47 2.74
CA ARG A 17 -4.42 -7.34 1.89
C ARG A 17 -3.60 -6.46 0.93
N TYR A 18 -4.10 -5.29 0.54
CA TYR A 18 -3.30 -4.40 -0.38
C TYR A 18 -1.92 -4.12 0.22
N ALA A 19 -1.85 -3.89 1.52
CA ALA A 19 -0.51 -3.62 2.14
C ALA A 19 0.22 -4.95 2.37
N THR A 20 -0.49 -5.98 2.81
CA THR A 20 0.21 -7.29 3.03
C THR A 20 0.55 -7.98 1.71
N ALA A 21 -0.15 -7.69 0.63
CA ALA A 21 0.22 -8.35 -0.67
C ALA A 21 1.40 -7.60 -1.32
N LEU A 22 1.65 -6.36 -0.93
CA LEU A 22 2.83 -5.62 -1.52
C LEU A 22 3.99 -5.71 -0.55
N TYR A 23 3.73 -5.55 0.74
CA TYR A 23 4.85 -5.66 1.71
C TYR A 23 5.16 -7.15 1.98
N SER A 24 4.29 -8.10 1.60
CA SER A 24 4.64 -9.56 1.85
C SER A 24 6.04 -9.83 1.27
N ALA A 25 6.35 -9.27 0.12
CA ALA A 25 7.73 -9.44 -0.43
C ALA A 25 8.65 -8.53 0.39
N ALA A 26 8.21 -7.32 0.71
CA ALA A 26 9.07 -6.39 1.54
C ALA A 26 9.45 -7.09 2.88
N SER A 27 8.53 -7.80 3.50
CA SER A 27 8.86 -8.50 4.80
C SER A 27 10.07 -9.42 4.59
N LYS A 28 10.14 -10.12 3.48
CA LYS A 28 11.33 -11.02 3.23
C LYS A 28 12.57 -10.14 3.00
N GLN A 29 12.43 -9.02 2.31
CA GLN A 29 13.62 -8.14 2.09
C GLN A 29 13.83 -7.16 3.27
N ASN A 30 13.00 -7.21 4.31
CA ASN A 30 13.17 -6.27 5.47
C ASN A 30 12.92 -4.83 5.02
N LYS A 31 11.91 -4.61 4.21
CA LYS A 31 11.62 -3.21 3.75
C LYS A 31 10.34 -2.65 4.42
N LEU A 32 9.84 -3.26 5.49
CA LEU A 32 8.60 -2.71 6.17
C LEU A 32 8.77 -1.20 6.42
N GLU A 33 9.96 -0.75 6.77
CA GLU A 33 10.15 0.72 6.97
C GLU A 33 10.18 1.40 5.59
N GLN A 34 10.83 0.81 4.62
CA GLN A 34 10.86 1.41 3.23
C GLN A 34 9.45 1.46 2.63
N VAL A 35 8.58 0.53 2.98
CA VAL A 35 7.20 0.54 2.40
C VAL A 35 6.19 1.19 3.38
N GLU A 36 6.34 0.98 4.67
CA GLU A 36 5.37 1.61 5.65
C GLU A 36 5.67 3.12 5.78
N LYS A 37 6.91 3.54 5.68
CA LYS A 37 7.22 5.00 5.82
C LYS A 37 6.85 5.77 4.55
N GLU A 38 7.01 5.17 3.38
CA GLU A 38 6.64 5.92 2.13
C GLU A 38 5.11 6.03 2.05
N LEU A 39 4.38 5.00 2.44
CA LEU A 39 2.87 5.08 2.38
C LEU A 39 2.40 6.30 3.20
N LEU A 40 3.03 6.58 4.32
CA LEU A 40 2.60 7.77 5.14
C LEU A 40 2.69 9.07 4.29
N ARG A 41 3.65 9.14 3.36
CA ARG A 41 3.76 10.38 2.53
C ARG A 41 2.46 10.59 1.73
N VAL A 42 1.95 9.57 1.09
CA VAL A 42 0.67 9.75 0.31
C VAL A 42 -0.47 10.14 1.27
N GLY A 43 -0.53 9.53 2.45
CA GLY A 43 -1.59 9.88 3.42
C GLY A 43 -1.35 11.31 3.93
N GLN A 44 -0.11 11.63 4.26
CA GLN A 44 0.18 13.03 4.75
C GLN A 44 -0.19 14.06 3.66
N ILE A 45 0.03 13.74 2.40
CA ILE A 45 -0.34 14.70 1.31
C ILE A 45 -1.85 14.94 1.34
N LEU A 46 -2.65 13.89 1.28
CA LEU A 46 -4.14 14.11 1.31
C LEU A 46 -4.58 14.75 2.63
N LYS A 47 -3.85 14.55 3.71
CA LYS A 47 -4.26 15.23 4.99
C LYS A 47 -4.06 16.74 4.81
N GLU A 48 -3.07 17.15 4.02
CA GLU A 48 -2.88 18.61 3.80
C GLU A 48 -4.04 19.19 2.98
N PRO A 49 -4.47 20.39 3.31
CA PRO A 49 -5.59 21.01 2.56
C PRO A 49 -5.12 21.47 1.17
N LYS A 50 -3.93 22.03 1.07
CA LYS A 50 -3.43 22.48 -0.28
C LYS A 50 -3.37 21.30 -1.26
N MET A 51 -3.00 20.12 -0.80
CA MET A 51 -2.94 18.94 -1.72
C MET A 51 -4.35 18.37 -1.95
N ALA A 52 -5.18 18.34 -0.92
CA ALA A 52 -6.57 17.78 -1.11
C ALA A 52 -7.29 18.52 -2.25
N ALA A 53 -7.07 19.82 -2.39
CA ALA A 53 -7.74 20.57 -3.51
C ALA A 53 -7.40 19.93 -4.88
N SER A 54 -6.26 19.27 -5.01
CA SER A 54 -5.91 18.65 -6.33
C SER A 54 -6.24 17.15 -6.32
N LEU A 55 -5.77 16.41 -5.33
CA LEU A 55 -6.08 14.94 -5.30
C LEU A 55 -7.60 14.71 -5.25
N LEU A 56 -8.35 15.59 -4.61
CA LEU A 56 -9.84 15.41 -4.55
C LEU A 56 -10.55 16.34 -5.55
N ASN A 57 -9.88 16.81 -6.59
CA ASN A 57 -10.58 17.71 -7.57
C ASN A 57 -11.14 16.88 -8.73
N PRO A 58 -12.44 17.01 -8.98
CA PRO A 58 -13.05 16.27 -10.11
C PRO A 58 -12.63 16.90 -11.47
N TYR A 59 -11.97 18.04 -11.46
CA TYR A 59 -11.55 18.68 -12.75
C TYR A 59 -10.17 18.16 -13.23
N VAL A 60 -9.55 17.22 -12.53
CA VAL A 60 -8.21 16.71 -13.00
C VAL A 60 -8.35 15.33 -13.69
N LYS A 61 -9.49 15.01 -14.25
CA LYS A 61 -9.67 13.68 -14.93
C LYS A 61 -9.20 12.52 -14.03
N ARG A 62 -9.17 11.31 -14.55
CA ARG A 62 -8.71 10.15 -13.72
C ARG A 62 -7.34 9.67 -14.21
N SER A 63 -7.22 9.34 -15.49
CA SER A 63 -5.89 8.87 -16.01
C SER A 63 -4.83 9.96 -15.80
N VAL A 64 -5.17 11.23 -16.00
CA VAL A 64 -4.15 12.32 -15.79
C VAL A 64 -3.66 12.29 -14.34
N LYS A 65 -4.52 12.04 -13.38
CA LYS A 65 -4.07 12.00 -11.94
C LYS A 65 -2.93 10.97 -11.78
N VAL A 66 -3.01 9.84 -12.45
CA VAL A 66 -1.91 8.82 -12.31
C VAL A 66 -0.59 9.41 -12.84
N LYS A 67 -0.63 10.07 -13.99
CA LYS A 67 0.65 10.68 -14.53
C LYS A 67 1.19 11.72 -13.55
N SER A 68 0.32 12.52 -12.95
CA SER A 68 0.81 13.57 -11.98
C SER A 68 1.55 12.88 -10.82
N LEU A 69 1.08 11.73 -10.36
CA LEU A 69 1.79 11.03 -9.23
C LEU A 69 3.25 10.74 -9.62
N SER A 70 3.50 10.33 -10.85
CA SER A 70 4.92 10.05 -11.27
C SER A 70 5.78 11.32 -11.10
N ASP A 71 5.25 12.47 -11.44
CA ASP A 71 6.06 13.74 -11.26
C ASP A 71 6.29 14.05 -9.77
N MET A 72 5.50 13.50 -8.87
CA MET A 72 5.74 13.77 -7.42
C MET A 72 6.73 12.72 -6.91
N THR A 73 6.51 11.46 -7.28
CA THR A 73 7.47 10.38 -6.86
C THR A 73 8.89 10.75 -7.37
N ALA A 74 9.01 11.35 -8.55
CA ALA A 74 10.38 11.72 -9.07
C ALA A 74 11.07 12.66 -8.06
N LYS A 75 10.35 13.58 -7.46
CA LYS A 75 10.99 14.51 -6.46
C LYS A 75 10.87 13.92 -5.04
N GLU A 76 9.80 13.22 -4.74
CA GLU A 76 9.66 12.61 -3.37
C GLU A 76 10.79 11.60 -3.08
N LYS A 77 11.46 11.07 -4.10
CA LYS A 77 12.55 10.07 -3.85
C LYS A 77 11.98 8.85 -3.12
N PHE A 78 10.88 8.31 -3.60
CA PHE A 78 10.26 7.11 -2.92
C PHE A 78 11.29 5.98 -2.79
N SER A 79 10.89 4.81 -2.32
CA SER A 79 11.86 3.69 -2.17
C SER A 79 11.55 2.62 -3.22
N PRO A 80 12.20 1.48 -3.11
CA PRO A 80 11.96 0.41 -4.10
C PRO A 80 10.61 -0.28 -3.90
N LEU A 81 9.89 -0.02 -2.82
CA LEU A 81 8.56 -0.65 -2.65
C LEU A 81 7.47 0.42 -2.64
N THR A 82 7.69 1.55 -3.31
CA THR A 82 6.63 2.60 -3.31
C THR A 82 6.52 3.29 -4.68
N SER A 83 6.86 2.61 -5.77
CA SER A 83 6.70 3.23 -7.12
C SER A 83 5.95 2.22 -7.98
N ASN A 84 4.83 1.78 -7.47
CA ASN A 84 3.95 0.79 -8.15
C ASN A 84 2.64 0.75 -7.35
N LEU A 85 2.75 0.50 -6.05
CA LEU A 85 1.54 0.55 -5.19
C LEU A 85 0.87 1.94 -5.33
N ILE A 86 1.64 3.00 -5.59
CA ILE A 86 0.99 4.35 -5.76
C ILE A 86 0.01 4.30 -6.93
N ASN A 87 0.37 3.65 -8.03
CA ASN A 87 -0.58 3.56 -9.20
C ASN A 87 -1.89 2.90 -8.72
N LEU A 88 -1.81 1.73 -8.13
CA LEU A 88 -3.06 1.05 -7.63
C LEU A 88 -3.86 2.02 -6.73
N LEU A 89 -3.18 2.78 -5.89
CA LEU A 89 -3.91 3.76 -5.01
C LEU A 89 -4.69 4.75 -5.89
N ALA A 90 -4.14 5.17 -7.01
CA ALA A 90 -4.88 6.11 -7.90
C ALA A 90 -5.32 5.40 -9.19
N GLU A 91 -5.55 4.10 -9.15
CA GLU A 91 -5.98 3.37 -10.39
C GLU A 91 -7.47 2.97 -10.32
N ASN A 92 -7.89 2.35 -9.23
CA ASN A 92 -9.32 1.93 -9.13
C ASN A 92 -10.07 2.72 -8.04
N GLY A 93 -9.71 3.96 -7.79
CA GLY A 93 -10.40 4.75 -6.74
C GLY A 93 -9.94 4.26 -5.36
N ARG A 94 -8.65 4.09 -5.17
CA ARG A 94 -8.15 3.61 -3.85
C ARG A 94 -7.72 4.79 -2.96
N LEU A 95 -7.19 5.86 -3.53
CA LEU A 95 -6.77 7.03 -2.68
C LEU A 95 -8.00 7.54 -1.88
N THR A 96 -7.86 8.63 -1.14
CA THR A 96 -9.00 9.19 -0.28
C THR A 96 -8.98 8.44 1.07
N ASN A 97 -9.04 7.12 1.07
CA ASN A 97 -8.94 6.37 2.36
C ASN A 97 -7.51 5.80 2.50
N THR A 98 -6.51 6.47 1.96
CA THR A 98 -5.10 5.98 2.05
C THR A 98 -4.73 5.51 3.47
N PRO A 99 -5.01 6.34 4.47
CA PRO A 99 -4.67 5.94 5.86
C PRO A 99 -5.44 4.69 6.28
N ALA A 100 -6.66 4.51 5.81
CA ALA A 100 -7.43 3.26 6.19
C ALA A 100 -6.75 2.05 5.54
N VAL A 101 -6.33 2.15 4.30
CA VAL A 101 -5.63 0.99 3.64
C VAL A 101 -4.21 0.87 4.21
N ILE A 102 -3.55 1.97 4.50
CA ILE A 102 -2.17 1.89 5.07
C ILE A 102 -2.23 1.52 6.57
N SER A 103 -3.27 1.91 7.29
CA SER A 103 -3.34 1.55 8.76
C SER A 103 -3.18 0.02 8.92
N ALA A 104 -3.82 -0.76 8.06
CA ALA A 104 -3.65 -2.25 8.16
C ALA A 104 -2.17 -2.63 8.03
N PHE A 105 -1.40 -1.91 7.22
CA PHE A 105 0.06 -2.24 7.07
C PHE A 105 0.75 -2.24 8.44
N SER A 106 0.45 -1.26 9.28
CA SER A 106 1.11 -1.22 10.63
C SER A 106 0.66 -2.43 11.46
N THR A 107 -0.61 -2.80 11.39
CA THR A 107 -1.07 -3.99 12.18
C THR A 107 -0.52 -5.27 11.55
N MET A 108 -0.44 -5.34 10.23
CA MET A 108 0.12 -6.58 9.59
C MET A 108 1.63 -6.64 9.85
N MET A 109 2.32 -5.51 9.84
CA MET A 109 3.80 -5.53 10.11
C MET A 109 4.06 -6.15 11.48
N SER A 110 3.24 -5.86 12.48
CA SER A 110 3.49 -6.49 13.84
C SER A 110 3.56 -8.02 13.72
N VAL A 111 2.85 -8.63 12.80
CA VAL A 111 2.92 -10.12 12.66
C VAL A 111 4.21 -10.55 11.91
N HIS A 112 4.93 -9.64 11.28
CA HIS A 112 6.17 -10.05 10.56
C HIS A 112 7.38 -10.01 11.53
N ARG A 113 7.31 -9.26 12.62
CA ARG A 113 8.47 -9.23 13.57
C ARG A 113 8.27 -10.24 14.72
N GLY A 114 7.05 -10.54 15.10
CA GLY A 114 6.82 -11.53 16.21
C GLY A 114 7.57 -12.85 15.94
N GLU A 115 7.71 -13.25 14.68
CA GLU A 115 8.44 -14.53 14.40
C GLU A 115 9.89 -14.23 13.98
N VAL A 116 10.66 -13.59 14.85
CA VAL A 116 12.07 -13.27 14.49
C VAL A 116 13.00 -13.70 15.64
N PRO A 117 13.68 -14.82 15.47
CA PRO A 117 14.60 -15.30 16.54
C PRO A 117 15.84 -14.40 16.62
N CYS A 118 16.52 -14.38 17.75
CA CYS A 118 17.74 -13.54 17.88
C CYS A 118 18.98 -14.40 18.12
N THR A 119 20.16 -13.92 17.78
CA THR A 119 21.40 -14.73 18.00
C THR A 119 22.57 -13.82 18.41
N VAL A 120 22.93 -12.86 17.58
CA VAL A 120 24.07 -11.94 17.92
C VAL A 120 25.34 -12.75 18.26
N GLN B 1 -19.39 -1.70 -20.04
CA GLN B 1 -18.14 -1.62 -19.23
C GLN B 1 -18.15 -2.70 -18.14
N LYS B 2 -17.00 -3.28 -17.82
CA LYS B 2 -16.96 -4.34 -16.76
C LYS B 2 -15.82 -4.06 -15.77
N THR B 3 -16.01 -4.35 -14.50
CA THR B 3 -14.93 -4.09 -13.50
C THR B 3 -14.89 -5.23 -12.47
N GLY B 4 -14.02 -5.13 -11.48
CA GLY B 4 -13.94 -6.22 -10.45
C GLY B 4 -12.46 -6.52 -10.14
N THR B 5 -12.10 -6.59 -8.88
CA THR B 5 -10.67 -6.88 -8.53
C THR B 5 -10.58 -8.21 -7.76
N ALA B 6 -9.66 -9.07 -8.11
CA ALA B 6 -9.53 -10.37 -7.40
C ALA B 6 -8.12 -10.53 -6.82
N GLU B 7 -7.76 -9.74 -5.81
CA GLU B 7 -6.39 -9.84 -5.21
C GLU B 7 -5.32 -9.69 -6.30
N VAL B 8 -5.51 -8.78 -7.23
CA VAL B 8 -4.47 -8.59 -8.31
C VAL B 8 -3.13 -8.18 -7.66
N SER B 9 -3.14 -7.35 -6.64
CA SER B 9 -1.86 -6.94 -5.98
C SER B 9 -1.09 -8.20 -5.49
N SER B 10 -1.79 -9.24 -5.09
CA SER B 10 -1.07 -10.47 -4.61
C SER B 10 -0.31 -11.11 -5.79
N ILE B 11 -0.99 -11.40 -6.88
CA ILE B 11 -0.27 -12.02 -8.05
C ILE B 11 0.87 -11.11 -8.54
N LEU B 12 0.75 -9.80 -8.37
CA LEU B 12 1.87 -8.89 -8.82
C LEU B 12 3.10 -9.11 -7.94
N GLU B 13 2.93 -9.33 -6.65
CA GLU B 13 4.13 -9.56 -5.76
C GLU B 13 4.96 -10.75 -6.28
N GLU B 14 4.30 -11.81 -6.75
CA GLU B 14 5.08 -12.99 -7.27
C GLU B 14 6.02 -12.56 -8.41
N ARG B 15 5.58 -11.66 -9.27
CA ARG B 15 6.47 -11.21 -10.40
C ARG B 15 7.80 -10.63 -9.85
N ILE B 16 7.77 -9.97 -8.70
CA ILE B 16 9.05 -9.41 -8.14
C ILE B 16 9.69 -10.41 -7.17
N LEU B 17 8.90 -10.98 -6.27
CA LEU B 17 9.48 -11.96 -5.29
C LEU B 17 8.79 -13.32 -5.45
N GLY B 18 9.40 -14.26 -6.16
CA GLY B 18 8.77 -15.59 -6.33
C GLY B 18 9.81 -16.70 -6.06
N ALA B 19 10.78 -16.85 -6.92
CA ALA B 19 11.82 -17.91 -6.69
C ALA B 19 13.21 -17.40 -7.11
N ASP B 20 14.27 -18.03 -6.65
CA ASP B 20 15.64 -17.56 -7.02
C ASP B 20 16.37 -18.65 -7.82
N THR B 21 16.51 -19.85 -7.28
CA THR B 21 17.21 -20.92 -8.02
C THR B 21 16.25 -22.11 -8.27
N SER B 22 15.57 -22.12 -9.40
CA SER B 22 14.63 -23.25 -9.68
C SER B 22 14.81 -23.74 -11.14
N VAL B 23 15.17 -24.99 -11.34
CA VAL B 23 15.36 -25.51 -12.73
C VAL B 23 14.94 -26.99 -12.80
N ASP B 24 13.77 -27.34 -12.31
CA ASP B 24 13.33 -28.76 -12.37
C ASP B 24 11.81 -28.84 -12.61
N LEU B 25 11.31 -29.97 -13.10
CA LEU B 25 9.83 -30.10 -13.35
C LEU B 25 9.32 -28.94 -14.21
N PHE A 1 -22.73 -31.50 17.90
CA PHE A 1 -22.59 -30.05 18.26
C PHE A 1 -21.35 -29.46 17.57
N ALA A 2 -21.18 -28.15 17.64
CA ALA A 2 -19.98 -27.52 16.99
C ALA A 2 -19.06 -26.91 18.05
N LYS A 3 -18.13 -26.06 17.65
CA LYS A 3 -17.22 -25.44 18.66
C LYS A 3 -17.47 -23.93 18.74
N LEU A 4 -17.19 -23.18 17.69
CA LEU A 4 -17.42 -21.70 17.73
C LEU A 4 -17.43 -21.12 16.30
N VAL A 5 -18.44 -20.33 15.96
CA VAL A 5 -18.49 -19.74 14.60
C VAL A 5 -18.54 -18.21 14.68
N ARG A 6 -17.44 -17.53 14.43
CA ARG A 6 -17.44 -16.04 14.50
C ARG A 6 -17.14 -15.43 13.13
N PRO A 7 -17.43 -14.15 12.96
CA PRO A 7 -17.17 -13.49 11.66
C PRO A 7 -15.66 -13.28 11.46
N PRO A 8 -15.20 -13.44 10.24
CA PRO A 8 -13.75 -13.25 9.96
C PRO A 8 -13.39 -11.76 9.98
N VAL A 9 -12.68 -11.30 10.99
CA VAL A 9 -12.30 -9.87 11.06
C VAL A 9 -10.81 -9.72 11.38
N GLN A 10 -9.95 -9.85 10.39
CA GLN A 10 -8.47 -9.72 10.66
C GLN A 10 -7.97 -8.37 10.11
N ILE A 11 -8.26 -8.05 8.86
CA ILE A 11 -7.78 -6.74 8.30
C ILE A 11 -8.94 -5.74 8.05
N TYR A 12 -10.21 -6.14 8.25
CA TYR A 12 -11.38 -5.18 8.09
C TYR A 12 -11.18 -4.18 6.94
N GLY A 13 -11.31 -4.63 5.70
CA GLY A 13 -11.15 -3.68 4.55
C GLY A 13 -10.08 -4.20 3.58
N ILE A 14 -10.47 -4.57 2.37
CA ILE A 14 -9.45 -5.07 1.37
C ILE A 14 -8.26 -4.10 1.27
N GLU A 15 -8.47 -2.81 1.46
CA GLU A 15 -7.32 -1.84 1.38
C GLU A 15 -6.18 -2.29 2.31
N GLY A 16 -6.50 -2.88 3.46
CA GLY A 16 -5.41 -3.35 4.37
C GLY A 16 -4.59 -4.44 3.65
N ARG A 17 -5.24 -5.34 2.94
CA ARG A 17 -4.48 -6.41 2.21
C ARG A 17 -3.52 -5.77 1.18
N TYR A 18 -3.90 -4.67 0.56
CA TYR A 18 -2.97 -4.03 -0.44
C TYR A 18 -1.59 -3.79 0.20
N ALA A 19 -1.55 -3.43 1.48
CA ALA A 19 -0.23 -3.22 2.14
C ALA A 19 0.41 -4.58 2.43
N THR A 20 -0.37 -5.57 2.85
CA THR A 20 0.24 -6.91 3.13
C THR A 20 0.59 -7.64 1.83
N ALA A 21 -0.16 -7.45 0.76
CA ALA A 21 0.22 -8.12 -0.52
C ALA A 21 1.37 -7.36 -1.19
N LEU A 22 1.66 -6.13 -0.76
CA LEU A 22 2.81 -5.38 -1.37
C LEU A 22 4.01 -5.51 -0.44
N TYR A 23 3.82 -5.33 0.84
CA TYR A 23 4.96 -5.49 1.79
C TYR A 23 5.27 -7.00 1.98
N SER A 24 4.37 -7.92 1.61
CA SER A 24 4.70 -9.38 1.79
C SER A 24 6.07 -9.66 1.14
N ALA A 25 6.32 -9.08 -0.02
CA ALA A 25 7.67 -9.24 -0.65
C ALA A 25 8.66 -8.37 0.16
N ALA A 26 8.23 -7.17 0.54
CA ALA A 26 9.14 -6.28 1.36
C ALA A 26 9.60 -7.02 2.63
N SER A 27 8.72 -7.78 3.26
CA SER A 27 9.13 -8.54 4.52
C SER A 27 10.37 -9.39 4.21
N LYS A 28 10.42 -10.03 3.05
CA LYS A 28 11.62 -10.87 2.71
C LYS A 28 12.84 -9.95 2.48
N GLN A 29 12.65 -8.78 1.88
CA GLN A 29 13.81 -7.86 1.66
C GLN A 29 14.02 -6.88 2.85
N ASN A 30 13.31 -7.05 3.95
CA ASN A 30 13.48 -6.13 5.11
C ASN A 30 13.10 -4.69 4.71
N LYS A 31 12.02 -4.52 3.98
CA LYS A 31 11.60 -3.14 3.58
C LYS A 31 10.39 -2.65 4.42
N LEU A 32 9.97 -3.37 5.45
CA LEU A 32 8.79 -2.89 6.30
C LEU A 32 8.98 -1.42 6.68
N GLU A 33 10.21 -0.99 6.93
CA GLU A 33 10.44 0.46 7.24
C GLU A 33 10.38 1.24 5.91
N GLN A 34 10.96 0.71 4.86
CA GLN A 34 10.91 1.43 3.54
C GLN A 34 9.47 1.49 3.01
N VAL A 35 8.61 0.55 3.38
CA VAL A 35 7.20 0.59 2.87
C VAL A 35 6.27 1.21 3.94
N GLU A 36 6.47 0.91 5.20
CA GLU A 36 5.57 1.49 6.26
C GLU A 36 5.84 3.00 6.45
N LYS A 37 7.00 3.50 6.07
CA LYS A 37 7.26 4.97 6.25
C LYS A 37 6.98 5.74 4.96
N GLU A 38 7.31 5.18 3.81
CA GLU A 38 7.01 5.93 2.54
C GLU A 38 5.49 5.98 2.31
N LEU A 39 4.76 4.93 2.66
CA LEU A 39 3.26 4.96 2.47
C LEU A 39 2.68 6.17 3.22
N LEU A 40 3.21 6.52 4.38
CA LEU A 40 2.65 7.71 5.11
C LEU A 40 2.72 8.97 4.23
N ARG A 41 3.73 9.11 3.41
CA ARG A 41 3.82 10.34 2.54
C ARG A 41 2.59 10.44 1.63
N VAL A 42 2.16 9.34 1.04
CA VAL A 42 0.94 9.40 0.14
C VAL A 42 -0.27 9.97 0.92
N GLY A 43 -0.37 9.69 2.21
CA GLY A 43 -1.52 10.23 2.99
C GLY A 43 -1.42 11.76 3.07
N GLN A 44 -0.23 12.30 3.29
CA GLN A 44 -0.09 13.79 3.36
C GLN A 44 -0.60 14.44 2.06
N ILE A 45 -0.33 13.81 0.92
CA ILE A 45 -0.84 14.39 -0.38
C ILE A 45 -2.38 14.45 -0.34
N LEU A 46 -3.03 13.44 0.20
CA LEU A 46 -4.53 13.48 0.26
C LEU A 46 -4.98 14.44 1.38
N LYS A 47 -4.26 14.49 2.48
CA LYS A 47 -4.66 15.43 3.59
C LYS A 47 -4.28 16.87 3.23
N GLU A 48 -3.28 17.09 2.39
CA GLU A 48 -2.90 18.50 2.03
C GLU A 48 -4.13 19.27 1.52
N PRO A 49 -4.30 20.49 1.97
CA PRO A 49 -5.47 21.30 1.52
C PRO A 49 -5.30 21.76 0.06
N LYS A 50 -4.09 22.00 -0.39
CA LYS A 50 -3.91 22.43 -1.82
C LYS A 50 -4.01 21.20 -2.73
N MET A 51 -3.55 20.05 -2.28
CA MET A 51 -3.65 18.81 -3.12
C MET A 51 -5.00 18.11 -2.91
N ALA A 52 -5.58 18.20 -1.71
CA ALA A 52 -6.91 17.52 -1.48
C ALA A 52 -7.94 17.97 -2.53
N ALA A 53 -7.91 19.23 -2.94
CA ALA A 53 -8.90 19.71 -3.98
C ALA A 53 -8.76 18.88 -5.26
N SER A 54 -7.57 18.42 -5.60
CA SER A 54 -7.42 17.60 -6.87
C SER A 54 -7.81 16.14 -6.61
N LEU A 55 -7.27 15.52 -5.59
CA LEU A 55 -7.65 14.07 -5.31
C LEU A 55 -9.11 13.99 -4.84
N LEU A 56 -9.65 15.01 -4.20
CA LEU A 56 -11.08 14.95 -3.74
C LEU A 56 -12.04 15.37 -4.87
N ASN A 57 -11.60 16.15 -5.85
CA ASN A 57 -12.53 16.58 -6.96
C ASN A 57 -13.31 15.38 -7.53
N PRO A 58 -14.52 15.63 -7.98
CA PRO A 58 -15.33 14.54 -8.58
C PRO A 58 -14.78 14.13 -9.97
N TYR A 59 -13.88 14.90 -10.54
CA TYR A 59 -13.33 14.54 -11.89
C TYR A 59 -12.06 13.69 -11.73
N VAL A 60 -11.05 14.19 -11.06
CA VAL A 60 -9.79 13.40 -10.87
C VAL A 60 -9.30 12.81 -12.21
N LYS A 61 -8.54 13.58 -12.99
CA LYS A 61 -8.05 13.04 -14.30
C LYS A 61 -7.09 11.86 -14.06
N ARG A 62 -7.38 10.69 -14.61
CA ARG A 62 -6.46 9.52 -14.39
C ARG A 62 -5.05 9.83 -14.92
N SER A 63 -4.94 10.53 -16.04
CA SER A 63 -3.58 10.85 -16.58
C SER A 63 -2.89 11.91 -15.71
N VAL A 64 -3.62 12.90 -15.22
CA VAL A 64 -2.97 13.95 -14.35
C VAL A 64 -2.52 13.31 -13.03
N LYS A 65 -3.32 12.43 -12.45
CA LYS A 65 -2.90 11.78 -11.16
C LYS A 65 -1.68 10.86 -11.42
N VAL A 66 -1.67 10.13 -12.52
CA VAL A 66 -0.50 9.24 -12.79
C VAL A 66 0.72 10.10 -13.14
N LYS A 67 0.54 11.16 -13.90
CA LYS A 67 1.72 12.04 -14.24
C LYS A 67 2.19 12.79 -12.98
N SER A 68 1.27 13.24 -12.15
CA SER A 68 1.69 13.97 -10.90
C SER A 68 2.37 12.97 -9.93
N LEU A 69 1.88 11.75 -9.84
CA LEU A 69 2.53 10.76 -8.92
C LEU A 69 3.93 10.40 -9.43
N SER A 70 4.10 10.26 -10.73
CA SER A 70 5.47 9.92 -11.26
C SER A 70 6.40 11.13 -11.08
N ASP A 71 5.93 12.33 -11.35
CA ASP A 71 6.81 13.52 -11.16
C ASP A 71 7.02 13.81 -9.66
N MET A 72 6.18 13.31 -8.79
CA MET A 72 6.39 13.54 -7.32
C MET A 72 7.28 12.41 -6.79
N THR A 73 6.99 11.18 -7.19
CA THR A 73 7.85 10.03 -6.75
C THR A 73 9.30 10.26 -7.27
N ALA A 74 9.46 10.81 -8.46
CA ALA A 74 10.85 11.05 -8.98
C ALA A 74 11.61 12.02 -8.05
N LYS A 75 10.94 13.03 -7.53
CA LYS A 75 11.63 14.01 -6.61
C LYS A 75 11.52 13.55 -5.15
N GLU A 76 10.45 12.86 -4.78
CA GLU A 76 10.32 12.39 -3.35
C GLU A 76 11.39 11.35 -2.97
N LYS A 77 12.07 10.75 -3.93
CA LYS A 77 13.11 9.72 -3.60
C LYS A 77 12.45 8.55 -2.85
N PHE A 78 11.33 8.05 -3.34
CA PHE A 78 10.64 6.91 -2.64
C PHE A 78 11.61 5.72 -2.48
N SER A 79 11.12 4.59 -2.00
CA SER A 79 12.02 3.42 -1.81
C SER A 79 11.68 2.35 -2.84
N PRO A 80 12.28 1.18 -2.71
CA PRO A 80 12.00 0.09 -3.68
C PRO A 80 10.60 -0.51 -3.46
N LEU A 81 9.91 -0.21 -2.38
CA LEU A 81 8.55 -0.76 -2.19
C LEU A 81 7.51 0.37 -2.29
N THR A 82 7.81 1.45 -3.00
CA THR A 82 6.82 2.55 -3.09
C THR A 82 6.68 3.08 -4.53
N SER A 83 6.97 2.26 -5.52
CA SER A 83 6.78 2.72 -6.93
C SER A 83 5.91 1.66 -7.65
N ASN A 84 4.82 1.32 -7.00
CA ASN A 84 3.86 0.30 -7.54
C ASN A 84 2.55 0.51 -6.77
N LEU A 85 2.62 0.41 -5.44
CA LEU A 85 1.40 0.70 -4.62
C LEU A 85 0.90 2.13 -4.93
N ILE A 86 1.78 3.05 -5.36
CA ILE A 86 1.28 4.42 -5.69
C ILE A 86 0.36 4.34 -6.92
N ASN A 87 0.73 3.57 -7.92
CA ASN A 87 -0.16 3.44 -9.13
C ASN A 87 -1.51 2.85 -8.71
N LEU A 88 -1.51 1.73 -8.01
CA LEU A 88 -2.82 1.13 -7.55
C LEU A 88 -3.64 2.16 -6.78
N LEU A 89 -3.00 2.96 -5.94
CA LEU A 89 -3.78 4.01 -5.18
C LEU A 89 -4.44 4.97 -6.17
N ALA A 90 -3.74 5.36 -7.22
CA ALA A 90 -4.36 6.27 -8.22
C ALA A 90 -4.74 5.48 -9.50
N GLU A 91 -5.05 4.20 -9.38
CA GLU A 91 -5.41 3.42 -10.61
C GLU A 91 -6.94 3.38 -10.77
N ASN A 92 -7.67 3.18 -9.68
CA ASN A 92 -9.16 3.15 -9.79
C ASN A 92 -9.80 4.05 -8.73
N GLY A 93 -9.16 5.15 -8.36
CA GLY A 93 -9.76 6.06 -7.34
C GLY A 93 -9.55 5.44 -5.95
N ARG A 94 -8.32 5.09 -5.61
CA ARG A 94 -8.07 4.48 -4.27
C ARG A 94 -7.37 5.46 -3.32
N LEU A 95 -7.48 6.76 -3.54
CA LEU A 95 -6.82 7.72 -2.60
C LEU A 95 -7.87 8.38 -1.68
N THR A 96 -8.94 7.66 -1.36
CA THR A 96 -9.98 8.22 -0.43
C THR A 96 -9.82 7.50 0.90
N ASN A 97 -9.77 6.18 0.88
CA ASN A 97 -9.54 5.42 2.14
C ASN A 97 -8.06 4.96 2.17
N THR A 98 -7.13 5.78 1.69
CA THR A 98 -5.69 5.37 1.70
C THR A 98 -5.12 5.25 3.13
N PRO A 99 -5.56 6.07 4.09
CA PRO A 99 -5.00 5.92 5.48
C PRO A 99 -5.32 4.52 6.02
N ALA A 100 -6.48 3.96 5.72
CA ALA A 100 -6.79 2.58 6.21
C ALA A 100 -5.72 1.59 5.70
N VAL A 101 -5.19 1.82 4.51
CA VAL A 101 -4.12 0.89 3.98
C VAL A 101 -2.84 1.06 4.82
N ILE A 102 -2.49 2.29 5.17
CA ILE A 102 -1.25 2.51 5.99
C ILE A 102 -1.47 1.96 7.42
N SER A 103 -2.63 2.19 8.00
CA SER A 103 -2.89 1.67 9.39
C SER A 103 -2.81 0.14 9.37
N ALA A 104 -3.49 -0.51 8.45
CA ALA A 104 -3.43 -2.02 8.39
C ALA A 104 -1.96 -2.48 8.25
N PHE A 105 -1.14 -1.73 7.54
CA PHE A 105 0.31 -2.14 7.39
C PHE A 105 0.96 -2.26 8.78
N SER A 106 0.70 -1.32 9.68
CA SER A 106 1.32 -1.41 11.04
C SER A 106 0.79 -2.66 11.78
N THR A 107 -0.48 -2.98 11.63
CA THR A 107 -1.02 -4.19 12.33
C THR A 107 -0.46 -5.46 11.68
N MET A 108 -0.34 -5.50 10.36
CA MET A 108 0.23 -6.72 9.72
C MET A 108 1.74 -6.78 10.00
N MET A 109 2.42 -5.65 10.02
CA MET A 109 3.90 -5.68 10.30
C MET A 109 4.14 -6.35 11.67
N SER A 110 3.30 -6.10 12.66
CA SER A 110 3.53 -6.77 13.99
C SER A 110 3.54 -8.31 13.82
N VAL A 111 2.79 -8.84 12.87
CA VAL A 111 2.81 -10.34 12.67
C VAL A 111 4.06 -10.78 11.88
N HIS A 112 4.82 -9.87 11.27
CA HIS A 112 6.04 -10.29 10.53
C HIS A 112 7.25 -10.37 11.50
N ARG A 113 7.22 -9.65 12.60
CA ARG A 113 8.39 -9.70 13.56
C ARG A 113 8.12 -10.71 14.69
N GLY A 114 6.88 -10.87 15.12
CA GLY A 114 6.59 -11.84 16.22
C GLY A 114 7.13 -13.24 15.88
N GLU A 115 7.05 -13.65 14.63
CA GLU A 115 7.59 -15.02 14.26
C GLU A 115 9.07 -15.14 14.66
N VAL A 116 9.84 -14.09 14.49
CA VAL A 116 11.29 -14.16 14.87
C VAL A 116 11.60 -13.10 15.94
N PRO A 117 11.35 -13.45 17.19
CA PRO A 117 11.62 -12.49 18.29
C PRO A 117 13.14 -12.35 18.52
N CYS A 118 13.59 -11.19 18.96
CA CYS A 118 15.06 -11.01 19.21
C CYS A 118 15.30 -10.10 20.41
N THR A 119 16.33 -10.36 21.21
CA THR A 119 16.59 -9.50 22.40
C THR A 119 15.34 -9.37 23.28
N VAL A 120 15.12 -10.30 24.19
CA VAL A 120 13.91 -10.22 25.07
C VAL A 120 14.27 -10.64 26.50
N GLN B 1 -21.69 -1.83 -15.82
CA GLN B 1 -20.94 -3.05 -15.40
C GLN B 1 -19.66 -2.64 -14.66
N LYS B 2 -19.64 -2.75 -13.34
CA LYS B 2 -18.42 -2.38 -12.58
C LYS B 2 -18.08 -3.46 -11.54
N THR B 3 -17.44 -4.54 -11.95
CA THR B 3 -17.09 -5.62 -10.97
C THR B 3 -15.71 -6.20 -11.30
N GLY B 4 -14.70 -5.37 -11.42
CA GLY B 4 -13.33 -5.88 -11.73
C GLY B 4 -12.46 -5.84 -10.47
N THR B 5 -12.57 -6.82 -9.60
CA THR B 5 -11.74 -6.81 -8.36
C THR B 5 -11.28 -8.24 -8.03
N ALA B 6 -9.99 -8.51 -8.08
CA ALA B 6 -9.49 -9.89 -7.77
C ALA B 6 -8.14 -9.82 -7.06
N GLU B 7 -8.01 -9.00 -6.03
CA GLU B 7 -6.71 -8.89 -5.30
C GLU B 7 -5.59 -8.52 -6.28
N VAL B 8 -5.82 -7.53 -7.14
CA VAL B 8 -4.75 -7.13 -8.13
C VAL B 8 -3.43 -6.83 -7.38
N SER B 9 -3.50 -6.25 -6.21
CA SER B 9 -2.22 -5.95 -5.46
C SER B 9 -1.51 -7.27 -5.14
N SER B 10 -2.23 -8.30 -4.74
CA SER B 10 -1.56 -9.61 -4.44
C SER B 10 -1.02 -10.22 -5.73
N ILE B 11 -1.77 -10.14 -6.81
CA ILE B 11 -1.24 -10.72 -8.11
C ILE B 11 -0.01 -9.92 -8.56
N LEU B 12 -0.02 -8.60 -8.40
CA LEU B 12 1.19 -7.81 -8.81
C LEU B 12 2.43 -8.27 -8.04
N GLU B 13 2.30 -8.64 -6.78
CA GLU B 13 3.50 -9.11 -6.00
C GLU B 13 4.16 -10.31 -6.71
N GLU B 14 3.37 -11.21 -7.27
CA GLU B 14 3.99 -12.40 -7.97
C GLU B 14 4.90 -11.92 -9.12
N ARG B 15 4.49 -10.90 -9.85
CA ARG B 15 5.35 -10.40 -10.98
C ARG B 15 6.73 -9.96 -10.46
N ILE B 16 6.80 -9.40 -9.27
CA ILE B 16 8.12 -8.96 -8.72
C ILE B 16 8.77 -10.11 -7.93
N LEU B 17 8.00 -10.85 -7.17
CA LEU B 17 8.59 -11.97 -6.37
C LEU B 17 8.09 -13.32 -6.90
N GLY B 18 8.94 -14.10 -7.55
CA GLY B 18 8.49 -15.42 -8.08
C GLY B 18 8.91 -16.53 -7.11
N ALA B 19 9.54 -17.59 -7.60
CA ALA B 19 9.96 -18.71 -6.68
C ALA B 19 8.77 -19.22 -5.85
N ASP B 20 7.58 -19.29 -6.43
CA ASP B 20 6.40 -19.77 -5.66
C ASP B 20 5.50 -20.64 -6.55
N THR B 21 6.05 -21.68 -7.16
CA THR B 21 5.22 -22.55 -8.04
C THR B 21 5.13 -23.97 -7.46
N SER B 22 4.63 -24.11 -6.25
CA SER B 22 4.53 -25.46 -5.63
C SER B 22 3.21 -25.60 -4.87
N VAL B 23 3.05 -26.64 -4.07
CA VAL B 23 1.77 -26.82 -3.30
C VAL B 23 2.07 -27.18 -1.84
N ASP B 24 3.08 -26.59 -1.25
CA ASP B 24 3.40 -26.91 0.18
C ASP B 24 4.07 -25.70 0.87
N LEU B 25 3.31 -24.67 1.18
CA LEU B 25 3.90 -23.47 1.85
C LEU B 25 3.17 -23.18 3.16
N PHE A 1 -7.97 -5.12 27.33
CA PHE A 1 -8.46 -6.50 27.06
C PHE A 1 -7.88 -7.48 28.08
N ALA A 2 -8.58 -7.75 29.17
CA ALA A 2 -8.05 -8.70 30.18
C ALA A 2 -9.02 -9.88 30.37
N LYS A 3 -10.22 -9.63 30.85
CA LYS A 3 -11.19 -10.74 31.04
C LYS A 3 -12.48 -10.48 30.22
N LEU A 4 -12.47 -10.79 28.95
CA LEU A 4 -13.69 -10.55 28.12
C LEU A 4 -13.90 -11.71 27.12
N VAL A 5 -14.94 -11.66 26.32
CA VAL A 5 -15.18 -12.77 25.34
C VAL A 5 -15.52 -12.17 23.96
N ARG A 6 -14.53 -11.74 23.21
CA ARG A 6 -14.81 -11.17 21.86
C ARG A 6 -13.76 -11.66 20.85
N PRO A 7 -14.12 -11.64 19.58
CA PRO A 7 -13.18 -12.10 18.52
C PRO A 7 -12.05 -11.07 18.33
N PRO A 8 -10.87 -11.55 17.99
CA PRO A 8 -9.73 -10.63 17.78
C PRO A 8 -9.90 -9.85 16.47
N VAL A 9 -9.13 -8.81 16.26
CA VAL A 9 -9.26 -8.02 14.99
C VAL A 9 -7.87 -7.61 14.48
N GLN A 10 -7.49 -8.05 13.30
CA GLN A 10 -6.15 -7.68 12.75
C GLN A 10 -6.30 -6.85 11.47
N ILE A 11 -6.99 -7.36 10.47
CA ILE A 11 -7.16 -6.58 9.21
C ILE A 11 -8.67 -6.42 8.90
N TYR A 12 -9.05 -5.29 8.35
CA TYR A 12 -10.52 -5.04 8.11
C TYR A 12 -10.71 -4.11 6.90
N GLY A 13 -10.72 -4.64 5.69
CA GLY A 13 -10.91 -3.77 4.49
C GLY A 13 -9.87 -4.13 3.43
N ILE A 14 -10.30 -4.64 2.29
CA ILE A 14 -9.30 -5.00 1.20
C ILE A 14 -8.29 -3.86 0.95
N GLU A 15 -8.70 -2.60 1.13
CA GLU A 15 -7.71 -1.47 0.92
C GLU A 15 -6.46 -1.70 1.77
N GLY A 16 -6.59 -2.26 2.96
CA GLY A 16 -5.39 -2.54 3.79
C GLY A 16 -4.59 -3.67 3.13
N ARG A 17 -5.27 -4.69 2.61
CA ARG A 17 -4.52 -5.81 1.93
C ARG A 17 -3.63 -5.27 0.80
N TYR A 18 -3.97 -4.14 0.20
CA TYR A 18 -3.10 -3.59 -0.91
C TYR A 18 -1.68 -3.38 -0.37
N ALA A 19 -1.54 -2.72 0.76
CA ALA A 19 -0.17 -2.52 1.33
C ALA A 19 0.34 -3.84 1.89
N THR A 20 -0.52 -4.66 2.47
CA THR A 20 -0.05 -5.97 3.02
C THR A 20 0.37 -6.90 1.88
N ALA A 21 -0.29 -6.85 0.73
CA ALA A 21 0.15 -7.73 -0.40
C ALA A 21 1.38 -7.14 -1.11
N LEU A 22 1.77 -5.91 -0.80
CA LEU A 22 2.98 -5.31 -1.45
C LEU A 22 4.17 -5.47 -0.52
N TYR A 23 3.99 -5.22 0.76
CA TYR A 23 5.13 -5.41 1.70
C TYR A 23 5.39 -6.93 1.91
N SER A 24 4.47 -7.83 1.51
CA SER A 24 4.76 -9.30 1.69
C SER A 24 6.14 -9.61 1.11
N ALA A 25 6.46 -9.04 -0.04
CA ALA A 25 7.83 -9.23 -0.61
C ALA A 25 8.79 -8.39 0.25
N ALA A 26 8.39 -7.18 0.61
CA ALA A 26 9.28 -6.32 1.48
C ALA A 26 9.67 -7.07 2.75
N SER A 27 8.74 -7.77 3.38
CA SER A 27 9.09 -8.53 4.63
C SER A 27 10.17 -9.58 4.30
N LYS A 28 10.04 -10.26 3.18
CA LYS A 28 11.08 -11.29 2.81
C LYS A 28 12.49 -10.68 2.81
N GLN A 29 12.64 -9.40 2.51
CA GLN A 29 14.01 -8.82 2.51
C GLN A 29 14.17 -7.82 3.66
N ASN A 30 13.76 -6.58 3.49
CA ASN A 30 13.90 -5.58 4.60
C ASN A 30 13.29 -4.23 4.18
N LYS A 31 12.13 -4.27 3.55
CA LYS A 31 11.52 -2.97 3.11
C LYS A 31 10.33 -2.53 4.00
N LEU A 32 10.04 -3.19 5.12
CA LEU A 32 8.91 -2.73 6.00
C LEU A 32 9.06 -1.23 6.30
N GLU A 33 10.27 -0.78 6.54
CA GLU A 33 10.46 0.69 6.78
C GLU A 33 10.38 1.40 5.41
N GLN A 34 10.98 0.82 4.38
CA GLN A 34 10.90 1.46 3.02
C GLN A 34 9.45 1.63 2.59
N VAL A 35 8.54 0.79 3.05
CA VAL A 35 7.10 0.94 2.61
C VAL A 35 6.21 1.45 3.77
N GLU A 36 6.39 0.99 4.98
CA GLU A 36 5.51 1.48 6.11
C GLU A 36 5.67 2.98 6.37
N LYS A 37 6.81 3.58 6.03
CA LYS A 37 6.98 5.04 6.31
C LYS A 37 6.64 5.87 5.06
N GLU A 38 7.01 5.41 3.87
CA GLU A 38 6.67 6.21 2.65
C GLU A 38 5.15 6.16 2.41
N LEU A 39 4.52 5.03 2.64
CA LEU A 39 3.02 4.95 2.44
C LEU A 39 2.32 6.01 3.30
N LEU A 40 2.81 6.27 4.50
CA LEU A 40 2.14 7.31 5.36
C LEU A 40 2.13 8.67 4.63
N ARG A 41 3.18 9.00 3.90
CA ARG A 41 3.20 10.32 3.17
C ARG A 41 2.00 10.43 2.22
N VAL A 42 1.62 9.34 1.57
CA VAL A 42 0.44 9.41 0.62
C VAL A 42 -0.82 9.86 1.40
N GLY A 43 -1.00 9.38 2.62
CA GLY A 43 -2.20 9.77 3.41
C GLY A 43 -2.13 11.29 3.67
N GLN A 44 -1.01 11.80 4.15
CA GLN A 44 -0.92 13.28 4.41
C GLN A 44 -1.20 14.07 3.12
N ILE A 45 -0.75 13.57 1.97
CA ILE A 45 -1.02 14.32 0.68
C ILE A 45 -2.53 14.45 0.48
N LEU A 46 -3.29 13.40 0.69
CA LEU A 46 -4.78 13.52 0.51
C LEU A 46 -5.39 14.21 1.75
N LYS A 47 -4.80 14.04 2.92
CA LYS A 47 -5.36 14.72 4.14
C LYS A 47 -5.03 16.23 4.07
N GLU A 48 -3.92 16.59 3.43
CA GLU A 48 -3.57 18.06 3.35
C GLU A 48 -4.77 18.87 2.81
N PRO A 49 -5.03 20.02 3.40
CA PRO A 49 -6.18 20.85 2.93
C PRO A 49 -5.88 21.50 1.57
N LYS A 50 -4.65 21.86 1.30
CA LYS A 50 -4.33 22.48 -0.04
C LYS A 50 -4.22 21.37 -1.09
N MET A 51 -3.72 20.21 -0.71
CA MET A 51 -3.61 19.08 -1.70
C MET A 51 -4.92 18.27 -1.76
N ALA A 52 -5.70 18.23 -0.69
CA ALA A 52 -6.99 17.44 -0.73
C ALA A 52 -7.86 17.91 -1.91
N ALA A 53 -7.90 19.20 -2.17
CA ALA A 53 -8.73 19.70 -3.32
C ALA A 53 -8.13 19.20 -4.65
N SER A 54 -6.82 19.17 -4.77
CA SER A 54 -6.20 18.69 -6.06
C SER A 54 -6.35 17.16 -6.18
N LEU A 55 -6.21 16.43 -5.10
CA LEU A 55 -6.35 14.93 -5.18
C LEU A 55 -7.82 14.52 -5.34
N LEU A 56 -8.76 15.31 -4.84
CA LEU A 56 -10.21 14.94 -4.98
C LEU A 56 -10.88 15.69 -6.17
N ASN A 57 -10.29 16.77 -6.67
CA ASN A 57 -10.95 17.50 -7.82
C ASN A 57 -11.33 16.55 -8.96
N PRO A 58 -12.39 16.88 -9.67
CA PRO A 58 -12.82 16.04 -10.82
C PRO A 58 -12.00 16.34 -12.10
N TYR A 59 -11.04 17.26 -12.05
CA TYR A 59 -10.23 17.57 -13.27
C TYR A 59 -8.98 16.66 -13.33
N VAL A 60 -8.44 16.24 -12.20
CA VAL A 60 -7.22 15.34 -12.24
C VAL A 60 -7.48 14.10 -13.14
N LYS A 61 -8.72 13.65 -13.27
CA LYS A 61 -9.02 12.45 -14.12
C LYS A 61 -8.27 11.22 -13.60
N ARG A 62 -8.23 10.15 -14.37
CA ARG A 62 -7.52 8.92 -13.90
C ARG A 62 -6.19 8.74 -14.66
N SER A 63 -6.24 8.65 -15.98
CA SER A 63 -4.96 8.48 -16.75
C SER A 63 -4.01 9.65 -16.46
N VAL A 64 -4.53 10.87 -16.42
CA VAL A 64 -3.64 12.04 -16.10
C VAL A 64 -3.11 11.91 -14.66
N LYS A 65 -3.95 11.49 -13.73
CA LYS A 65 -3.47 11.33 -12.32
C LYS A 65 -2.30 10.34 -12.25
N VAL A 66 -2.33 9.28 -13.05
CA VAL A 66 -1.20 8.29 -13.01
C VAL A 66 0.12 8.99 -13.35
N LYS A 67 0.13 9.88 -14.32
CA LYS A 67 1.41 10.60 -14.67
C LYS A 67 1.83 11.49 -13.48
N SER A 68 0.89 12.15 -12.84
CA SER A 68 1.28 13.02 -11.66
C SER A 68 1.94 12.16 -10.57
N LEU A 69 1.46 10.95 -10.34
CA LEU A 69 2.10 10.09 -9.28
C LEU A 69 3.56 9.80 -9.67
N SER A 70 3.80 9.37 -10.89
CA SER A 70 5.22 9.09 -11.31
C SER A 70 6.04 10.40 -11.26
N ASP A 71 5.48 11.49 -11.76
CA ASP A 71 6.24 12.79 -11.72
C ASP A 71 6.35 13.31 -10.26
N MET A 72 5.51 12.84 -9.35
CA MET A 72 5.65 13.31 -7.93
C MET A 72 6.62 12.36 -7.23
N THR A 73 6.47 11.07 -7.44
CA THR A 73 7.42 10.08 -6.82
C THR A 73 8.85 10.41 -7.31
N ALA A 74 9.02 10.80 -8.56
CA ALA A 74 10.41 11.13 -9.06
C ALA A 74 11.02 12.27 -8.22
N LYS A 75 10.22 13.26 -7.84
CA LYS A 75 10.76 14.38 -7.00
C LYS A 75 10.63 14.05 -5.51
N GLU A 76 9.61 13.32 -5.10
CA GLU A 76 9.46 12.97 -3.64
C GLU A 76 10.55 11.98 -3.18
N LYS A 77 11.29 11.34 -4.08
CA LYS A 77 12.35 10.37 -3.65
C LYS A 77 11.71 9.25 -2.82
N PHE A 78 10.62 8.67 -3.30
CA PHE A 78 9.95 7.57 -2.53
C PHE A 78 10.94 6.44 -2.23
N SER A 79 10.48 5.32 -1.71
CA SER A 79 11.41 4.20 -1.41
C SER A 79 11.41 3.24 -2.59
N PRO A 80 12.20 2.19 -2.51
CA PRO A 80 12.24 1.22 -3.61
C PRO A 80 10.93 0.43 -3.72
N LEU A 81 10.08 0.45 -2.70
CA LEU A 81 8.79 -0.29 -2.81
C LEU A 81 7.60 0.66 -2.70
N THR A 82 7.77 1.94 -3.00
CA THR A 82 6.61 2.88 -2.90
C THR A 82 6.25 3.53 -4.25
N SER A 83 6.85 3.14 -5.36
CA SER A 83 6.46 3.73 -6.67
C SER A 83 5.73 2.66 -7.50
N ASN A 84 4.91 1.87 -6.83
CA ASN A 84 4.11 0.81 -7.53
C ASN A 84 2.76 0.77 -6.82
N LEU A 85 2.77 0.46 -5.53
CA LEU A 85 1.49 0.53 -4.75
C LEU A 85 0.92 1.96 -4.88
N ILE A 86 1.76 2.97 -5.08
CA ILE A 86 1.21 4.36 -5.22
C ILE A 86 0.23 4.42 -6.41
N ASN A 87 0.52 3.71 -7.50
CA ASN A 87 -0.42 3.74 -8.66
C ASN A 87 -1.73 3.04 -8.25
N LEU A 88 -1.65 1.88 -7.63
CA LEU A 88 -2.91 1.17 -7.19
C LEU A 88 -3.79 2.12 -6.37
N LEU A 89 -3.18 2.92 -5.50
CA LEU A 89 -4.02 3.88 -4.68
C LEU A 89 -4.74 4.85 -5.63
N ALA A 90 -4.08 5.30 -6.68
CA ALA A 90 -4.76 6.23 -7.64
C ALA A 90 -5.09 5.47 -8.95
N GLU A 91 -5.33 4.16 -8.88
CA GLU A 91 -5.66 3.40 -10.13
C GLU A 91 -7.17 3.16 -10.22
N ASN A 92 -7.79 2.70 -9.17
CA ASN A 92 -9.27 2.45 -9.21
C ASN A 92 -10.04 3.41 -8.29
N GLY A 93 -9.53 4.60 -8.05
CA GLY A 93 -10.25 5.55 -7.16
C GLY A 93 -10.00 5.18 -5.70
N ARG A 94 -8.75 4.99 -5.31
CA ARG A 94 -8.47 4.63 -3.89
C ARG A 94 -7.87 5.83 -3.12
N LEU A 95 -8.26 7.05 -3.46
CA LEU A 95 -7.72 8.23 -2.72
C LEU A 95 -8.83 8.78 -1.82
N THR A 96 -8.96 8.20 -0.66
CA THR A 96 -10.02 8.62 0.33
C THR A 96 -9.75 7.90 1.65
N ASN A 97 -9.60 6.58 1.60
CA ASN A 97 -9.24 5.83 2.83
C ASN A 97 -7.71 5.57 2.86
N THR A 98 -6.90 6.35 2.12
CA THR A 98 -5.39 6.16 2.12
C THR A 98 -4.84 5.76 3.50
N PRO A 99 -5.16 6.53 4.53
CA PRO A 99 -4.65 6.19 5.89
C PRO A 99 -5.18 4.81 6.33
N ALA A 100 -6.41 4.47 5.99
CA ALA A 100 -6.94 3.12 6.37
C ALA A 100 -6.06 2.03 5.72
N VAL A 101 -5.59 2.26 4.50
CA VAL A 101 -4.72 1.23 3.82
C VAL A 101 -3.39 1.10 4.61
N ILE A 102 -2.83 2.21 5.05
CA ILE A 102 -1.53 2.13 5.80
C ILE A 102 -1.76 1.52 7.21
N SER A 103 -2.89 1.78 7.83
CA SER A 103 -3.14 1.20 9.21
C SER A 103 -3.00 -0.33 9.15
N ALA A 104 -3.55 -0.98 8.15
CA ALA A 104 -3.41 -2.47 8.05
C ALA A 104 -1.92 -2.84 7.96
N PHE A 105 -1.11 -2.02 7.29
CA PHE A 105 0.37 -2.33 7.20
C PHE A 105 0.97 -2.47 8.60
N SER A 106 0.67 -1.54 9.48
CA SER A 106 1.24 -1.65 10.88
C SER A 106 0.67 -2.90 11.58
N THR A 107 -0.56 -3.27 11.29
CA THR A 107 -1.13 -4.49 11.98
C THR A 107 -0.48 -5.75 11.41
N MET A 108 -0.34 -5.86 10.10
CA MET A 108 0.33 -7.09 9.55
C MET A 108 1.84 -6.97 9.79
N MET A 109 2.39 -5.76 9.73
CA MET A 109 3.86 -5.61 9.99
C MET A 109 4.19 -6.19 11.37
N SER A 110 3.34 -5.99 12.37
CA SER A 110 3.65 -6.60 13.71
C SER A 110 3.75 -8.13 13.60
N VAL A 111 2.96 -8.75 12.74
CA VAL A 111 3.06 -10.24 12.59
C VAL A 111 4.33 -10.65 11.80
N HIS A 112 5.04 -9.72 11.18
CA HIS A 112 6.27 -10.11 10.45
C HIS A 112 7.47 -10.17 11.42
N ARG A 113 7.41 -9.49 12.57
CA ARG A 113 8.57 -9.56 13.52
C ARG A 113 8.54 -10.88 14.31
N GLY A 114 7.36 -11.37 14.67
CA GLY A 114 7.29 -12.65 15.43
C GLY A 114 6.83 -13.79 14.51
N GLU A 115 7.30 -13.82 13.28
CA GLU A 115 6.88 -14.92 12.36
C GLU A 115 7.89 -15.09 11.21
N VAL A 116 9.18 -14.99 11.49
CA VAL A 116 10.19 -15.16 10.40
C VAL A 116 11.36 -16.05 10.90
N PRO A 117 11.67 -17.09 10.17
CA PRO A 117 12.76 -18.00 10.58
C PRO A 117 14.13 -17.31 10.35
N CYS A 118 15.17 -17.77 11.02
CA CYS A 118 16.51 -17.14 10.82
C CYS A 118 17.61 -18.21 10.84
N THR A 119 18.65 -18.04 10.05
CA THR A 119 19.76 -19.05 10.04
C THR A 119 21.12 -18.37 9.93
N VAL A 120 21.31 -17.27 10.63
CA VAL A 120 22.62 -16.56 10.56
C VAL A 120 22.94 -15.89 11.91
N GLN B 1 -17.73 -12.66 -14.95
CA GLN B 1 -18.17 -11.26 -14.70
C GLN B 1 -16.97 -10.39 -14.30
N LYS B 2 -16.30 -10.71 -13.22
CA LYS B 2 -15.12 -9.90 -12.77
C LYS B 2 -15.50 -8.41 -12.67
N THR B 3 -15.92 -7.95 -11.51
CA THR B 3 -16.29 -6.51 -11.36
C THR B 3 -15.75 -5.96 -10.03
N GLY B 4 -14.79 -5.05 -10.09
CA GLY B 4 -14.22 -4.49 -8.83
C GLY B 4 -12.70 -4.67 -8.82
N THR B 5 -12.16 -5.37 -7.84
CA THR B 5 -10.68 -5.57 -7.80
C THR B 5 -10.36 -7.07 -7.60
N ALA B 6 -9.11 -7.45 -7.72
CA ALA B 6 -8.75 -8.89 -7.54
C ALA B 6 -7.40 -9.02 -6.83
N GLU B 7 -7.14 -8.21 -5.82
CA GLU B 7 -5.83 -8.28 -5.09
C GLU B 7 -4.67 -8.14 -6.09
N VAL B 8 -4.72 -7.13 -6.94
CA VAL B 8 -3.61 -6.94 -7.95
C VAL B 8 -2.27 -6.82 -7.21
N SER B 9 -2.22 -6.09 -6.11
CA SER B 9 -0.92 -5.96 -5.36
C SER B 9 -0.42 -7.37 -4.99
N SER B 10 -1.31 -8.28 -4.63
CA SER B 10 -0.85 -9.67 -4.28
C SER B 10 -0.39 -10.38 -5.57
N ILE B 11 -1.11 -10.22 -6.66
CA ILE B 11 -0.68 -10.88 -7.93
C ILE B 11 0.67 -10.29 -8.38
N LEU B 12 0.87 -9.00 -8.21
CA LEU B 12 2.19 -8.39 -8.64
C LEU B 12 3.35 -9.06 -7.88
N GLU B 13 3.16 -9.43 -6.63
CA GLU B 13 4.28 -10.09 -5.86
C GLU B 13 4.73 -11.37 -6.59
N GLU B 14 3.79 -12.15 -7.10
CA GLU B 14 4.19 -13.41 -7.82
C GLU B 14 5.05 -13.06 -9.04
N ARG B 15 4.71 -12.01 -9.77
CA ARG B 15 5.54 -11.64 -10.97
C ARG B 15 7.00 -11.36 -10.57
N ILE B 16 7.24 -10.79 -9.40
CA ILE B 16 8.65 -10.51 -8.99
C ILE B 16 9.20 -11.65 -8.12
N LEU B 17 8.39 -12.19 -7.22
CA LEU B 17 8.87 -13.30 -6.36
C LEU B 17 8.08 -14.59 -6.65
N GLY B 18 8.65 -15.75 -6.34
CA GLY B 18 7.92 -17.02 -6.60
C GLY B 18 6.90 -17.27 -5.49
N ALA B 19 6.81 -18.47 -4.97
CA ALA B 19 5.84 -18.77 -3.88
C ALA B 19 6.57 -19.26 -2.62
N ASP B 20 5.95 -19.15 -1.47
CA ASP B 20 6.62 -19.61 -0.22
C ASP B 20 5.74 -20.64 0.52
N THR B 21 4.53 -20.27 0.89
CA THR B 21 3.64 -21.23 1.61
C THR B 21 2.38 -21.51 0.77
N SER B 22 2.00 -22.76 0.63
CA SER B 22 0.78 -23.08 -0.18
C SER B 22 -0.08 -24.12 0.55
N VAL B 23 -0.50 -23.85 1.77
CA VAL B 23 -1.33 -24.83 2.52
C VAL B 23 -2.48 -24.10 3.25
N ASP B 24 -3.15 -23.17 2.59
CA ASP B 24 -4.27 -22.44 3.26
C ASP B 24 -5.41 -22.18 2.26
N LEU B 25 -6.54 -21.70 2.72
CA LEU B 25 -7.69 -21.42 1.78
C LEU B 25 -8.01 -22.66 0.94
N PHE A 1 6.28 -6.98 34.50
CA PHE A 1 5.05 -6.44 33.86
C PHE A 1 5.41 -5.65 32.59
N ALA A 2 4.61 -5.75 31.56
CA ALA A 2 4.91 -5.00 30.29
C ALA A 2 3.67 -4.27 29.78
N LYS A 3 3.79 -3.50 28.72
CA LYS A 3 2.60 -2.75 28.20
C LYS A 3 2.35 -3.14 26.73
N LEU A 4 1.66 -4.25 26.49
CA LEU A 4 1.38 -4.67 25.09
C LEU A 4 -0.08 -5.14 24.96
N VAL A 5 -0.62 -5.13 23.76
CA VAL A 5 -2.04 -5.59 23.58
C VAL A 5 -2.17 -6.40 22.28
N ARG A 6 -2.97 -7.45 22.28
CA ARG A 6 -3.14 -8.27 21.05
C ARG A 6 -4.59 -8.75 20.92
N PRO A 7 -5.44 -7.90 20.39
CA PRO A 7 -6.87 -8.27 20.23
C PRO A 7 -7.03 -9.29 19.09
N PRO A 8 -8.21 -9.86 18.99
CA PRO A 8 -8.46 -10.87 17.92
C PRO A 8 -8.56 -10.17 16.54
N VAL A 9 -9.26 -9.06 16.46
CA VAL A 9 -9.38 -8.35 15.13
C VAL A 9 -7.98 -7.97 14.62
N GLN A 10 -7.60 -8.42 13.43
CA GLN A 10 -6.26 -8.06 12.89
C GLN A 10 -6.40 -7.22 11.62
N ILE A 11 -7.11 -7.70 10.62
CA ILE A 11 -7.28 -6.92 9.37
C ILE A 11 -8.78 -6.74 9.07
N TYR A 12 -9.18 -5.61 8.52
CA TYR A 12 -10.63 -5.35 8.28
C TYR A 12 -10.84 -4.38 7.10
N GLY A 13 -10.86 -4.89 5.88
CA GLY A 13 -11.06 -3.99 4.72
C GLY A 13 -10.03 -4.32 3.62
N ILE A 14 -10.48 -4.81 2.47
CA ILE A 14 -9.51 -5.16 1.36
C ILE A 14 -8.50 -4.01 1.12
N GLU A 15 -8.88 -2.76 1.33
CA GLU A 15 -7.90 -1.63 1.13
C GLU A 15 -6.63 -1.88 1.97
N GLY A 16 -6.76 -2.46 3.15
CA GLY A 16 -5.55 -2.74 3.98
C GLY A 16 -4.73 -3.83 3.28
N ARG A 17 -5.38 -4.84 2.72
CA ARG A 17 -4.61 -5.93 2.02
C ARG A 17 -3.72 -5.33 0.91
N TYR A 18 -4.08 -4.20 0.33
CA TYR A 18 -3.21 -3.61 -0.75
C TYR A 18 -1.80 -3.36 -0.20
N ALA A 19 -1.69 -2.75 0.96
CA ALA A 19 -0.32 -2.50 1.53
C ALA A 19 0.25 -3.84 2.03
N THR A 20 -0.56 -4.69 2.63
CA THR A 20 -0.03 -6.00 3.12
C THR A 20 0.38 -6.88 1.93
N ALA A 21 -0.31 -6.80 0.80
CA ALA A 21 0.12 -7.63 -0.37
C ALA A 21 1.35 -6.98 -1.06
N LEU A 22 1.69 -5.74 -0.74
CA LEU A 22 2.89 -5.11 -1.37
C LEU A 22 4.07 -5.24 -0.41
N TYR A 23 3.85 -4.98 0.87
CA TYR A 23 4.97 -5.15 1.83
C TYR A 23 5.21 -6.67 2.09
N SER A 24 4.28 -7.56 1.73
CA SER A 24 4.54 -9.04 1.95
C SER A 24 5.93 -9.38 1.37
N ALA A 25 6.26 -8.83 0.21
CA ALA A 25 7.63 -9.06 -0.35
C ALA A 25 8.59 -8.21 0.49
N ALA A 26 8.21 -6.98 0.82
CA ALA A 26 9.11 -6.11 1.67
C ALA A 26 9.49 -6.84 2.97
N SER A 27 8.55 -7.57 3.57
CA SER A 27 8.88 -8.31 4.85
C SER A 27 10.06 -9.26 4.58
N LYS A 28 10.05 -9.95 3.46
CA LYS A 28 11.20 -10.88 3.16
C LYS A 28 12.47 -10.05 2.94
N GLN A 29 12.37 -8.92 2.29
CA GLN A 29 13.60 -8.06 2.08
C GLN A 29 13.83 -7.11 3.28
N ASN A 30 13.01 -7.15 4.32
CA ASN A 30 13.21 -6.25 5.50
C ASN A 30 12.99 -4.79 5.08
N LYS A 31 11.97 -4.53 4.27
CA LYS A 31 11.70 -3.13 3.83
C LYS A 31 10.45 -2.55 4.54
N LEU A 32 9.95 -3.17 5.61
CA LEU A 32 8.74 -2.61 6.32
C LEU A 32 8.93 -1.11 6.58
N GLU A 33 10.13 -0.68 6.91
CA GLU A 33 10.37 0.79 7.11
C GLU A 33 10.39 1.47 5.73
N GLN A 34 11.04 0.87 4.77
CA GLN A 34 11.07 1.48 3.38
C GLN A 34 9.65 1.59 2.82
N VAL A 35 8.74 0.72 3.20
CA VAL A 35 7.35 0.82 2.64
C VAL A 35 6.39 1.46 3.66
N GLU A 36 6.50 1.13 4.93
CA GLU A 36 5.57 1.76 5.95
C GLU A 36 5.84 3.27 6.10
N LYS A 37 7.05 3.72 5.86
CA LYS A 37 7.33 5.19 6.01
C LYS A 37 7.06 5.90 4.69
N GLU A 38 7.44 5.30 3.57
CA GLU A 38 7.17 5.96 2.25
C GLU A 38 5.66 5.87 1.96
N LEU A 39 5.05 4.72 2.20
CA LEU A 39 3.56 4.61 1.96
C LEU A 39 2.83 5.60 2.89
N LEU A 40 3.29 5.77 4.12
CA LEU A 40 2.60 6.75 5.04
C LEU A 40 2.59 8.15 4.41
N ARG A 41 3.63 8.53 3.69
CA ARG A 41 3.66 9.89 3.05
C ARG A 41 2.42 10.06 2.15
N VAL A 42 2.02 9.04 1.43
CA VAL A 42 0.81 9.17 0.55
C VAL A 42 -0.43 9.50 1.42
N GLY A 43 -0.54 8.88 2.59
CA GLY A 43 -1.70 9.18 3.46
C GLY A 43 -1.65 10.64 3.91
N GLN A 44 -0.49 11.11 4.36
CA GLN A 44 -0.39 12.54 4.80
C GLN A 44 -0.65 13.48 3.61
N ILE A 45 -0.12 13.15 2.44
CA ILE A 45 -0.37 14.02 1.24
C ILE A 45 -1.87 14.03 0.93
N LEU A 46 -2.50 12.88 0.95
CA LEU A 46 -3.98 12.85 0.65
C LEU A 46 -4.78 13.50 1.80
N LYS A 47 -4.32 13.39 3.03
CA LYS A 47 -5.06 14.06 4.16
C LYS A 47 -4.83 15.57 4.07
N GLU A 48 -3.65 15.99 3.63
CA GLU A 48 -3.37 17.47 3.51
C GLU A 48 -4.50 18.18 2.72
N PRO A 49 -4.88 19.35 3.16
CA PRO A 49 -5.95 20.11 2.46
C PRO A 49 -5.40 20.67 1.13
N LYS A 50 -4.19 21.17 1.13
CA LYS A 50 -3.62 21.73 -0.16
C LYS A 50 -3.42 20.60 -1.18
N MET A 51 -3.10 19.39 -0.74
CA MET A 51 -2.91 18.26 -1.72
C MET A 51 -4.23 17.50 -1.93
N ALA A 52 -5.05 17.37 -0.90
CA ALA A 52 -6.36 16.63 -1.09
C ALA A 52 -7.15 17.26 -2.24
N ALA A 53 -7.19 18.57 -2.33
CA ALA A 53 -7.94 19.23 -3.46
C ALA A 53 -7.38 18.78 -4.82
N SER A 54 -6.12 18.35 -4.89
CA SER A 54 -5.56 17.91 -6.22
C SER A 54 -5.58 16.37 -6.33
N LEU A 55 -5.12 15.67 -5.32
CA LEU A 55 -5.13 14.16 -5.42
C LEU A 55 -6.59 13.65 -5.47
N LEU A 56 -7.51 14.31 -4.81
CA LEU A 56 -8.94 13.82 -4.85
C LEU A 56 -9.80 14.69 -5.80
N ASN A 57 -9.21 15.46 -6.71
CA ASN A 57 -10.06 16.28 -7.63
C ASN A 57 -10.60 15.40 -8.77
N PRO A 58 -11.90 15.44 -8.99
CA PRO A 58 -12.50 14.65 -10.10
C PRO A 58 -12.34 15.37 -11.47
N TYR A 59 -11.62 16.48 -11.54
CA TYR A 59 -11.45 17.19 -12.84
C TYR A 59 -10.16 16.74 -13.55
N VAL A 60 -9.12 16.37 -12.82
CA VAL A 60 -7.85 15.93 -13.50
C VAL A 60 -8.15 14.80 -14.52
N LYS A 61 -8.20 13.54 -14.09
CA LYS A 61 -8.50 12.42 -15.07
C LYS A 61 -8.34 11.05 -14.39
N ARG A 62 -8.44 9.97 -15.14
CA ARG A 62 -8.28 8.60 -14.52
C ARG A 62 -6.86 8.07 -14.81
N SER A 63 -6.40 8.16 -16.04
CA SER A 63 -5.02 7.65 -16.36
C SER A 63 -4.01 8.81 -16.30
N VAL A 64 -4.38 9.99 -16.76
CA VAL A 64 -3.40 11.14 -16.71
C VAL A 64 -3.02 11.42 -15.25
N LYS A 65 -3.98 11.45 -14.34
CA LYS A 65 -3.64 11.71 -12.89
C LYS A 65 -2.58 10.69 -12.41
N VAL A 66 -2.66 9.45 -12.85
CA VAL A 66 -1.63 8.43 -12.40
C VAL A 66 -0.24 8.88 -12.86
N LYS A 67 -0.11 9.39 -14.07
CA LYS A 67 1.24 9.84 -14.56
C LYS A 67 1.81 10.91 -13.61
N SER A 68 0.98 11.79 -13.08
CA SER A 68 1.49 12.84 -12.13
C SER A 68 2.19 12.17 -10.92
N LEU A 69 1.68 11.05 -10.45
CA LEU A 69 2.34 10.37 -9.28
C LEU A 69 3.78 10.01 -9.63
N SER A 70 4.01 9.45 -10.81
CA SER A 70 5.43 9.10 -11.20
C SER A 70 6.29 10.36 -11.20
N ASP A 71 5.78 11.45 -11.72
CA ASP A 71 6.59 12.73 -11.73
C ASP A 71 6.75 13.28 -10.29
N MET A 72 5.86 12.94 -9.38
CA MET A 72 6.02 13.43 -7.97
C MET A 72 6.92 12.43 -7.24
N THR A 73 6.68 11.15 -7.44
CA THR A 73 7.56 10.11 -6.80
C THR A 73 9.02 10.38 -7.21
N ALA A 74 9.28 10.79 -8.45
CA ALA A 74 10.70 11.07 -8.85
C ALA A 74 11.25 12.23 -8.01
N LYS A 75 10.45 13.26 -7.76
CA LYS A 75 10.94 14.40 -6.92
C LYS A 75 10.89 14.02 -5.43
N GLU A 76 9.91 13.25 -5.01
CA GLU A 76 9.84 12.84 -3.55
C GLU A 76 10.94 11.82 -3.21
N LYS A 77 11.63 11.23 -4.18
CA LYS A 77 12.69 10.23 -3.86
C LYS A 77 12.09 9.05 -3.09
N PHE A 78 10.96 8.53 -3.54
CA PHE A 78 10.33 7.36 -2.82
C PHE A 78 11.34 6.18 -2.75
N SER A 79 10.92 5.04 -2.27
CA SER A 79 11.85 3.89 -2.18
C SER A 79 11.45 2.84 -3.22
N PRO A 80 12.04 1.66 -3.15
CA PRO A 80 11.70 0.61 -4.14
C PRO A 80 10.33 -0.04 -3.85
N LEU A 81 9.66 0.30 -2.75
CA LEU A 81 8.33 -0.31 -2.49
C LEU A 81 7.24 0.76 -2.44
N THR A 82 7.52 1.98 -2.86
CA THR A 82 6.47 3.03 -2.82
C THR A 82 6.11 3.60 -4.21
N SER A 83 6.74 3.15 -5.29
CA SER A 83 6.35 3.68 -6.64
C SER A 83 5.62 2.57 -7.42
N ASN A 84 4.83 1.79 -6.73
CA ASN A 84 4.03 0.70 -7.38
C ASN A 84 2.66 0.72 -6.72
N LEU A 85 2.62 0.48 -5.42
CA LEU A 85 1.33 0.61 -4.68
C LEU A 85 0.81 2.06 -4.86
N ILE A 86 1.70 3.03 -5.07
CA ILE A 86 1.22 4.44 -5.28
C ILE A 86 0.31 4.50 -6.52
N ASN A 87 0.62 3.77 -7.57
CA ASN A 87 -0.26 3.81 -8.79
C ASN A 87 -1.61 3.15 -8.44
N LEU A 88 -1.58 2.02 -7.75
CA LEU A 88 -2.87 1.33 -7.38
C LEU A 88 -3.76 2.31 -6.59
N LEU A 89 -3.19 3.07 -5.69
CA LEU A 89 -4.03 4.04 -4.90
C LEU A 89 -4.69 5.04 -5.85
N ALA A 90 -3.98 5.49 -6.85
CA ALA A 90 -4.59 6.46 -7.82
C ALA A 90 -4.97 5.74 -9.13
N GLU A 91 -5.23 4.45 -9.11
CA GLU A 91 -5.61 3.74 -10.38
C GLU A 91 -7.13 3.55 -10.44
N ASN A 92 -7.72 2.95 -9.43
CA ASN A 92 -9.20 2.75 -9.45
C ASN A 92 -9.90 3.89 -8.67
N GLY A 93 -9.31 4.39 -7.61
CA GLY A 93 -9.95 5.48 -6.83
C GLY A 93 -9.86 5.15 -5.33
N ARG A 94 -8.66 5.04 -4.80
CA ARG A 94 -8.52 4.71 -3.35
C ARG A 94 -7.86 5.86 -2.59
N LEU A 95 -8.16 7.10 -2.94
CA LEU A 95 -7.56 8.25 -2.17
C LEU A 95 -8.61 8.87 -1.23
N THR A 96 -9.55 8.08 -0.74
CA THR A 96 -10.57 8.59 0.22
C THR A 96 -10.27 7.94 1.58
N ASN A 97 -10.22 6.63 1.62
CA ASN A 97 -9.87 5.92 2.88
C ASN A 97 -8.40 5.47 2.83
N THR A 98 -7.51 6.24 2.19
CA THR A 98 -6.07 5.82 2.13
C THR A 98 -5.46 5.57 3.52
N PRO A 99 -5.82 6.34 4.55
CA PRO A 99 -5.23 6.06 5.90
C PRO A 99 -5.61 4.64 6.35
N ALA A 100 -6.81 4.17 6.04
CA ALA A 100 -7.19 2.76 6.42
C ALA A 100 -6.23 1.76 5.75
N VAL A 101 -5.78 2.05 4.54
CA VAL A 101 -4.83 1.09 3.85
C VAL A 101 -3.51 1.04 4.63
N ILE A 102 -3.04 2.16 5.14
CA ILE A 102 -1.75 2.15 5.91
C ILE A 102 -1.96 1.57 7.32
N SER A 103 -3.12 1.79 7.94
CA SER A 103 -3.34 1.22 9.32
C SER A 103 -3.16 -0.30 9.30
N ALA A 104 -3.73 -0.98 8.32
CA ALA A 104 -3.55 -2.47 8.24
C ALA A 104 -2.05 -2.81 8.16
N PHE A 105 -1.25 -1.97 7.52
CA PHE A 105 0.23 -2.24 7.43
C PHE A 105 0.82 -2.41 8.84
N SER A 106 0.47 -1.51 9.75
CA SER A 106 1.02 -1.64 11.14
C SER A 106 0.45 -2.91 11.81
N THR A 107 -0.77 -3.31 11.49
CA THR A 107 -1.34 -4.54 12.13
C THR A 107 -0.66 -5.78 11.57
N MET A 108 -0.48 -5.89 10.26
CA MET A 108 0.22 -7.10 9.74
C MET A 108 1.73 -6.95 10.00
N MET A 109 2.26 -5.73 9.95
CA MET A 109 3.72 -5.55 10.24
C MET A 109 4.03 -6.14 11.62
N SER A 110 3.16 -5.98 12.60
CA SER A 110 3.45 -6.61 13.94
C SER A 110 3.57 -8.13 13.79
N VAL A 111 2.82 -8.73 12.89
CA VAL A 111 2.93 -10.23 12.71
C VAL A 111 4.19 -10.59 11.89
N HIS A 112 4.90 -9.64 11.31
CA HIS A 112 6.13 -9.99 10.55
C HIS A 112 7.35 -10.04 11.50
N ARG A 113 7.30 -9.32 12.62
CA ARG A 113 8.47 -9.35 13.56
C ARG A 113 8.23 -10.38 14.69
N GLY A 114 7.00 -10.54 15.14
CA GLY A 114 6.73 -11.52 16.23
C GLY A 114 7.14 -12.93 15.79
N GLU A 115 6.92 -13.29 14.53
CA GLU A 115 7.31 -14.65 14.06
C GLU A 115 8.69 -14.61 13.37
N VAL A 116 8.97 -13.59 12.59
CA VAL A 116 10.30 -13.51 11.90
C VAL A 116 11.08 -12.31 12.44
N PRO A 117 11.67 -12.46 13.61
CA PRO A 117 12.46 -11.35 14.20
C PRO A 117 13.79 -11.18 13.46
N CYS A 118 14.47 -12.27 13.14
CA CYS A 118 15.77 -12.16 12.41
C CYS A 118 15.71 -12.95 11.10
N THR A 119 16.44 -12.51 10.08
CA THR A 119 16.40 -13.24 8.78
C THR A 119 17.84 -13.60 8.33
N VAL A 120 18.41 -14.66 8.87
CA VAL A 120 19.79 -15.04 8.46
C VAL A 120 19.93 -16.57 8.38
N GLN B 1 -18.94 -11.12 -20.70
CA GLN B 1 -17.48 -10.98 -20.43
C GLN B 1 -17.23 -9.79 -19.49
N LYS B 2 -17.31 -9.99 -18.18
CA LYS B 2 -17.08 -8.86 -17.24
C LYS B 2 -16.27 -9.36 -16.02
N THR B 3 -15.58 -8.47 -15.33
CA THR B 3 -14.78 -8.89 -14.15
C THR B 3 -14.91 -7.86 -13.02
N GLY B 4 -14.66 -8.24 -11.79
CA GLY B 4 -14.77 -7.26 -10.66
C GLY B 4 -13.41 -7.10 -9.98
N THR B 5 -13.25 -7.59 -8.76
CA THR B 5 -11.94 -7.44 -8.07
C THR B 5 -11.33 -8.83 -7.80
N ALA B 6 -10.02 -8.96 -7.87
CA ALA B 6 -9.37 -10.28 -7.62
C ALA B 6 -8.02 -10.09 -6.91
N GLU B 7 -7.93 -9.19 -5.95
CA GLU B 7 -6.63 -8.96 -5.23
C GLU B 7 -5.54 -8.60 -6.25
N VAL B 8 -5.80 -7.61 -7.09
CA VAL B 8 -4.75 -7.21 -8.11
C VAL B 8 -3.46 -6.81 -7.39
N SER B 9 -3.55 -6.05 -6.30
CA SER B 9 -2.30 -5.66 -5.56
C SER B 9 -1.52 -6.93 -5.19
N SER B 10 -2.20 -7.99 -4.81
CA SER B 10 -1.47 -9.27 -4.46
C SER B 10 -0.87 -9.86 -5.74
N ILE B 11 -1.61 -9.87 -6.83
CA ILE B 11 -1.05 -10.43 -8.11
C ILE B 11 0.12 -9.55 -8.58
N LEU B 12 0.00 -8.24 -8.44
CA LEU B 12 1.13 -7.35 -8.89
C LEU B 12 2.40 -7.68 -8.10
N GLU B 13 2.29 -7.99 -6.82
CA GLU B 13 3.53 -8.31 -6.02
C GLU B 13 4.25 -9.52 -6.64
N GLU B 14 3.52 -10.51 -7.10
CA GLU B 14 4.20 -11.71 -7.72
C GLU B 14 4.90 -11.29 -9.03
N ARG B 15 4.30 -10.42 -9.80
CA ARG B 15 4.95 -9.99 -11.10
C ARG B 15 6.25 -9.21 -10.80
N ILE B 16 6.31 -8.43 -9.74
CA ILE B 16 7.57 -7.67 -9.45
C ILE B 16 8.58 -8.54 -8.66
N LEU B 17 8.11 -9.48 -7.86
CA LEU B 17 9.08 -10.35 -7.09
C LEU B 17 9.03 -11.78 -7.62
N GLY B 18 9.82 -12.11 -8.63
CA GLY B 18 9.81 -13.49 -9.17
C GLY B 18 11.25 -13.93 -9.48
N ALA B 19 11.93 -13.23 -10.38
CA ALA B 19 13.34 -13.62 -10.71
C ALA B 19 14.25 -12.38 -10.68
N ASP B 20 15.46 -12.52 -10.21
CA ASP B 20 16.39 -11.34 -10.17
C ASP B 20 17.82 -11.77 -10.52
N THR B 21 18.40 -12.68 -9.77
CA THR B 21 19.79 -13.13 -10.09
C THR B 21 19.88 -14.66 -10.05
N SER B 22 20.72 -15.26 -10.85
CA SER B 22 20.85 -16.75 -10.85
C SER B 22 22.31 -17.17 -11.07
N VAL B 23 22.85 -18.02 -10.21
CA VAL B 23 24.27 -18.45 -10.39
C VAL B 23 24.40 -19.96 -10.07
N ASP B 24 23.74 -20.80 -10.82
CA ASP B 24 23.84 -22.27 -10.55
C ASP B 24 24.24 -23.02 -11.83
N LEU B 25 25.04 -24.06 -11.70
CA LEU B 25 25.47 -24.83 -12.92
C LEU B 25 25.01 -26.28 -12.82
N PHE A 1 -18.81 -0.31 -2.82
CA PHE A 1 -19.13 -0.03 -1.40
C PHE A 1 -19.86 -1.23 -0.77
N ALA A 2 -19.59 -1.54 0.48
CA ALA A 2 -20.26 -2.70 1.14
C ALA A 2 -20.71 -2.32 2.55
N LYS A 3 -21.07 -3.29 3.37
CA LYS A 3 -21.52 -2.98 4.76
C LYS A 3 -20.88 -3.95 5.76
N LEU A 4 -19.92 -3.51 6.56
CA LEU A 4 -19.27 -4.43 7.54
C LEU A 4 -19.54 -3.94 8.97
N VAL A 5 -19.73 -4.85 9.91
CA VAL A 5 -20.00 -4.43 11.32
C VAL A 5 -19.15 -5.28 12.29
N ARG A 6 -17.86 -5.04 12.35
CA ARG A 6 -16.99 -5.83 13.28
C ARG A 6 -15.92 -4.93 13.92
N PRO A 7 -15.49 -5.29 15.10
CA PRO A 7 -14.46 -4.48 15.79
C PRO A 7 -13.09 -4.68 15.13
N PRO A 8 -12.33 -3.60 14.98
CA PRO A 8 -11.00 -3.70 14.33
C PRO A 8 -9.99 -4.35 15.29
N VAL A 9 -9.59 -5.58 15.04
CA VAL A 9 -8.61 -6.25 15.94
C VAL A 9 -7.29 -6.51 15.18
N GLN A 10 -7.33 -7.25 14.10
CA GLN A 10 -6.08 -7.53 13.32
C GLN A 10 -6.14 -6.78 11.98
N ILE A 11 -7.17 -7.00 11.20
CA ILE A 11 -7.29 -6.29 9.90
C ILE A 11 -8.75 -5.87 9.65
N TYR A 12 -8.96 -4.73 9.05
CA TYR A 12 -10.38 -4.23 8.87
C TYR A 12 -10.48 -3.33 7.62
N GLY A 13 -10.66 -3.91 6.46
CA GLY A 13 -10.77 -3.07 5.23
C GLY A 13 -9.89 -3.66 4.12
N ILE A 14 -10.47 -4.16 3.05
CA ILE A 14 -9.65 -4.74 1.92
C ILE A 14 -8.53 -3.74 1.50
N GLU A 15 -8.77 -2.45 1.59
CA GLU A 15 -7.71 -1.44 1.21
C GLU A 15 -6.40 -1.75 1.95
N GLY A 16 -6.47 -2.16 3.20
CA GLY A 16 -5.23 -2.48 3.96
C GLY A 16 -4.49 -3.63 3.24
N ARG A 17 -5.20 -4.60 2.69
CA ARG A 17 -4.52 -5.73 1.98
C ARG A 17 -3.61 -5.19 0.86
N TYR A 18 -3.88 -4.02 0.30
CA TYR A 18 -2.98 -3.49 -0.79
C TYR A 18 -1.56 -3.34 -0.24
N ALA A 19 -1.41 -2.66 0.88
CA ALA A 19 -0.04 -2.51 1.46
C ALA A 19 0.42 -3.86 2.04
N THR A 20 -0.49 -4.65 2.59
CA THR A 20 -0.07 -5.98 3.14
C THR A 20 0.33 -6.93 2.00
N ALA A 21 -0.33 -6.87 0.87
CA ALA A 21 0.07 -7.78 -0.27
C ALA A 21 1.30 -7.20 -1.02
N LEU A 22 1.72 -5.98 -0.70
CA LEU A 22 2.93 -5.41 -1.38
C LEU A 22 4.14 -5.60 -0.48
N TYR A 23 3.99 -5.41 0.81
CA TYR A 23 5.15 -5.63 1.71
C TYR A 23 5.40 -7.15 1.87
N SER A 24 4.47 -8.03 1.51
CA SER A 24 4.76 -9.52 1.63
C SER A 24 6.11 -9.82 0.98
N ALA A 25 6.42 -9.16 -0.12
CA ALA A 25 7.76 -9.35 -0.75
C ALA A 25 8.78 -8.52 0.05
N ALA A 26 8.39 -7.33 0.49
CA ALA A 26 9.34 -6.49 1.31
C ALA A 26 9.71 -7.25 2.59
N SER A 27 8.79 -8.01 3.17
CA SER A 27 9.14 -8.78 4.43
C SER A 27 10.36 -9.68 4.17
N LYS A 28 10.41 -10.33 3.02
CA LYS A 28 11.60 -11.22 2.73
C LYS A 28 12.87 -10.34 2.66
N GLN A 29 12.77 -9.16 2.07
CA GLN A 29 13.98 -8.26 2.00
C GLN A 29 14.13 -7.42 3.29
N ASN A 30 13.14 -7.42 4.18
CA ASN A 30 13.23 -6.61 5.45
C ASN A 30 13.11 -5.13 5.11
N LYS A 31 12.22 -4.78 4.20
CA LYS A 31 12.05 -3.34 3.83
C LYS A 31 10.72 -2.77 4.38
N LEU A 32 10.06 -3.44 5.33
CA LEU A 32 8.77 -2.87 5.88
C LEU A 32 8.96 -1.39 6.28
N GLU A 33 10.14 -1.01 6.74
CA GLU A 33 10.35 0.43 7.09
C GLU A 33 10.34 1.25 5.79
N GLN A 34 10.99 0.78 4.74
CA GLN A 34 10.98 1.52 3.44
C GLN A 34 9.54 1.62 2.89
N VAL A 35 8.64 0.75 3.29
CA VAL A 35 7.24 0.83 2.75
C VAL A 35 6.28 1.40 3.82
N GLU A 36 6.38 0.98 5.06
CA GLU A 36 5.46 1.52 6.13
C GLU A 36 5.68 3.03 6.33
N LYS A 37 6.90 3.52 6.20
CA LYS A 37 7.14 4.98 6.44
C LYS A 37 6.81 5.80 5.18
N GLU A 38 7.13 5.32 4.00
CA GLU A 38 6.78 6.12 2.78
C GLU A 38 5.27 6.05 2.55
N LEU A 39 4.63 4.91 2.81
CA LEU A 39 3.14 4.83 2.62
C LEU A 39 2.45 5.93 3.45
N LEU A 40 2.97 6.23 4.64
CA LEU A 40 2.33 7.31 5.47
C LEU A 40 2.35 8.64 4.70
N ARG A 41 3.38 8.92 3.93
CA ARG A 41 3.43 10.22 3.17
C ARG A 41 2.20 10.34 2.24
N VAL A 42 1.81 9.25 1.60
CA VAL A 42 0.61 9.33 0.69
C VAL A 42 -0.62 9.75 1.52
N GLY A 43 -0.78 9.23 2.72
CA GLY A 43 -1.94 9.64 3.56
C GLY A 43 -1.74 11.09 4.02
N GLN A 44 -0.54 11.44 4.44
CA GLN A 44 -0.28 12.87 4.86
C GLN A 44 -0.60 13.82 3.70
N ILE A 45 -0.34 13.43 2.47
CA ILE A 45 -0.66 14.33 1.30
C ILE A 45 -2.17 14.56 1.26
N LEU A 46 -2.95 13.51 1.14
CA LEU A 46 -4.44 13.72 1.10
C LEU A 46 -4.93 14.36 2.42
N LYS A 47 -4.21 14.22 3.52
CA LYS A 47 -4.67 14.87 4.79
C LYS A 47 -4.63 16.39 4.58
N GLU A 48 -3.68 16.89 3.82
CA GLU A 48 -3.63 18.37 3.60
C GLU A 48 -4.82 18.80 2.72
N PRO A 49 -5.38 19.96 2.99
CA PRO A 49 -6.53 20.44 2.19
C PRO A 49 -6.06 20.84 0.79
N LYS A 50 -4.94 21.52 0.67
CA LYS A 50 -4.44 21.92 -0.70
C LYS A 50 -4.27 20.68 -1.59
N MET A 51 -3.81 19.57 -1.03
CA MET A 51 -3.65 18.33 -1.87
C MET A 51 -5.03 17.72 -2.18
N ALA A 52 -5.95 17.77 -1.23
CA ALA A 52 -7.33 17.18 -1.50
C ALA A 52 -7.91 17.75 -2.80
N ALA A 53 -7.66 19.01 -3.10
CA ALA A 53 -8.22 19.59 -4.38
C ALA A 53 -7.73 18.80 -5.60
N SER A 54 -6.53 18.23 -5.56
CA SER A 54 -6.03 17.45 -6.74
C SER A 54 -6.19 15.93 -6.50
N LEU A 55 -5.86 15.44 -5.31
CA LEU A 55 -6.00 13.95 -5.07
C LEU A 55 -7.45 13.51 -5.35
N LEU A 56 -8.43 14.35 -5.05
CA LEU A 56 -9.84 13.96 -5.31
C LEU A 56 -10.46 14.88 -6.38
N ASN A 57 -9.71 15.24 -7.41
CA ASN A 57 -10.28 16.12 -8.47
C ASN A 57 -10.73 15.27 -9.66
N PRO A 58 -12.02 15.31 -9.96
CA PRO A 58 -12.52 14.56 -11.14
C PRO A 58 -12.32 15.36 -12.46
N TYR A 59 -11.59 16.47 -12.43
CA TYR A 59 -11.36 17.26 -13.68
C TYR A 59 -10.04 16.85 -14.37
N VAL A 60 -9.15 16.13 -13.71
CA VAL A 60 -7.86 15.74 -14.39
C VAL A 60 -7.92 14.29 -14.91
N LYS A 61 -9.08 13.83 -15.38
CA LYS A 61 -9.19 12.44 -15.92
C LYS A 61 -8.61 11.40 -14.93
N ARG A 62 -8.54 10.15 -15.33
CA ARG A 62 -7.97 9.10 -14.42
C ARG A 62 -6.60 8.65 -14.94
N SER A 63 -6.51 8.22 -16.18
CA SER A 63 -5.18 7.78 -16.73
C SER A 63 -4.17 8.93 -16.62
N VAL A 64 -4.58 10.15 -16.93
CA VAL A 64 -3.62 11.31 -16.82
C VAL A 64 -3.19 11.48 -15.36
N LYS A 65 -4.11 11.34 -14.42
CA LYS A 65 -3.73 11.49 -12.96
C LYS A 65 -2.62 10.48 -12.60
N VAL A 66 -2.63 9.29 -13.17
CA VAL A 66 -1.56 8.29 -12.84
C VAL A 66 -0.17 8.89 -13.16
N LYS A 67 -0.04 9.58 -14.28
CA LYS A 67 1.30 10.19 -14.62
C LYS A 67 1.73 11.17 -13.52
N SER A 68 0.81 11.94 -12.97
CA SER A 68 1.20 12.91 -11.88
C SER A 68 1.87 12.16 -10.71
N LEU A 69 1.41 10.95 -10.40
CA LEU A 69 2.06 10.19 -9.27
C LEU A 69 3.52 9.90 -9.61
N SER A 70 3.78 9.33 -10.77
CA SER A 70 5.21 9.05 -11.15
C SER A 70 6.01 10.36 -11.18
N ASP A 71 5.44 11.42 -11.72
CA ASP A 71 6.18 12.74 -11.76
C ASP A 71 6.30 13.33 -10.34
N MET A 72 5.43 12.96 -9.42
CA MET A 72 5.57 13.49 -8.02
C MET A 72 6.51 12.54 -7.28
N THR A 73 6.32 11.25 -7.44
CA THR A 73 7.23 10.25 -6.80
C THR A 73 8.69 10.58 -7.17
N ALA A 74 8.95 11.02 -8.39
CA ALA A 74 10.37 11.36 -8.79
C ALA A 74 10.93 12.42 -7.84
N LYS A 75 10.13 13.39 -7.44
CA LYS A 75 10.64 14.45 -6.50
C LYS A 75 10.57 13.94 -5.05
N GLU A 76 9.54 13.18 -4.70
CA GLU A 76 9.45 12.64 -3.29
C GLU A 76 10.60 11.67 -2.99
N LYS A 77 11.27 11.12 -3.99
CA LYS A 77 12.39 10.15 -3.73
C LYS A 77 11.86 8.95 -2.93
N PHE A 78 10.74 8.38 -3.34
CA PHE A 78 10.18 7.19 -2.60
C PHE A 78 11.22 6.07 -2.52
N SER A 79 10.86 4.91 -2.01
CA SER A 79 11.83 3.81 -1.91
C SER A 79 11.52 2.77 -2.99
N PRO A 80 12.18 1.63 -2.95
CA PRO A 80 11.91 0.59 -3.96
C PRO A 80 10.58 -0.13 -3.70
N LEU A 81 9.90 0.11 -2.59
CA LEU A 81 8.60 -0.56 -2.36
C LEU A 81 7.47 0.47 -2.29
N THR A 82 7.70 1.71 -2.68
CA THR A 82 6.60 2.71 -2.61
C THR A 82 6.30 3.38 -3.97
N SER A 83 6.90 2.95 -5.06
CA SER A 83 6.55 3.57 -6.39
C SER A 83 5.80 2.52 -7.23
N ASN A 84 4.95 1.75 -6.59
CA ASN A 84 4.14 0.71 -7.29
C ASN A 84 2.78 0.68 -6.59
N LEU A 85 2.79 0.38 -5.30
CA LEU A 85 1.51 0.45 -4.52
C LEU A 85 0.94 1.89 -4.65
N ILE A 86 1.80 2.90 -4.85
CA ILE A 86 1.26 4.29 -5.00
C ILE A 86 0.31 4.37 -6.21
N ASN A 87 0.62 3.68 -7.29
CA ASN A 87 -0.30 3.72 -8.49
C ASN A 87 -1.66 3.15 -8.11
N LEU A 88 -1.69 1.98 -7.48
CA LEU A 88 -3.02 1.36 -7.07
C LEU A 88 -3.85 2.38 -6.29
N LEU A 89 -3.23 3.11 -5.38
CA LEU A 89 -4.02 4.14 -4.59
C LEU A 89 -4.61 5.18 -5.55
N ALA A 90 -3.93 5.51 -6.62
CA ALA A 90 -4.49 6.50 -7.58
C ALA A 90 -4.85 5.80 -8.90
N GLU A 91 -5.20 4.52 -8.86
CA GLU A 91 -5.56 3.80 -10.13
C GLU A 91 -7.10 3.64 -10.24
N ASN A 92 -7.75 3.17 -9.20
CA ASN A 92 -9.23 2.99 -9.28
C ASN A 92 -9.97 3.97 -8.34
N GLY A 93 -9.42 5.13 -8.09
CA GLY A 93 -10.11 6.10 -7.19
C GLY A 93 -9.91 5.66 -5.74
N ARG A 94 -8.70 5.30 -5.36
CA ARG A 94 -8.47 4.87 -3.95
C ARG A 94 -7.78 5.98 -3.15
N LEU A 95 -8.14 7.23 -3.39
CA LEU A 95 -7.52 8.36 -2.61
C LEU A 95 -8.54 8.84 -1.57
N THR A 96 -9.07 7.92 -0.79
CA THR A 96 -10.07 8.26 0.26
C THR A 96 -9.67 7.52 1.54
N ASN A 97 -9.55 6.20 1.48
CA ASN A 97 -9.09 5.43 2.67
C ASN A 97 -7.56 5.19 2.57
N THR A 98 -6.84 5.92 1.72
CA THR A 98 -5.35 5.73 1.58
C THR A 98 -4.66 5.63 2.95
N PRO A 99 -4.92 6.56 3.86
CA PRO A 99 -4.27 6.50 5.19
C PRO A 99 -4.71 5.24 5.94
N ALA A 100 -5.97 4.84 5.82
CA ALA A 100 -6.41 3.58 6.52
C ALA A 100 -5.59 2.38 6.01
N VAL A 101 -5.16 2.40 4.75
CA VAL A 101 -4.35 1.24 4.22
C VAL A 101 -3.06 1.08 5.06
N ILE A 102 -2.40 2.17 5.39
CA ILE A 102 -1.14 2.04 6.21
C ILE A 102 -1.43 1.38 7.58
N SER A 103 -2.60 1.59 8.15
CA SER A 103 -2.91 0.95 9.49
C SER A 103 -2.76 -0.57 9.38
N ALA A 104 -3.34 -1.18 8.36
CA ALA A 104 -3.20 -2.68 8.20
C ALA A 104 -1.70 -3.05 8.11
N PHE A 105 -0.88 -2.19 7.53
CA PHE A 105 0.59 -2.51 7.42
C PHE A 105 1.19 -2.73 8.81
N SER A 106 0.89 -1.87 9.75
CA SER A 106 1.46 -2.05 11.13
C SER A 106 0.87 -3.30 11.80
N THR A 107 -0.37 -3.66 11.50
CA THR A 107 -0.95 -4.88 12.15
C THR A 107 -0.40 -6.15 11.49
N MET A 108 -0.21 -6.15 10.19
CA MET A 108 0.38 -7.39 9.57
C MET A 108 1.89 -7.38 9.79
N MET A 109 2.52 -6.21 9.78
CA MET A 109 4.00 -6.18 10.02
C MET A 109 4.29 -6.84 11.38
N SER A 110 3.47 -6.62 12.39
CA SER A 110 3.74 -7.32 13.70
C SER A 110 3.71 -8.84 13.51
N VAL A 111 2.89 -9.34 12.60
CA VAL A 111 2.85 -10.83 12.38
C VAL A 111 4.07 -11.29 11.54
N HIS A 112 4.87 -10.39 10.98
CA HIS A 112 6.05 -10.83 10.20
C HIS A 112 7.28 -11.02 11.14
N ARG A 113 7.32 -10.35 12.28
CA ARG A 113 8.49 -10.51 13.20
C ARG A 113 8.20 -11.57 14.27
N GLY A 114 6.95 -11.75 14.68
CA GLY A 114 6.63 -12.77 15.73
C GLY A 114 7.18 -14.15 15.33
N GLU A 115 6.57 -14.82 14.37
CA GLU A 115 7.08 -16.16 13.96
C GLU A 115 6.84 -16.39 12.45
N VAL A 116 7.72 -15.89 11.60
CA VAL A 116 7.53 -16.08 10.13
C VAL A 116 8.91 -16.21 9.44
N PRO A 117 9.51 -17.37 9.52
CA PRO A 117 10.83 -17.58 8.88
C PRO A 117 10.69 -17.65 7.35
N CYS A 118 11.75 -17.43 6.62
CA CYS A 118 11.67 -17.47 5.13
C CYS A 118 12.87 -18.22 4.54
N THR A 119 12.71 -19.47 4.14
CA THR A 119 13.86 -20.23 3.57
C THR A 119 13.38 -21.09 2.39
N VAL A 120 14.23 -21.97 1.88
CA VAL A 120 13.82 -22.83 0.72
C VAL A 120 14.33 -24.27 0.92
N GLN B 1 -24.55 -8.25 -10.84
CA GLN B 1 -23.79 -9.49 -10.54
C GLN B 1 -22.36 -9.13 -10.10
N LYS B 2 -22.15 -8.86 -8.82
CA LYS B 2 -20.78 -8.51 -8.34
C LYS B 2 -20.39 -9.39 -7.14
N THR B 3 -19.45 -10.30 -7.32
CA THR B 3 -19.04 -11.19 -6.19
C THR B 3 -17.52 -11.45 -6.24
N GLY B 4 -16.92 -11.83 -5.13
CA GLY B 4 -15.45 -12.09 -5.13
C GLY B 4 -14.69 -10.77 -5.28
N THR B 5 -13.40 -10.76 -4.99
CA THR B 5 -12.62 -9.49 -5.11
C THR B 5 -11.52 -9.66 -6.15
N ALA B 6 -10.71 -8.64 -6.37
CA ALA B 6 -9.60 -8.75 -7.38
C ALA B 6 -8.23 -8.75 -6.69
N GLU B 7 -7.96 -7.80 -5.83
CA GLU B 7 -6.62 -7.75 -5.14
C GLU B 7 -5.50 -7.63 -6.19
N VAL B 8 -5.61 -6.68 -7.10
CA VAL B 8 -4.54 -6.52 -8.14
C VAL B 8 -3.18 -6.29 -7.45
N SER B 9 -3.15 -5.52 -6.38
CA SER B 9 -1.84 -5.29 -5.67
C SER B 9 -1.25 -6.65 -5.22
N SER B 10 -2.08 -7.60 -4.85
CA SER B 10 -1.53 -8.94 -4.42
C SER B 10 -0.85 -9.63 -5.62
N ILE B 11 -1.57 -9.79 -6.72
CA ILE B 11 -0.93 -10.45 -7.91
C ILE B 11 0.26 -9.62 -8.39
N LEU B 12 0.21 -8.30 -8.28
CA LEU B 12 1.37 -7.46 -8.73
C LEU B 12 2.61 -7.78 -7.88
N GLU B 13 2.43 -8.06 -6.59
CA GLU B 13 3.64 -8.38 -5.74
C GLU B 13 4.41 -9.57 -6.34
N GLU B 14 3.73 -10.57 -6.85
CA GLU B 14 4.45 -11.75 -7.45
C GLU B 14 5.32 -11.27 -8.62
N ARG B 15 4.82 -10.37 -9.45
CA ARG B 15 5.64 -9.89 -10.62
C ARG B 15 6.92 -9.19 -10.11
N ILE B 16 6.85 -8.45 -9.02
CA ILE B 16 8.08 -7.76 -8.51
C ILE B 16 9.02 -8.78 -7.85
N LEU B 17 8.49 -9.70 -7.07
CA LEU B 17 9.36 -10.72 -6.40
C LEU B 17 8.91 -12.13 -6.79
N GLY B 18 9.32 -12.62 -7.94
CA GLY B 18 8.90 -14.00 -8.35
C GLY B 18 10.00 -15.00 -7.98
N ALA B 19 10.23 -16.00 -8.80
CA ALA B 19 11.29 -17.00 -8.48
C ALA B 19 12.23 -17.18 -9.69
N ASP B 20 13.51 -17.42 -9.46
CA ASP B 20 14.45 -17.60 -10.59
C ASP B 20 15.06 -19.02 -10.56
N THR B 21 15.19 -19.66 -11.70
CA THR B 21 15.77 -21.04 -11.72
C THR B 21 17.07 -21.05 -12.54
N SER B 22 17.74 -22.18 -12.61
CA SER B 22 19.02 -22.25 -13.40
C SER B 22 18.87 -23.25 -14.55
N VAL B 23 19.90 -23.43 -15.35
CA VAL B 23 19.82 -24.39 -16.49
C VAL B 23 21.06 -25.30 -16.53
N ASP B 24 21.35 -25.98 -15.43
CA ASP B 24 22.56 -26.88 -15.41
C ASP B 24 22.26 -28.14 -14.60
N LEU B 25 21.53 -29.08 -15.15
CA LEU B 25 21.22 -30.33 -14.39
C LEU B 25 21.23 -31.54 -15.34
N PHE A 1 -27.10 -7.15 30.73
CA PHE A 1 -27.23 -7.32 32.20
C PHE A 1 -25.87 -7.66 32.82
N ALA A 2 -25.23 -8.72 32.35
CA ALA A 2 -23.90 -9.10 32.92
C ALA A 2 -22.96 -9.60 31.80
N LYS A 3 -22.98 -8.95 30.65
CA LYS A 3 -22.08 -9.39 29.54
C LYS A 3 -21.47 -8.17 28.83
N LEU A 4 -20.37 -7.64 29.32
CA LEU A 4 -19.74 -6.46 28.68
C LEU A 4 -18.32 -6.81 28.20
N VAL A 5 -18.16 -7.18 26.95
CA VAL A 5 -16.79 -7.52 26.44
C VAL A 5 -16.57 -6.90 25.05
N ARG A 6 -15.33 -6.61 24.70
CA ARG A 6 -15.06 -6.00 23.36
C ARG A 6 -13.72 -6.52 22.81
N PRO A 7 -13.79 -7.53 21.95
CA PRO A 7 -12.55 -8.09 21.36
C PRO A 7 -11.95 -7.12 20.33
N PRO A 8 -10.65 -7.16 20.15
CA PRO A 8 -9.99 -6.26 19.18
C PRO A 8 -10.29 -6.73 17.74
N VAL A 9 -9.94 -5.93 16.75
CA VAL A 9 -10.20 -6.33 15.34
C VAL A 9 -8.97 -6.04 14.46
N GLN A 10 -8.61 -6.94 13.56
CA GLN A 10 -7.43 -6.69 12.69
C GLN A 10 -7.84 -6.76 11.21
N ILE A 11 -7.28 -5.90 10.37
CA ILE A 11 -7.63 -5.92 8.91
C ILE A 11 -9.14 -5.72 8.69
N TYR A 12 -9.54 -4.59 8.17
CA TYR A 12 -11.01 -4.32 7.97
C TYR A 12 -11.20 -3.56 6.64
N GLY A 13 -11.21 -4.26 5.53
CA GLY A 13 -11.39 -3.58 4.22
C GLY A 13 -10.36 -4.12 3.22
N ILE A 14 -10.79 -4.74 2.14
CA ILE A 14 -9.82 -5.29 1.12
C ILE A 14 -8.70 -4.27 0.80
N GLU A 15 -9.00 -2.98 0.81
CA GLU A 15 -7.92 -1.96 0.51
C GLU A 15 -6.73 -2.17 1.46
N GLY A 16 -6.96 -2.60 2.70
CA GLY A 16 -5.81 -2.83 3.63
C GLY A 16 -4.87 -3.89 3.04
N ARG A 17 -5.40 -4.90 2.38
CA ARG A 17 -4.50 -5.95 1.76
C ARG A 17 -3.50 -5.31 0.79
N TYR A 18 -3.81 -4.17 0.20
CA TYR A 18 -2.82 -3.54 -0.76
C TYR A 18 -1.48 -3.32 -0.04
N ALA A 19 -1.50 -2.92 1.21
CA ALA A 19 -0.19 -2.70 1.94
C ALA A 19 0.37 -4.06 2.37
N THR A 20 -0.47 -4.98 2.81
CA THR A 20 0.08 -6.32 3.24
C THR A 20 0.43 -7.18 2.02
N ALA A 21 -0.21 -6.99 0.88
CA ALA A 21 0.17 -7.80 -0.32
C ALA A 21 1.39 -7.17 -1.00
N LEU A 22 1.73 -5.92 -0.71
CA LEU A 22 2.94 -5.31 -1.33
C LEU A 22 4.10 -5.43 -0.36
N TYR A 23 3.87 -5.16 0.92
CA TYR A 23 4.98 -5.31 1.89
C TYR A 23 5.19 -6.81 2.20
N SER A 24 4.25 -7.71 1.88
CA SER A 24 4.49 -9.18 2.15
C SER A 24 5.86 -9.57 1.56
N ALA A 25 6.18 -9.06 0.38
CA ALA A 25 7.55 -9.33 -0.18
C ALA A 25 8.54 -8.49 0.62
N ALA A 26 8.20 -7.24 0.91
CA ALA A 26 9.14 -6.37 1.72
C ALA A 26 9.49 -7.08 3.05
N SER A 27 8.53 -7.73 3.68
CA SER A 27 8.84 -8.45 4.98
C SER A 27 9.99 -9.44 4.75
N LYS A 28 9.97 -10.16 3.63
CA LYS A 28 11.09 -11.12 3.35
C LYS A 28 12.40 -10.35 3.17
N GLN A 29 12.36 -9.21 2.50
CA GLN A 29 13.62 -8.41 2.31
C GLN A 29 13.86 -7.44 3.50
N ASN A 30 13.03 -7.46 4.53
CA ASN A 30 13.23 -6.53 5.69
C ASN A 30 13.05 -5.08 5.23
N LYS A 31 12.06 -4.81 4.42
CA LYS A 31 11.83 -3.41 3.95
C LYS A 31 10.59 -2.78 4.61
N LEU A 32 10.06 -3.35 5.69
CA LEU A 32 8.85 -2.74 6.37
C LEU A 32 9.09 -1.23 6.60
N GLU A 33 10.30 -0.86 6.97
CA GLU A 33 10.59 0.61 7.14
C GLU A 33 10.70 1.25 5.75
N GLN A 34 11.34 0.58 4.81
CA GLN A 34 11.44 1.15 3.42
C GLN A 34 10.04 1.31 2.80
N VAL A 35 9.08 0.49 3.16
CA VAL A 35 7.71 0.63 2.55
C VAL A 35 6.73 1.32 3.53
N GLU A 36 6.81 1.05 4.82
CA GLU A 36 5.84 1.72 5.77
C GLU A 36 6.15 3.22 5.92
N LYS A 37 7.40 3.63 5.82
CA LYS A 37 7.72 5.09 5.98
C LYS A 37 7.35 5.86 4.71
N GLU A 38 7.56 5.30 3.54
CA GLU A 38 7.18 6.07 2.30
C GLU A 38 5.66 6.03 2.14
N LEU A 39 5.01 4.93 2.47
CA LEU A 39 3.50 4.89 2.35
C LEU A 39 2.88 6.02 3.19
N LEU A 40 3.46 6.34 4.34
CA LEU A 40 2.88 7.47 5.16
C LEU A 40 2.80 8.77 4.34
N ARG A 41 3.75 8.99 3.44
CA ARG A 41 3.71 10.26 2.61
C ARG A 41 2.40 10.31 1.80
N VAL A 42 1.99 9.21 1.21
CA VAL A 42 0.71 9.23 0.41
C VAL A 42 -0.46 9.61 1.33
N GLY A 43 -0.48 9.14 2.56
CA GLY A 43 -1.60 9.49 3.48
C GLY A 43 -1.56 11.01 3.76
N GLN A 44 -0.41 11.55 4.09
CA GLN A 44 -0.33 13.03 4.37
C GLN A 44 -0.76 13.81 3.12
N ILE A 45 -0.40 13.35 1.93
CA ILE A 45 -0.80 14.09 0.68
C ILE A 45 -2.33 14.20 0.63
N LEU A 46 -3.05 13.15 0.97
CA LEU A 46 -4.55 13.25 0.96
C LEU A 46 -5.04 13.94 2.24
N LYS A 47 -4.31 13.83 3.34
CA LYS A 47 -4.77 14.53 4.59
C LYS A 47 -4.52 16.04 4.44
N GLU A 48 -3.51 16.45 3.68
CA GLU A 48 -3.26 17.92 3.51
C GLU A 48 -4.55 18.62 3.02
N PRO A 49 -4.86 19.77 3.59
CA PRO A 49 -6.09 20.50 3.17
C PRO A 49 -5.92 21.12 1.78
N LYS A 50 -4.75 21.61 1.45
CA LYS A 50 -4.55 22.21 0.08
C LYS A 50 -4.42 21.08 -0.95
N MET A 51 -3.80 19.97 -0.57
CA MET A 51 -3.66 18.82 -1.53
C MET A 51 -4.94 17.97 -1.53
N ALA A 52 -5.64 17.86 -0.41
CA ALA A 52 -6.91 17.03 -0.39
C ALA A 52 -7.88 17.51 -1.49
N ALA A 53 -7.95 18.80 -1.73
CA ALA A 53 -8.90 19.31 -2.79
C ALA A 53 -8.59 18.68 -4.16
N SER A 54 -7.35 18.32 -4.43
CA SER A 54 -7.03 17.71 -5.77
C SER A 54 -7.20 16.19 -5.74
N LEU A 55 -6.67 15.52 -4.73
CA LEU A 55 -6.84 14.01 -4.68
C LEU A 55 -8.32 13.63 -4.74
N LEU A 56 -9.21 14.45 -4.19
CA LEU A 56 -10.67 14.11 -4.24
C LEU A 56 -11.40 15.00 -5.27
N ASN A 57 -10.73 15.47 -6.30
CA ASN A 57 -11.43 16.33 -7.31
C ASN A 57 -11.74 15.54 -8.58
N PRO A 58 -12.94 15.69 -9.10
CA PRO A 58 -13.31 14.98 -10.35
C PRO A 58 -12.75 15.74 -11.59
N TYR A 59 -12.06 16.85 -11.41
CA TYR A 59 -11.51 17.60 -12.59
C TYR A 59 -10.09 17.11 -12.95
N VAL A 60 -9.44 16.32 -12.11
CA VAL A 60 -8.05 15.83 -12.47
C VAL A 60 -8.09 14.52 -13.27
N LYS A 61 -9.25 14.04 -13.70
CA LYS A 61 -9.31 12.76 -14.50
C LYS A 61 -8.55 11.63 -13.77
N ARG A 62 -8.41 10.48 -14.41
CA ARG A 62 -7.68 9.35 -13.75
C ARG A 62 -6.29 9.18 -14.39
N SER A 63 -6.22 9.06 -15.70
CA SER A 63 -4.88 8.91 -16.36
C SER A 63 -4.00 10.13 -16.04
N VAL A 64 -4.57 11.32 -16.07
CA VAL A 64 -3.74 12.54 -15.75
C VAL A 64 -3.28 12.46 -14.28
N LYS A 65 -4.14 12.04 -13.38
CA LYS A 65 -3.73 11.94 -11.94
C LYS A 65 -2.54 10.97 -11.79
N VAL A 66 -2.55 9.86 -12.51
CA VAL A 66 -1.40 8.89 -12.39
C VAL A 66 -0.11 9.56 -12.86
N LYS A 67 -0.15 10.30 -13.95
CA LYS A 67 1.11 10.98 -14.43
C LYS A 67 1.62 11.95 -13.37
N SER A 68 0.73 12.68 -12.71
CA SER A 68 1.20 13.65 -11.65
C SER A 68 1.96 12.90 -10.55
N LEU A 69 1.48 11.73 -10.15
CA LEU A 69 2.20 10.96 -9.06
C LEU A 69 3.62 10.62 -9.52
N SER A 70 3.78 10.16 -10.75
CA SER A 70 5.17 9.80 -11.23
C SER A 70 6.05 11.07 -11.19
N ASP A 71 5.53 12.20 -11.59
CA ASP A 71 6.36 13.46 -11.54
C ASP A 71 6.62 13.89 -10.08
N MET A 72 5.80 13.47 -9.14
CA MET A 72 6.06 13.84 -7.70
C MET A 72 7.01 12.78 -7.13
N THR A 73 6.73 11.51 -7.40
CA THR A 73 7.65 10.42 -6.91
C THR A 73 9.09 10.70 -7.43
N ALA A 74 9.23 11.19 -8.65
CA ALA A 74 10.61 11.48 -9.18
C ALA A 74 11.34 12.46 -8.24
N LYS A 75 10.64 13.44 -7.72
CA LYS A 75 11.31 14.41 -6.77
C LYS A 75 11.17 13.91 -5.31
N GLU A 76 10.09 13.23 -4.98
CA GLU A 76 9.94 12.71 -3.57
C GLU A 76 11.04 11.68 -3.22
N LYS A 77 11.71 11.09 -4.21
CA LYS A 77 12.77 10.08 -3.89
C LYS A 77 12.15 8.90 -3.12
N PHE A 78 11.03 8.37 -3.60
CA PHE A 78 10.37 7.22 -2.88
C PHE A 78 11.35 6.06 -2.69
N SER A 79 10.89 4.94 -2.20
CA SER A 79 11.81 3.79 -1.98
C SER A 79 11.59 2.74 -3.06
N PRO A 80 12.33 1.66 -3.00
CA PRO A 80 12.17 0.59 -3.99
C PRO A 80 10.82 -0.13 -3.83
N LEU A 81 10.14 0.03 -2.70
CA LEU A 81 8.82 -0.64 -2.53
C LEU A 81 7.70 0.41 -2.53
N THR A 82 7.92 1.57 -3.13
CA THR A 82 6.84 2.60 -3.13
C THR A 82 6.61 3.21 -4.53
N SER A 83 7.02 2.53 -5.59
CA SER A 83 6.75 3.07 -6.96
C SER A 83 5.97 2.00 -7.73
N ASN A 84 4.95 1.49 -7.09
CA ASN A 84 4.08 0.43 -7.70
C ASN A 84 2.76 0.48 -6.93
N LEU A 85 2.82 0.30 -5.62
CA LEU A 85 1.59 0.42 -4.79
C LEU A 85 1.00 1.84 -4.98
N ILE A 86 1.80 2.84 -5.33
CA ILE A 86 1.22 4.21 -5.55
C ILE A 86 0.31 4.16 -6.79
N ASN A 87 0.72 3.48 -7.84
CA ASN A 87 -0.15 3.41 -9.07
C ASN A 87 -1.52 2.85 -8.70
N LEU A 88 -1.57 1.73 -7.99
CA LEU A 88 -2.90 1.15 -7.57
C LEU A 88 -3.75 2.21 -6.88
N LEU A 89 -3.15 3.01 -6.03
CA LEU A 89 -3.93 4.10 -5.32
C LEU A 89 -4.56 5.03 -6.37
N ALA A 90 -3.81 5.38 -7.40
CA ALA A 90 -4.38 6.27 -8.46
C ALA A 90 -4.68 5.45 -9.73
N GLU A 91 -4.98 4.16 -9.61
CA GLU A 91 -5.30 3.36 -10.83
C GLU A 91 -6.82 3.23 -11.01
N ASN A 92 -7.54 2.94 -9.95
CA ASN A 92 -9.03 2.80 -10.09
C ASN A 92 -9.75 3.71 -9.06
N GLY A 93 -9.19 4.86 -8.75
CA GLY A 93 -9.86 5.76 -7.77
C GLY A 93 -9.57 5.23 -6.35
N ARG A 94 -8.33 4.94 -6.05
CA ARG A 94 -8.00 4.43 -4.68
C ARG A 94 -7.23 5.46 -3.85
N LEU A 95 -7.36 6.75 -4.13
CA LEU A 95 -6.64 7.77 -3.30
C LEU A 95 -7.64 8.52 -2.40
N THR A 96 -8.73 7.88 -2.02
CA THR A 96 -9.72 8.53 -1.12
C THR A 96 -9.57 7.88 0.27
N ASN A 97 -9.64 6.57 0.33
CA ASN A 97 -9.44 5.86 1.63
C ASN A 97 -8.03 5.25 1.65
N THR A 98 -7.04 5.93 1.08
CA THR A 98 -5.65 5.36 1.07
C THR A 98 -4.99 5.34 2.48
N PRO A 99 -5.30 6.30 3.37
CA PRO A 99 -4.66 6.25 4.72
C PRO A 99 -5.14 5.02 5.50
N ALA A 100 -6.39 4.60 5.33
CA ALA A 100 -6.87 3.38 6.08
C ALA A 100 -5.96 2.18 5.74
N VAL A 101 -5.53 2.05 4.50
CA VAL A 101 -4.64 0.89 4.14
C VAL A 101 -3.30 1.03 4.88
N ILE A 102 -2.76 2.22 4.97
CA ILE A 102 -1.45 2.39 5.70
C ILE A 102 -1.61 1.95 7.17
N SER A 103 -2.75 2.20 7.80
CA SER A 103 -2.93 1.76 9.23
C SER A 103 -2.78 0.24 9.32
N ALA A 104 -3.44 -0.50 8.44
CA ALA A 104 -3.30 -2.01 8.48
C ALA A 104 -1.82 -2.39 8.33
N PHE A 105 -1.04 -1.62 7.58
CA PHE A 105 0.42 -1.95 7.40
C PHE A 105 1.09 -2.03 8.79
N SER A 106 0.81 -1.07 9.66
CA SER A 106 1.45 -1.11 11.02
C SER A 106 0.87 -2.28 11.84
N THR A 107 -0.37 -2.68 11.59
CA THR A 107 -0.94 -3.81 12.40
C THR A 107 -0.43 -5.15 11.86
N MET A 108 -0.31 -5.32 10.56
CA MET A 108 0.23 -6.62 10.05
C MET A 108 1.76 -6.60 10.22
N MET A 109 2.40 -5.44 10.16
CA MET A 109 3.89 -5.41 10.36
C MET A 109 4.22 -6.05 11.72
N SER A 110 3.43 -5.79 12.75
CA SER A 110 3.73 -6.45 14.08
C SER A 110 3.72 -7.98 13.94
N VAL A 111 2.91 -8.53 13.06
CA VAL A 111 2.90 -10.02 12.88
C VAL A 111 4.10 -10.48 12.01
N HIS A 112 4.88 -9.58 11.42
CA HIS A 112 6.04 -10.02 10.61
C HIS A 112 7.30 -10.14 11.51
N ARG A 113 7.35 -9.45 12.64
CA ARG A 113 8.56 -9.57 13.52
C ARG A 113 8.41 -10.75 14.50
N GLY A 114 7.20 -11.07 14.92
CA GLY A 114 7.02 -12.22 15.88
C GLY A 114 6.53 -13.46 15.12
N GLU A 115 6.97 -13.69 13.90
CA GLU A 115 6.51 -14.90 13.14
C GLU A 115 7.65 -15.43 12.25
N VAL A 116 8.88 -15.41 12.73
CA VAL A 116 10.01 -15.92 11.90
C VAL A 116 10.72 -17.08 12.63
N PRO A 117 11.17 -18.05 11.88
CA PRO A 117 11.88 -19.20 12.50
C PRO A 117 13.28 -18.79 12.98
N CYS A 118 13.87 -19.55 13.88
CA CYS A 118 15.23 -19.18 14.38
C CYS A 118 16.07 -20.45 14.62
N THR A 119 15.99 -21.43 13.74
CA THR A 119 16.79 -22.67 13.94
C THR A 119 17.59 -23.00 12.66
N VAL A 120 18.17 -22.01 12.03
CA VAL A 120 18.95 -22.27 10.77
C VAL A 120 20.24 -21.44 10.78
N GLN B 1 -25.21 -8.24 -3.65
CA GLN B 1 -23.92 -8.81 -4.15
C GLN B 1 -23.02 -7.71 -4.71
N LYS B 2 -21.75 -7.70 -4.35
CA LYS B 2 -20.83 -6.65 -4.87
C LYS B 2 -19.64 -7.28 -5.61
N THR B 3 -18.81 -6.48 -6.25
CA THR B 3 -17.65 -7.05 -7.00
C THR B 3 -16.33 -6.54 -6.39
N GLY B 4 -16.14 -5.23 -6.32
CA GLY B 4 -14.88 -4.69 -5.74
C GLY B 4 -13.68 -5.17 -6.58
N THR B 5 -12.58 -5.53 -5.94
CA THR B 5 -11.39 -6.00 -6.71
C THR B 5 -11.07 -7.46 -6.37
N ALA B 6 -9.99 -8.00 -6.87
CA ALA B 6 -9.64 -9.42 -6.56
C ALA B 6 -8.19 -9.52 -6.07
N GLU B 7 -7.74 -8.60 -5.24
CA GLU B 7 -6.33 -8.65 -4.73
C GLU B 7 -5.35 -8.67 -5.92
N VAL B 8 -5.56 -7.82 -6.90
CA VAL B 8 -4.61 -7.81 -8.09
C VAL B 8 -3.19 -7.53 -7.60
N SER B 9 -3.00 -6.64 -6.64
CA SER B 9 -1.61 -6.37 -6.15
C SER B 9 -0.97 -7.67 -5.63
N SER B 10 -1.75 -8.56 -5.03
CA SER B 10 -1.17 -9.84 -4.52
C SER B 10 -0.67 -10.69 -5.71
N ILE B 11 -1.53 -10.98 -6.66
CA ILE B 11 -1.06 -11.79 -7.85
C ILE B 11 0.05 -11.04 -8.60
N LEU B 12 0.00 -9.72 -8.65
CA LEU B 12 1.09 -8.96 -9.37
C LEU B 12 2.41 -9.12 -8.60
N GLU B 13 2.39 -9.15 -7.28
CA GLU B 13 3.67 -9.31 -6.51
C GLU B 13 4.37 -10.62 -6.91
N GLU B 14 3.62 -11.69 -7.13
CA GLU B 14 4.28 -12.98 -7.52
C GLU B 14 5.08 -12.80 -8.82
N ARG B 15 4.57 -12.03 -9.77
CA ARG B 15 5.33 -11.83 -11.06
C ARG B 15 6.65 -11.08 -10.80
N ILE B 16 6.69 -10.16 -9.85
CA ILE B 16 7.97 -9.43 -9.58
C ILE B 16 8.78 -10.10 -8.46
N LEU B 17 8.14 -10.75 -7.51
CA LEU B 17 8.91 -11.42 -6.42
C LEU B 17 8.74 -12.95 -6.51
N GLY B 18 9.81 -13.67 -6.78
CA GLY B 18 9.71 -15.15 -6.88
C GLY B 18 10.30 -15.80 -5.61
N ALA B 19 9.97 -17.05 -5.34
CA ALA B 19 10.51 -17.71 -4.12
C ALA B 19 11.40 -18.91 -4.51
N ASP B 20 12.68 -18.70 -4.69
CA ASP B 20 13.59 -19.83 -5.07
C ASP B 20 14.82 -19.86 -4.16
N THR B 21 14.87 -20.79 -3.23
CA THR B 21 16.06 -20.85 -2.31
C THR B 21 16.22 -22.27 -1.72
N SER B 22 17.43 -22.69 -1.42
CA SER B 22 17.62 -24.06 -0.84
C SER B 22 18.55 -23.99 0.38
N VAL B 23 18.15 -24.55 1.50
CA VAL B 23 19.02 -24.52 2.72
C VAL B 23 18.77 -25.76 3.59
N ASP B 24 19.79 -26.58 3.81
CA ASP B 24 19.59 -27.81 4.65
C ASP B 24 20.92 -28.24 5.29
N LEU B 25 20.89 -28.84 6.46
CA LEU B 25 22.14 -29.29 7.14
C LEU B 25 23.16 -28.15 7.22
#